data_8FED
#
_entry.id   8FED
#
_cell.length_a   1.00
_cell.length_b   1.00
_cell.length_c   1.00
_cell.angle_alpha   90.00
_cell.angle_beta   90.00
_cell.angle_gamma   90.00
#
_symmetry.space_group_name_H-M   'P 1'
#
loop_
_entity.id
_entity.type
_entity.pdbx_description
1 polymer 'Virulence factor Mce family protein'
2 polymer 'Virulence factor Mce family protein'
3 polymer 'MCE-family protein MCE1c'
4 polymer 'Virulence factor mce family protein'
5 polymer 'Virulence factor Mce family protein'
6 polymer 'Mce-family protein mce1f'
7 polymer 'ABC transporter, ATP-binding protein,Green fluorescent protein chimera'
8 polymer 'Conserved hypothetical integral membrane protein Yrbe1a'
9 polymer 'ABC-transporter integral membrane protein'
10 polymer 'Transmembrane protein'
11 non-polymer 'UNKNOWN LIGAND'
#
loop_
_entity_poly.entity_id
_entity_poly.type
_entity_poly.pdbx_seq_one_letter_code
_entity_poly.pdbx_strand_id
1 'polypeptide(L)'
;MTEPPAPTAPLNKPKTPPYKLAGLILGLVGVLVLALTWMQFRGQFEDKVQLTVLSGRAGLSMDPGSKVTFNGVPIGRLAS
IDVVEVDDNPEARLTLDVDPKYLDLIPENANVELRATTVFGNKYISFLSPKNPSAERLSASTPIRAQGVTTEFNTLFETI
TAISEQVDPIKLNETLTAAAQALDGLGDKFGRSIVDGNAILADVNPRMPQIRRDITGLANLGEVYADASPDLFDGLDNAV
TTARTLNEQRGNLDQALVAAVGFGNTGGDIFERGGPYLVRGAQDLLPTSALLDEYSPALFCTIRNYHDAAPKLAGALGGN
GYSLLTNSLVVGVGNPYVYPDNLPRVNAKGGPEGRPGCWQPITRDLWPFPYLVMDTGASIAPYNHFELGQPMFAEYVWGR
QVGENTINP
;
A
2 'polypeptide(L)'
;MSIKGTLFKLGIFSLVLLTFTALIFVVFGQIRFNRTTEYSAIFKNVSGLRDGQFVRAAGVEVGKVKSVDLINGGEQAEVK
FTVERSLPLFQETTAAIRYQDLIGNRYLELKRGDSDQILPPGSTIPVERTEPALDLDALVGGFRPLFRSLEPEKVNTIAT
SLITIFQGQGGTINDILDQTAQLTASLADRDQAIGEVIKNLNTVLDTTVRHQKQFDETLVNFETLITGLKNRADPIATSV
ADISDAAGSLADLLSDNRPLLKDTIGYLDVIQAPLVEQKQEVSDILVQMPQALKIIGRAGGIYGDFFNFYACDLTLKLNG
LQPGGPVRTVRITTQPSGRCTPK
;
B
3 'polypeptide(L)'
;MRTLQGSDRFRKGLMGVIVVALIIGVGSTLTSVPMLFAVPTYYGQFADTGGLNIGDKVRIAGMDVGNVKSMEIDGDKVVI
GYTLGGRTIGTESRAAIRTDTILGRKNIEIEPRGSETLKPRGVLPVGQTSAPYQIYDAFLDVTRNAAGWDTQAVRQSLNV
LSETVDQTSPHLSAALDGVARFSETIGKRDEDVKKLLASANKVATVLGDRSTQVNQLLVNAQTLLAAVNERGRSVSLLLE
RVSSVSRQVEGFVDENPNLNHVLEQLRTVSDVLNERKQDLADILTVAGKFITSLAEALASGPYFKVMLVNLIPPTILQPF
VDAAFKKRGIDPEEFWRNAGLPAFRFPDPNGERHENGAPPAAPTPLEGTPEHPGPAVPPGSPCSYTPPADGIPSPGNPLP
CAHLSQGPYGPVPGGYPPPNVATSAPNPDGIAHSPGVPSAAIPGQMPPEQPGAPVEIAPGPPGARTVPVSPIPGAPDFTP
GIAPPPPAITGPPPPPGPGPQLAPVGEAPLPGNPPFLPPGSQSR
;
C
4 'polypeptide(L)'
;MSTIFNIRNIQLPRLSRAAVIIGALVVAAALVAGYFGMNAYRKLTNTTVTAYFPEVLALYPGDKVLIMGVRVGSIDSIET
AGDKMKVVFHFNNKYKVPENATASILNPSLVASRVIQLSPPYTGGPTLRDGAVLDVDRTQVPIEYDEVRNQVTRLLADLG
PTPEQPKGPFGDIIESFADGFAGKGEQLNRTLRGLSDALTALNEGRGDFFAVVKSLALFVNALHRSDQQFVALNNDLAQF
TNSFTNTDQELANALQDLNRVLKTTREFLDRNGGVLTHDIDNLEQVTTAILQPEPRDGLETGLHAYPNLAANVLNINSPN
QGGIIGLPVLPGVTNFSNPLQFVCSSIQAGSRLGYQESAELCAQYLAPIMDAIKFNYLPFGMNLASTAMTLPKQIAYSEK
RLQPPPGYKDTTVPGIWSRDTLFSHGNHEPGWIVAPGMQGVQVQPATANMLTPESLAELLGGPDIVPPPAPPAFGTTRGG
NLPGPPNAFDENNPLPPPWYPQPGPPPAPAPGVIPGDPLSAVAPAAPAAPAAPAPAGPPLPAEAGAG
;
D
5 'polypeptide(L)'
;MRLLKGFPKMRNWTRVGRRTAVLAAVALVLTSCGQWRGIANVPLPGGPGTESGSMTLYVQMPETLALNANSRVRVRDVFV
GRVRKIELINWVPTLTVDVEPGIKLPKNTLAKIGQTSLLGSQHVELNPPEDPSSELLRDGDTIPLAQSSAYPTIERTLAG
ISGILTGGGIPNIEVIQTEVFNILNGRADQIREFLNQLDTFTDELNQQREEITRAIDSTNRLLNIVSQRNDTLDRVLTEF
PPLIQHFAETRDLFADAVTALGRLSAAADETLSGSNANLHTNLQNLQRPLKQLGRAAPYLVGALKLILTVPFNIDNIPKA
IRGDYINVSLKLDLTLSSVDNAFLSGTGVSGMLRALEQAWGRDPATMIPDVRFTPNPHDAPGGPLVERGE
;
E
6 'polypeptide(L)'
;MLLTRFIKMQLVIFLTLTLVALVVLALFYLRLPTWAGLGMYKLNADLPNSGGLYATANVTYRGTTIGKVTSVEPSESGAR
VEMNIYDRYKIPADATANVHSVSAVGEQFIDLTSDSGGGAYFQPGDTITKATVPAEVGPALDAAEKGLAVLPKEKIGTLL
DEAATAFGGLGPSLQRLVDSTQAIAGDFRANIDPVNDIIENSGPIIDSQVNSGDAIQRWAANLNTLAAQSAQNDEALRSG
LQQAAPTADQLNAVFSDVRESLPQTLANLEIVIDMLKRYNKNVEQVLVALPQGAAVAQTGTIFAPEGLLHFGLGINAPPP
CLTGFLPASQWRSPADTRTEPLPSGLYCKIPKDAPNAVRGARNYPCADVPGKRAATPRECRSDEPYQPLGTNPWYGDPDQ
IRNCPAPGARCDQPVDPGRVIPAPSINNGLNPLPASQLPPPEVSSGPSSDPLTAPRGGTVTCSGQQPNPCIYTPAAGATA
TYNPASGEVVGPGGVKYSVTNSNTPGDDGWKEMLAPAS
;
F
7 'polypeptide(L)'
;MGVQIDVTGLSKSFGSSKIWEDVTMSIPAGEVSVLLGPSGTGKSVFLKSLIGLLRPERGSIVIDGTDILQCSAKELYEIR
TLFGVLFQDGALFGSMNIYDNTAFPLREHTKKSESEIRKIVMEKLDLVGMPNDGHKFPGEISGGMRKRAGLARALVLDPE
IILCDEPDSGLDPVRTAYLSQLLIDINAQIDATVLIVTHNINIARTVPDNMGMLFRKQLVMFGPREVLLTSEEPVVKQFL
NGRRIGPIGMSEEKDEATAAAEQALVDAGQHDGGVEEIEGVPPQLQATPGMPERKAVARRKARVREILHTLPPAAQAAIL
EELDRDQPQLSAPTTQTAATAPVENYDDSPTGVIEVPKQAGLSGQPPRSPSSGSSSNSLEVLFQGPTAAAAVSKGEELFT
GVVPILVELDGDVNGHKFSVSGEGEGDATYGKLTLKFICTTGKLPVPWPTLVTTLTYGVQCFSRYPDHMKQHDFFKSAMP
EGYVQERTIFFKDDGNYKTRAEVKFEGDTLVNRIELKGIDFKEDGNILGHKLEYNYNSHNVYIMADKQKNGIKVNFKIRH
NIEDGSVQLADHYQQNTPIGDGPVLLPDNHYLSTQSALSKDPNEKRDHMVLLEFVTAAGITLGMDELYKGGGGENLYFQD
YKDDDDKHHHHHH
;
G,H
8 'polypeptide(L)'
;MTASTDGFVDYLRGQLEKPLATVGGFFKMSVMTGKALFTRPFQWKEFVLQSWFLIRVAFLPTLAVSIPLTVLIIFTLNIL
LAEFGAADVSGAGAALGAVTQLGPLVTVLVVAGAGSTAICADLGARTVREEIDALEVLGIDPIERLVVPRVVASTFVAFM
LNGAVITIGLVGGFFFGVYIQNVSAGAYVSTLTLLTGFPEVLISVVKATLFGMIAGLVGCYRGLTVAGGSKGVGTAVNET
LVLCVVALFAVNVVLTTIGVRFGTGR
;
I
9 'polypeptide(L)'
;MSTVQVLRSRFPRAFSRSSEIAATPARFLDSMGHVAWFVVQAIVHVPHAFRHYRRESLRLVAEIGMGTGAMAVIGGTVAI
IGFVTLSAGSLIAIQGFASLGNIGVEAFTGFFAALANIRVVAPVVTGQALAATVGAGATAELGAMRISEEVDALEVMGIK
SISYLVSTRIMAGAIVIIPLYAMAILLSFMSAQLVTTIFYSQSVGTYEHYFHTFLRVDDVMWSFLEVIIMSVIVMLNHCY
FGYFASGGAVGVGEAVGRSMRTSLIAIVLVVLLASLALYGTDPNFNLTV
;
J
10 'polypeptide(L)'
;MSKWLLRGVVFATAMVIVRLLQGALVNASPGNAIWFSTGLLVLYAIGVAVWGVLDGRGDARSNPDPDRRADLAMTWLLAG
LAAGILSGAVSWFIGLFYKSIYTESLLNEITTFAAFTALLTFLVAVAGVTIGRWTIDRKAPPVTRTRHGLAADDDRADTD
VFAAVSANGAQEHTDTTQTTPLENPDQPRQS
;
K
#
loop_
_chem_comp.id
_chem_comp.type
_chem_comp.name
_chem_comp.formula
UNL non-polymer 'UNKNOWN LIGAND' ?
#
# COMPACT_ATOMS: atom_id res chain seq x y z
N PRO A 18 -86.32 24.09 -28.36
CA PRO A 18 -85.02 24.12 -29.04
C PRO A 18 -84.05 23.10 -28.47
N TYR A 19 -84.54 21.88 -28.22
CA TYR A 19 -83.69 20.85 -27.61
C TYR A 19 -82.65 20.35 -28.60
N LYS A 20 -83.06 20.05 -29.83
CA LYS A 20 -82.12 19.49 -30.81
C LYS A 20 -81.00 20.48 -31.13
N LEU A 21 -81.34 21.76 -31.30
CA LEU A 21 -80.33 22.77 -31.56
C LEU A 21 -79.37 22.92 -30.39
N ALA A 22 -79.90 22.90 -29.16
CA ALA A 22 -79.05 22.99 -27.98
C ALA A 22 -78.10 21.80 -27.88
N GLY A 23 -78.60 20.59 -28.19
CA GLY A 23 -77.74 19.42 -28.18
C GLY A 23 -76.65 19.50 -29.24
N LEU A 24 -77.01 19.98 -30.44
CA LEU A 24 -76.01 20.18 -31.49
C LEU A 24 -74.95 21.18 -31.05
N ILE A 25 -75.36 22.28 -30.42
CA ILE A 25 -74.41 23.29 -29.94
C ILE A 25 -73.50 22.69 -28.88
N LEU A 26 -74.06 21.91 -27.95
CA LEU A 26 -73.24 21.29 -26.91
C LEU A 26 -72.23 20.32 -27.50
N GLY A 27 -72.66 19.49 -28.46
CA GLY A 27 -71.73 18.57 -29.10
C GLY A 27 -70.63 19.30 -29.87
N LEU A 28 -71.00 20.37 -30.58
CA LEU A 28 -70.02 21.16 -31.31
C LEU A 28 -69.01 21.80 -30.35
N VAL A 29 -69.49 22.31 -29.21
CA VAL A 29 -68.60 22.90 -28.22
C VAL A 29 -67.64 21.87 -27.67
N GLY A 30 -68.15 20.67 -27.35
CA GLY A 30 -67.27 19.62 -26.86
C GLY A 30 -66.21 19.21 -27.87
N VAL A 31 -66.61 19.04 -29.14
CA VAL A 31 -65.67 18.66 -30.18
C VAL A 31 -64.63 19.76 -30.38
N LEU A 32 -65.05 21.03 -30.36
CA LEU A 32 -64.11 22.12 -30.51
C LEU A 32 -63.13 22.19 -29.34
N VAL A 33 -63.62 21.93 -28.12
CA VAL A 33 -62.72 21.93 -26.95
C VAL A 33 -61.69 20.82 -27.08
N LEU A 34 -62.13 19.62 -27.49
CA LEU A 34 -61.19 18.52 -27.66
C LEU A 34 -60.17 18.83 -28.75
N ALA A 35 -60.63 19.39 -29.88
CA ALA A 35 -59.70 19.74 -30.95
C ALA A 35 -58.70 20.80 -30.51
N LEU A 36 -59.17 21.81 -29.77
CA LEU A 36 -58.27 22.87 -29.31
C LEU A 36 -57.24 22.35 -28.32
N THR A 37 -57.65 21.49 -27.37
CA THR A 37 -56.66 20.95 -26.44
C THR A 37 -55.69 20.00 -27.12
N TRP A 38 -56.15 19.25 -28.14
CA TRP A 38 -55.21 18.42 -28.89
C TRP A 38 -54.22 19.26 -29.68
N MET A 39 -54.69 20.36 -30.30
CA MET A 39 -53.79 21.24 -31.02
C MET A 39 -52.78 21.91 -30.08
N GLN A 40 -53.23 22.30 -28.90
CA GLN A 40 -52.32 22.85 -27.91
C GLN A 40 -51.29 21.81 -27.46
N PHE A 41 -51.72 20.56 -27.30
CA PHE A 41 -50.79 19.48 -26.98
C PHE A 41 -49.76 19.30 -28.09
N ARG A 42 -50.19 19.35 -29.35
CA ARG A 42 -49.30 19.22 -30.49
C ARG A 42 -48.50 20.49 -30.76
N GLY A 43 -48.80 21.59 -30.08
CA GLY A 43 -48.11 22.84 -30.33
C GLY A 43 -48.35 23.42 -31.69
N GLN A 44 -49.58 23.29 -32.22
CA GLN A 44 -49.88 23.76 -33.56
C GLN A 44 -49.96 25.28 -33.63
N PHE A 45 -50.35 25.93 -32.53
CA PHE A 45 -50.56 27.37 -32.56
C PHE A 45 -49.25 28.12 -32.71
N GLU A 46 -48.25 27.78 -31.91
CA GLU A 46 -46.96 28.45 -32.01
C GLU A 46 -46.23 27.99 -33.26
N ASP A 47 -45.49 28.91 -33.87
CA ASP A 47 -44.79 28.64 -35.12
C ASP A 47 -43.29 28.63 -34.87
N LYS A 48 -42.60 27.61 -35.38
CA LYS A 48 -41.16 27.47 -35.29
C LYS A 48 -40.61 27.22 -36.68
N VAL A 49 -39.29 27.35 -36.83
CA VAL A 49 -38.62 27.17 -38.11
C VAL A 49 -37.79 25.89 -38.05
N GLN A 50 -37.82 25.12 -39.13
CA GLN A 50 -37.11 23.85 -39.23
C GLN A 50 -35.71 24.07 -39.81
N LEU A 51 -34.70 23.56 -39.11
CA LEU A 51 -33.32 23.59 -39.57
C LEU A 51 -32.84 22.17 -39.79
N THR A 52 -32.11 21.96 -40.88
CA THR A 52 -31.56 20.65 -41.23
C THR A 52 -30.10 20.61 -40.85
N VAL A 53 -29.73 19.61 -40.05
CA VAL A 53 -28.36 19.42 -39.57
C VAL A 53 -27.88 18.06 -40.08
N LEU A 54 -26.65 18.01 -40.59
CA LEU A 54 -26.06 16.77 -41.07
C LEU A 54 -24.87 16.40 -40.20
N SER A 55 -24.72 15.11 -39.94
CA SER A 55 -23.60 14.64 -39.15
C SER A 55 -23.24 13.22 -39.56
N GLY A 56 -22.04 12.80 -39.16
CA GLY A 56 -21.62 11.43 -39.44
C GLY A 56 -22.48 10.41 -38.74
N ARG A 57 -22.82 10.65 -37.47
CA ARG A 57 -23.70 9.77 -36.72
C ARG A 57 -24.54 10.63 -35.78
N ALA A 58 -25.75 10.13 -35.48
CA ALA A 58 -26.66 10.88 -34.63
C ALA A 58 -26.23 10.87 -33.17
N GLY A 59 -25.60 9.80 -32.72
CA GLY A 59 -25.21 9.69 -31.33
C GLY A 59 -26.27 8.97 -30.51
N LEU A 60 -25.84 8.09 -29.61
CA LEU A 60 -26.79 7.34 -28.80
C LEU A 60 -27.44 8.26 -27.77
N SER A 61 -28.60 7.83 -27.27
CA SER A 61 -29.40 8.59 -26.32
C SER A 61 -29.81 9.95 -26.87
N MET A 62 -29.95 10.04 -28.20
CA MET A 62 -30.45 11.24 -28.86
C MET A 62 -31.70 10.84 -29.63
N ASP A 63 -32.85 11.13 -29.04
CA ASP A 63 -34.17 10.83 -29.58
C ASP A 63 -34.92 12.14 -29.80
N PRO A 64 -35.99 12.13 -30.61
CA PRO A 64 -36.79 13.35 -30.77
C PRO A 64 -37.27 13.89 -29.43
N GLY A 65 -37.22 15.21 -29.29
CA GLY A 65 -37.48 15.85 -28.02
C GLY A 65 -36.25 16.29 -27.27
N SER A 66 -35.06 16.11 -27.85
CA SER A 66 -33.82 16.54 -27.20
C SER A 66 -33.64 18.05 -27.35
N LYS A 67 -33.15 18.67 -26.28
CA LYS A 67 -32.98 20.11 -26.27
C LYS A 67 -31.89 20.55 -27.24
N VAL A 68 -32.17 21.61 -27.99
CA VAL A 68 -31.18 22.29 -28.82
C VAL A 68 -30.83 23.59 -28.11
N THR A 69 -29.60 23.69 -27.60
CA THR A 69 -29.20 24.81 -26.77
C THR A 69 -28.19 25.67 -27.50
N PHE A 70 -28.39 26.98 -27.44
CA PHE A 70 -27.40 27.96 -27.89
C PHE A 70 -26.79 28.60 -26.66
N ASN A 71 -25.45 28.65 -26.63
CA ASN A 71 -24.71 29.20 -25.49
C ASN A 71 -25.07 28.53 -24.17
N GLY A 72 -25.70 27.36 -24.22
CA GLY A 72 -26.09 26.63 -23.02
C GLY A 72 -27.53 26.76 -22.61
N VAL A 73 -28.32 27.59 -23.27
CA VAL A 73 -29.73 27.78 -22.95
C VAL A 73 -30.58 27.24 -24.10
N PRO A 74 -31.64 26.49 -23.82
CA PRO A 74 -32.44 25.91 -24.91
C PRO A 74 -33.09 27.00 -25.75
N ILE A 75 -33.22 26.71 -27.04
CA ILE A 75 -33.84 27.62 -28.00
C ILE A 75 -34.87 26.84 -28.80
N GLY A 76 -34.82 25.51 -28.67
CA GLY A 76 -35.72 24.67 -29.43
C GLY A 76 -35.61 23.24 -28.97
N ARG A 77 -36.09 22.33 -29.83
CA ARG A 77 -36.05 20.91 -29.54
C ARG A 77 -35.85 20.15 -30.84
N LEU A 78 -35.43 18.90 -30.71
CA LEU A 78 -35.19 18.05 -31.87
C LEU A 78 -36.49 17.45 -32.36
N ALA A 79 -36.75 17.59 -33.65
CA ALA A 79 -38.01 17.12 -34.23
C ALA A 79 -37.87 15.70 -34.77
N SER A 80 -36.91 15.49 -35.66
CA SER A 80 -36.80 14.15 -36.26
C SER A 80 -35.36 13.81 -36.61
N ILE A 81 -35.09 12.51 -36.71
CA ILE A 81 -33.79 11.99 -37.13
C ILE A 81 -34.01 10.99 -38.25
N ASP A 82 -33.18 11.06 -39.28
CA ASP A 82 -33.31 10.17 -40.44
C ASP A 82 -31.91 9.81 -40.93
N VAL A 83 -31.84 8.76 -41.74
CA VAL A 83 -30.60 8.33 -42.39
C VAL A 83 -30.67 8.69 -43.86
N VAL A 84 -29.67 9.43 -44.34
CA VAL A 84 -29.61 9.89 -45.72
C VAL A 84 -28.37 9.26 -46.37
N GLU A 85 -28.56 8.67 -47.54
CA GLU A 85 -27.49 8.01 -48.26
C GLU A 85 -26.83 9.02 -49.20
N VAL A 86 -25.72 9.61 -48.75
CA VAL A 86 -24.97 10.58 -49.53
C VAL A 86 -23.68 9.92 -49.99
N ASP A 87 -23.42 9.99 -51.30
CA ASP A 87 -22.26 9.39 -51.98
C ASP A 87 -21.98 7.98 -51.46
N ASP A 88 -23.03 7.15 -51.45
CA ASP A 88 -22.96 5.75 -51.01
C ASP A 88 -22.41 5.64 -49.59
N ASN A 89 -22.89 6.51 -48.70
CA ASN A 89 -22.46 6.52 -47.31
C ASN A 89 -23.62 7.04 -46.48
N PRO A 90 -24.03 6.32 -45.44
CA PRO A 90 -25.14 6.80 -44.60
C PRO A 90 -24.69 7.91 -43.64
N GLU A 91 -25.48 8.97 -43.57
CA GLU A 91 -25.26 10.06 -42.64
C GLU A 91 -26.55 10.32 -41.88
N ALA A 92 -26.44 10.98 -40.73
CA ALA A 92 -27.59 11.27 -39.88
C ALA A 92 -28.04 12.69 -40.13
N ARG A 93 -29.31 12.85 -40.48
CA ARG A 93 -29.91 14.15 -40.74
C ARG A 93 -30.94 14.44 -39.65
N LEU A 94 -30.77 15.55 -38.96
CA LEU A 94 -31.64 15.93 -37.85
C LEU A 94 -32.42 17.17 -38.23
N THR A 95 -33.73 17.12 -38.08
CA THR A 95 -34.59 18.27 -38.29
C THR A 95 -34.91 18.85 -36.91
N LEU A 96 -34.58 20.13 -36.73
CA LEU A 96 -34.72 20.87 -35.48
C LEU A 96 -35.81 21.92 -35.64
N ASP A 97 -36.82 21.87 -34.77
CA ASP A 97 -37.81 22.93 -34.69
C ASP A 97 -37.35 23.95 -33.66
N VAL A 98 -36.99 25.15 -34.11
CA VAL A 98 -36.39 26.16 -33.26
C VAL A 98 -37.24 27.42 -33.31
N ASP A 99 -37.40 28.06 -32.16
CA ASP A 99 -38.16 29.31 -32.06
C ASP A 99 -37.44 30.41 -32.83
N PRO A 100 -38.14 31.13 -33.73
CA PRO A 100 -37.47 32.18 -34.53
C PRO A 100 -37.04 33.40 -33.74
N LYS A 101 -37.33 33.49 -32.43
CA LYS A 101 -36.87 34.63 -31.65
C LYS A 101 -35.35 34.69 -31.59
N TYR A 102 -34.70 33.55 -31.41
CA TYR A 102 -33.25 33.48 -31.29
C TYR A 102 -32.56 33.26 -32.63
N LEU A 103 -33.32 33.13 -33.72
CA LEU A 103 -32.71 32.87 -35.02
C LEU A 103 -31.82 34.03 -35.47
N ASP A 104 -32.25 35.26 -35.21
CA ASP A 104 -31.46 36.42 -35.58
C ASP A 104 -30.20 36.58 -34.74
N LEU A 105 -30.06 35.83 -33.66
CA LEU A 105 -28.89 35.92 -32.78
C LEU A 105 -27.79 34.95 -33.15
N ILE A 106 -28.14 33.78 -33.68
CA ILE A 106 -27.15 32.75 -33.97
C ILE A 106 -26.46 33.06 -35.30
N PRO A 107 -25.14 33.13 -35.34
CA PRO A 107 -24.44 33.39 -36.60
C PRO A 107 -24.52 32.21 -37.55
N GLU A 108 -24.26 32.50 -38.83
CA GLU A 108 -24.29 31.46 -39.85
C GLU A 108 -23.22 30.39 -39.61
N ASN A 109 -22.05 30.80 -39.11
CA ASN A 109 -20.93 29.90 -38.90
C ASN A 109 -20.92 29.29 -37.51
N ALA A 110 -22.08 29.16 -36.87
CA ALA A 110 -22.14 28.62 -35.52
C ALA A 110 -21.67 27.17 -35.47
N ASN A 111 -20.83 26.87 -34.49
CA ASN A 111 -20.39 25.50 -34.27
C ASN A 111 -21.52 24.66 -33.70
N VAL A 112 -21.67 23.45 -34.24
CA VAL A 112 -22.71 22.52 -33.82
C VAL A 112 -22.04 21.27 -33.27
N GLU A 113 -22.46 20.86 -32.07
CA GLU A 113 -21.96 19.62 -31.48
C GLU A 113 -23.12 18.82 -30.93
N LEU A 114 -22.97 17.50 -30.96
CA LEU A 114 -23.94 16.59 -30.35
C LEU A 114 -23.43 16.14 -28.99
N ARG A 115 -23.51 17.05 -28.01
CA ARG A 115 -22.82 16.84 -26.75
C ARG A 115 -23.68 16.01 -25.80
N ALA A 116 -23.04 15.54 -24.74
CA ALA A 116 -23.69 14.70 -23.73
C ALA A 116 -23.94 15.51 -22.47
N THR A 117 -25.17 15.43 -21.94
CA THR A 117 -25.50 16.17 -20.73
C THR A 117 -24.76 15.62 -19.53
N THR A 118 -25.02 14.36 -19.18
CA THR A 118 -24.39 13.70 -18.05
C THR A 118 -24.01 12.29 -18.46
N VAL A 119 -23.40 11.55 -17.53
CA VAL A 119 -23.03 10.16 -17.80
C VAL A 119 -24.28 9.30 -17.96
N PHE A 120 -25.32 9.59 -17.19
CA PHE A 120 -26.58 8.84 -17.28
C PHE A 120 -27.60 9.49 -18.22
N GLY A 121 -27.52 10.81 -18.39
CA GLY A 121 -28.52 11.52 -19.16
C GLY A 121 -28.37 11.33 -20.65
N ASN A 122 -29.25 12.03 -21.38
CA ASN A 122 -29.31 11.94 -22.84
C ASN A 122 -28.35 12.98 -23.44
N LYS A 123 -28.40 13.13 -24.76
CA LYS A 123 -27.57 14.09 -25.47
C LYS A 123 -28.39 15.32 -25.88
N TYR A 124 -27.68 16.38 -26.25
CA TYR A 124 -28.31 17.62 -26.68
C TYR A 124 -27.47 18.26 -27.77
N ILE A 125 -28.13 18.98 -28.66
CA ILE A 125 -27.47 19.72 -29.74
C ILE A 125 -27.03 21.07 -29.20
N SER A 126 -25.73 21.30 -29.18
CA SER A 126 -25.14 22.53 -28.66
C SER A 126 -24.69 23.42 -29.81
N PHE A 127 -25.14 24.66 -29.80
CA PHE A 127 -24.71 25.68 -30.75
C PHE A 127 -23.81 26.68 -30.04
N LEU A 128 -22.74 27.09 -30.71
CA LEU A 128 -21.80 28.06 -30.17
C LEU A 128 -21.41 29.04 -31.25
N SER A 129 -20.93 30.20 -30.82
CA SER A 129 -20.47 31.22 -31.76
C SER A 129 -19.00 30.97 -32.11
N PRO A 130 -18.63 31.05 -33.39
CA PRO A 130 -17.26 30.76 -33.79
C PRO A 130 -16.33 31.93 -33.46
N LYS A 131 -15.06 31.79 -33.86
CA LYS A 131 -14.08 32.84 -33.62
C LYS A 131 -14.43 34.10 -34.41
N ASN A 132 -14.87 33.94 -35.66
CA ASN A 132 -15.25 35.06 -36.53
C ASN A 132 -16.67 34.82 -37.01
N PRO A 133 -17.68 35.17 -36.21
CA PRO A 133 -19.07 34.97 -36.64
C PRO A 133 -19.40 35.74 -37.90
N SER A 134 -20.21 35.11 -38.76
CA SER A 134 -20.59 35.73 -40.01
C SER A 134 -21.74 36.71 -39.81
N ALA A 135 -21.83 37.67 -40.74
CA ALA A 135 -22.92 38.64 -40.68
C ALA A 135 -24.26 38.01 -41.04
N GLU A 136 -24.26 37.01 -41.92
CA GLU A 136 -25.49 36.34 -42.29
C GLU A 136 -26.01 35.49 -41.13
N ARG A 137 -27.32 35.33 -41.07
CA ARG A 137 -27.98 34.55 -40.03
C ARG A 137 -28.55 33.26 -40.60
N LEU A 138 -28.54 32.21 -39.78
CA LEU A 138 -29.01 30.91 -40.23
C LEU A 138 -30.53 30.92 -40.47
N SER A 139 -30.96 30.05 -41.37
CA SER A 139 -32.38 29.91 -41.69
C SER A 139 -32.63 28.49 -42.17
N ALA A 140 -33.84 28.23 -42.64
CA ALA A 140 -34.19 26.89 -43.11
C ALA A 140 -33.44 26.50 -44.37
N SER A 141 -32.95 27.47 -45.14
CA SER A 141 -32.27 27.21 -46.41
C SER A 141 -30.76 27.15 -46.27
N THR A 142 -30.22 27.28 -45.05
CA THR A 142 -28.78 27.28 -44.86
C THR A 142 -28.31 25.89 -44.48
N PRO A 143 -27.51 25.21 -45.30
CA PRO A 143 -26.95 23.92 -44.88
C PRO A 143 -25.96 24.10 -43.75
N ILE A 144 -26.02 23.20 -42.77
CA ILE A 144 -25.17 23.26 -41.59
C ILE A 144 -24.66 21.85 -41.29
N ARG A 145 -23.55 21.80 -40.55
CA ARG A 145 -22.91 20.53 -40.21
C ARG A 145 -22.53 20.53 -38.73
N ALA A 146 -22.43 19.33 -38.18
CA ALA A 146 -22.00 19.16 -36.80
C ALA A 146 -20.50 18.93 -36.76
N GLN A 147 -19.80 19.71 -35.93
CA GLN A 147 -18.35 19.62 -35.88
C GLN A 147 -17.88 18.34 -35.19
N GLY A 148 -18.61 17.88 -34.19
CA GLY A 148 -18.20 16.68 -33.48
C GLY A 148 -19.34 16.05 -32.71
N VAL A 149 -19.17 14.77 -32.42
CA VAL A 149 -20.11 13.99 -31.61
C VAL A 149 -19.30 13.36 -30.48
N THR A 150 -19.81 13.46 -29.25
CA THR A 150 -19.11 12.88 -28.11
C THR A 150 -19.05 11.36 -28.24
N THR A 151 -17.91 10.79 -27.85
CA THR A 151 -17.71 9.36 -27.97
C THR A 151 -18.66 8.60 -27.04
N GLU A 152 -19.23 7.52 -27.55
CA GLU A 152 -20.12 6.69 -26.74
C GLU A 152 -19.31 5.87 -25.74
N PHE A 153 -20.02 5.39 -24.72
CA PHE A 153 -19.36 4.55 -23.72
C PHE A 153 -18.93 3.20 -24.30
N ASN A 154 -19.53 2.77 -25.41
CA ASN A 154 -19.13 1.52 -26.04
C ASN A 154 -17.68 1.57 -26.51
N THR A 155 -17.30 2.68 -27.17
CA THR A 155 -15.93 2.81 -27.66
C THR A 155 -14.94 2.89 -26.50
N LEU A 156 -15.28 3.63 -25.45
CA LEU A 156 -14.40 3.72 -24.29
C LEU A 156 -14.22 2.36 -23.63
N PHE A 157 -15.31 1.61 -23.47
CA PHE A 157 -15.23 0.28 -22.89
C PHE A 157 -14.39 -0.65 -23.76
N GLU A 158 -14.56 -0.56 -25.09
CA GLU A 158 -13.77 -1.39 -25.98
C GLU A 158 -12.29 -1.08 -25.87
N THR A 159 -11.93 0.21 -25.79
CA THR A 159 -10.53 0.58 -25.65
C THR A 159 -9.95 0.10 -24.32
N ILE A 160 -10.69 0.28 -23.23
CA ILE A 160 -10.20 -0.17 -21.93
C ILE A 160 -10.04 -1.69 -21.91
N THR A 161 -10.98 -2.41 -22.54
CA THR A 161 -10.87 -3.86 -22.63
C THR A 161 -9.66 -4.28 -23.45
N ALA A 162 -9.39 -3.57 -24.55
CA ALA A 162 -8.24 -3.88 -25.38
C ALA A 162 -6.94 -3.70 -24.60
N ILE A 163 -6.88 -2.66 -23.76
CA ILE A 163 -5.69 -2.47 -22.92
C ILE A 163 -5.61 -3.55 -21.84
N SER A 164 -6.75 -3.86 -21.21
CA SER A 164 -6.77 -4.81 -20.11
C SER A 164 -6.38 -6.21 -20.56
N GLU A 165 -6.76 -6.59 -21.79
CA GLU A 165 -6.33 -7.88 -22.30
C GLU A 165 -4.82 -7.95 -22.48
N GLN A 166 -4.17 -6.80 -22.70
CA GLN A 166 -2.72 -6.76 -22.89
C GLN A 166 -1.97 -6.60 -21.57
N VAL A 167 -2.65 -6.18 -20.50
CA VAL A 167 -1.96 -5.97 -19.22
C VAL A 167 -1.38 -7.28 -18.68
N ASP A 168 -2.17 -8.38 -18.73
CA ASP A 168 -1.73 -9.71 -18.28
C ASP A 168 -1.25 -9.66 -16.84
N PRO A 169 -2.17 -9.61 -15.86
CA PRO A 169 -1.79 -9.23 -14.48
C PRO A 169 -0.76 -10.12 -13.80
N ILE A 170 -0.55 -11.36 -14.25
CA ILE A 170 0.41 -12.24 -13.58
C ILE A 170 1.83 -11.71 -13.76
N LYS A 171 2.20 -11.37 -15.00
CA LYS A 171 3.53 -10.84 -15.26
C LYS A 171 3.72 -9.48 -14.60
N LEU A 172 2.67 -8.64 -14.61
CA LEU A 172 2.73 -7.37 -13.90
C LEU A 172 2.94 -7.59 -12.41
N ASN A 173 2.26 -8.58 -11.84
CA ASN A 173 2.39 -8.88 -10.41
C ASN A 173 3.82 -9.28 -10.07
N GLU A 174 4.40 -10.19 -10.86
CA GLU A 174 5.75 -10.64 -10.54
C GLU A 174 6.78 -9.54 -10.75
N THR A 175 6.61 -8.73 -11.81
CA THR A 175 7.51 -7.60 -12.05
C THR A 175 7.46 -6.60 -10.90
N LEU A 176 6.24 -6.21 -10.48
CA LEU A 176 6.10 -5.25 -9.40
C LEU A 176 6.59 -5.81 -8.07
N THR A 177 6.38 -7.11 -7.84
CA THR A 177 6.89 -7.73 -6.62
C THR A 177 8.41 -7.69 -6.59
N ALA A 178 9.05 -8.03 -7.71
CA ALA A 178 10.52 -7.96 -7.76
C ALA A 178 11.01 -6.54 -7.56
N ALA A 179 10.36 -5.56 -8.20
CA ALA A 179 10.79 -4.18 -8.06
C ALA A 179 10.62 -3.67 -6.64
N ALA A 180 9.53 -4.05 -5.98
CA ALA A 180 9.29 -3.61 -4.61
C ALA A 180 10.24 -4.29 -3.63
N GLN A 181 10.57 -5.55 -3.87
CA GLN A 181 11.54 -6.23 -3.01
C GLN A 181 12.97 -5.77 -3.30
N ALA A 182 13.21 -5.15 -4.46
CA ALA A 182 14.56 -4.69 -4.79
C ALA A 182 15.06 -3.66 -3.79
N LEU A 183 14.22 -2.70 -3.42
CA LEU A 183 14.60 -1.58 -2.57
C LEU A 183 13.57 -1.36 -1.47
N ASP A 184 13.09 -2.46 -0.85
CA ASP A 184 11.99 -2.35 0.09
C ASP A 184 12.34 -1.50 1.31
N GLY A 185 13.54 -1.70 1.87
CA GLY A 185 13.90 -1.00 3.07
C GLY A 185 15.07 -0.05 2.94
N LEU A 186 15.62 0.06 1.73
CA LEU A 186 16.80 0.88 1.48
C LEU A 186 16.60 1.69 0.20
N GLY A 187 15.99 2.87 0.34
CA GLY A 187 15.91 3.82 -0.74
C GLY A 187 16.70 5.08 -0.42
N ASP A 188 16.78 5.40 0.87
CA ASP A 188 17.68 6.44 1.33
C ASP A 188 19.13 5.95 1.26
N LYS A 189 19.35 4.67 1.55
CA LYS A 189 20.68 4.10 1.50
C LYS A 189 21.27 4.19 0.10
N PHE A 190 20.47 3.91 -0.93
CA PHE A 190 20.97 3.96 -2.29
C PHE A 190 21.37 5.38 -2.71
N GLY A 191 20.58 6.38 -2.33
CA GLY A 191 20.93 7.75 -2.62
C GLY A 191 22.18 8.20 -1.87
N ARG A 192 22.28 7.83 -0.60
CA ARG A 192 23.48 8.13 0.16
C ARG A 192 24.70 7.45 -0.46
N SER A 193 24.53 6.24 -0.97
CA SER A 193 25.62 5.55 -1.65
C SER A 193 26.01 6.26 -2.94
N ILE A 194 25.04 6.79 -3.68
CA ILE A 194 25.36 7.55 -4.88
C ILE A 194 26.13 8.81 -4.53
N VAL A 195 25.75 9.48 -3.44
CA VAL A 195 26.51 10.65 -2.99
C VAL A 195 27.92 10.27 -2.58
N ASP A 196 28.06 9.15 -1.86
CA ASP A 196 29.37 8.69 -1.44
C ASP A 196 30.24 8.35 -2.65
N GLY A 197 29.65 7.68 -3.65
CA GLY A 197 30.38 7.40 -4.87
C GLY A 197 30.75 8.65 -5.64
N ASN A 198 29.90 9.68 -5.58
CA ASN A 198 30.24 10.95 -6.18
C ASN A 198 31.49 11.55 -5.53
N ALA A 199 31.53 11.50 -4.19
CA ALA A 199 32.71 11.99 -3.47
C ALA A 199 33.94 11.16 -3.82
N ILE A 200 33.79 9.84 -3.88
CA ILE A 200 34.90 8.94 -4.17
C ILE A 200 35.45 9.21 -5.57
N LEU A 201 34.56 9.38 -6.55
CA LEU A 201 35.02 9.69 -7.90
C LEU A 201 35.70 11.05 -7.96
N ALA A 202 35.16 12.04 -7.23
CA ALA A 202 35.80 13.35 -7.19
C ALA A 202 37.18 13.28 -6.58
N ASP A 203 37.40 12.33 -5.67
CA ASP A 203 38.72 12.19 -5.06
C ASP A 203 39.66 11.32 -5.90
N VAL A 204 39.12 10.41 -6.71
CA VAL A 204 39.95 9.45 -7.44
C VAL A 204 40.33 9.97 -8.83
N ASN A 205 39.40 10.60 -9.54
CA ASN A 205 39.68 11.07 -10.89
C ASN A 205 40.90 11.98 -11.02
N PRO A 206 41.17 12.94 -10.13
CA PRO A 206 42.43 13.71 -10.26
C PRO A 206 43.68 12.85 -10.14
N ARG A 207 43.59 11.70 -9.44
CA ARG A 207 44.72 10.81 -9.25
C ARG A 207 44.79 9.70 -10.29
N MET A 208 44.22 9.93 -11.47
CA MET A 208 44.15 8.88 -12.49
C MET A 208 45.47 8.66 -13.23
N PRO A 209 46.24 9.71 -13.58
CA PRO A 209 47.59 9.44 -14.10
C PRO A 209 48.45 8.64 -13.14
N GLN A 210 48.31 8.89 -11.84
CA GLN A 210 49.04 8.08 -10.86
C GLN A 210 48.55 6.64 -10.87
N ILE A 211 47.25 6.42 -11.09
CA ILE A 211 46.73 5.07 -11.22
C ILE A 211 47.33 4.38 -12.44
N ARG A 212 47.43 5.10 -13.56
CA ARG A 212 48.03 4.53 -14.76
C ARG A 212 49.50 4.19 -14.52
N ARG A 213 50.22 5.07 -13.84
CA ARG A 213 51.61 4.80 -13.49
C ARG A 213 51.73 3.56 -12.61
N ASP A 214 50.84 3.43 -11.61
CA ASP A 214 50.88 2.27 -10.74
C ASP A 214 50.61 0.98 -11.50
N ILE A 215 49.64 1.01 -12.43
CA ILE A 215 49.32 -0.19 -13.19
C ILE A 215 50.48 -0.60 -14.09
N THR A 216 51.07 0.37 -14.81
CA THR A 216 52.19 0.06 -15.68
C THR A 216 53.38 -0.45 -14.89
N GLY A 217 53.68 0.19 -13.76
CA GLY A 217 54.76 -0.27 -12.90
C GLY A 217 54.50 -1.66 -12.33
N LEU A 218 53.24 -1.94 -11.98
CA LEU A 218 52.90 -3.26 -11.48
C LEU A 218 53.14 -4.33 -12.54
N ALA A 219 52.74 -4.05 -13.77
CA ALA A 219 52.97 -5.00 -14.87
C ALA A 219 54.46 -5.24 -15.07
N ASN A 220 55.26 -4.15 -15.10
CA ASN A 220 56.70 -4.30 -15.31
C ASN A 220 57.36 -5.04 -14.17
N LEU A 221 56.98 -4.73 -12.92
CA LEU A 221 57.53 -5.41 -11.77
C LEU A 221 57.17 -6.89 -11.76
N GLY A 222 55.93 -7.21 -12.16
CA GLY A 222 55.55 -8.59 -12.28
C GLY A 222 56.39 -9.34 -13.31
N GLU A 223 56.63 -8.71 -14.47
CA GLU A 223 57.47 -9.34 -15.48
C GLU A 223 58.89 -9.56 -14.96
N VAL A 224 59.45 -8.58 -14.28
CA VAL A 224 60.81 -8.71 -13.75
C VAL A 224 60.88 -9.81 -12.71
N TYR A 225 59.88 -9.86 -11.81
CA TYR A 225 59.85 -10.89 -10.79
C TYR A 225 59.65 -12.28 -11.41
N ALA A 226 58.85 -12.38 -12.46
CA ALA A 226 58.69 -13.66 -13.15
C ALA A 226 59.99 -14.10 -13.79
N ASP A 227 60.75 -13.15 -14.35
CA ASP A 227 62.05 -13.50 -14.92
C ASP A 227 63.03 -13.97 -13.85
N ALA A 228 63.03 -13.32 -12.68
CA ALA A 228 64.01 -13.60 -11.65
C ALA A 228 63.59 -14.64 -10.64
N SER A 229 62.34 -15.13 -10.70
CA SER A 229 61.84 -16.04 -9.67
C SER A 229 62.54 -17.40 -9.61
N PRO A 230 62.72 -18.14 -10.73
CA PRO A 230 63.28 -19.50 -10.59
C PRO A 230 64.64 -19.55 -9.89
N ASP A 231 65.52 -18.61 -10.23
CA ASP A 231 66.84 -18.56 -9.58
C ASP A 231 66.67 -18.28 -8.09
N LEU A 232 65.77 -17.36 -7.73
CA LEU A 232 65.55 -17.04 -6.33
C LEU A 232 65.04 -18.25 -5.56
N PHE A 233 64.14 -19.03 -6.17
CA PHE A 233 63.57 -20.15 -5.44
C PHE A 233 64.54 -21.32 -5.33
N ASP A 234 65.36 -21.54 -6.36
CA ASP A 234 66.42 -22.55 -6.23
C ASP A 234 67.41 -22.16 -5.14
N GLY A 235 67.81 -20.88 -5.13
CA GLY A 235 68.67 -20.39 -4.07
C GLY A 235 68.03 -20.49 -2.70
N LEU A 236 66.71 -20.30 -2.62
CA LEU A 236 66.02 -20.44 -1.35
C LEU A 236 65.99 -21.89 -0.88
N ASP A 237 65.83 -22.83 -1.80
CA ASP A 237 65.91 -24.26 -1.43
C ASP A 237 67.27 -24.60 -0.85
N ASN A 238 68.33 -24.25 -1.58
CA ASN A 238 69.67 -24.55 -1.08
C ASN A 238 70.00 -23.76 0.19
N ALA A 239 69.44 -22.56 0.31
CA ALA A 239 69.61 -21.77 1.52
C ALA A 239 68.89 -22.39 2.70
N VAL A 240 67.76 -23.04 2.46
CA VAL A 240 67.09 -23.80 3.52
C VAL A 240 67.96 -24.97 3.94
N THR A 241 68.59 -25.65 2.98
CA THR A 241 69.52 -26.72 3.31
C THR A 241 70.63 -26.22 4.24
N THR A 242 71.32 -25.15 3.84
CA THR A 242 72.42 -24.65 4.67
C THR A 242 71.91 -23.99 5.95
N ALA A 243 70.65 -23.51 5.97
CA ALA A 243 70.10 -22.91 7.17
C ALA A 243 69.77 -23.98 8.20
N ARG A 244 69.24 -25.12 7.77
CA ARG A 244 69.09 -26.26 8.66
C ARG A 244 70.45 -26.72 9.17
N THR A 245 71.45 -26.71 8.29
CA THR A 245 72.81 -27.04 8.71
C THR A 245 73.27 -26.12 9.84
N LEU A 246 73.06 -24.81 9.67
CA LEU A 246 73.50 -23.84 10.68
C LEU A 246 72.69 -23.98 11.97
N ASN A 247 71.38 -24.22 11.85
CA ASN A 247 70.53 -24.38 13.02
C ASN A 247 70.92 -25.60 13.83
N GLU A 248 71.28 -26.70 13.16
CA GLU A 248 71.70 -27.89 13.89
C GLU A 248 73.00 -27.69 14.66
N GLN A 249 73.79 -26.67 14.32
CA GLN A 249 75.03 -26.38 15.02
C GLN A 249 75.08 -24.92 15.48
N ARG A 250 74.00 -24.44 16.09
CA ARG A 250 74.00 -23.09 16.63
C ARG A 250 75.02 -22.95 17.76
N GLY A 251 75.08 -23.95 18.65
CA GLY A 251 76.05 -23.92 19.73
C GLY A 251 77.48 -23.92 19.23
N ASN A 252 77.76 -24.74 18.21
CA ASN A 252 79.10 -24.77 17.62
C ASN A 252 79.46 -23.43 17.01
N LEU A 253 78.51 -22.80 16.32
CA LEU A 253 78.77 -21.49 15.72
C LEU A 253 79.03 -20.43 16.78
N ASP A 254 78.25 -20.44 17.88
CA ASP A 254 78.48 -19.49 18.95
C ASP A 254 79.85 -19.69 19.60
N GLN A 255 80.22 -20.95 19.85
CA GLN A 255 81.54 -21.24 20.41
C GLN A 255 82.64 -20.80 19.45
N ALA A 256 82.43 -21.00 18.14
CA ALA A 256 83.40 -20.56 17.15
C ALA A 256 83.56 -19.04 17.18
N LEU A 257 82.44 -18.32 17.31
CA LEU A 257 82.52 -16.86 17.36
C LEU A 257 83.24 -16.37 18.61
N VAL A 258 82.98 -17.00 19.76
CA VAL A 258 83.67 -16.61 20.99
C VAL A 258 85.16 -16.90 20.87
N ALA A 259 85.51 -18.07 20.34
CA ALA A 259 86.91 -18.43 20.15
C ALA A 259 87.58 -17.49 19.16
N ALA A 260 86.86 -17.08 18.12
CA ALA A 260 87.39 -16.11 17.18
C ALA A 260 87.65 -14.77 17.85
N VAL A 261 86.74 -14.33 18.72
CA VAL A 261 86.97 -13.09 19.47
C VAL A 261 88.27 -13.18 20.26
N GLY A 262 88.41 -14.25 21.04
CA GLY A 262 89.58 -14.37 21.90
C GLY A 262 90.88 -14.47 21.12
N PHE A 263 90.90 -15.34 20.10
CA PHE A 263 92.09 -15.53 19.29
C PHE A 263 92.44 -14.28 18.51
N GLY A 264 91.43 -13.59 17.95
CA GLY A 264 91.70 -12.36 17.23
C GLY A 264 92.29 -11.29 18.13
N ASN A 265 91.75 -11.13 19.34
CA ASN A 265 92.30 -10.15 20.25
C ASN A 265 93.75 -10.48 20.61
N THR A 266 94.02 -11.74 20.98
CA THR A 266 95.37 -12.10 21.40
C THR A 266 96.36 -11.97 20.25
N GLY A 267 96.00 -12.50 19.07
CA GLY A 267 96.88 -12.41 17.93
C GLY A 267 97.10 -10.99 17.45
N GLY A 268 96.05 -10.17 17.48
CA GLY A 268 96.21 -8.77 17.12
C GLY A 268 97.13 -8.03 18.07
N ASP A 269 97.02 -8.32 19.36
CA ASP A 269 97.93 -7.71 20.32
C ASP A 269 99.38 -8.11 20.04
N ILE A 270 99.62 -9.41 19.85
CA ILE A 270 100.97 -9.90 19.62
C ILE A 270 101.55 -9.32 18.32
N PHE A 271 100.74 -9.31 17.26
CA PHE A 271 101.21 -8.78 15.98
C PHE A 271 101.46 -7.28 16.05
N GLU A 272 100.59 -6.52 16.72
CA GLU A 272 100.83 -5.08 16.84
C GLU A 272 102.07 -4.79 17.65
N ARG A 273 102.39 -5.63 18.64
CA ARG A 273 103.61 -5.40 19.41
C ARG A 273 104.86 -5.83 18.64
N GLY A 274 104.78 -6.91 17.86
CA GLY A 274 105.99 -7.45 17.25
C GLY A 274 106.05 -7.42 15.73
N GLY A 275 105.26 -6.57 15.10
CA GLY A 275 105.29 -6.44 13.66
C GLY A 275 106.34 -5.48 13.15
N PRO A 276 106.32 -4.22 13.59
CA PRO A 276 107.37 -3.28 13.17
C PRO A 276 108.77 -3.74 13.52
N TYR A 277 108.94 -4.42 14.66
CA TYR A 277 110.24 -4.99 15.00
C TYR A 277 110.72 -5.94 13.90
N LEU A 278 109.86 -6.86 13.48
CA LEU A 278 110.24 -7.81 12.45
C LEU A 278 110.47 -7.11 11.11
N VAL A 279 109.66 -6.11 10.78
CA VAL A 279 109.82 -5.41 9.52
C VAL A 279 111.17 -4.70 9.46
N ARG A 280 111.51 -3.97 10.53
CA ARG A 280 112.79 -3.26 10.52
C ARG A 280 113.97 -4.21 10.63
N GLY A 281 113.81 -5.34 11.32
CA GLY A 281 114.88 -6.32 11.35
C GLY A 281 115.15 -6.92 9.98
N ALA A 282 114.09 -7.30 9.27
CA ALA A 282 114.25 -7.82 7.92
C ALA A 282 114.72 -6.76 6.94
N GLN A 283 114.46 -5.48 7.22
CA GLN A 283 115.01 -4.42 6.38
C GLN A 283 116.50 -4.23 6.63
N ASP A 284 116.92 -4.27 7.90
CA ASP A 284 118.32 -4.09 8.24
C ASP A 284 119.18 -5.32 7.99
N LEU A 285 118.56 -6.48 7.78
CA LEU A 285 119.34 -7.69 7.54
C LEU A 285 119.90 -7.79 6.13
N LEU A 286 119.49 -6.91 5.21
CA LEU A 286 119.98 -6.98 3.84
C LEU A 286 121.50 -6.84 3.74
N PRO A 287 122.16 -5.84 4.34
CA PRO A 287 123.63 -5.77 4.22
C PRO A 287 124.34 -6.94 4.89
N THR A 288 123.90 -7.34 6.09
CA THR A 288 124.53 -8.48 6.76
C THR A 288 124.33 -9.78 5.98
N SER A 289 123.14 -9.98 5.40
CA SER A 289 122.92 -11.16 4.57
C SER A 289 123.79 -11.14 3.31
N ALA A 290 123.90 -9.99 2.65
CA ALA A 290 124.76 -9.90 1.48
C ALA A 290 126.22 -10.14 1.85
N LEU A 291 126.66 -9.61 2.99
CA LEU A 291 128.03 -9.81 3.44
C LEU A 291 128.32 -11.27 3.76
N LEU A 292 127.39 -11.92 4.47
CA LEU A 292 127.57 -13.33 4.79
C LEU A 292 127.58 -14.18 3.52
N ASP A 293 126.71 -13.86 2.56
CA ASP A 293 126.71 -14.60 1.29
C ASP A 293 128.02 -14.39 0.54
N GLU A 294 128.53 -13.15 0.52
CA GLU A 294 129.72 -12.84 -0.26
C GLU A 294 130.93 -13.62 0.23
N TYR A 295 131.05 -13.80 1.54
CA TYR A 295 132.21 -14.44 2.15
C TYR A 295 131.88 -15.83 2.68
N SER A 296 130.85 -16.45 2.10
CA SER A 296 130.56 -17.85 2.41
C SER A 296 131.69 -18.83 2.03
N PRO A 297 132.38 -18.72 0.88
CA PRO A 297 133.35 -19.77 0.52
C PRO A 297 134.44 -19.99 1.54
N ALA A 298 134.81 -18.97 2.32
CA ALA A 298 135.87 -19.08 3.31
C ALA A 298 135.35 -19.51 4.68
N LEU A 299 134.22 -20.22 4.74
CA LEU A 299 133.64 -20.64 6.01
C LEU A 299 134.02 -22.08 6.36
N PHE A 300 133.70 -23.02 5.47
CA PHE A 300 134.02 -24.42 5.72
C PHE A 300 135.52 -24.63 5.86
N CYS A 301 136.31 -24.03 4.98
CA CYS A 301 137.76 -24.21 5.05
C CYS A 301 138.33 -23.58 6.31
N THR A 302 137.82 -22.41 6.71
CA THR A 302 138.28 -21.77 7.94
C THR A 302 138.01 -22.65 9.15
N ILE A 303 136.79 -23.18 9.25
CA ILE A 303 136.44 -23.99 10.43
C ILE A 303 137.23 -25.30 10.40
N ARG A 304 137.39 -25.90 9.22
CA ARG A 304 138.18 -27.13 9.11
C ARG A 304 139.61 -26.90 9.56
N ASN A 305 140.23 -25.80 9.11
CA ASN A 305 141.62 -25.52 9.46
C ASN A 305 141.76 -25.22 10.94
N TYR A 306 140.81 -24.50 11.53
CA TYR A 306 140.88 -24.24 12.97
C TYR A 306 140.71 -25.52 13.77
N HIS A 307 139.82 -26.41 13.33
CA HIS A 307 139.68 -27.70 13.99
C HIS A 307 140.97 -28.52 13.88
N ASP A 308 141.61 -28.49 12.71
CA ASP A 308 142.87 -29.21 12.54
C ASP A 308 143.96 -28.65 13.43
N ALA A 309 144.05 -27.33 13.54
CA ALA A 309 145.13 -26.71 14.29
C ALA A 309 144.85 -26.64 15.79
N ALA A 310 143.62 -26.88 16.22
CA ALA A 310 143.31 -26.84 17.66
C ALA A 310 144.11 -27.85 18.47
N PRO A 311 144.20 -29.15 18.09
CA PRO A 311 145.03 -30.05 18.92
C PRO A 311 146.49 -29.66 18.98
N LYS A 312 147.05 -29.14 17.88
CA LYS A 312 148.45 -28.75 17.88
C LYS A 312 148.69 -27.54 18.78
N LEU A 313 147.88 -26.50 18.62
CA LEU A 313 148.02 -25.33 19.49
C LEU A 313 147.56 -25.60 20.90
N ALA A 314 146.91 -26.74 21.15
CA ALA A 314 146.62 -27.12 22.53
C ALA A 314 147.76 -27.90 23.15
N GLY A 315 148.36 -28.84 22.41
CA GLY A 315 149.52 -29.55 22.90
C GLY A 315 150.76 -28.71 23.02
N ALA A 316 150.85 -27.60 22.26
CA ALA A 316 151.99 -26.71 22.40
C ALA A 316 152.04 -26.09 23.79
N LEU A 317 150.94 -25.49 24.22
CA LEU A 317 150.85 -24.80 25.50
C LEU A 317 150.39 -25.70 26.64
N GLY A 318 149.99 -26.93 26.36
CA GLY A 318 149.58 -27.87 27.39
C GLY A 318 150.51 -29.06 27.53
N GLY A 319 151.50 -29.16 26.64
CA GLY A 319 152.41 -30.29 26.68
C GLY A 319 153.19 -30.40 27.97
N ASN A 320 153.73 -29.27 28.46
CA ASN A 320 154.46 -29.31 29.71
C ASN A 320 153.52 -29.37 30.91
N GLY A 321 152.38 -28.69 30.84
CA GLY A 321 151.50 -28.58 31.97
C GLY A 321 151.87 -27.50 32.97
N TYR A 322 153.00 -26.82 32.77
CA TYR A 322 153.41 -25.75 33.66
C TYR A 322 154.01 -24.56 32.92
N SER A 323 154.03 -24.57 31.60
CA SER A 323 154.72 -23.56 30.82
C SER A 323 154.18 -23.58 29.39
N LEU A 324 154.88 -22.90 28.50
CA LEU A 324 154.56 -22.89 27.08
C LEU A 324 155.83 -23.16 26.30
N LEU A 325 155.69 -23.84 25.17
CA LEU A 325 156.83 -24.24 24.35
C LEU A 325 156.95 -23.26 23.18
N THR A 326 158.12 -22.62 23.06
CA THR A 326 158.39 -21.68 21.99
C THR A 326 159.81 -21.88 21.48
N ASN A 327 160.02 -21.53 20.22
CA ASN A 327 161.33 -21.59 19.57
C ASN A 327 161.80 -20.16 19.36
N SER A 328 162.87 -19.77 20.07
CA SER A 328 163.27 -18.37 20.16
C SER A 328 164.53 -18.14 19.35
N LEU A 329 164.39 -17.44 18.22
CA LEU A 329 165.52 -17.03 17.40
C LEU A 329 165.47 -15.53 17.18
N VAL A 330 166.62 -14.87 17.28
CA VAL A 330 166.69 -13.42 17.16
C VAL A 330 166.60 -13.01 15.70
N VAL A 331 165.95 -11.88 15.45
CA VAL A 331 165.73 -11.38 14.10
C VAL A 331 165.65 -9.86 14.16
N GLY A 332 165.63 -9.22 12.99
CA GLY A 332 165.46 -7.78 12.91
C GLY A 332 164.01 -7.39 12.70
N VAL A 333 163.67 -6.18 13.12
CA VAL A 333 162.30 -5.69 13.06
C VAL A 333 162.24 -4.47 12.16
N GLY A 334 161.04 -4.23 11.62
CA GLY A 334 160.84 -3.16 10.68
C GLY A 334 160.59 -1.81 11.34
N ASN A 335 160.43 -0.81 10.48
CA ASN A 335 160.21 0.55 10.97
C ASN A 335 158.83 0.68 11.60
N PRO A 336 158.72 1.35 12.75
CA PRO A 336 157.40 1.61 13.33
C PRO A 336 156.52 2.41 12.39
N TYR A 337 155.22 2.37 12.66
CA TYR A 337 154.27 3.06 11.80
C TYR A 337 154.41 4.57 11.93
N VAL A 338 154.28 5.27 10.82
CA VAL A 338 154.26 6.74 10.82
C VAL A 338 152.86 7.20 11.20
N TYR A 339 152.72 8.48 11.55
CA TYR A 339 151.42 8.96 12.03
C TYR A 339 150.36 9.00 10.94
N PRO A 340 150.48 9.81 9.89
CA PRO A 340 149.33 9.99 9.00
C PRO A 340 149.06 8.80 8.08
N ASP A 341 150.11 8.20 7.51
CA ASP A 341 149.91 7.21 6.46
C ASP A 341 149.40 5.89 7.02
N ASN A 342 149.94 5.43 8.15
CA ASN A 342 149.64 4.11 8.68
C ASN A 342 148.48 4.12 9.65
N LEU A 343 147.54 5.05 9.49
CA LEU A 343 146.37 5.10 10.37
C LEU A 343 145.49 3.88 10.13
N PRO A 344 144.86 3.34 11.17
CA PRO A 344 144.01 2.16 11.00
C PRO A 344 142.87 2.41 10.02
N ARG A 345 142.57 1.40 9.22
CA ARG A 345 141.45 1.43 8.28
C ARG A 345 140.68 0.12 8.41
N VAL A 346 139.38 0.18 8.12
CA VAL A 346 138.52 -0.98 8.26
C VAL A 346 137.95 -1.31 6.88
N ASN A 347 138.70 -0.97 5.83
CA ASN A 347 138.23 -1.15 4.45
C ASN A 347 138.68 -2.49 3.87
N ALA A 348 138.96 -3.49 4.70
CA ALA A 348 139.38 -4.79 4.20
C ALA A 348 138.23 -5.49 3.48
N LYS A 349 138.54 -6.09 2.33
CA LYS A 349 137.56 -6.81 1.53
C LYS A 349 138.28 -7.92 0.77
N GLY A 350 137.49 -8.87 0.28
CA GLY A 350 138.01 -9.92 -0.58
C GLY A 350 138.84 -10.96 0.18
N GLY A 351 139.51 -11.80 -0.61
CA GLY A 351 140.35 -12.83 -0.07
C GLY A 351 141.52 -13.13 -0.97
N PRO A 352 142.15 -14.30 -0.81
CA PRO A 352 143.28 -14.65 -1.67
C PRO A 352 142.90 -14.69 -3.13
N GLU A 353 143.80 -14.18 -3.97
CA GLU A 353 143.63 -14.10 -5.42
C GLU A 353 142.46 -13.20 -5.83
N GLY A 354 142.01 -12.32 -4.94
CA GLY A 354 140.98 -11.35 -5.23
C GLY A 354 139.59 -11.72 -4.75
N ARG A 355 139.35 -13.00 -4.44
CA ARG A 355 138.05 -13.46 -4.01
C ARG A 355 138.19 -14.22 -2.70
N PRO A 356 137.14 -14.22 -1.86
CA PRO A 356 137.26 -14.86 -0.54
C PRO A 356 137.50 -16.36 -0.65
N GLY A 357 138.22 -16.90 0.34
CA GLY A 357 138.52 -18.31 0.35
C GLY A 357 139.58 -18.61 1.39
N CYS A 358 140.24 -19.76 1.21
CA CYS A 358 141.36 -20.15 2.04
C CYS A 358 142.49 -20.67 1.15
N TRP A 359 143.71 -20.55 1.64
CA TRP A 359 144.81 -21.27 1.03
C TRP A 359 144.66 -22.77 1.31
N GLN A 360 145.28 -23.58 0.46
CA GLN A 360 145.35 -25.00 0.73
C GLN A 360 146.15 -25.23 2.01
N PRO A 361 145.85 -26.28 2.77
CA PRO A 361 146.46 -26.44 4.10
C PRO A 361 147.98 -26.43 4.04
N ILE A 362 148.59 -25.72 5.00
CA ILE A 362 150.02 -25.47 4.99
C ILE A 362 150.71 -26.59 5.76
N THR A 363 151.19 -27.58 5.01
CA THR A 363 152.06 -28.61 5.58
C THR A 363 153.49 -28.08 5.57
N ARG A 364 154.47 -28.97 5.75
CA ARG A 364 155.85 -28.57 5.56
C ARG A 364 156.28 -28.60 4.11
N ASP A 365 155.48 -29.21 3.23
CA ASP A 365 155.82 -29.25 1.81
C ASP A 365 155.64 -27.88 1.15
N LEU A 366 154.60 -27.15 1.53
CA LEU A 366 154.42 -25.76 1.11
C LEU A 366 154.25 -24.90 2.36
N TRP A 367 155.38 -24.57 2.98
CA TRP A 367 155.40 -23.90 4.28
C TRP A 367 155.10 -22.40 4.21
N PRO A 368 155.74 -21.60 3.31
CA PRO A 368 155.50 -20.15 3.36
C PRO A 368 154.10 -19.78 2.91
N PHE A 369 153.29 -19.26 3.83
CA PHE A 369 151.98 -18.75 3.46
C PHE A 369 152.13 -17.48 2.63
N PRO A 370 151.42 -17.35 1.52
CA PRO A 370 151.50 -16.10 0.75
C PRO A 370 150.91 -14.95 1.56
N TYR A 371 151.70 -13.88 1.71
CA TYR A 371 151.24 -12.75 2.49
C TYR A 371 150.09 -12.06 1.77
N LEU A 372 149.01 -11.80 2.49
CA LEU A 372 147.79 -11.23 1.94
C LEU A 372 147.69 -9.78 2.41
N VAL A 373 147.90 -8.84 1.48
CA VAL A 373 147.82 -7.42 1.79
C VAL A 373 146.39 -6.94 1.59
N MET A 374 145.83 -6.33 2.62
CA MET A 374 144.45 -5.88 2.61
C MET A 374 144.40 -4.38 2.88
N ASP A 375 143.29 -3.76 2.46
CA ASP A 375 143.14 -2.31 2.52
C ASP A 375 142.97 -1.88 3.97
N THR A 376 144.11 -1.81 4.67
CA THR A 376 144.14 -1.47 6.08
C THR A 376 145.12 -0.35 6.40
N GLY A 377 145.97 0.06 5.48
CA GLY A 377 146.93 1.10 5.71
C GLY A 377 148.23 0.63 6.33
N ALA A 378 148.33 -0.63 6.73
CA ALA A 378 149.54 -1.21 7.27
C ALA A 378 149.88 -2.49 6.52
N SER A 379 151.15 -2.69 6.23
CA SER A 379 151.61 -3.85 5.47
C SER A 379 153.09 -4.06 5.74
N ILE A 380 153.58 -5.24 5.36
CA ILE A 380 155.00 -5.52 5.40
C ILE A 380 155.44 -6.06 4.03
N ALA A 381 154.73 -5.62 2.99
CA ALA A 381 155.06 -6.05 1.63
C ALA A 381 156.45 -5.69 1.16
N PRO A 382 156.97 -4.45 1.35
CA PRO A 382 158.25 -4.09 0.70
C PRO A 382 159.47 -4.48 1.51
N TYR A 383 159.30 -5.35 2.51
CA TYR A 383 160.43 -5.86 3.28
C TYR A 383 161.07 -7.05 2.55
N ASN A 384 161.61 -6.76 1.38
CA ASN A 384 162.22 -7.78 0.52
C ASN A 384 163.74 -7.75 0.56
N HIS A 385 164.32 -7.03 1.51
CA HIS A 385 165.77 -6.84 1.53
C HIS A 385 166.21 -6.50 2.95
N PHE A 386 167.52 -6.61 3.17
CA PHE A 386 168.13 -6.24 4.44
C PHE A 386 168.58 -4.79 4.34
N GLU A 387 167.94 -3.91 5.11
CA GLU A 387 168.29 -2.51 5.16
C GLU A 387 168.36 -2.04 6.61
N LEU A 388 169.23 -1.06 6.85
CA LEU A 388 169.33 -0.48 8.17
C LEU A 388 168.07 0.30 8.51
N GLY A 389 167.67 0.24 9.78
CA GLY A 389 166.46 0.90 10.24
C GLY A 389 166.46 2.39 10.05
N GLN A 390 165.37 2.93 9.51
CA GLN A 390 165.29 4.38 9.29
C GLN A 390 165.41 5.16 10.60
N PRO A 391 164.70 4.82 11.69
CA PRO A 391 165.06 5.45 12.99
C PRO A 391 166.14 4.64 13.70
N MET A 392 167.34 4.65 13.12
CA MET A 392 168.43 3.82 13.64
C MET A 392 168.80 4.21 15.06
N PHE A 393 168.91 5.51 15.32
CA PHE A 393 169.21 6.03 16.65
C PHE A 393 168.16 7.06 17.01
N ALA A 394 167.60 6.95 18.20
CA ALA A 394 166.56 7.85 18.65
C ALA A 394 166.87 8.33 20.07
N GLU A 395 166.61 9.61 20.32
CA GLU A 395 166.80 10.22 21.62
C GLU A 395 165.45 10.60 22.20
N TYR A 396 165.22 10.25 23.46
CA TYR A 396 163.93 10.45 24.11
C TYR A 396 163.95 11.61 25.08
N VAL A 397 164.90 12.53 24.94
CA VAL A 397 164.95 13.74 25.74
C VAL A 397 164.37 14.93 24.99
N TRP A 398 164.82 15.16 23.76
CA TRP A 398 164.29 16.22 22.92
C TRP A 398 163.57 15.69 21.69
N GLY A 399 163.35 14.39 21.60
CA GLY A 399 162.57 13.82 20.51
C GLY A 399 163.19 14.00 19.15
N ARG A 400 164.50 13.84 19.03
CA ARG A 400 165.20 13.95 17.77
C ARG A 400 165.92 12.64 17.49
N GLN A 401 165.71 12.11 16.29
CA GLN A 401 166.23 10.80 15.91
C GLN A 401 166.92 10.87 14.56
N VAL A 402 167.84 9.94 14.34
CA VAL A 402 168.60 9.88 13.09
C VAL A 402 167.75 9.17 12.04
N GLY A 403 167.78 9.71 10.82
CA GLY A 403 167.02 9.15 9.73
C GLY A 403 165.63 9.75 9.62
N GLU A 404 165.00 9.51 8.48
CA GLU A 404 163.69 10.05 8.16
C GLU A 404 162.65 8.94 8.15
N ASN A 405 161.55 9.14 8.87
CA ASN A 405 160.46 8.19 8.85
C ASN A 405 159.88 8.07 7.45
N THR A 406 159.56 6.85 7.04
CA THR A 406 159.07 6.61 5.69
C THR A 406 158.18 5.37 5.68
N ILE A 407 157.39 5.26 4.62
CA ILE A 407 156.57 4.09 4.37
C ILE A 407 157.10 3.26 3.21
N ASN A 408 158.25 3.63 2.66
CA ASN A 408 158.84 2.94 1.51
C ASN A 408 160.30 2.60 1.82
N PRO A 409 160.54 1.60 2.68
CA PRO A 409 161.92 1.24 3.00
C PRO A 409 162.55 0.38 1.90
N ILE B 3 -83.12 -16.83 -16.88
CA ILE B 3 -81.87 -16.87 -16.13
C ILE B 3 -80.80 -17.57 -16.97
N LYS B 4 -81.25 -18.34 -17.97
CA LYS B 4 -80.34 -19.09 -18.82
C LYS B 4 -79.44 -18.15 -19.62
N GLY B 5 -80.05 -17.16 -20.28
CA GLY B 5 -79.26 -16.18 -21.01
C GLY B 5 -78.38 -15.33 -20.11
N THR B 6 -78.92 -14.93 -18.96
CA THR B 6 -78.12 -14.20 -17.98
C THR B 6 -76.95 -15.05 -17.49
N LEU B 7 -77.20 -16.35 -17.27
CA LEU B 7 -76.12 -17.24 -16.84
C LEU B 7 -75.04 -17.34 -17.91
N PHE B 8 -75.45 -17.45 -19.18
CA PHE B 8 -74.47 -17.53 -20.26
C PHE B 8 -73.64 -16.24 -20.36
N LYS B 9 -74.31 -15.08 -20.25
CA LYS B 9 -73.59 -13.81 -20.33
C LYS B 9 -72.61 -13.67 -19.17
N LEU B 10 -73.05 -14.01 -17.95
CA LEU B 10 -72.16 -13.93 -16.80
C LEU B 10 -70.99 -14.89 -16.95
N GLY B 11 -71.25 -16.10 -17.46
CA GLY B 11 -70.16 -17.04 -17.66
C GLY B 11 -69.14 -16.56 -18.67
N ILE B 12 -69.61 -15.99 -19.78
CA ILE B 12 -68.70 -15.49 -20.81
C ILE B 12 -67.86 -14.34 -20.28
N PHE B 13 -68.51 -13.38 -19.61
CA PHE B 13 -67.78 -12.24 -19.07
C PHE B 13 -66.79 -12.67 -18.00
N SER B 14 -67.20 -13.59 -17.13
CA SER B 14 -66.31 -14.10 -16.10
C SER B 14 -65.12 -14.82 -16.71
N LEU B 15 -65.36 -15.62 -17.76
CA LEU B 15 -64.26 -16.31 -18.44
C LEU B 15 -63.27 -15.32 -19.03
N VAL B 16 -63.77 -14.27 -19.68
CA VAL B 16 -62.88 -13.29 -20.31
C VAL B 16 -62.06 -12.55 -19.26
N LEU B 17 -62.71 -12.11 -18.18
CA LEU B 17 -61.99 -11.30 -17.19
C LEU B 17 -61.06 -12.16 -16.34
N LEU B 18 -61.42 -13.42 -16.06
CA LEU B 18 -60.47 -14.32 -15.41
C LEU B 18 -59.31 -14.65 -16.34
N THR B 19 -59.54 -14.69 -17.66
CA THR B 19 -58.44 -14.83 -18.60
C THR B 19 -57.50 -13.63 -18.51
N PHE B 20 -58.07 -12.43 -18.38
CA PHE B 20 -57.23 -11.24 -18.22
C PHE B 20 -56.42 -11.31 -16.93
N THR B 21 -57.05 -11.74 -15.83
CA THR B 21 -56.33 -11.85 -14.56
C THR B 21 -55.21 -12.90 -14.65
N ALA B 22 -55.50 -14.05 -15.28
CA ALA B 22 -54.47 -15.07 -15.45
C ALA B 22 -53.35 -14.58 -16.35
N LEU B 23 -53.67 -13.78 -17.37
CA LEU B 23 -52.65 -13.17 -18.21
C LEU B 23 -51.76 -12.24 -17.40
N ILE B 24 -52.36 -11.46 -16.50
CA ILE B 24 -51.57 -10.60 -15.62
C ILE B 24 -50.65 -11.44 -14.75
N PHE B 25 -51.17 -12.53 -14.19
CA PHE B 25 -50.35 -13.40 -13.34
C PHE B 25 -49.18 -14.01 -14.13
N VAL B 26 -49.46 -14.46 -15.35
CA VAL B 26 -48.41 -15.05 -16.19
C VAL B 26 -47.35 -14.01 -16.54
N VAL B 27 -47.79 -12.80 -16.91
CA VAL B 27 -46.85 -11.77 -17.34
C VAL B 27 -45.97 -11.31 -16.19
N PHE B 28 -46.56 -11.04 -15.03
CA PHE B 28 -45.80 -10.49 -13.92
C PHE B 28 -45.24 -11.56 -12.98
N GLY B 29 -45.48 -12.85 -13.26
CA GLY B 29 -44.89 -13.90 -12.47
C GLY B 29 -43.84 -14.69 -13.21
N GLN B 30 -43.68 -14.38 -14.50
CA GLN B 30 -42.72 -15.05 -15.37
C GLN B 30 -42.98 -16.55 -15.43
N ILE B 31 -44.16 -16.89 -15.94
CA ILE B 31 -44.59 -18.28 -16.04
C ILE B 31 -44.22 -18.81 -17.42
N ARG B 32 -43.55 -19.96 -17.46
CA ARG B 32 -43.15 -20.60 -18.70
C ARG B 32 -43.84 -21.96 -18.82
N PHE B 33 -44.08 -22.38 -20.06
CA PHE B 33 -44.79 -23.62 -20.33
C PHE B 33 -43.99 -24.53 -21.23
N ASN B 34 -42.71 -24.73 -20.91
CA ASN B 34 -41.82 -25.57 -21.71
C ASN B 34 -41.29 -26.72 -20.86
N ARG B 35 -41.02 -27.85 -21.52
CA ARG B 35 -40.42 -28.98 -20.85
C ARG B 35 -38.94 -28.72 -20.60
N THR B 36 -38.50 -28.94 -19.37
CA THR B 36 -37.17 -28.55 -18.94
C THR B 36 -36.44 -29.73 -18.30
N THR B 37 -35.11 -29.67 -18.35
CA THR B 37 -34.24 -30.65 -17.73
C THR B 37 -33.39 -29.95 -16.67
N GLU B 38 -33.28 -30.58 -15.50
CA GLU B 38 -32.64 -29.95 -14.34
C GLU B 38 -31.16 -30.30 -14.29
N TYR B 39 -30.32 -29.28 -14.16
CA TYR B 39 -28.89 -29.44 -13.96
C TYR B 39 -28.47 -28.68 -12.70
N SER B 40 -27.17 -28.77 -12.39
CA SER B 40 -26.61 -28.11 -11.22
C SER B 40 -25.24 -27.57 -11.56
N ALA B 41 -24.82 -26.57 -10.78
CA ALA B 41 -23.51 -25.94 -10.93
C ALA B 41 -23.00 -25.55 -9.55
N ILE B 42 -21.69 -25.36 -9.45
CA ILE B 42 -21.04 -25.01 -8.19
C ILE B 42 -20.25 -23.73 -8.38
N PHE B 43 -20.44 -22.78 -7.47
CA PHE B 43 -19.77 -21.48 -7.51
C PHE B 43 -19.06 -21.23 -6.19
N LYS B 44 -17.97 -20.46 -6.25
CA LYS B 44 -17.39 -19.95 -5.01
C LYS B 44 -18.22 -18.81 -4.45
N ASN B 45 -18.85 -18.03 -5.32
CA ASN B 45 -19.67 -16.88 -4.90
C ASN B 45 -20.68 -16.62 -6.00
N VAL B 46 -21.98 -16.65 -5.66
CA VAL B 46 -23.02 -16.45 -6.68
C VAL B 46 -23.39 -14.99 -6.87
N SER B 47 -23.00 -14.10 -5.96
CA SER B 47 -23.14 -12.66 -6.11
C SER B 47 -24.60 -12.24 -6.33
N GLY B 48 -25.43 -12.53 -5.33
CA GLY B 48 -26.79 -12.05 -5.36
C GLY B 48 -27.71 -12.75 -6.34
N LEU B 49 -27.38 -13.96 -6.76
CA LEU B 49 -28.25 -14.71 -7.64
C LEU B 49 -29.42 -15.28 -6.82
N ARG B 50 -30.64 -15.07 -7.31
CA ARG B 50 -31.84 -15.48 -6.61
C ARG B 50 -32.60 -16.51 -7.43
N ASP B 51 -33.54 -17.18 -6.77
CA ASP B 51 -34.40 -18.15 -7.44
C ASP B 51 -35.35 -17.43 -8.38
N GLY B 52 -35.63 -18.06 -9.52
CA GLY B 52 -36.52 -17.49 -10.51
C GLY B 52 -35.86 -16.58 -11.53
N GLN B 53 -34.58 -16.26 -11.36
CA GLN B 53 -33.87 -15.48 -12.35
C GLN B 53 -33.50 -16.36 -13.54
N PHE B 54 -33.46 -15.74 -14.72
CA PHE B 54 -33.34 -16.48 -15.96
C PHE B 54 -32.00 -17.19 -16.09
N VAL B 55 -32.02 -18.30 -16.83
CA VAL B 55 -30.81 -18.99 -17.26
C VAL B 55 -30.69 -18.84 -18.76
N ARG B 56 -29.53 -18.38 -19.22
CA ARG B 56 -29.31 -18.08 -20.63
C ARG B 56 -28.14 -18.90 -21.15
N ALA B 57 -28.33 -19.48 -22.34
CA ALA B 57 -27.27 -20.12 -23.09
C ALA B 57 -26.90 -19.21 -24.24
N ALA B 58 -25.63 -18.80 -24.28
CA ALA B 58 -25.12 -17.87 -25.30
C ALA B 58 -25.95 -16.58 -25.33
N GLY B 59 -26.52 -16.21 -24.20
CA GLY B 59 -27.33 -15.02 -24.07
C GLY B 59 -28.81 -15.20 -24.36
N VAL B 60 -29.24 -16.38 -24.79
CA VAL B 60 -30.64 -16.63 -25.12
C VAL B 60 -31.27 -17.41 -23.98
N GLU B 61 -32.43 -16.95 -23.51
CA GLU B 61 -33.09 -17.57 -22.37
C GLU B 61 -33.51 -18.99 -22.70
N VAL B 62 -33.15 -19.94 -21.84
CA VAL B 62 -33.45 -21.35 -22.07
C VAL B 62 -34.03 -22.00 -20.82
N GLY B 63 -34.04 -21.27 -19.71
CA GLY B 63 -34.52 -21.84 -18.47
C GLY B 63 -34.53 -20.83 -17.35
N LYS B 64 -34.56 -21.34 -16.12
CA LYS B 64 -34.58 -20.51 -14.93
C LYS B 64 -33.70 -21.14 -13.86
N VAL B 65 -33.62 -20.46 -12.72
CA VAL B 65 -32.88 -20.94 -11.56
C VAL B 65 -33.88 -21.51 -10.56
N LYS B 66 -33.76 -22.80 -10.27
CA LYS B 66 -34.67 -23.44 -9.33
C LYS B 66 -34.36 -23.01 -7.90
N SER B 67 -33.11 -23.18 -7.48
CA SER B 67 -32.75 -22.88 -6.09
C SER B 67 -31.25 -22.70 -5.99
N VAL B 68 -30.84 -22.09 -4.88
CA VAL B 68 -29.43 -21.95 -4.51
C VAL B 68 -29.28 -22.37 -3.06
N ASP B 69 -28.22 -23.12 -2.76
CA ASP B 69 -27.98 -23.56 -1.39
C ASP B 69 -26.48 -23.57 -1.12
N LEU B 70 -26.13 -23.74 0.15
CA LEU B 70 -24.74 -23.71 0.59
C LEU B 70 -24.20 -25.14 0.72
N ILE B 71 -23.02 -25.37 0.17
CA ILE B 71 -22.33 -26.65 0.25
C ILE B 71 -20.92 -26.43 0.75
N ASN B 72 -20.32 -27.51 1.27
CA ASN B 72 -19.00 -27.50 1.88
C ASN B 72 -18.93 -26.53 3.05
N GLY B 73 -19.96 -26.57 3.91
CA GLY B 73 -20.00 -25.71 5.07
C GLY B 73 -20.22 -24.25 4.77
N GLY B 74 -20.83 -23.93 3.63
CA GLY B 74 -21.00 -22.56 3.20
C GLY B 74 -19.85 -22.02 2.38
N GLU B 75 -18.76 -22.77 2.24
CA GLU B 75 -17.63 -22.30 1.44
C GLU B 75 -17.98 -22.20 -0.04
N GLN B 76 -18.94 -22.98 -0.51
CA GLN B 76 -19.37 -22.93 -1.89
C GLN B 76 -20.89 -22.87 -1.96
N ALA B 77 -21.40 -22.48 -3.12
CA ALA B 77 -22.83 -22.41 -3.36
C ALA B 77 -23.20 -23.30 -4.54
N GLU B 78 -24.14 -24.20 -4.31
CA GLU B 78 -24.68 -25.05 -5.36
C GLU B 78 -25.94 -24.39 -5.93
N VAL B 79 -25.94 -24.14 -7.23
CA VAL B 79 -27.07 -23.54 -7.94
C VAL B 79 -27.72 -24.65 -8.74
N LYS B 80 -28.97 -24.98 -8.40
CA LYS B 80 -29.76 -25.97 -9.12
C LYS B 80 -30.68 -25.22 -10.07
N PHE B 81 -30.57 -25.47 -11.37
CA PHE B 81 -31.29 -24.71 -12.36
C PHE B 81 -31.88 -25.64 -13.41
N THR B 82 -32.63 -25.07 -14.35
CA THR B 82 -33.26 -25.83 -15.42
C THR B 82 -32.88 -25.23 -16.77
N VAL B 83 -32.73 -26.11 -17.75
CA VAL B 83 -32.44 -25.73 -19.13
C VAL B 83 -33.55 -26.31 -20.01
N GLU B 84 -33.72 -25.73 -21.19
CA GLU B 84 -34.68 -26.27 -22.14
C GLU B 84 -34.29 -27.71 -22.50
N ARG B 85 -35.31 -28.58 -22.59
CA ARG B 85 -35.05 -30.00 -22.83
C ARG B 85 -34.44 -30.24 -24.20
N SER B 86 -34.69 -29.35 -25.16
CA SER B 86 -34.14 -29.51 -26.50
C SER B 86 -32.67 -29.12 -26.58
N LEU B 87 -32.12 -28.50 -25.54
CA LEU B 87 -30.75 -28.01 -25.56
C LEU B 87 -29.87 -28.91 -24.70
N PRO B 88 -28.95 -29.68 -25.28
CA PRO B 88 -28.09 -30.55 -24.47
C PRO B 88 -26.80 -29.87 -24.03
N LEU B 89 -26.48 -30.00 -22.75
CA LEU B 89 -25.20 -29.50 -22.25
C LEU B 89 -24.08 -30.49 -22.59
N PHE B 90 -22.84 -30.02 -22.48
CA PHE B 90 -21.67 -30.81 -22.84
C PHE B 90 -20.68 -30.80 -21.69
N GLN B 91 -19.62 -31.60 -21.86
CA GLN B 91 -18.62 -31.75 -20.80
C GLN B 91 -17.80 -30.48 -20.61
N GLU B 92 -17.64 -29.67 -21.66
CA GLU B 92 -16.92 -28.42 -21.56
C GLU B 92 -17.83 -27.21 -21.42
N THR B 93 -19.13 -27.42 -21.21
CA THR B 93 -20.04 -26.31 -20.98
C THR B 93 -19.71 -25.65 -19.65
N THR B 94 -19.62 -24.32 -19.66
CA THR B 94 -19.25 -23.57 -18.48
C THR B 94 -20.34 -22.57 -18.12
N ALA B 95 -20.44 -22.27 -16.82
CA ALA B 95 -21.47 -21.40 -16.30
C ALA B 95 -20.84 -20.14 -15.72
N ALA B 96 -21.52 -19.02 -15.90
CA ALA B 96 -21.09 -17.73 -15.37
C ALA B 96 -22.31 -16.98 -14.86
N ILE B 97 -22.09 -15.98 -14.03
CA ILE B 97 -23.16 -15.16 -13.50
C ILE B 97 -22.91 -13.73 -13.94
N ARG B 98 -23.86 -13.15 -14.67
CA ARG B 98 -23.69 -11.86 -15.32
C ARG B 98 -24.71 -10.86 -14.78
N TYR B 99 -24.31 -9.59 -14.80
CA TYR B 99 -25.21 -8.51 -14.41
C TYR B 99 -26.34 -8.37 -15.41
N GLN B 100 -27.57 -8.28 -14.91
CA GLN B 100 -28.69 -7.87 -15.76
C GLN B 100 -28.76 -6.35 -15.87
N ASP B 101 -28.41 -5.64 -14.80
CA ASP B 101 -28.40 -4.18 -14.78
C ASP B 101 -27.49 -3.73 -13.65
N LEU B 102 -27.51 -2.42 -13.37
CA LEU B 102 -26.73 -1.84 -12.29
C LEU B 102 -27.53 -1.73 -11.00
N ILE B 103 -28.74 -2.26 -10.96
CA ILE B 103 -29.56 -2.19 -9.75
C ILE B 103 -29.32 -3.39 -8.83
N GLY B 104 -28.94 -4.54 -9.38
CA GLY B 104 -28.67 -5.71 -8.56
C GLY B 104 -29.27 -6.99 -9.10
N ASN B 105 -29.77 -6.96 -10.33
CA ASN B 105 -30.36 -8.14 -10.95
C ASN B 105 -29.28 -8.93 -11.69
N ARG B 106 -29.29 -10.24 -11.52
CA ARG B 106 -28.31 -11.14 -12.09
C ARG B 106 -28.98 -12.13 -13.03
N TYR B 107 -28.17 -12.87 -13.78
CA TYR B 107 -28.66 -14.00 -14.54
C TYR B 107 -27.52 -14.97 -14.78
N LEU B 108 -27.88 -16.19 -15.18
CA LEU B 108 -26.92 -17.26 -15.39
C LEU B 108 -26.69 -17.46 -16.88
N GLU B 109 -25.42 -17.46 -17.28
CA GLU B 109 -25.01 -17.56 -18.67
C GLU B 109 -24.28 -18.88 -18.88
N LEU B 110 -24.61 -19.58 -19.96
CA LEU B 110 -24.01 -20.86 -20.29
C LEU B 110 -23.24 -20.75 -21.60
N LYS B 111 -22.02 -21.30 -21.62
CA LYS B 111 -21.21 -21.37 -22.82
C LYS B 111 -20.98 -22.82 -23.19
N ARG B 112 -21.13 -23.13 -24.48
CA ARG B 112 -21.13 -24.51 -24.94
C ARG B 112 -19.77 -25.18 -24.75
N GLY B 113 -18.70 -24.51 -25.18
CA GLY B 113 -17.39 -25.12 -25.14
C GLY B 113 -16.96 -25.67 -26.48
N ASP B 114 -16.18 -26.76 -26.46
CA ASP B 114 -15.68 -27.34 -27.71
C ASP B 114 -15.98 -28.82 -27.81
N SER B 115 -15.96 -29.52 -26.68
CA SER B 115 -16.18 -30.97 -26.70
C SER B 115 -17.60 -31.29 -27.11
N ASP B 116 -17.75 -32.41 -27.81
CA ASP B 116 -19.05 -32.90 -28.26
C ASP B 116 -19.63 -33.98 -27.35
N GLN B 117 -18.95 -34.32 -26.26
CA GLN B 117 -19.44 -35.32 -25.33
C GLN B 117 -20.62 -34.75 -24.55
N ILE B 118 -21.82 -35.30 -24.78
CA ILE B 118 -23.02 -34.77 -24.18
C ILE B 118 -23.02 -35.04 -22.68
N LEU B 119 -23.25 -34.00 -21.90
CA LEU B 119 -23.37 -34.14 -20.45
C LEU B 119 -24.71 -34.78 -20.11
N PRO B 120 -24.73 -35.91 -19.39
CA PRO B 120 -26.01 -36.55 -19.08
C PRO B 120 -26.85 -35.68 -18.18
N PRO B 121 -28.18 -35.77 -18.27
CA PRO B 121 -29.05 -34.93 -17.44
C PRO B 121 -28.84 -35.15 -15.95
N GLY B 122 -28.96 -34.07 -15.19
CA GLY B 122 -28.78 -34.11 -13.76
C GLY B 122 -27.35 -33.97 -13.28
N SER B 123 -26.39 -33.91 -14.19
CA SER B 123 -24.99 -33.79 -13.80
C SER B 123 -24.71 -32.40 -13.23
N THR B 124 -23.60 -32.30 -12.51
CA THR B 124 -23.21 -31.06 -11.83
C THR B 124 -21.95 -30.49 -12.47
N ILE B 125 -22.01 -29.22 -12.86
CA ILE B 125 -20.85 -28.51 -13.39
C ILE B 125 -19.94 -28.14 -12.22
N PRO B 126 -18.68 -28.55 -12.23
CA PRO B 126 -17.81 -28.29 -11.08
C PRO B 126 -17.42 -26.83 -10.99
N VAL B 127 -16.80 -26.48 -9.86
CA VAL B 127 -16.32 -25.13 -9.62
C VAL B 127 -15.14 -24.76 -10.51
N GLU B 128 -14.52 -25.75 -11.16
CA GLU B 128 -13.34 -25.49 -11.98
C GLU B 128 -13.65 -24.67 -13.22
N ARG B 129 -14.90 -24.62 -13.67
CA ARG B 129 -15.27 -23.83 -14.83
C ARG B 129 -16.55 -23.04 -14.56
N THR B 130 -16.60 -22.38 -13.40
CA THR B 130 -17.64 -21.43 -13.06
C THR B 130 -17.00 -20.18 -12.49
N GLU B 131 -17.53 -19.02 -12.87
CA GLU B 131 -16.95 -17.75 -12.43
C GLU B 131 -18.02 -16.83 -11.89
N PRO B 132 -17.67 -15.97 -10.91
CA PRO B 132 -18.65 -15.06 -10.34
C PRO B 132 -18.85 -13.79 -11.17
N ALA B 133 -19.61 -12.84 -10.61
CA ALA B 133 -19.90 -11.58 -11.28
C ALA B 133 -18.86 -10.54 -10.87
N LEU B 134 -19.17 -9.26 -11.15
CA LEU B 134 -18.18 -8.19 -11.07
C LEU B 134 -17.60 -8.04 -9.65
N ASP B 135 -18.46 -8.09 -8.63
CA ASP B 135 -18.07 -7.80 -7.25
C ASP B 135 -17.50 -6.38 -7.14
N LEU B 136 -18.40 -5.42 -7.37
CA LEU B 136 -18.02 -4.01 -7.49
C LEU B 136 -17.25 -3.50 -6.28
N ASP B 137 -17.51 -4.05 -5.09
CA ASP B 137 -16.79 -3.60 -3.90
C ASP B 137 -15.30 -3.90 -4.02
N ALA B 138 -14.95 -5.08 -4.54
CA ALA B 138 -13.55 -5.40 -4.75
C ALA B 138 -12.90 -4.47 -5.78
N LEU B 139 -13.63 -4.13 -6.83
CA LEU B 139 -13.13 -3.18 -7.82
C LEU B 139 -12.85 -1.83 -7.20
N VAL B 140 -13.78 -1.33 -6.38
CA VAL B 140 -13.59 -0.03 -5.75
C VAL B 140 -12.43 -0.07 -4.76
N GLY B 141 -12.35 -1.14 -3.96
CA GLY B 141 -11.28 -1.26 -2.99
C GLY B 141 -9.92 -1.48 -3.58
N GLY B 142 -9.85 -1.99 -4.82
CA GLY B 142 -8.58 -2.14 -5.49
C GLY B 142 -7.95 -0.85 -5.93
N PHE B 143 -8.75 0.22 -6.05
CA PHE B 143 -8.22 1.53 -6.42
C PHE B 143 -7.55 2.24 -5.26
N ARG B 144 -7.69 1.73 -4.03
CA ARG B 144 -7.12 2.41 -2.87
C ARG B 144 -5.61 2.54 -2.94
N PRO B 145 -4.83 1.47 -3.19
CA PRO B 145 -3.38 1.69 -3.32
C PRO B 145 -3.01 2.51 -4.54
N LEU B 146 -3.73 2.34 -5.65
CA LEU B 146 -3.42 3.11 -6.86
C LEU B 146 -3.61 4.60 -6.63
N PHE B 147 -4.70 4.99 -5.95
CA PHE B 147 -4.93 6.40 -5.66
C PHE B 147 -4.03 6.90 -4.55
N ARG B 148 -3.65 6.02 -3.62
CA ARG B 148 -2.73 6.42 -2.56
C ARG B 148 -1.31 6.62 -3.08
N SER B 149 -0.96 6.01 -4.21
CA SER B 149 0.36 6.15 -4.80
C SER B 149 0.47 7.37 -5.72
N LEU B 150 -0.59 8.17 -5.84
CA LEU B 150 -0.58 9.35 -6.71
C LEU B 150 -0.45 10.65 -5.91
N GLU B 151 0.20 10.60 -4.76
CA GLU B 151 0.34 11.79 -3.93
C GLU B 151 1.13 12.86 -4.69
N PRO B 152 0.63 14.10 -4.75
CA PRO B 152 1.30 15.11 -5.59
C PRO B 152 2.72 15.44 -5.18
N GLU B 153 3.05 15.39 -3.88
CA GLU B 153 4.39 15.74 -3.45
C GLU B 153 5.43 14.78 -4.03
N LYS B 154 5.22 13.47 -3.85
CA LYS B 154 6.17 12.50 -4.35
C LYS B 154 6.25 12.53 -5.88
N VAL B 155 5.11 12.64 -6.54
CA VAL B 155 5.09 12.68 -8.01
C VAL B 155 5.88 13.88 -8.51
N ASN B 156 5.64 15.05 -7.94
CA ASN B 156 6.34 16.25 -8.38
C ASN B 156 7.83 16.18 -8.09
N THR B 157 8.21 15.68 -6.91
CA THR B 157 9.62 15.56 -6.57
C THR B 157 10.33 14.62 -7.52
N ILE B 158 9.73 13.46 -7.79
CA ILE B 158 10.34 12.50 -8.71
C ILE B 158 10.43 13.08 -10.11
N ALA B 159 9.38 13.78 -10.55
CA ALA B 159 9.39 14.36 -11.89
C ALA B 159 10.51 15.40 -12.04
N THR B 160 10.61 16.32 -11.09
CA THR B 160 11.65 17.35 -11.16
C THR B 160 13.04 16.73 -11.08
N SER B 161 13.21 15.73 -10.22
CA SER B 161 14.51 15.08 -10.10
C SER B 161 14.90 14.36 -11.39
N LEU B 162 13.96 13.67 -12.03
CA LEU B 162 14.27 13.01 -13.29
C LEU B 162 14.61 14.02 -14.38
N ILE B 163 13.87 15.13 -14.44
CA ILE B 163 14.20 16.19 -15.39
C ILE B 163 15.62 16.69 -15.16
N THR B 164 15.97 16.94 -13.89
CA THR B 164 17.31 17.44 -13.60
C THR B 164 18.38 16.44 -13.97
N ILE B 165 18.16 15.16 -13.66
CA ILE B 165 19.20 14.15 -13.81
C ILE B 165 19.43 13.81 -15.28
N PHE B 166 18.35 13.58 -16.04
CA PHE B 166 18.48 12.97 -17.36
C PHE B 166 18.30 13.97 -18.51
N GLN B 167 18.40 15.27 -18.24
CA GLN B 167 18.31 16.25 -19.32
C GLN B 167 19.66 16.41 -20.00
N GLY B 168 19.71 16.13 -21.30
CA GLY B 168 20.94 16.28 -22.05
C GLY B 168 22.04 15.31 -21.68
N GLN B 169 21.71 14.23 -20.99
CA GLN B 169 22.70 13.24 -20.56
C GLN B 169 22.71 12.00 -21.45
N GLY B 170 22.06 12.04 -22.61
CA GLY B 170 22.08 10.89 -23.51
C GLY B 170 23.49 10.56 -23.99
N GLY B 171 24.25 11.59 -24.38
CA GLY B 171 25.61 11.36 -24.81
C GLY B 171 26.50 10.86 -23.69
N THR B 172 26.31 11.41 -22.48
CA THR B 172 27.10 10.95 -21.34
C THR B 172 26.83 9.49 -21.03
N ILE B 173 25.55 9.08 -21.03
CA ILE B 173 25.22 7.68 -20.74
C ILE B 173 25.69 6.77 -21.87
N ASN B 174 25.61 7.24 -23.12
CA ASN B 174 26.16 6.46 -24.22
C ASN B 174 27.66 6.24 -24.06
N ASP B 175 28.40 7.28 -23.66
CA ASP B 175 29.82 7.13 -23.42
C ASP B 175 30.09 6.16 -22.27
N ILE B 176 29.31 6.26 -21.19
CA ILE B 176 29.47 5.33 -20.07
C ILE B 176 29.28 3.90 -20.54
N LEU B 177 28.22 3.66 -21.30
CA LEU B 177 27.91 2.31 -21.76
C LEU B 177 29.00 1.77 -22.68
N ASP B 178 29.46 2.58 -23.64
CA ASP B 178 30.50 2.13 -24.56
C ASP B 178 31.79 1.81 -23.82
N GLN B 179 32.23 2.73 -22.97
CA GLN B 179 33.49 2.54 -22.27
C GLN B 179 33.43 1.36 -21.31
N THR B 180 32.32 1.20 -20.58
CA THR B 180 32.21 0.08 -19.66
C THR B 180 32.08 -1.24 -20.42
N ALA B 181 31.43 -1.24 -21.59
CA ALA B 181 31.36 -2.45 -22.40
C ALA B 181 32.74 -2.88 -22.85
N GLN B 182 33.53 -1.93 -23.36
CA GLN B 182 34.87 -2.26 -23.83
C GLN B 182 35.76 -2.74 -22.68
N LEU B 183 35.74 -2.02 -21.56
CA LEU B 183 36.57 -2.40 -20.42
C LEU B 183 36.17 -3.75 -19.85
N THR B 184 34.87 -4.01 -19.72
CA THR B 184 34.41 -5.27 -19.16
C THR B 184 34.66 -6.43 -20.12
N ALA B 185 34.54 -6.21 -21.43
CA ALA B 185 34.89 -7.25 -22.39
C ALA B 185 36.37 -7.59 -22.31
N SER B 186 37.23 -6.58 -22.21
CA SER B 186 38.66 -6.84 -22.09
C SER B 186 38.97 -7.57 -20.78
N LEU B 187 38.30 -7.21 -19.69
CA LEU B 187 38.53 -7.89 -18.42
C LEU B 187 38.03 -9.34 -18.46
N ALA B 188 36.88 -9.58 -19.10
CA ALA B 188 36.33 -10.92 -19.18
C ALA B 188 37.08 -11.81 -20.15
N ASP B 189 37.81 -11.23 -21.10
CA ASP B 189 38.68 -12.04 -21.95
C ASP B 189 39.83 -12.69 -21.17
N ARG B 190 40.08 -12.25 -19.95
CA ARG B 190 41.11 -12.82 -19.09
C ARG B 190 40.49 -13.59 -17.92
N ASP B 191 39.37 -14.28 -18.17
CA ASP B 191 38.69 -15.01 -17.11
C ASP B 191 39.57 -16.12 -16.54
N GLN B 192 40.19 -16.90 -17.42
CA GLN B 192 41.07 -17.98 -16.97
C GLN B 192 42.27 -17.43 -16.21
N ALA B 193 42.85 -16.33 -16.70
CA ALA B 193 43.97 -15.71 -16.02
C ALA B 193 43.58 -15.22 -14.63
N ILE B 194 42.40 -14.60 -14.51
CA ILE B 194 41.94 -14.11 -13.21
C ILE B 194 41.71 -15.26 -12.25
N GLY B 195 41.12 -16.35 -12.75
CA GLY B 195 40.91 -17.52 -11.91
C GLY B 195 42.21 -18.12 -11.41
N GLU B 196 43.20 -18.23 -12.31
CA GLU B 196 44.51 -18.74 -11.91
C GLU B 196 45.19 -17.81 -10.91
N VAL B 197 45.04 -16.50 -11.10
CA VAL B 197 45.59 -15.52 -10.15
C VAL B 197 44.98 -15.74 -8.77
N ILE B 198 43.65 -15.86 -8.72
CA ILE B 198 42.97 -16.05 -7.45
C ILE B 198 43.43 -17.34 -6.78
N LYS B 199 43.50 -18.43 -7.54
CA LYS B 199 43.89 -19.72 -6.97
C LYS B 199 45.31 -19.69 -6.43
N ASN B 200 46.27 -19.24 -7.25
CA ASN B 200 47.67 -19.25 -6.83
C ASN B 200 47.91 -18.27 -5.69
N LEU B 201 47.32 -17.08 -5.75
CA LEU B 201 47.49 -16.10 -4.68
C LEU B 201 46.89 -16.63 -3.38
N ASN B 202 45.73 -17.28 -3.45
CA ASN B 202 45.14 -17.87 -2.26
C ASN B 202 46.03 -18.95 -1.68
N THR B 203 46.62 -19.79 -2.54
CA THR B 203 47.53 -20.82 -2.07
C THR B 203 48.71 -20.22 -1.33
N VAL B 204 49.37 -19.23 -1.94
CA VAL B 204 50.54 -18.62 -1.33
C VAL B 204 50.16 -17.92 -0.03
N LEU B 205 49.01 -17.24 -0.01
CA LEU B 205 48.60 -16.50 1.18
C LEU B 205 48.25 -17.43 2.33
N ASP B 206 47.58 -18.55 2.06
CA ASP B 206 47.32 -19.49 3.16
C ASP B 206 48.60 -20.17 3.63
N THR B 207 49.55 -20.39 2.70
CA THR B 207 50.86 -20.89 3.11
C THR B 207 51.54 -19.92 4.08
N THR B 208 51.46 -18.62 3.78
CA THR B 208 52.04 -17.61 4.67
C THR B 208 51.28 -17.54 5.98
N VAL B 209 49.96 -17.67 5.94
CA VAL B 209 49.13 -17.58 7.14
C VAL B 209 49.44 -18.73 8.09
N ARG B 210 49.71 -19.92 7.54
CA ARG B 210 50.07 -21.06 8.39
C ARG B 210 51.31 -20.76 9.23
N HIS B 211 52.22 -19.93 8.72
CA HIS B 211 53.40 -19.48 9.46
C HIS B 211 53.31 -18.00 9.82
N GLN B 212 52.10 -17.52 10.13
CA GLN B 212 51.89 -16.10 10.38
C GLN B 212 52.71 -15.59 11.57
N LYS B 213 52.77 -16.38 12.64
CA LYS B 213 53.55 -15.97 13.82
C LYS B 213 55.02 -15.85 13.48
N GLN B 214 55.57 -16.86 12.78
CA GLN B 214 56.98 -16.83 12.43
C GLN B 214 57.28 -15.75 11.39
N PHE B 215 56.37 -15.56 10.43
CA PHE B 215 56.55 -14.51 9.43
C PHE B 215 56.50 -13.12 10.06
N ASP B 216 55.72 -12.96 11.13
CA ASP B 216 55.69 -11.69 11.84
C ASP B 216 56.95 -11.48 12.66
N GLU B 217 57.42 -12.53 13.34
CA GLU B 217 58.61 -12.39 14.19
C GLU B 217 59.88 -12.20 13.36
N THR B 218 59.96 -12.82 12.17
CA THR B 218 61.19 -12.76 11.40
C THR B 218 61.47 -11.36 10.87
N LEU B 219 60.44 -10.58 10.57
CA LEU B 219 60.65 -9.19 10.15
C LEU B 219 61.31 -8.39 11.26
N VAL B 220 60.81 -8.52 12.49
CA VAL B 220 61.38 -7.80 13.63
C VAL B 220 62.82 -8.26 13.87
N ASN B 221 63.05 -9.57 13.85
CA ASN B 221 64.39 -10.09 14.11
C ASN B 221 65.37 -9.65 13.03
N PHE B 222 64.95 -9.69 11.77
CA PHE B 222 65.81 -9.26 10.69
C PHE B 222 66.11 -7.78 10.78
N GLU B 223 65.11 -6.96 11.12
CA GLU B 223 65.35 -5.53 11.30
C GLU B 223 66.35 -5.29 12.43
N THR B 224 66.21 -6.01 13.54
CA THR B 224 67.14 -5.85 14.65
C THR B 224 68.57 -6.23 14.23
N LEU B 225 68.70 -7.36 13.51
CA LEU B 225 70.02 -7.79 13.07
C LEU B 225 70.64 -6.79 12.10
N ILE B 226 69.86 -6.30 11.15
CA ILE B 226 70.38 -5.38 10.14
C ILE B 226 70.76 -4.05 10.78
N THR B 227 69.95 -3.57 11.74
CA THR B 227 70.30 -2.34 12.45
C THR B 227 71.57 -2.52 13.27
N GLY B 228 71.70 -3.65 13.97
CA GLY B 228 72.91 -3.91 14.74
C GLY B 228 74.15 -3.99 13.88
N LEU B 229 74.01 -4.54 12.67
CA LEU B 229 75.15 -4.57 11.76
C LEU B 229 75.44 -3.22 11.13
N LYS B 230 74.39 -2.44 10.84
CA LYS B 230 74.60 -1.12 10.23
C LYS B 230 75.25 -0.16 11.21
N ASN B 231 74.96 -0.29 12.51
CA ASN B 231 75.60 0.57 13.50
C ASN B 231 77.09 0.33 13.61
N ARG B 232 77.61 -0.77 13.07
CA ARG B 232 79.03 -1.09 13.09
C ARG B 232 79.55 -1.43 11.69
N ALA B 233 78.80 -1.04 10.66
CA ALA B 233 79.17 -1.36 9.28
C ALA B 233 80.60 -0.99 8.93
N ASP B 234 81.02 0.23 9.26
CA ASP B 234 82.37 0.65 8.87
C ASP B 234 83.46 -0.20 9.52
N PRO B 235 83.45 -0.47 10.84
CA PRO B 235 84.42 -1.45 11.37
C PRO B 235 84.28 -2.83 10.74
N ILE B 236 83.06 -3.27 10.45
CA ILE B 236 82.87 -4.61 9.85
C ILE B 236 83.47 -4.65 8.45
N ALA B 237 83.20 -3.62 7.64
CA ALA B 237 83.75 -3.58 6.29
C ALA B 237 85.27 -3.48 6.33
N THR B 238 85.81 -2.66 7.21
CA THR B 238 87.26 -2.55 7.35
C THR B 238 87.86 -3.89 7.76
N SER B 239 87.21 -4.60 8.68
CA SER B 239 87.70 -5.90 9.12
C SER B 239 87.67 -6.92 8.00
N VAL B 240 86.60 -6.92 7.20
CA VAL B 240 86.52 -7.86 6.08
C VAL B 240 87.64 -7.58 5.08
N ALA B 241 87.85 -6.30 4.76
CA ALA B 241 88.92 -5.95 3.82
C ALA B 241 90.29 -6.33 4.37
N ASP B 242 90.51 -6.11 5.68
CA ASP B 242 91.78 -6.48 6.29
C ASP B 242 91.98 -7.99 6.28
N ILE B 243 90.92 -8.76 6.51
CA ILE B 243 91.01 -10.22 6.45
C ILE B 243 91.41 -10.66 5.05
N SER B 244 90.75 -10.11 4.03
CA SER B 244 91.08 -10.47 2.65
C SER B 244 92.52 -10.10 2.32
N ASP B 245 92.95 -8.90 2.71
CA ASP B 245 94.32 -8.47 2.41
C ASP B 245 95.34 -9.34 3.12
N ALA B 246 95.08 -9.70 4.38
CA ALA B 246 96.01 -10.56 5.11
C ALA B 246 96.09 -11.94 4.48
N ALA B 247 94.94 -12.49 4.07
CA ALA B 247 94.95 -13.79 3.40
C ALA B 247 95.78 -13.74 2.12
N GLY B 248 95.56 -12.69 1.31
CA GLY B 248 96.33 -12.56 0.07
C GLY B 248 97.81 -12.38 0.32
N SER B 249 98.16 -11.57 1.32
CA SER B 249 99.57 -11.32 1.62
C SER B 249 100.26 -12.57 2.13
N LEU B 250 99.59 -13.35 3.00
CA LEU B 250 100.19 -14.59 3.47
C LEU B 250 100.32 -15.60 2.35
N ALA B 251 99.31 -15.68 1.46
CA ALA B 251 99.39 -16.57 0.32
C ALA B 251 100.57 -16.20 -0.57
N ASP B 252 100.76 -14.91 -0.84
CA ASP B 252 101.87 -14.47 -1.68
C ASP B 252 103.22 -14.76 -1.00
N LEU B 253 103.32 -14.48 0.30
CA LEU B 253 104.56 -14.73 1.02
C LEU B 253 104.92 -16.21 0.99
N LEU B 254 103.94 -17.09 1.23
CA LEU B 254 104.23 -18.52 1.17
C LEU B 254 104.59 -18.95 -0.25
N SER B 255 103.84 -18.48 -1.25
CA SER B 255 104.12 -18.85 -2.63
C SER B 255 105.52 -18.42 -3.07
N ASP B 256 106.04 -17.35 -2.47
CA ASP B 256 107.38 -16.90 -2.82
C ASP B 256 108.47 -17.55 -2.00
N ASN B 257 108.22 -17.85 -0.71
CA ASN B 257 109.27 -18.28 0.20
C ASN B 257 109.17 -19.75 0.60
N ARG B 258 108.32 -20.55 -0.04
CA ARG B 258 108.24 -21.96 0.34
C ARG B 258 109.50 -22.74 0.00
N PRO B 259 110.01 -22.74 -1.25
CA PRO B 259 111.24 -23.53 -1.51
C PRO B 259 112.43 -23.09 -0.67
N LEU B 260 112.58 -21.78 -0.48
CA LEU B 260 113.68 -21.27 0.34
C LEU B 260 113.51 -21.69 1.80
N LEU B 261 112.28 -21.69 2.31
CA LEU B 261 112.06 -22.17 3.67
C LEU B 261 112.35 -23.66 3.81
N LYS B 262 112.00 -24.45 2.79
CA LYS B 262 112.31 -25.87 2.82
C LYS B 262 113.81 -26.11 2.85
N ASP B 263 114.56 -25.40 1.99
CA ASP B 263 116.01 -25.53 1.98
C ASP B 263 116.60 -25.02 3.29
N THR B 264 116.04 -23.96 3.86
CA THR B 264 116.50 -23.44 5.13
C THR B 264 116.31 -24.48 6.24
N ILE B 265 115.17 -25.16 6.25
CA ILE B 265 114.92 -26.19 7.25
C ILE B 265 115.91 -27.34 7.09
N GLY B 266 116.17 -27.76 5.85
CA GLY B 266 117.14 -28.82 5.63
C GLY B 266 118.53 -28.45 6.11
N TYR B 267 118.98 -27.24 5.74
CA TYR B 267 120.29 -26.77 6.18
C TYR B 267 120.35 -26.63 7.69
N LEU B 268 119.27 -26.17 8.31
CA LEU B 268 119.24 -26.06 9.77
C LEU B 268 119.33 -27.42 10.42
N ASP B 269 118.67 -28.43 9.85
CA ASP B 269 118.77 -29.78 10.39
C ASP B 269 120.20 -30.29 10.32
N VAL B 270 120.84 -30.13 9.17
CA VAL B 270 122.21 -30.65 9.03
C VAL B 270 123.18 -29.85 9.90
N ILE B 271 122.89 -28.57 10.15
CA ILE B 271 123.74 -27.78 11.05
C ILE B 271 123.57 -28.24 12.49
N GLN B 272 122.32 -28.45 12.92
CA GLN B 272 122.05 -28.69 14.33
C GLN B 272 122.31 -30.12 14.76
N ALA B 273 122.33 -31.08 13.82
CA ALA B 273 122.57 -32.47 14.23
C ALA B 273 123.90 -32.67 14.95
N PRO B 274 125.06 -32.18 14.43
CA PRO B 274 126.29 -32.32 15.22
C PRO B 274 126.26 -31.59 16.55
N LEU B 275 125.58 -30.44 16.62
CA LEU B 275 125.51 -29.71 17.88
C LEU B 275 124.75 -30.49 18.94
N VAL B 276 123.64 -31.13 18.55
CA VAL B 276 122.88 -31.97 19.48
C VAL B 276 123.68 -33.22 19.84
N GLU B 277 124.44 -33.76 18.88
CA GLU B 277 125.26 -34.92 19.16
C GLU B 277 126.29 -34.63 20.24
N GLN B 278 126.77 -33.39 20.32
CA GLN B 278 127.77 -32.98 21.30
C GLN B 278 127.27 -31.82 22.15
N LYS B 279 126.02 -31.90 22.63
CA LYS B 279 125.46 -30.81 23.40
C LYS B 279 126.10 -30.62 24.77
N GLN B 280 126.89 -31.59 25.23
CA GLN B 280 127.57 -31.45 26.52
C GLN B 280 128.92 -30.76 26.38
N GLU B 281 129.64 -30.98 25.27
CA GLU B 281 130.89 -30.28 25.05
C GLU B 281 130.67 -28.78 24.89
N VAL B 282 129.57 -28.39 24.25
CA VAL B 282 129.23 -26.97 24.13
C VAL B 282 129.01 -26.36 25.50
N SER B 283 128.26 -27.06 26.36
CA SER B 283 128.05 -26.58 27.72
C SER B 283 129.35 -26.45 28.48
N ASP B 284 130.23 -27.46 28.35
CA ASP B 284 131.49 -27.43 29.08
C ASP B 284 132.38 -26.28 28.62
N ILE B 285 132.45 -26.05 27.31
CA ILE B 285 133.30 -24.96 26.83
C ILE B 285 132.70 -23.60 27.20
N LEU B 286 131.37 -23.48 27.18
CA LEU B 286 130.76 -22.21 27.59
C LEU B 286 130.95 -21.95 29.07
N VAL B 287 130.98 -23.00 29.89
CA VAL B 287 131.29 -22.81 31.31
C VAL B 287 132.74 -22.44 31.51
N GLN B 288 133.66 -23.08 30.77
CA GLN B 288 135.08 -22.89 31.00
C GLN B 288 135.60 -21.58 30.44
N MET B 289 135.03 -21.10 29.33
CA MET B 289 135.59 -19.94 28.64
C MET B 289 135.69 -18.65 29.48
N PRO B 290 134.72 -18.29 30.33
CA PRO B 290 134.90 -17.06 31.12
C PRO B 290 136.14 -17.03 31.98
N GLN B 291 136.52 -18.16 32.59
CA GLN B 291 137.73 -18.18 33.41
C GLN B 291 138.96 -17.92 32.56
N ALA B 292 139.05 -18.57 31.40
CA ALA B 292 140.17 -18.34 30.50
C ALA B 292 140.22 -16.90 30.01
N LEU B 293 139.05 -16.33 29.69
CA LEU B 293 139.00 -14.95 29.23
C LEU B 293 139.48 -13.98 30.30
N LYS B 294 139.04 -14.18 31.55
CA LYS B 294 139.51 -13.33 32.64
C LYS B 294 141.01 -13.47 32.85
N ILE B 295 141.52 -14.70 32.80
CA ILE B 295 142.94 -14.94 33.04
C ILE B 295 143.78 -14.28 31.95
N ILE B 296 143.39 -14.46 30.69
CA ILE B 296 144.17 -13.85 29.61
C ILE B 296 144.00 -12.33 29.61
N GLY B 297 142.85 -11.83 30.10
CA GLY B 297 142.68 -10.40 30.21
C GLY B 297 143.62 -9.78 31.24
N ARG B 298 143.82 -10.46 32.36
CA ARG B 298 144.78 -9.96 33.34
C ARG B 298 146.20 -10.46 33.08
N ALA B 299 146.42 -11.22 32.00
CA ALA B 299 147.78 -11.68 31.69
C ALA B 299 148.67 -10.52 31.26
N GLY B 300 148.36 -9.91 30.11
CA GLY B 300 149.19 -8.84 29.57
C GLY B 300 148.33 -7.68 29.10
N GLY B 301 148.99 -6.54 28.89
CA GLY B 301 148.32 -5.34 28.48
C GLY B 301 147.74 -4.50 29.60
N ILE B 302 147.98 -4.87 30.86
CA ILE B 302 147.50 -4.09 31.99
C ILE B 302 148.62 -3.26 32.59
N TYR B 303 149.85 -3.76 32.53
CA TYR B 303 150.99 -3.02 33.09
C TYR B 303 151.54 -1.97 32.13
N GLY B 304 151.07 -1.94 30.89
CA GLY B 304 151.58 -0.97 29.93
C GLY B 304 151.25 -1.39 28.52
N ASP B 305 152.18 -1.07 27.61
CA ASP B 305 152.02 -1.39 26.20
C ASP B 305 152.66 -2.73 25.82
N PHE B 306 152.75 -3.66 26.76
CA PHE B 306 153.49 -4.90 26.53
C PHE B 306 152.75 -6.09 27.14
N PHE B 307 152.99 -7.26 26.56
CA PHE B 307 152.57 -8.53 27.16
C PHE B 307 153.50 -8.89 28.31
N ASN B 308 153.00 -9.71 29.22
CA ASN B 308 153.78 -10.20 30.35
C ASN B 308 154.18 -11.64 30.10
N PHE B 309 155.47 -11.89 29.96
CA PHE B 309 156.02 -13.23 29.83
C PHE B 309 156.89 -13.55 31.03
N TYR B 310 156.85 -14.82 31.47
CA TYR B 310 157.65 -15.28 32.60
C TYR B 310 158.36 -16.56 32.17
N ALA B 311 159.60 -16.43 31.73
CA ALA B 311 160.38 -17.56 31.22
C ALA B 311 160.94 -18.34 32.39
N CYS B 312 160.29 -19.46 32.74
CA CYS B 312 160.76 -20.26 33.87
C CYS B 312 162.00 -21.07 33.52
N ASP B 313 162.12 -21.53 32.28
CA ASP B 313 163.23 -22.38 31.88
C ASP B 313 163.71 -21.96 30.50
N LEU B 314 164.92 -21.42 30.42
CA LEU B 314 165.50 -21.00 29.15
C LEU B 314 166.74 -21.84 28.90
N THR B 315 166.85 -22.34 27.67
CA THR B 315 167.93 -23.21 27.23
C THR B 315 168.40 -22.78 25.85
N LEU B 316 169.66 -23.09 25.54
CA LEU B 316 170.29 -22.72 24.28
C LEU B 316 170.45 -23.93 23.38
N LYS B 317 170.04 -23.78 22.11
CA LYS B 317 170.20 -24.81 21.10
C LYS B 317 171.21 -24.34 20.07
N LEU B 318 172.27 -25.12 19.88
CA LEU B 318 173.34 -24.74 18.95
C LEU B 318 174.11 -25.98 18.54
N ASN B 319 174.82 -25.85 17.43
CA ASN B 319 175.65 -26.93 16.91
C ASN B 319 177.13 -26.61 17.04
N VAL B 327 174.35 -29.93 17.61
CA VAL B 327 172.91 -29.83 17.68
C VAL B 327 172.48 -29.98 19.14
N ARG B 328 173.47 -30.02 20.03
CA ARG B 328 173.19 -30.20 21.44
C ARG B 328 172.38 -29.03 21.99
N THR B 329 171.46 -29.33 22.89
CA THR B 329 170.65 -28.32 23.56
C THR B 329 171.18 -28.16 24.98
N VAL B 330 171.73 -26.99 25.28
CA VAL B 330 172.32 -26.71 26.58
C VAL B 330 171.27 -26.01 27.43
N ARG B 331 171.03 -26.55 28.62
CA ARG B 331 170.04 -26.00 29.54
C ARG B 331 170.71 -25.00 30.47
N ILE B 332 170.11 -23.82 30.60
CA ILE B 332 170.67 -22.78 31.45
C ILE B 332 169.86 -22.66 32.74
N THR B 333 168.58 -22.30 32.65
CA THR B 333 167.80 -22.10 33.86
C THR B 333 166.48 -22.84 33.81
N THR B 334 166.17 -23.56 34.88
CA THR B 334 164.88 -24.22 35.08
C THR B 334 164.41 -23.93 36.50
N GLN B 335 163.09 -23.81 36.66
CA GLN B 335 162.49 -23.60 37.96
C GLN B 335 161.75 -24.84 38.41
N PRO B 336 162.22 -25.55 39.43
CA PRO B 336 161.53 -26.77 39.87
C PRO B 336 160.16 -26.49 40.49
N SER B 337 160.11 -25.60 41.48
CA SER B 337 158.89 -25.32 42.21
C SER B 337 158.61 -23.82 42.20
N GLY B 338 157.33 -23.48 42.30
CA GLY B 338 156.91 -22.09 42.26
C GLY B 338 155.64 -21.90 41.43
N ARG B 339 155.59 -20.81 40.67
CA ARG B 339 154.43 -20.58 39.82
C ARG B 339 154.35 -21.56 38.65
N CYS B 340 155.46 -22.17 38.27
CA CYS B 340 155.50 -23.11 37.15
C CYS B 340 155.75 -24.50 37.70
N THR B 341 154.68 -25.16 38.10
CA THR B 341 154.65 -26.56 38.49
C THR B 341 153.44 -27.22 37.85
N PRO B 342 153.56 -28.49 37.45
CA PRO B 342 152.45 -29.15 36.76
C PRO B 342 151.17 -29.15 37.59
N LYS B 343 150.07 -28.81 36.95
CA LYS B 343 148.79 -28.68 37.65
C LYS B 343 147.63 -28.84 36.68
N MET C 1 -84.63 -4.26 10.69
CA MET C 1 -85.05 -5.52 11.28
C MET C 1 -84.98 -5.46 12.80
N ARG C 2 -85.66 -6.42 13.45
CA ARG C 2 -85.59 -6.52 14.89
C ARG C 2 -84.19 -6.88 15.36
N THR C 3 -83.53 -7.81 14.67
CA THR C 3 -82.20 -8.26 15.09
C THR C 3 -81.17 -7.14 14.97
N LEU C 4 -81.20 -6.39 13.87
CA LEU C 4 -80.23 -5.31 13.68
C LEU C 4 -80.43 -4.20 14.71
N GLN C 5 -81.67 -3.87 15.03
CA GLN C 5 -82.00 -2.77 15.93
C GLN C 5 -82.09 -3.19 17.39
N GLY C 6 -81.42 -4.28 17.77
CA GLY C 6 -81.45 -4.73 19.15
C GLY C 6 -80.68 -3.82 20.08
N SER C 7 -80.92 -4.00 21.37
CA SER C 7 -80.27 -3.19 22.40
C SER C 7 -78.98 -3.84 22.90
N ASP C 8 -78.14 -4.26 21.96
CA ASP C 8 -76.83 -4.81 22.28
C ASP C 8 -75.76 -4.29 21.32
N ARG C 9 -76.04 -3.17 20.64
CA ARG C 9 -75.14 -2.69 19.58
C ARG C 9 -73.85 -2.10 20.13
N PHE C 10 -73.86 -1.62 21.37
CA PHE C 10 -72.64 -1.01 21.92
C PHE C 10 -71.55 -2.06 22.15
N ARG C 11 -71.92 -3.18 22.77
CA ARG C 11 -70.95 -4.25 22.99
C ARG C 11 -70.47 -4.83 21.67
N LYS C 12 -71.38 -4.98 20.70
CA LYS C 12 -70.99 -5.45 19.38
C LYS C 12 -70.00 -4.48 18.72
N GLY C 13 -70.25 -3.17 18.87
CA GLY C 13 -69.32 -2.20 18.30
C GLY C 13 -67.95 -2.24 18.94
N LEU C 14 -67.91 -2.34 20.27
CA LEU C 14 -66.63 -2.46 20.97
C LEU C 14 -65.87 -3.69 20.49
N MET C 15 -66.54 -4.85 20.49
CA MET C 15 -65.89 -6.08 20.09
C MET C 15 -65.41 -6.02 18.65
N GLY C 16 -66.24 -5.49 17.75
CA GLY C 16 -65.87 -5.42 16.35
C GLY C 16 -64.71 -4.48 16.09
N VAL C 17 -64.71 -3.31 16.72
CA VAL C 17 -63.62 -2.35 16.49
C VAL C 17 -62.32 -2.90 17.07
N ILE C 18 -62.38 -3.58 18.22
CA ILE C 18 -61.17 -4.19 18.76
C ILE C 18 -60.66 -5.29 17.83
N VAL C 19 -61.57 -6.11 17.29
CA VAL C 19 -61.16 -7.18 16.38
C VAL C 19 -60.54 -6.60 15.11
N VAL C 20 -61.13 -5.54 14.55
CA VAL C 20 -60.59 -4.95 13.33
C VAL C 20 -59.23 -4.33 13.60
N ALA C 21 -59.07 -3.63 14.72
CA ALA C 21 -57.75 -3.08 15.07
C ALA C 21 -56.71 -4.18 15.24
N LEU C 22 -57.10 -5.29 15.89
CA LEU C 22 -56.18 -6.41 16.04
C LEU C 22 -55.79 -7.00 14.70
N ILE C 23 -56.76 -7.17 13.80
CA ILE C 23 -56.47 -7.73 12.48
C ILE C 23 -55.52 -6.83 11.70
N ILE C 24 -55.74 -5.51 11.76
CA ILE C 24 -54.86 -4.57 11.07
C ILE C 24 -53.46 -4.64 11.66
N GLY C 25 -53.35 -4.69 12.99
CA GLY C 25 -52.05 -4.77 13.62
C GLY C 25 -51.30 -6.05 13.27
N VAL C 26 -52.02 -7.18 13.21
CA VAL C 26 -51.39 -8.45 12.84
C VAL C 26 -50.93 -8.41 11.40
N GLY C 27 -51.79 -7.91 10.50
CA GLY C 27 -51.40 -7.81 9.10
C GLY C 27 -50.21 -6.90 8.88
N SER C 28 -50.10 -5.84 9.67
CA SER C 28 -48.97 -4.92 9.54
C SER C 28 -47.65 -5.59 9.86
N THR C 29 -47.61 -6.41 10.90
CA THR C 29 -46.39 -7.03 11.41
C THR C 29 -46.54 -8.55 11.50
N LEU C 30 -47.06 -9.17 10.45
CA LEU C 30 -47.20 -10.62 10.47
C LEU C 30 -45.84 -11.32 10.40
N THR C 31 -44.86 -10.69 9.78
CA THR C 31 -43.53 -11.29 9.65
C THR C 31 -42.62 -10.94 10.82
N SER C 32 -42.86 -9.82 11.49
CA SER C 32 -42.00 -9.35 12.57
C SER C 32 -42.34 -9.95 13.93
N VAL C 33 -43.36 -10.78 14.02
CA VAL C 33 -43.75 -11.35 15.32
C VAL C 33 -42.68 -12.33 15.79
N PRO C 34 -42.17 -12.21 17.02
CA PRO C 34 -41.10 -13.11 17.46
C PRO C 34 -41.59 -14.50 17.83
N MET C 35 -42.87 -14.64 18.24
CA MET C 35 -43.37 -15.94 18.64
C MET C 35 -43.56 -16.88 17.46
N LEU C 36 -43.52 -16.39 16.23
CA LEU C 36 -43.71 -17.21 15.05
C LEU C 36 -42.47 -17.27 14.16
N PHE C 37 -41.82 -16.15 13.91
CA PHE C 37 -40.61 -16.10 13.07
C PHE C 37 -39.45 -15.62 13.95
N ALA C 38 -38.80 -16.57 14.62
CA ALA C 38 -37.67 -16.28 15.50
C ALA C 38 -36.45 -17.05 15.01
N VAL C 39 -35.35 -16.34 14.84
CA VAL C 39 -34.07 -16.94 14.47
C VAL C 39 -33.00 -16.36 15.39
N PRO C 40 -31.92 -17.09 15.68
CA PRO C 40 -30.86 -16.55 16.53
C PRO C 40 -30.22 -15.31 15.89
N THR C 41 -29.84 -14.37 16.73
CA THR C 41 -29.25 -13.11 16.29
C THR C 41 -27.79 -13.08 16.69
N TYR C 42 -26.91 -12.93 15.70
CA TYR C 42 -25.47 -12.84 15.93
C TYR C 42 -25.03 -11.39 15.83
N TYR C 43 -23.81 -11.13 16.31
CA TYR C 43 -23.30 -9.78 16.38
C TYR C 43 -21.89 -9.70 15.80
N GLY C 44 -21.52 -8.51 15.36
CA GLY C 44 -20.19 -8.25 14.88
C GLY C 44 -19.75 -6.85 15.25
N GLN C 45 -18.44 -6.68 15.39
CA GLN C 45 -17.83 -5.40 15.72
C GLN C 45 -17.17 -4.83 14.48
N PHE C 46 -17.51 -3.59 14.14
CA PHE C 46 -17.02 -2.93 12.95
C PHE C 46 -16.42 -1.59 13.31
N ALA C 47 -15.55 -1.09 12.44
CA ALA C 47 -15.00 0.25 12.62
C ALA C 47 -16.00 1.33 12.21
N ASP C 48 -16.83 1.04 11.21
CA ASP C 48 -17.79 2.01 10.70
C ASP C 48 -18.93 1.25 10.03
N THR C 49 -20.13 1.83 10.10
CA THR C 49 -21.27 1.22 9.42
C THR C 49 -21.12 1.31 7.90
N GLY C 50 -20.56 2.40 7.41
CA GLY C 50 -20.36 2.58 5.98
C GLY C 50 -21.64 2.68 5.18
N GLY C 51 -22.63 3.43 5.67
CA GLY C 51 -23.88 3.57 4.98
C GLY C 51 -24.84 2.41 5.14
N LEU C 52 -24.51 1.45 5.99
CA LEU C 52 -25.38 0.30 6.20
C LEU C 52 -26.66 0.72 6.92
N ASN C 53 -27.78 0.16 6.48
CA ASN C 53 -29.09 0.45 7.06
C ASN C 53 -29.68 -0.81 7.67
N ILE C 54 -30.68 -0.60 8.53
CA ILE C 54 -31.41 -1.71 9.11
C ILE C 54 -32.21 -2.41 8.01
N GLY C 55 -32.13 -3.74 7.98
CA GLY C 55 -32.80 -4.51 6.96
C GLY C 55 -31.98 -4.81 5.72
N ASP C 56 -30.72 -4.37 5.69
CA ASP C 56 -29.86 -4.66 4.55
C ASP C 56 -29.45 -6.14 4.55
N LYS C 57 -29.13 -6.64 3.37
CA LYS C 57 -28.90 -8.06 3.18
C LYS C 57 -27.60 -8.50 3.85
N VAL C 58 -27.63 -9.72 4.40
CA VAL C 58 -26.44 -10.43 4.86
C VAL C 58 -26.40 -11.72 4.07
N ARG C 59 -25.31 -11.92 3.32
CA ARG C 59 -25.19 -12.99 2.34
C ARG C 59 -23.96 -13.83 2.62
N ILE C 60 -24.10 -15.14 2.49
CA ILE C 60 -22.99 -16.08 2.59
C ILE C 60 -22.77 -16.67 1.20
N ALA C 61 -21.53 -16.57 0.70
CA ALA C 61 -21.16 -17.08 -0.62
C ALA C 61 -22.00 -16.45 -1.73
N GLY C 62 -22.48 -15.24 -1.51
CA GLY C 62 -23.21 -14.48 -2.49
C GLY C 62 -24.72 -14.61 -2.45
N MET C 63 -25.25 -15.58 -1.71
CA MET C 63 -26.69 -15.79 -1.63
C MET C 63 -27.22 -15.29 -0.29
N ASP C 64 -28.40 -14.68 -0.31
CA ASP C 64 -28.96 -14.04 0.88
C ASP C 64 -29.22 -15.09 1.96
N VAL C 65 -28.79 -14.79 3.19
CA VAL C 65 -29.06 -15.68 4.32
C VAL C 65 -29.77 -14.93 5.45
N GLY C 66 -29.76 -13.60 5.42
CA GLY C 66 -30.45 -12.89 6.47
C GLY C 66 -30.45 -11.39 6.25
N ASN C 67 -30.83 -10.67 7.29
CA ASN C 67 -30.92 -9.21 7.26
C ASN C 67 -30.20 -8.62 8.46
N VAL C 68 -29.89 -7.33 8.36
CA VAL C 68 -29.30 -6.58 9.46
C VAL C 68 -30.42 -6.12 10.39
N LYS C 69 -30.25 -6.38 11.69
CA LYS C 69 -31.29 -6.08 12.66
C LYS C 69 -31.02 -4.80 13.46
N SER C 70 -29.83 -4.62 13.99
CA SER C 70 -29.56 -3.47 14.85
C SER C 70 -28.15 -2.94 14.62
N MET C 71 -27.98 -1.65 14.88
CA MET C 71 -26.68 -0.99 14.85
C MET C 71 -26.56 -0.08 16.06
N GLU C 72 -25.54 -0.30 16.88
CA GLU C 72 -25.31 0.50 18.09
C GLU C 72 -23.85 0.90 18.17
N ILE C 73 -23.60 1.97 18.91
CA ILE C 73 -22.23 2.46 19.16
C ILE C 73 -21.77 1.90 20.50
N ASP C 74 -20.70 1.12 20.47
CA ASP C 74 -20.13 0.52 21.68
C ASP C 74 -18.68 0.98 21.78
N GLY C 75 -18.45 2.03 22.55
CA GLY C 75 -17.10 2.57 22.74
C GLY C 75 -16.48 2.99 21.43
N ASP C 76 -15.35 2.37 21.10
CA ASP C 76 -14.62 2.67 19.88
C ASP C 76 -15.22 1.98 18.65
N LYS C 77 -16.14 1.05 18.83
CA LYS C 77 -16.61 0.21 17.74
C LYS C 77 -18.11 0.42 17.50
N VAL C 78 -18.60 -0.20 16.43
CA VAL C 78 -20.02 -0.27 16.14
C VAL C 78 -20.42 -1.74 16.20
N VAL C 79 -21.39 -2.05 17.05
CA VAL C 79 -21.91 -3.40 17.17
C VAL C 79 -23.12 -3.52 16.24
N ILE C 80 -23.00 -4.39 15.24
CA ILE C 80 -24.06 -4.63 14.27
C ILE C 80 -24.58 -6.03 14.51
N GLY C 81 -25.88 -6.12 14.84
CA GLY C 81 -26.52 -7.41 15.03
C GLY C 81 -27.38 -7.77 13.83
N TYR C 82 -27.24 -9.01 13.38
CA TYR C 82 -27.89 -9.52 12.18
C TYR C 82 -28.40 -10.92 12.46
N THR C 83 -29.08 -11.51 11.48
CA THR C 83 -29.58 -12.86 11.57
C THR C 83 -29.08 -13.66 10.37
N LEU C 84 -28.85 -14.95 10.59
CA LEU C 84 -28.39 -15.85 9.54
C LEU C 84 -29.48 -16.76 9.00
N GLY C 85 -30.72 -16.57 9.43
CA GLY C 85 -31.82 -17.38 8.92
C GLY C 85 -31.72 -18.86 9.26
N GLY C 86 -31.34 -19.19 10.48
CA GLY C 86 -31.24 -20.56 10.90
C GLY C 86 -29.96 -21.26 10.50
N ARG C 87 -29.01 -20.55 9.90
CA ARG C 87 -27.75 -21.14 9.49
C ARG C 87 -26.70 -20.99 10.58
N THR C 88 -25.60 -21.74 10.42
CA THR C 88 -24.52 -21.77 11.39
C THR C 88 -23.21 -21.47 10.70
N ILE C 89 -22.43 -20.55 11.28
CA ILE C 89 -21.11 -20.22 10.76
C ILE C 89 -20.10 -20.44 11.87
N GLY C 90 -18.83 -20.60 11.47
CA GLY C 90 -17.78 -20.82 12.43
C GLY C 90 -17.38 -19.55 13.15
N THR C 91 -16.71 -19.72 14.30
CA THR C 91 -16.24 -18.59 15.07
C THR C 91 -15.10 -17.84 14.37
N GLU C 92 -14.48 -18.46 13.37
CA GLU C 92 -13.41 -17.85 12.60
C GLU C 92 -13.93 -17.13 11.35
N SER C 93 -15.25 -17.02 11.20
CA SER C 93 -15.84 -16.40 10.01
C SER C 93 -15.48 -14.93 9.93
N ARG C 94 -15.47 -14.41 8.70
CA ARG C 94 -15.13 -13.01 8.46
C ARG C 94 -16.31 -12.29 7.84
N ALA C 95 -16.67 -11.15 8.43
CA ALA C 95 -17.73 -10.30 7.91
C ALA C 95 -17.12 -9.11 7.17
N ALA C 96 -17.82 -8.65 6.13
CA ALA C 96 -17.34 -7.53 5.35
C ALA C 96 -18.52 -6.70 4.87
N ILE C 97 -18.60 -5.45 5.34
CA ILE C 97 -19.56 -4.50 4.77
C ILE C 97 -19.06 -4.07 3.40
N ARG C 98 -19.91 -4.20 2.38
CA ARG C 98 -19.48 -3.96 1.03
C ARG C 98 -20.55 -3.22 0.24
N THR C 99 -20.08 -2.37 -0.68
CA THR C 99 -20.97 -1.68 -1.58
C THR C 99 -21.51 -2.64 -2.62
N ASP C 100 -22.83 -2.65 -2.80
CA ASP C 100 -23.45 -3.59 -3.73
C ASP C 100 -23.55 -3.00 -5.13
N THR C 101 -24.11 -1.79 -5.26
CA THR C 101 -24.31 -1.15 -6.54
C THR C 101 -23.70 0.25 -6.53
N ILE C 102 -23.67 0.89 -7.70
CA ILE C 102 -23.10 2.22 -7.81
C ILE C 102 -23.97 3.27 -7.15
N LEU C 103 -25.23 2.98 -6.90
CA LEU C 103 -26.15 3.95 -6.30
C LEU C 103 -26.04 4.00 -4.78
N GLY C 104 -25.21 3.16 -4.18
CA GLY C 104 -24.91 3.25 -2.76
C GLY C 104 -25.48 2.16 -1.87
N ARG C 105 -26.07 1.12 -2.45
CA ARG C 105 -26.60 0.03 -1.64
C ARG C 105 -25.47 -0.75 -0.99
N LYS C 106 -25.67 -1.12 0.27
CA LYS C 106 -24.66 -1.82 1.06
C LYS C 106 -25.21 -3.15 1.55
N ASN C 107 -24.31 -4.11 1.75
CA ASN C 107 -24.71 -5.40 2.30
C ASN C 107 -23.51 -6.04 2.98
N ILE C 108 -23.78 -7.00 3.85
CA ILE C 108 -22.74 -7.72 4.58
C ILE C 108 -22.49 -9.05 3.89
N GLU C 109 -21.21 -9.37 3.68
CA GLU C 109 -20.80 -10.66 3.15
C GLU C 109 -20.08 -11.44 4.25
N ILE C 110 -20.47 -12.70 4.42
CA ILE C 110 -19.91 -13.57 5.45
C ILE C 110 -19.12 -14.67 4.76
N GLU C 111 -17.89 -14.89 5.22
CA GLU C 111 -17.07 -16.01 4.78
C GLU C 111 -16.85 -16.95 5.97
N PRO C 112 -17.55 -18.08 6.03
CA PRO C 112 -17.40 -18.98 7.18
C PRO C 112 -16.03 -19.63 7.22
N ARG C 113 -15.46 -19.71 8.42
CA ARG C 113 -14.18 -20.34 8.64
C ARG C 113 -14.17 -20.99 10.01
N GLY C 114 -13.31 -21.98 10.19
CA GLY C 114 -13.16 -22.63 11.47
C GLY C 114 -14.18 -23.74 11.70
N SER C 115 -13.98 -24.46 12.80
CA SER C 115 -14.82 -25.60 13.16
C SER C 115 -15.76 -25.32 14.32
N GLU C 116 -15.37 -24.46 15.26
CA GLU C 116 -16.21 -24.18 16.41
C GLU C 116 -17.48 -23.44 15.99
N THR C 117 -18.61 -23.84 16.57
CA THR C 117 -19.89 -23.26 16.22
C THR C 117 -20.06 -21.91 16.92
N LEU C 118 -20.48 -20.90 16.15
CA LEU C 118 -20.76 -19.58 16.70
C LEU C 118 -22.11 -19.62 17.42
N LYS C 119 -22.07 -19.52 18.74
CA LYS C 119 -23.27 -19.60 19.55
C LYS C 119 -24.17 -18.40 19.28
N PRO C 120 -25.47 -18.52 19.58
CA PRO C 120 -26.35 -17.35 19.49
C PRO C 120 -25.87 -16.22 20.39
N ARG C 121 -26.08 -15.00 19.92
CA ARG C 121 -25.60 -13.76 20.55
C ARG C 121 -24.08 -13.69 20.59
N GLY C 122 -23.41 -14.47 19.74
CA GLY C 122 -21.96 -14.39 19.64
C GLY C 122 -21.51 -13.18 18.85
N VAL C 123 -20.34 -12.67 19.23
CA VAL C 123 -19.80 -11.43 18.66
C VAL C 123 -18.51 -11.76 17.93
N LEU C 124 -18.45 -11.42 16.65
CA LEU C 124 -17.21 -11.55 15.91
C LEU C 124 -16.22 -10.47 16.35
N PRO C 125 -14.95 -10.79 16.46
CA PRO C 125 -13.96 -9.78 16.86
C PRO C 125 -13.80 -8.70 15.78
N VAL C 126 -13.32 -7.55 16.22
CA VAL C 126 -13.09 -6.43 15.31
C VAL C 126 -12.01 -6.77 14.29
N GLY C 127 -11.10 -7.69 14.63
CA GLY C 127 -10.05 -8.07 13.72
C GLY C 127 -10.49 -8.97 12.58
N GLN C 128 -11.70 -9.51 12.64
CA GLN C 128 -12.23 -10.37 11.58
C GLN C 128 -13.25 -9.65 10.70
N THR C 129 -13.44 -8.35 10.89
CA THR C 129 -14.42 -7.58 10.14
C THR C 129 -13.75 -6.39 9.47
N SER C 130 -14.29 -5.98 8.33
CA SER C 130 -13.74 -4.87 7.55
C SER C 130 -14.87 -3.95 7.11
N ALA C 131 -14.52 -2.68 6.91
CA ALA C 131 -15.39 -1.61 6.42
C ALA C 131 -15.09 -1.32 4.96
N PRO C 132 -16.08 -0.90 4.18
CA PRO C 132 -15.85 -0.69 2.75
C PRO C 132 -15.01 0.55 2.48
N TYR C 133 -14.39 0.56 1.30
CA TYR C 133 -13.73 1.75 0.77
C TYR C 133 -14.75 2.49 -0.08
N GLN C 134 -15.22 3.63 0.42
CA GLN C 134 -16.36 4.32 -0.18
C GLN C 134 -16.01 4.85 -1.57
N ILE C 135 -17.01 4.90 -2.45
CA ILE C 135 -16.82 5.46 -3.77
C ILE C 135 -16.49 6.94 -3.68
N TYR C 136 -17.16 7.66 -2.79
CA TYR C 136 -16.84 9.07 -2.60
C TYR C 136 -15.45 9.25 -2.01
N ASP C 137 -15.00 8.31 -1.17
CA ASP C 137 -13.62 8.33 -0.69
C ASP C 137 -12.64 8.18 -1.85
N ALA C 138 -12.92 7.28 -2.79
CA ALA C 138 -12.06 7.10 -3.95
C ALA C 138 -12.01 8.35 -4.80
N PHE C 139 -13.17 8.95 -5.05
CA PHE C 139 -13.21 10.19 -5.84
C PHE C 139 -12.45 11.30 -5.13
N LEU C 140 -12.64 11.43 -3.82
CA LEU C 140 -11.93 12.45 -3.06
C LEU C 140 -10.42 12.26 -3.15
N ASP C 141 -9.96 11.02 -2.95
CA ASP C 141 -8.52 10.75 -2.99
C ASP C 141 -7.94 11.08 -4.36
N VAL C 142 -8.57 10.59 -5.43
CA VAL C 142 -8.01 10.79 -6.76
C VAL C 142 -8.04 12.26 -7.14
N THR C 143 -9.13 12.97 -6.82
CA THR C 143 -9.23 14.37 -7.20
C THR C 143 -8.26 15.25 -6.42
N ARG C 144 -8.16 15.03 -5.09
CA ARG C 144 -7.22 15.81 -4.29
C ARG C 144 -5.79 15.55 -4.70
N ASN C 145 -5.45 14.29 -5.03
CA ASN C 145 -4.10 13.99 -5.47
C ASN C 145 -3.81 14.60 -6.83
N ALA C 146 -4.78 14.57 -7.75
CA ALA C 146 -4.58 15.13 -9.08
C ALA C 146 -4.53 16.64 -9.07
N ALA C 147 -5.15 17.29 -8.08
CA ALA C 147 -5.16 18.74 -8.03
C ALA C 147 -3.74 19.30 -7.84
N GLY C 148 -2.94 18.64 -7.02
CA GLY C 148 -1.61 19.14 -6.71
C GLY C 148 -0.54 18.78 -7.71
N TRP C 149 -0.88 18.01 -8.74
CA TRP C 149 0.10 17.58 -9.73
C TRP C 149 0.62 18.76 -10.53
N ASP C 150 1.92 18.76 -10.80
CA ASP C 150 2.54 19.69 -11.74
C ASP C 150 2.61 18.95 -13.07
N THR C 151 1.59 19.16 -13.91
CA THR C 151 1.46 18.35 -15.12
C THR C 151 2.57 18.64 -16.13
N GLN C 152 3.04 19.88 -16.19
CA GLN C 152 4.14 20.21 -17.10
C GLN C 152 5.40 19.46 -16.72
N ALA C 153 5.71 19.40 -15.42
CA ALA C 153 6.86 18.64 -14.96
C ALA C 153 6.71 17.17 -15.26
N VAL C 154 5.51 16.61 -15.07
CA VAL C 154 5.28 15.19 -15.32
C VAL C 154 5.47 14.88 -16.80
N ARG C 155 4.89 15.71 -17.67
CA ARG C 155 5.03 15.49 -19.10
C ARG C 155 6.48 15.62 -19.55
N GLN C 156 7.19 16.61 -19.01
CA GLN C 156 8.60 16.79 -19.37
C GLN C 156 9.43 15.61 -18.89
N SER C 157 9.15 15.08 -17.70
CA SER C 157 9.89 13.92 -17.21
C SER C 157 9.64 12.69 -18.06
N LEU C 158 8.38 12.46 -18.45
CA LEU C 158 8.08 11.33 -19.32
C LEU C 158 8.78 11.47 -20.67
N ASN C 159 8.77 12.67 -21.24
CA ASN C 159 9.46 12.89 -22.50
C ASN C 159 10.97 12.70 -22.36
N VAL C 160 11.54 13.16 -21.24
CA VAL C 160 12.97 13.02 -21.00
C VAL C 160 13.34 11.54 -20.90
N LEU C 161 12.55 10.75 -20.16
CA LEU C 161 12.82 9.33 -20.07
C LEU C 161 12.69 8.65 -21.44
N SER C 162 11.68 9.05 -22.21
CA SER C 162 11.49 8.47 -23.55
C SER C 162 12.69 8.72 -24.44
N GLU C 163 13.17 9.96 -24.48
CA GLU C 163 14.31 10.26 -25.35
C GLU C 163 15.60 9.68 -24.81
N THR C 164 15.76 9.59 -23.49
CA THR C 164 16.94 8.94 -22.92
C THR C 164 17.00 7.47 -23.30
N VAL C 165 15.87 6.77 -23.23
CA VAL C 165 15.84 5.37 -23.62
C VAL C 165 16.04 5.23 -25.12
N ASP C 166 15.47 6.15 -25.91
CA ASP C 166 15.66 6.10 -27.35
C ASP C 166 17.12 6.31 -27.74
N GLN C 167 17.85 7.11 -26.97
CA GLN C 167 19.24 7.39 -27.30
C GLN C 167 20.22 6.34 -26.77
N THR C 168 19.96 5.80 -25.58
CA THR C 168 20.90 4.87 -24.96
C THR C 168 20.57 3.41 -25.25
N SER C 169 19.51 3.13 -25.99
CA SER C 169 19.18 1.74 -26.31
C SER C 169 20.24 1.04 -27.16
N PRO C 170 20.74 1.60 -28.27
CA PRO C 170 21.68 0.83 -29.11
C PRO C 170 22.98 0.48 -28.41
N HIS C 171 23.36 1.19 -27.35
CA HIS C 171 24.62 0.96 -26.66
C HIS C 171 24.45 0.16 -25.38
N LEU C 172 23.29 -0.46 -25.18
CA LEU C 172 23.00 -1.14 -23.92
C LEU C 172 23.28 -2.63 -23.95
N SER C 173 23.08 -3.30 -25.09
CA SER C 173 23.26 -4.75 -25.16
C SER C 173 24.71 -5.15 -24.90
N ALA C 174 25.65 -4.45 -25.54
CA ALA C 174 27.07 -4.77 -25.35
C ALA C 174 27.50 -4.51 -23.92
N ALA C 175 27.02 -3.40 -23.33
CA ALA C 175 27.34 -3.11 -21.94
C ALA C 175 26.80 -4.19 -21.02
N LEU C 176 25.56 -4.62 -21.24
CA LEU C 176 24.98 -5.67 -20.42
C LEU C 176 25.77 -6.97 -20.54
N ASP C 177 26.16 -7.33 -21.77
CA ASP C 177 26.91 -8.56 -21.98
C ASP C 177 28.26 -8.51 -21.26
N GLY C 178 29.00 -7.41 -21.45
CA GLY C 178 30.30 -7.30 -20.81
C GLY C 178 30.21 -7.28 -19.30
N VAL C 179 29.25 -6.53 -18.74
CA VAL C 179 29.08 -6.48 -17.31
C VAL C 179 28.70 -7.84 -16.76
N ALA C 180 27.82 -8.57 -17.47
CA ALA C 180 27.43 -9.90 -17.04
C ALA C 180 28.64 -10.84 -17.00
N ARG C 181 29.45 -10.82 -18.06
CA ARG C 181 30.61 -11.71 -18.11
C ARG C 181 31.61 -11.40 -16.99
N PHE C 182 31.97 -10.12 -16.85
CA PHE C 182 32.95 -9.75 -15.84
C PHE C 182 32.42 -10.00 -14.43
N SER C 183 31.13 -9.75 -14.20
CA SER C 183 30.55 -10.03 -12.89
C SER C 183 30.54 -11.52 -12.59
N GLU C 184 30.21 -12.34 -13.59
CA GLU C 184 30.24 -13.79 -13.38
C GLU C 184 31.64 -14.30 -13.09
N THR C 185 32.67 -13.64 -13.66
CA THR C 185 34.05 -14.02 -13.40
C THR C 185 34.35 -14.11 -11.90
N ILE C 186 33.86 -13.14 -11.12
CA ILE C 186 34.00 -13.19 -9.68
C ILE C 186 32.85 -13.95 -9.01
N GLY C 187 31.66 -13.94 -9.62
CA GLY C 187 30.51 -14.59 -9.01
C GLY C 187 30.65 -16.09 -8.91
N LYS C 188 31.33 -16.71 -9.87
CA LYS C 188 31.50 -18.17 -9.81
C LYS C 188 32.66 -18.59 -8.90
N ARG C 189 33.37 -17.65 -8.28
CA ARG C 189 34.46 -17.94 -7.36
C ARG C 189 34.29 -17.19 -6.06
N ASP C 190 33.07 -17.17 -5.51
CA ASP C 190 32.79 -16.36 -4.32
C ASP C 190 33.57 -16.86 -3.11
N GLU C 191 33.55 -18.18 -2.87
CA GLU C 191 34.24 -18.71 -1.71
C GLU C 191 35.75 -18.51 -1.83
N ASP C 192 36.30 -18.72 -3.03
CA ASP C 192 37.72 -18.48 -3.25
C ASP C 192 38.07 -17.02 -3.00
N VAL C 193 37.25 -16.09 -3.49
CA VAL C 193 37.51 -14.67 -3.30
C VAL C 193 37.47 -14.30 -1.82
N LYS C 194 36.48 -14.83 -1.09
CA LYS C 194 36.38 -14.50 0.33
C LYS C 194 37.54 -15.07 1.12
N LYS C 195 37.96 -16.31 0.82
CA LYS C 195 39.12 -16.87 1.50
C LYS C 195 40.38 -16.10 1.17
N LEU C 196 40.52 -15.66 -0.09
CA LEU C 196 41.64 -14.82 -0.49
C LEU C 196 41.65 -13.52 0.27
N LEU C 197 40.48 -12.89 0.44
CA LEU C 197 40.40 -11.64 1.17
C LEU C 197 40.76 -11.82 2.64
N ALA C 198 40.33 -12.93 3.26
CA ALA C 198 40.69 -13.18 4.66
C ALA C 198 42.20 -13.39 4.82
N SER C 199 42.79 -14.22 3.96
CA SER C 199 44.22 -14.47 4.03
C SER C 199 45.02 -13.21 3.75
N ALA C 200 44.57 -12.42 2.77
CA ALA C 200 45.21 -11.14 2.47
C ALA C 200 45.08 -10.18 3.65
N ASN C 201 43.95 -10.23 4.35
CA ASN C 201 43.80 -9.41 5.56
C ASN C 201 44.85 -9.77 6.59
N LYS C 202 45.04 -11.07 6.82
CA LYS C 202 46.05 -11.49 7.80
C LYS C 202 47.45 -11.04 7.37
N VAL C 203 47.80 -11.29 6.11
CA VAL C 203 49.16 -10.99 5.63
C VAL C 203 49.40 -9.49 5.63
N ALA C 204 48.44 -8.70 5.15
CA ALA C 204 48.59 -7.25 5.11
C ALA C 204 48.63 -6.66 6.51
N THR C 205 47.87 -7.22 7.45
CA THR C 205 47.98 -6.77 8.84
C THR C 205 49.38 -7.01 9.39
N VAL C 206 49.94 -8.19 9.09
CA VAL C 206 51.30 -8.48 9.55
C VAL C 206 52.29 -7.49 8.93
N LEU C 207 52.14 -7.20 7.64
CA LEU C 207 53.04 -6.26 6.98
C LEU C 207 52.91 -4.86 7.56
N GLY C 208 51.68 -4.39 7.74
CA GLY C 208 51.47 -3.03 8.22
C GLY C 208 51.92 -2.83 9.64
N ASP C 209 51.69 -3.82 10.51
CA ASP C 209 52.14 -3.69 11.89
C ASP C 209 53.67 -3.62 12.00
N ARG C 210 54.39 -4.12 10.99
CA ARG C 210 55.84 -4.10 10.98
C ARG C 210 56.41 -3.25 9.87
N SER C 211 55.62 -2.30 9.35
CA SER C 211 56.08 -1.49 8.21
C SER C 211 57.26 -0.61 8.56
N THR C 212 57.25 -0.01 9.75
CA THR C 212 58.39 0.78 10.19
C THR C 212 59.65 -0.07 10.26
N GLN C 213 59.52 -1.28 10.80
CA GLN C 213 60.65 -2.21 10.85
C GLN C 213 61.12 -2.57 9.44
N VAL C 214 60.19 -2.78 8.51
CA VAL C 214 60.58 -3.12 7.14
C VAL C 214 61.36 -1.98 6.51
N ASN C 215 60.87 -0.75 6.64
CA ASN C 215 61.56 0.40 6.05
C ASN C 215 62.94 0.59 6.67
N GLN C 216 63.02 0.51 8.01
CA GLN C 216 64.30 0.65 8.68
C GLN C 216 65.27 -0.46 8.26
N LEU C 217 64.75 -1.68 8.13
CA LEU C 217 65.57 -2.80 7.68
C LEU C 217 66.14 -2.54 6.30
N LEU C 218 65.30 -2.09 5.37
CA LEU C 218 65.76 -1.86 4.00
C LEU C 218 66.80 -0.75 3.95
N VAL C 219 66.57 0.36 4.65
CA VAL C 219 67.52 1.47 4.57
C VAL C 219 68.84 1.10 5.26
N ASN C 220 68.77 0.41 6.41
CA ASN C 220 69.99 -0.02 7.07
C ASN C 220 70.74 -1.05 6.24
N ALA C 221 70.02 -1.93 5.53
CA ALA C 221 70.68 -2.89 4.66
C ALA C 221 71.37 -2.19 3.49
N GLN C 222 70.74 -1.15 2.93
CA GLN C 222 71.40 -0.38 1.89
C GLN C 222 72.66 0.27 2.41
N THR C 223 72.60 0.86 3.61
CA THR C 223 73.78 1.48 4.19
C THR C 223 74.88 0.45 4.45
N LEU C 224 74.51 -0.71 4.98
CA LEU C 224 75.50 -1.75 5.28
C LEU C 224 76.15 -2.28 4.02
N LEU C 225 75.37 -2.54 2.98
CA LEU C 225 75.93 -3.04 1.73
C LEU C 225 76.82 -1.99 1.06
N ALA C 226 76.39 -0.72 1.10
CA ALA C 226 77.22 0.35 0.53
C ALA C 226 78.55 0.46 1.28
N ALA C 227 78.51 0.35 2.61
CA ALA C 227 79.75 0.42 3.38
C ALA C 227 80.63 -0.79 3.14
N VAL C 228 80.05 -1.97 2.94
CA VAL C 228 80.85 -3.18 2.78
C VAL C 228 81.55 -3.19 1.43
N ASN C 229 80.82 -2.87 0.35
CA ASN C 229 81.35 -3.06 -0.99
C ASN C 229 82.08 -1.84 -1.53
N GLU C 230 82.33 -0.81 -0.72
CA GLU C 230 83.21 0.26 -1.17
C GLU C 230 84.64 -0.24 -1.32
N ARG C 231 85.04 -1.19 -0.47
CA ARG C 231 86.30 -1.93 -0.63
C ARG C 231 86.05 -3.10 -1.58
N GLY C 232 85.75 -2.74 -2.83
CA GLY C 232 85.29 -3.75 -3.80
C GLY C 232 86.34 -4.80 -4.12
N ARG C 233 87.60 -4.39 -4.27
CA ARG C 233 88.63 -5.34 -4.71
C ARG C 233 88.89 -6.42 -3.67
N SER C 234 88.98 -6.03 -2.40
CA SER C 234 89.29 -7.01 -1.37
C SER C 234 88.11 -7.93 -1.11
N VAL C 235 86.88 -7.40 -1.11
CA VAL C 235 85.74 -8.28 -0.92
C VAL C 235 85.60 -9.19 -2.13
N SER C 236 85.88 -8.66 -3.32
CA SER C 236 85.78 -9.44 -4.55
C SER C 236 86.86 -10.50 -4.67
N LEU C 237 87.89 -10.45 -3.84
CA LEU C 237 88.96 -11.43 -3.87
C LEU C 237 89.14 -12.19 -2.56
N LEU C 238 88.27 -11.94 -1.56
CA LEU C 238 88.35 -12.63 -0.28
C LEU C 238 88.37 -14.15 -0.44
N LEU C 239 87.42 -14.70 -1.21
CA LEU C 239 87.33 -16.15 -1.34
C LEU C 239 88.55 -16.72 -2.06
N GLU C 240 88.97 -16.07 -3.15
CA GLU C 240 90.14 -16.54 -3.87
C GLU C 240 91.38 -16.52 -2.98
N ARG C 241 91.54 -15.46 -2.19
CA ARG C 241 92.73 -15.35 -1.35
C ARG C 241 92.69 -16.32 -0.18
N VAL C 242 91.51 -16.57 0.40
CA VAL C 242 91.45 -17.54 1.50
C VAL C 242 91.69 -18.95 0.98
N SER C 243 91.18 -19.27 -0.22
CA SER C 243 91.48 -20.57 -0.81
C SER C 243 92.98 -20.70 -1.11
N SER C 244 93.59 -19.65 -1.65
CA SER C 244 95.00 -19.69 -1.98
C SER C 244 95.86 -19.86 -0.73
N VAL C 245 95.56 -19.11 0.33
CA VAL C 245 96.36 -19.23 1.56
C VAL C 245 96.12 -20.59 2.21
N SER C 246 94.91 -21.14 2.11
CA SER C 246 94.66 -22.48 2.62
C SER C 246 95.53 -23.51 1.89
N ARG C 247 95.57 -23.41 0.56
CA ARG C 247 96.40 -24.32 -0.22
C ARG C 247 97.88 -24.16 0.12
N GLN C 248 98.35 -22.92 0.28
CA GLN C 248 99.75 -22.69 0.58
C GLN C 248 100.12 -23.23 1.96
N VAL C 249 99.27 -23.03 2.96
CA VAL C 249 99.56 -23.56 4.29
C VAL C 249 99.55 -25.08 4.28
N GLU C 250 98.58 -25.68 3.58
CA GLU C 250 98.54 -27.14 3.46
C GLU C 250 99.81 -27.66 2.82
N GLY C 251 100.25 -27.03 1.73
CA GLY C 251 101.47 -27.47 1.06
C GLY C 251 102.71 -27.28 1.91
N PHE C 252 102.78 -26.16 2.65
CA PHE C 252 103.92 -25.91 3.52
C PHE C 252 104.03 -26.94 4.63
N VAL C 253 102.91 -27.30 5.25
CA VAL C 253 102.94 -28.32 6.29
C VAL C 253 103.27 -29.68 5.68
N ASP C 254 102.73 -29.97 4.50
CA ASP C 254 102.89 -31.28 3.89
C ASP C 254 104.33 -31.52 3.44
N GLU C 255 104.92 -30.54 2.76
CA GLU C 255 106.23 -30.74 2.13
C GLU C 255 107.39 -30.67 3.10
N ASN C 256 107.15 -30.36 4.37
CA ASN C 256 108.22 -30.22 5.37
C ASN C 256 107.90 -31.10 6.57
N PRO C 257 108.05 -32.42 6.42
CA PRO C 257 107.76 -33.33 7.55
C PRO C 257 108.88 -33.43 8.57
N ASN C 258 110.05 -32.85 8.30
CA ASN C 258 111.15 -32.86 9.24
C ASN C 258 111.14 -31.66 10.18
N LEU C 259 110.11 -30.83 10.12
CA LEU C 259 110.06 -29.61 10.93
C LEU C 259 110.01 -29.93 12.42
N ASN C 260 109.28 -30.98 12.80
CA ASN C 260 109.17 -31.31 14.22
C ASN C 260 110.51 -31.71 14.82
N HIS C 261 111.30 -32.51 14.10
CA HIS C 261 112.60 -32.90 14.63
C HIS C 261 113.56 -31.72 14.68
N VAL C 262 113.48 -30.84 13.68
CA VAL C 262 114.28 -29.61 13.70
C VAL C 262 113.93 -28.78 14.92
N LEU C 263 112.64 -28.66 15.22
CA LEU C 263 112.23 -27.88 16.39
C LEU C 263 112.65 -28.55 17.70
N GLU C 264 112.63 -29.89 17.75
CA GLU C 264 113.07 -30.57 18.96
C GLU C 264 114.57 -30.43 19.20
N GLN C 265 115.38 -30.55 18.15
CA GLN C 265 116.81 -30.37 18.32
C GLN C 265 117.16 -28.91 18.59
N LEU C 266 116.40 -27.98 17.99
CA LEU C 266 116.53 -26.58 18.38
C LEU C 266 116.14 -26.38 19.83
N ARG C 267 115.17 -27.16 20.33
CA ARG C 267 114.80 -27.07 21.74
C ARG C 267 115.95 -27.48 22.64
N THR C 268 116.61 -28.60 22.32
CA THR C 268 117.70 -29.02 23.21
C THR C 268 118.90 -28.09 23.09
N VAL C 269 119.20 -27.59 21.88
CA VAL C 269 120.27 -26.60 21.72
C VAL C 269 119.95 -25.34 22.51
N SER C 270 118.72 -24.84 22.38
CA SER C 270 118.35 -23.62 23.09
C SER C 270 118.28 -23.85 24.59
N ASP C 271 117.98 -25.07 25.04
CA ASP C 271 118.02 -25.35 26.47
C ASP C 271 119.44 -25.33 27.02
N VAL C 272 120.38 -25.96 26.30
CA VAL C 272 121.77 -25.90 26.78
C VAL C 272 122.31 -24.48 26.69
N LEU C 273 121.80 -23.69 25.76
CA LEU C 273 122.21 -22.29 25.68
C LEU C 273 121.61 -21.47 26.81
N ASN C 274 120.33 -21.70 27.11
CA ASN C 274 119.63 -20.93 28.13
C ASN C 274 120.13 -21.27 29.54
N GLU C 275 120.51 -22.52 29.79
CA GLU C 275 121.14 -22.85 31.05
C GLU C 275 122.47 -22.11 31.21
N ARG C 276 123.15 -21.84 30.10
CA ARG C 276 124.43 -21.14 30.10
C ARG C 276 124.33 -19.75 29.49
N LYS C 277 123.18 -19.09 29.65
CA LYS C 277 123.05 -17.71 29.17
C LYS C 277 123.82 -16.74 30.07
N GLN C 278 123.90 -17.03 31.37
CA GLN C 278 124.73 -16.22 32.26
C GLN C 278 126.19 -16.33 31.89
N ASP C 279 126.62 -17.51 31.44
CA ASP C 279 128.01 -17.67 31.00
C ASP C 279 128.27 -16.93 29.70
N LEU C 280 127.29 -16.90 28.79
CA LEU C 280 127.43 -16.07 27.59
C LEU C 280 127.53 -14.59 27.94
N ALA C 281 126.70 -14.14 28.88
CA ALA C 281 126.77 -12.74 29.31
C ALA C 281 128.12 -12.43 29.95
N ASP C 282 128.63 -13.35 30.77
CA ASP C 282 129.94 -13.16 31.38
C ASP C 282 131.04 -13.13 30.32
N ILE C 283 130.94 -14.00 29.31
CA ILE C 283 131.90 -14.00 28.22
C ILE C 283 131.93 -12.64 27.54
N LEU C 284 130.76 -12.13 27.15
CA LEU C 284 130.70 -10.84 26.49
C LEU C 284 131.22 -9.72 27.38
N THR C 285 130.83 -9.74 28.66
CA THR C 285 131.25 -8.69 29.59
C THR C 285 132.77 -8.67 29.77
N VAL C 286 133.37 -9.83 30.07
CA VAL C 286 134.79 -9.87 30.38
C VAL C 286 135.66 -9.87 29.13
N ALA C 287 135.09 -10.11 27.95
CA ALA C 287 135.85 -10.03 26.72
C ALA C 287 135.72 -8.69 26.03
N GLY C 288 134.68 -7.91 26.34
CA GLY C 288 134.60 -6.58 25.79
C GLY C 288 135.37 -5.53 26.55
N LYS C 289 135.91 -5.88 27.71
CA LYS C 289 136.61 -4.92 28.57
C LYS C 289 138.13 -5.07 28.52
N PHE C 290 138.66 -5.96 27.67
CA PHE C 290 140.09 -6.12 27.58
C PHE C 290 140.62 -6.25 26.16
N ILE C 291 139.75 -6.25 25.15
CA ILE C 291 140.23 -6.44 23.78
C ILE C 291 141.05 -5.24 23.32
N THR C 292 140.62 -4.03 23.67
CA THR C 292 141.40 -2.84 23.34
C THR C 292 142.74 -2.85 24.07
N SER C 293 142.73 -3.20 25.36
CA SER C 293 143.98 -3.24 26.13
C SER C 293 144.94 -4.27 25.57
N LEU C 294 144.43 -5.43 25.15
CA LEU C 294 145.30 -6.46 24.59
C LEU C 294 145.83 -6.05 23.21
N ALA C 295 144.96 -5.48 22.37
CA ALA C 295 145.40 -5.01 21.06
C ALA C 295 146.30 -3.79 21.14
N GLU C 296 146.39 -3.13 22.31
CA GLU C 296 147.29 -1.99 22.43
C GLU C 296 148.74 -2.38 22.26
N ALA C 297 149.15 -3.52 22.83
CA ALA C 297 150.58 -3.87 22.86
C ALA C 297 151.13 -4.04 21.45
N LEU C 298 150.39 -4.74 20.60
CA LEU C 298 150.76 -4.98 19.21
C LEU C 298 150.22 -3.91 18.26
N ALA C 299 150.62 -2.67 18.54
CA ALA C 299 150.17 -1.51 17.77
C ALA C 299 151.32 -0.65 17.29
N SER C 300 152.43 -0.64 18.03
CA SER C 300 153.55 0.24 17.72
C SER C 300 154.18 -0.09 16.38
N GLY C 301 154.40 -1.37 16.10
CA GLY C 301 155.03 -1.78 14.88
C GLY C 301 154.59 -3.16 14.42
N PRO C 302 155.26 -3.70 13.39
CA PRO C 302 154.99 -5.08 12.96
C PRO C 302 155.59 -6.12 13.89
N TYR C 303 155.18 -6.07 15.15
CA TYR C 303 155.66 -6.94 16.22
C TYR C 303 154.73 -6.75 17.41
N PHE C 304 155.08 -7.37 18.54
CA PHE C 304 154.34 -7.15 19.78
C PHE C 304 155.33 -7.14 20.94
N LYS C 305 155.18 -6.17 21.84
CA LYS C 305 156.11 -6.05 22.94
C LYS C 305 155.87 -7.13 23.98
N VAL C 306 156.94 -7.51 24.67
CA VAL C 306 156.90 -8.52 25.73
C VAL C 306 157.80 -8.07 26.87
N MET C 307 157.38 -8.36 28.09
CA MET C 307 158.16 -8.05 29.29
C MET C 307 158.74 -9.36 29.83
N LEU C 308 159.91 -9.72 29.34
CA LEU C 308 160.59 -10.93 29.81
C LEU C 308 161.14 -10.65 31.20
N VAL C 309 160.41 -11.09 32.23
CA VAL C 309 160.82 -10.85 33.61
C VAL C 309 162.15 -11.55 33.90
N ASN C 310 162.28 -12.81 33.47
CA ASN C 310 163.51 -13.55 33.69
C ASN C 310 164.51 -13.33 32.55
N ARG D 42 -36.42 21.25 24.27
CA ARG D 42 -35.38 20.25 24.10
C ARG D 42 -34.00 20.85 24.37
N LYS D 43 -33.98 22.13 24.72
CA LYS D 43 -32.72 22.81 24.98
C LYS D 43 -32.00 22.21 26.17
N LEU D 44 -30.66 22.17 26.08
CA LEU D 44 -29.75 21.68 27.10
C LEU D 44 -29.79 20.16 27.26
N THR D 45 -30.72 19.51 26.56
CA THR D 45 -30.77 18.05 26.60
C THR D 45 -29.67 17.43 25.75
N ASN D 46 -29.20 18.14 24.73
CA ASN D 46 -28.17 17.66 23.82
C ASN D 46 -27.11 18.74 23.65
N THR D 47 -25.88 18.30 23.37
CA THR D 47 -24.76 19.22 23.25
C THR D 47 -24.81 19.94 21.91
N THR D 48 -24.65 21.26 21.95
CA THR D 48 -24.67 22.10 20.77
C THR D 48 -23.25 22.58 20.45
N VAL D 49 -22.83 22.42 19.20
CA VAL D 49 -21.49 22.75 18.76
C VAL D 49 -21.57 23.59 17.50
N THR D 50 -20.72 24.61 17.42
CA THR D 50 -20.61 25.49 16.26
C THR D 50 -19.32 25.16 15.51
N ALA D 51 -19.42 25.06 14.19
CA ALA D 51 -18.27 24.77 13.35
C ALA D 51 -18.25 25.74 12.17
N TYR D 52 -17.07 25.94 11.61
CA TYR D 52 -16.88 26.83 10.48
C TYR D 52 -16.36 26.04 9.28
N PHE D 53 -16.99 26.23 8.13
CA PHE D 53 -16.60 25.53 6.92
C PHE D 53 -16.29 26.51 5.81
N PRO D 54 -15.32 26.20 4.95
CA PRO D 54 -15.10 27.05 3.77
C PRO D 54 -16.30 27.09 2.82
N GLU D 55 -17.04 25.99 2.72
CA GLU D 55 -18.22 25.92 1.88
C GLU D 55 -19.16 24.87 2.44
N VAL D 56 -20.46 25.16 2.41
CA VAL D 56 -21.49 24.27 2.94
C VAL D 56 -22.51 24.08 1.81
N LEU D 57 -22.33 23.03 1.01
CA LEU D 57 -23.18 22.76 -0.14
C LEU D 57 -24.06 21.55 0.14
N ALA D 58 -25.34 21.66 -0.23
CA ALA D 58 -26.33 20.59 -0.10
C ALA D 58 -26.48 20.12 1.34
N LEU D 59 -26.17 20.98 2.30
CA LEU D 59 -26.39 20.72 3.71
C LEU D 59 -27.42 21.71 4.22
N TYR D 60 -28.46 21.21 4.86
CA TYR D 60 -29.60 21.99 5.29
C TYR D 60 -29.87 21.73 6.76
N PRO D 61 -30.52 22.68 7.46
CA PRO D 61 -30.90 22.43 8.84
C PRO D 61 -31.82 21.22 8.95
N GLY D 62 -31.61 20.41 9.98
CA GLY D 62 -32.32 19.17 10.15
C GLY D 62 -31.60 17.95 9.63
N ASP D 63 -30.52 18.12 8.87
CA ASP D 63 -29.74 16.99 8.40
C ASP D 63 -29.06 16.29 9.56
N LYS D 64 -28.85 14.99 9.41
CA LYS D 64 -28.39 14.16 10.52
C LYS D 64 -26.92 14.38 10.81
N VAL D 65 -26.56 14.21 12.07
CA VAL D 65 -25.17 14.21 12.53
C VAL D 65 -24.80 12.80 12.92
N LEU D 66 -23.68 12.32 12.42
CA LEU D 66 -23.29 10.92 12.57
C LEU D 66 -22.02 10.79 13.40
N ILE D 67 -21.96 9.70 14.16
CA ILE D 67 -20.72 9.22 14.75
C ILE D 67 -20.55 7.78 14.30
N MET D 68 -19.47 7.52 13.56
CA MET D 68 -19.19 6.20 12.98
C MET D 68 -20.39 5.69 12.16
N GLY D 69 -21.09 6.60 11.50
CA GLY D 69 -22.22 6.27 10.68
C GLY D 69 -23.54 6.13 11.40
N VAL D 70 -23.57 6.32 12.72
CA VAL D 70 -24.78 6.17 13.50
C VAL D 70 -25.29 7.56 13.88
N ARG D 71 -26.58 7.81 13.63
CA ARG D 71 -27.17 9.10 13.95
C ARG D 71 -27.13 9.37 15.44
N VAL D 72 -26.67 10.57 15.82
CA VAL D 72 -26.57 10.95 17.22
C VAL D 72 -27.17 12.33 17.43
N GLY D 73 -27.56 12.99 16.35
CA GLY D 73 -28.10 14.32 16.47
C GLY D 73 -28.51 14.89 15.14
N SER D 74 -28.60 16.21 15.07
CA SER D 74 -29.04 16.90 13.87
C SER D 74 -28.33 18.25 13.78
N ILE D 75 -28.73 19.04 12.79
CA ILE D 75 -28.10 20.34 12.52
C ILE D 75 -29.13 21.43 12.77
N ASP D 76 -28.77 22.42 13.59
CA ASP D 76 -29.70 23.47 13.96
C ASP D 76 -29.82 24.54 12.88
N SER D 77 -28.71 25.19 12.53
CA SER D 77 -28.77 26.29 11.58
C SER D 77 -27.46 26.39 10.80
N ILE D 78 -27.55 27.02 9.63
CA ILE D 78 -26.39 27.30 8.79
C ILE D 78 -26.50 28.73 8.29
N GLU D 79 -25.49 29.55 8.57
CA GLU D 79 -25.51 30.95 8.16
C GLU D 79 -24.15 31.36 7.64
N THR D 80 -24.11 32.51 6.97
CA THR D 80 -22.87 33.06 6.42
C THR D 80 -22.10 33.78 7.50
N ALA D 81 -20.80 33.50 7.62
CA ALA D 81 -19.95 34.17 8.60
C ALA D 81 -18.73 34.69 7.86
N GLY D 82 -18.86 35.89 7.29
CA GLY D 82 -17.75 36.46 6.53
C GLY D 82 -17.47 35.58 5.32
N ASP D 83 -16.20 35.24 5.13
CA ASP D 83 -15.85 34.32 4.06
C ASP D 83 -16.05 32.86 4.46
N LYS D 84 -16.39 32.60 5.71
CA LYS D 84 -16.66 31.24 6.17
C LYS D 84 -18.17 30.97 6.18
N MET D 85 -18.53 29.79 6.70
CA MET D 85 -19.93 29.44 6.90
C MET D 85 -20.05 28.82 8.29
N LYS D 86 -20.91 29.41 9.12
CA LYS D 86 -21.11 29.02 10.50
C LYS D 86 -22.28 28.04 10.58
N VAL D 87 -22.00 26.82 10.98
CA VAL D 87 -23.00 25.76 11.10
C VAL D 87 -23.10 25.39 12.57
N VAL D 88 -24.28 25.57 13.14
CA VAL D 88 -24.55 25.17 14.52
C VAL D 88 -25.37 23.89 14.45
N PHE D 89 -24.85 22.83 15.09
CA PHE D 89 -25.52 21.53 15.12
C PHE D 89 -25.54 21.03 16.56
N HIS D 90 -26.22 19.90 16.77
CA HIS D 90 -26.30 19.31 18.10
C HIS D 90 -26.27 17.79 18.00
N PHE D 91 -25.75 17.17 19.04
CA PHE D 91 -25.77 15.71 19.16
C PHE D 91 -26.19 15.32 20.56
N ASN D 92 -26.82 14.15 20.66
CA ASN D 92 -27.38 13.69 21.93
C ASN D 92 -26.29 13.60 23.00
N ASN D 93 -26.63 14.04 24.21
CA ASN D 93 -25.67 14.10 25.31
C ASN D 93 -25.25 12.71 25.80
N LYS D 94 -25.95 11.65 25.39
CA LYS D 94 -25.55 10.30 25.76
C LYS D 94 -24.17 9.97 25.20
N TYR D 95 -23.89 10.36 23.97
CA TYR D 95 -22.63 10.05 23.31
C TYR D 95 -21.62 11.18 23.56
N LYS D 96 -20.40 10.80 23.92
CA LYS D 96 -19.34 11.74 24.18
C LYS D 96 -18.41 11.84 22.98
N VAL D 97 -17.90 13.04 22.75
CA VAL D 97 -17.09 13.34 21.56
C VAL D 97 -15.77 13.96 22.03
N PRO D 98 -14.63 13.56 21.47
CA PRO D 98 -13.35 14.12 21.92
C PRO D 98 -13.26 15.61 21.64
N GLU D 99 -12.49 16.29 22.50
CA GLU D 99 -12.37 17.76 22.40
C GLU D 99 -11.71 18.19 21.10
N ASN D 100 -10.84 17.36 20.54
CA ASN D 100 -10.14 17.66 19.30
C ASN D 100 -10.79 17.02 18.09
N ALA D 101 -12.12 16.90 18.10
CA ALA D 101 -12.83 16.22 17.03
C ALA D 101 -12.84 17.04 15.75
N THR D 102 -13.01 16.36 14.63
CA THR D 102 -13.09 16.97 13.31
C THR D 102 -14.49 16.74 12.75
N ALA D 103 -15.19 17.83 12.45
CA ALA D 103 -16.53 17.75 11.87
C ALA D 103 -16.39 17.78 10.36
N SER D 104 -16.56 16.62 9.72
CA SER D 104 -16.41 16.49 8.28
C SER D 104 -17.77 16.30 7.65
N ILE D 105 -18.05 17.07 6.60
CA ILE D 105 -19.29 16.91 5.84
C ILE D 105 -19.09 15.76 4.87
N LEU D 106 -20.05 14.84 4.86
CA LEU D 106 -19.98 13.63 4.04
C LEU D 106 -21.19 13.55 3.12
N ASN D 107 -20.95 13.06 1.90
CA ASN D 107 -21.99 12.77 0.93
C ASN D 107 -22.04 11.26 0.74
N PRO D 108 -22.97 10.56 1.39
CA PRO D 108 -22.90 9.09 1.43
C PRO D 108 -22.95 8.40 0.07
N SER D 109 -23.73 8.92 -0.88
CA SER D 109 -23.88 8.24 -2.16
C SER D 109 -24.13 9.28 -3.24
N LEU D 110 -24.52 8.81 -4.42
CA LEU D 110 -24.76 9.69 -5.55
C LEU D 110 -25.87 10.69 -5.24
N VAL D 111 -27.01 10.21 -4.77
CA VAL D 111 -28.14 11.04 -4.37
C VAL D 111 -28.45 10.69 -2.94
N ALA D 112 -28.04 11.54 -2.00
CA ALA D 112 -28.27 11.29 -0.59
C ALA D 112 -28.30 12.63 0.15
N SER D 113 -28.65 12.57 1.43
CA SER D 113 -28.64 13.73 2.28
C SER D 113 -27.28 13.82 2.96
N ARG D 114 -26.55 14.90 2.68
CA ARG D 114 -25.23 15.08 3.27
C ARG D 114 -25.33 15.23 4.78
N VAL D 115 -24.32 14.71 5.48
CA VAL D 115 -24.33 14.66 6.93
C VAL D 115 -23.04 15.30 7.45
N ILE D 116 -22.99 15.51 8.76
CA ILE D 116 -21.78 15.96 9.45
C ILE D 116 -21.37 14.84 10.40
N GLN D 117 -20.17 14.32 10.20
CA GLN D 117 -19.65 13.24 11.03
C GLN D 117 -18.47 13.74 11.83
N LEU D 118 -18.50 13.48 13.14
CA LEU D 118 -17.36 13.74 14.01
C LEU D 118 -16.39 12.58 13.84
N SER D 119 -15.40 12.78 12.98
CA SER D 119 -14.61 11.66 12.44
C SER D 119 -13.85 10.86 13.50
N PRO D 120 -13.10 11.45 14.42
CA PRO D 120 -12.37 10.62 15.40
C PRO D 120 -13.31 10.09 16.47
N PRO D 121 -13.43 8.77 16.60
CA PRO D 121 -14.27 8.21 17.65
C PRO D 121 -13.67 8.45 19.04
N TYR D 122 -14.56 8.54 20.03
CA TYR D 122 -14.14 8.84 21.39
C TYR D 122 -13.57 7.60 22.07
N THR D 123 -12.38 7.74 22.65
CA THR D 123 -11.72 6.66 23.36
C THR D 123 -11.32 7.04 24.78
N GLY D 124 -11.73 8.21 25.26
CA GLY D 124 -11.39 8.67 26.59
C GLY D 124 -10.78 10.07 26.54
N GLY D 125 -10.38 10.53 27.73
CA GLY D 125 -9.75 11.82 27.87
C GLY D 125 -10.77 12.96 27.84
N PRO D 126 -10.28 14.18 27.64
CA PRO D 126 -11.19 15.33 27.59
C PRO D 126 -12.20 15.22 26.46
N THR D 127 -13.40 15.72 26.72
CA THR D 127 -14.51 15.61 25.77
C THR D 127 -14.91 16.99 25.27
N LEU D 128 -15.65 16.99 24.16
CA LEU D 128 -16.14 18.22 23.56
C LEU D 128 -17.27 18.79 24.40
N ARG D 129 -17.10 20.03 24.87
CA ARG D 129 -18.09 20.64 25.75
C ARG D 129 -19.12 21.42 24.94
N ASP D 130 -20.21 21.79 25.62
CA ASP D 130 -21.29 22.54 24.98
C ASP D 130 -20.80 23.94 24.61
N GLY D 131 -21.26 24.42 23.45
CA GLY D 131 -20.88 25.75 23.00
C GLY D 131 -19.48 25.85 22.43
N ALA D 132 -18.85 24.73 22.09
CA ALA D 132 -17.52 24.75 21.52
C ALA D 132 -17.56 25.30 20.10
N VAL D 133 -16.41 25.80 19.65
CA VAL D 133 -16.25 26.38 18.32
C VAL D 133 -15.18 25.61 17.58
N LEU D 134 -15.52 25.12 16.38
CA LEU D 134 -14.59 24.42 15.52
C LEU D 134 -14.24 25.33 14.35
N ASP D 135 -12.95 25.60 14.17
CA ASP D 135 -12.50 26.52 13.13
C ASP D 135 -12.33 25.77 11.81
N VAL D 136 -11.92 26.50 10.77
CA VAL D 136 -11.78 25.91 9.45
C VAL D 136 -10.68 24.86 9.41
N ASP D 137 -9.70 24.95 10.32
CA ASP D 137 -8.58 24.01 10.29
C ASP D 137 -9.01 22.59 10.63
N ARG D 138 -10.05 22.43 11.45
CA ARG D 138 -10.49 21.13 11.92
C ARG D 138 -11.85 20.75 11.32
N THR D 139 -12.08 21.09 10.07
CA THR D 139 -13.28 20.73 9.34
C THR D 139 -12.91 20.27 7.94
N GLN D 140 -13.80 19.47 7.34
CA GLN D 140 -13.57 18.91 6.02
C GLN D 140 -14.82 19.09 5.17
N VAL D 141 -14.62 19.06 3.86
CA VAL D 141 -15.67 19.32 2.88
C VAL D 141 -15.64 18.21 1.84
N PRO D 142 -16.79 17.77 1.31
CA PRO D 142 -16.77 16.75 0.25
C PRO D 142 -16.04 17.24 -0.99
N ILE D 143 -15.90 16.31 -1.95
CA ILE D 143 -15.07 16.59 -3.11
C ILE D 143 -15.82 17.32 -4.22
N GLU D 144 -17.15 17.16 -4.29
CA GLU D 144 -18.03 17.75 -5.30
C GLU D 144 -17.77 17.17 -6.69
N TYR D 145 -18.82 17.12 -7.51
CA TYR D 145 -18.74 16.51 -8.83
C TYR D 145 -18.01 17.39 -9.84
N ASP D 146 -18.20 18.71 -9.72
CA ASP D 146 -17.57 19.63 -10.68
C ASP D 146 -16.05 19.67 -10.52
N GLU D 147 -15.56 19.54 -9.29
CA GLU D 147 -14.12 19.44 -9.09
C GLU D 147 -13.57 18.19 -9.77
N VAL D 148 -14.29 17.08 -9.67
CA VAL D 148 -13.87 15.85 -10.33
C VAL D 148 -13.84 16.05 -11.85
N ARG D 149 -14.87 16.67 -12.40
CA ARG D 149 -14.89 16.93 -13.84
C ARG D 149 -13.72 17.83 -14.26
N ASN D 150 -13.48 18.90 -13.50
CA ASN D 150 -12.40 19.82 -13.85
C ASN D 150 -11.04 19.14 -13.79
N GLN D 151 -10.79 18.34 -12.75
CA GLN D 151 -9.51 17.66 -12.63
C GLN D 151 -9.32 16.62 -13.72
N VAL D 152 -10.37 15.87 -14.05
CA VAL D 152 -10.28 14.89 -15.13
C VAL D 152 -9.97 15.57 -16.45
N THR D 153 -10.68 16.68 -16.73
CA THR D 153 -10.43 17.41 -17.97
C THR D 153 -9.01 17.96 -18.01
N ARG D 154 -8.54 18.51 -16.89
CA ARG D 154 -7.20 19.09 -16.83
C ARG D 154 -6.13 18.03 -17.07
N LEU D 155 -6.25 16.88 -16.41
CA LEU D 155 -5.26 15.82 -16.59
C LEU D 155 -5.30 15.26 -18.00
N LEU D 156 -6.50 15.09 -18.57
CA LEU D 156 -6.59 14.55 -19.93
C LEU D 156 -6.03 15.53 -20.96
N ALA D 157 -6.22 16.83 -20.75
CA ALA D 157 -5.68 17.79 -21.71
C ALA D 157 -4.18 17.94 -21.56
N ASP D 158 -3.67 18.01 -20.32
CA ASP D 158 -2.26 18.28 -20.11
C ASP D 158 -1.39 17.08 -20.47
N LEU D 159 -1.78 15.89 -20.03
CA LEU D 159 -0.99 14.68 -20.23
C LEU D 159 -1.47 13.84 -21.42
N GLY D 160 -2.37 14.37 -22.23
CA GLY D 160 -2.89 13.63 -23.36
C GLY D 160 -2.15 13.91 -24.64
N PRO D 161 -2.69 13.41 -25.76
CA PRO D 161 -2.06 13.67 -27.06
C PRO D 161 -2.07 15.15 -27.41
N THR D 162 -1.05 15.55 -28.16
CA THR D 162 -0.89 16.89 -28.70
C THR D 162 -0.50 16.77 -30.17
N PRO D 163 -0.71 17.82 -30.97
CA PRO D 163 -0.22 17.78 -32.36
C PRO D 163 1.28 17.54 -32.46
N GLU D 164 2.06 18.11 -31.53
CA GLU D 164 3.50 17.88 -31.51
C GLU D 164 3.84 16.44 -31.14
N GLN D 165 3.09 15.87 -30.19
CA GLN D 165 3.34 14.54 -29.64
C GLN D 165 2.07 13.72 -29.80
N PRO D 166 1.86 13.11 -30.98
CA PRO D 166 0.56 12.47 -31.25
C PRO D 166 0.21 11.34 -30.30
N LYS D 167 1.18 10.58 -29.82
CA LYS D 167 0.89 9.43 -28.95
C LYS D 167 0.84 9.82 -27.48
N GLY D 168 1.22 11.04 -27.14
CA GLY D 168 1.20 11.50 -25.78
C GLY D 168 2.40 11.04 -24.99
N PRO D 169 2.58 11.60 -23.79
CA PRO D 169 3.74 11.22 -22.96
C PRO D 169 3.78 9.74 -22.61
N PHE D 170 2.64 9.19 -22.17
CA PHE D 170 2.60 7.79 -21.78
C PHE D 170 2.74 6.86 -22.98
N GLY D 171 2.10 7.20 -24.10
CA GLY D 171 2.29 6.42 -25.31
C GLY D 171 3.73 6.41 -25.77
N ASP D 172 4.37 7.58 -25.76
CA ASP D 172 5.77 7.66 -26.16
C ASP D 172 6.68 6.88 -25.21
N ILE D 173 6.42 6.96 -23.90
CA ILE D 173 7.30 6.27 -22.97
C ILE D 173 7.13 4.76 -23.07
N ILE D 174 5.90 4.27 -23.25
CA ILE D 174 5.73 2.83 -23.39
C ILE D 174 6.31 2.34 -24.71
N GLU D 175 6.17 3.14 -25.78
CA GLU D 175 6.77 2.75 -27.06
C GLU D 175 8.29 2.69 -26.97
N SER D 176 8.89 3.68 -26.30
CA SER D 176 10.35 3.72 -26.21
C SER D 176 10.88 2.62 -25.30
N PHE D 177 10.17 2.32 -24.21
CA PHE D 177 10.61 1.24 -23.33
C PHE D 177 10.40 -0.13 -23.96
N ALA D 178 9.38 -0.29 -24.80
CA ALA D 178 9.19 -1.56 -25.49
C ALA D 178 10.20 -1.73 -26.62
N ASP D 179 10.50 -0.66 -27.36
CA ASP D 179 11.52 -0.75 -28.40
C ASP D 179 12.92 -0.79 -27.79
N GLY D 180 13.14 -0.04 -26.71
CA GLY D 180 14.47 0.04 -26.12
C GLY D 180 14.90 -1.16 -25.32
N PHE D 181 13.99 -2.09 -25.02
CA PHE D 181 14.32 -3.30 -24.29
C PHE D 181 13.77 -4.56 -24.97
N ALA D 182 13.53 -4.50 -26.28
CA ALA D 182 13.04 -5.64 -27.02
C ALA D 182 14.18 -6.64 -27.21
N GLY D 183 14.10 -7.78 -26.52
CA GLY D 183 15.12 -8.81 -26.62
C GLY D 183 16.22 -8.72 -25.59
N LYS D 184 16.19 -7.73 -24.71
CA LYS D 184 17.22 -7.56 -23.69
C LYS D 184 16.78 -8.07 -22.33
N GLY D 185 15.62 -8.73 -22.24
CA GLY D 185 15.16 -9.21 -20.95
C GLY D 185 16.06 -10.27 -20.35
N GLU D 186 16.45 -11.26 -21.16
CA GLU D 186 17.34 -12.31 -20.68
C GLU D 186 18.73 -11.75 -20.36
N GLN D 187 19.25 -10.87 -21.23
CA GLN D 187 20.54 -10.25 -20.98
C GLN D 187 20.51 -9.43 -19.69
N LEU D 188 19.45 -8.66 -19.48
CA LEU D 188 19.33 -7.86 -18.26
C LEU D 188 19.22 -8.75 -17.03
N ASN D 189 18.47 -9.85 -17.13
CA ASN D 189 18.34 -10.77 -16.01
C ASN D 189 19.70 -11.38 -15.65
N ARG D 190 20.45 -11.82 -16.68
CA ARG D 190 21.77 -12.39 -16.44
C ARG D 190 22.72 -11.37 -15.84
N THR D 191 22.70 -10.14 -16.35
CA THR D 191 23.55 -9.09 -15.82
C THR D 191 23.22 -8.78 -14.37
N LEU D 192 21.92 -8.70 -14.03
CA LEU D 192 21.53 -8.42 -12.66
C LEU D 192 21.92 -9.56 -11.73
N ARG D 193 21.75 -10.81 -12.15
CA ARG D 193 22.15 -11.94 -11.32
C ARG D 193 23.65 -11.93 -11.07
N GLY D 194 24.44 -11.71 -12.13
CA GLY D 194 25.88 -11.66 -11.98
C GLY D 194 26.34 -10.52 -11.08
N LEU D 195 25.76 -9.33 -11.27
CA LEU D 195 26.09 -8.19 -10.43
C LEU D 195 25.74 -8.47 -8.98
N SER D 196 24.56 -9.04 -8.71
CA SER D 196 24.18 -9.33 -7.34
C SER D 196 25.12 -10.33 -6.70
N ASP D 197 25.48 -11.39 -7.43
CA ASP D 197 26.40 -12.39 -6.89
C ASP D 197 27.75 -11.78 -6.57
N ALA D 198 28.32 -11.05 -7.54
CA ALA D 198 29.65 -10.46 -7.33
C ALA D 198 29.65 -9.45 -6.21
N LEU D 199 28.63 -8.59 -6.15
CA LEU D 199 28.57 -7.57 -5.11
C LEU D 199 28.33 -8.18 -3.73
N THR D 200 27.53 -9.25 -3.66
CA THR D 200 27.37 -9.94 -2.39
C THR D 200 28.67 -10.58 -1.94
N ALA D 201 29.42 -11.17 -2.87
CA ALA D 201 30.72 -11.76 -2.53
C ALA D 201 31.68 -10.68 -2.01
N LEU D 202 31.70 -9.52 -2.67
CA LEU D 202 32.55 -8.43 -2.21
C LEU D 202 32.10 -7.90 -0.86
N ASN D 203 30.79 -7.79 -0.64
CA ASN D 203 30.28 -7.23 0.61
C ASN D 203 30.53 -8.15 1.79
N GLU D 204 30.48 -9.47 1.57
CA GLU D 204 30.79 -10.38 2.67
C GLU D 204 32.25 -10.28 3.09
N GLY D 205 33.14 -9.99 2.15
CA GLY D 205 34.54 -9.79 2.47
C GLY D 205 34.95 -8.33 2.50
N ARG D 206 33.96 -7.44 2.62
CA ARG D 206 34.22 -6.01 2.58
C ARG D 206 35.11 -5.57 3.75
N GLY D 207 34.83 -6.07 4.95
CA GLY D 207 35.63 -5.69 6.11
C GLY D 207 37.08 -6.11 5.98
N ASP D 208 37.31 -7.34 5.51
CA ASP D 208 38.68 -7.81 5.29
C ASP D 208 39.37 -7.00 4.21
N PHE D 209 38.65 -6.68 3.13
CA PHE D 209 39.24 -5.91 2.04
C PHE D 209 39.66 -4.52 2.50
N PHE D 210 38.82 -3.85 3.28
CA PHE D 210 39.20 -2.52 3.73
C PHE D 210 40.24 -2.55 4.84
N ALA D 211 40.30 -3.64 5.61
CA ALA D 211 41.45 -3.83 6.49
C ALA D 211 42.73 -3.97 5.68
N VAL D 212 42.66 -4.69 4.55
CA VAL D 212 43.80 -4.78 3.63
C VAL D 212 44.19 -3.39 3.14
N VAL D 213 43.18 -2.59 2.75
CA VAL D 213 43.46 -1.26 2.22
C VAL D 213 44.15 -0.40 3.27
N LYS D 214 43.65 -0.42 4.50
CA LYS D 214 44.28 0.38 5.57
C LYS D 214 45.70 -0.09 5.86
N SER D 215 45.91 -1.42 5.94
CA SER D 215 47.23 -1.92 6.26
C SER D 215 48.23 -1.63 5.15
N LEU D 216 47.82 -1.82 3.90
CA LEU D 216 48.70 -1.46 2.78
C LEU D 216 48.94 0.04 2.73
N ALA D 217 47.97 0.85 3.13
CA ALA D 217 48.20 2.29 3.21
C ALA D 217 49.28 2.61 4.21
N LEU D 218 49.23 1.99 5.39
CA LEU D 218 50.28 2.18 6.38
C LEU D 218 51.63 1.75 5.83
N PHE D 219 51.68 0.58 5.20
CA PHE D 219 52.92 0.04 4.66
C PHE D 219 53.52 0.98 3.61
N VAL D 220 52.71 1.40 2.64
CA VAL D 220 53.21 2.22 1.56
C VAL D 220 53.57 3.62 2.06
N ASN D 221 52.77 4.17 2.99
CA ASN D 221 53.08 5.49 3.52
C ASN D 221 54.36 5.48 4.35
N ALA D 222 54.71 4.34 4.94
CA ALA D 222 55.96 4.29 5.67
C ALA D 222 57.15 3.89 4.80
N LEU D 223 56.92 3.32 3.62
CA LEU D 223 58.04 2.89 2.78
C LEU D 223 58.26 3.73 1.52
N HIS D 224 57.37 4.66 1.20
CA HIS D 224 57.47 5.33 -0.11
C HIS D 224 58.58 6.37 -0.18
N ARG D 225 59.09 6.85 0.96
CA ARG D 225 60.05 7.95 0.93
C ARG D 225 61.44 7.52 0.46
N SER D 226 61.75 6.22 0.51
CA SER D 226 63.09 5.71 0.21
C SER D 226 63.19 5.01 -1.14
N ASP D 227 62.54 5.53 -2.18
CA ASP D 227 62.59 4.84 -3.48
C ASP D 227 64.02 4.79 -4.03
N GLN D 228 64.75 5.90 -3.94
CA GLN D 228 66.12 5.92 -4.43
C GLN D 228 67.01 5.06 -3.53
N GLN D 229 66.75 5.06 -2.23
CA GLN D 229 67.52 4.19 -1.35
C GLN D 229 67.27 2.73 -1.66
N PHE D 230 66.05 2.39 -2.12
CA PHE D 230 65.76 1.03 -2.55
C PHE D 230 66.51 0.65 -3.81
N VAL D 231 66.59 1.59 -4.77
CA VAL D 231 67.38 1.34 -5.96
C VAL D 231 68.85 1.14 -5.59
N ALA D 232 69.36 1.97 -4.68
CA ALA D 232 70.73 1.82 -4.21
C ALA D 232 70.93 0.49 -3.50
N LEU D 233 69.94 0.06 -2.72
CA LEU D 233 70.04 -1.24 -2.03
C LEU D 233 70.12 -2.38 -3.03
N ASN D 234 69.28 -2.35 -4.07
CA ASN D 234 69.31 -3.42 -5.06
C ASN D 234 70.64 -3.44 -5.80
N ASN D 235 71.15 -2.26 -6.20
CA ASN D 235 72.43 -2.22 -6.90
C ASN D 235 73.58 -2.67 -6.02
N ASP D 236 73.59 -2.25 -4.75
CA ASP D 236 74.65 -2.67 -3.84
C ASP D 236 74.58 -4.16 -3.56
N LEU D 237 73.37 -4.71 -3.46
CA LEU D 237 73.23 -6.16 -3.27
C LEU D 237 73.73 -6.92 -4.49
N ALA D 238 73.41 -6.44 -5.69
CA ALA D 238 73.92 -7.07 -6.89
C ALA D 238 75.45 -7.03 -6.94
N GLN D 239 76.04 -5.90 -6.59
CA GLN D 239 77.50 -5.80 -6.57
C GLN D 239 78.11 -6.71 -5.51
N PHE D 240 77.51 -6.76 -4.32
CA PHE D 240 78.03 -7.59 -3.23
C PHE D 240 77.96 -9.07 -3.59
N THR D 241 76.88 -9.49 -4.26
CA THR D 241 76.79 -10.88 -4.71
C THR D 241 77.74 -11.15 -5.87
N ASN D 242 77.93 -10.17 -6.77
CA ASN D 242 78.94 -10.32 -7.82
C ASN D 242 80.34 -10.47 -7.26
N SER D 243 80.58 -9.92 -6.06
CA SER D 243 81.89 -10.03 -5.44
C SER D 243 82.25 -11.46 -5.06
N PHE D 244 81.29 -12.39 -5.07
CA PHE D 244 81.55 -13.77 -4.69
C PHE D 244 81.24 -14.77 -5.79
N THR D 245 80.79 -14.33 -6.96
CA THR D 245 80.43 -15.22 -8.07
C THR D 245 81.18 -14.82 -9.34
N ASN D 246 82.46 -14.46 -9.20
CA ASN D 246 83.25 -14.14 -10.39
C ASN D 246 83.58 -15.40 -11.18
N THR D 247 83.79 -16.53 -10.51
CA THR D 247 83.99 -17.82 -11.17
C THR D 247 82.91 -18.80 -10.72
N ASP D 248 82.95 -20.00 -11.30
CA ASP D 248 81.87 -20.97 -11.08
C ASP D 248 81.93 -21.65 -9.72
N GLN D 249 83.11 -21.77 -9.12
CA GLN D 249 83.31 -22.62 -7.95
C GLN D 249 84.04 -21.87 -6.83
N GLU D 250 83.61 -20.64 -6.57
CA GLU D 250 84.26 -19.84 -5.52
C GLU D 250 83.97 -20.39 -4.13
N LEU D 251 82.69 -20.42 -3.75
CA LEU D 251 82.33 -20.76 -2.37
C LEU D 251 82.63 -22.21 -2.04
N ALA D 252 82.42 -23.12 -2.99
CA ALA D 252 82.67 -24.54 -2.73
C ALA D 252 84.14 -24.79 -2.49
N ASN D 253 85.00 -24.28 -3.37
CA ASN D 253 86.44 -24.41 -3.18
C ASN D 253 86.89 -23.73 -1.89
N ALA D 254 86.32 -22.57 -1.59
CA ALA D 254 86.66 -21.87 -0.35
C ALA D 254 86.34 -22.72 0.87
N LEU D 255 85.14 -23.33 0.88
CA LEU D 255 84.75 -24.15 2.02
C LEU D 255 85.64 -25.37 2.15
N GLN D 256 85.91 -26.06 1.04
CA GLN D 256 86.74 -27.26 1.09
C GLN D 256 88.16 -26.94 1.57
N ASP D 257 88.76 -25.89 1.00
CA ASP D 257 90.11 -25.50 1.39
C ASP D 257 90.15 -25.02 2.83
N LEU D 258 89.10 -24.30 3.27
CA LEU D 258 89.04 -23.86 4.66
C LEU D 258 88.98 -25.05 5.61
N ASN D 259 88.17 -26.06 5.29
CA ASN D 259 88.11 -27.25 6.14
C ASN D 259 89.45 -27.96 6.18
N ARG D 260 90.09 -28.14 5.02
CA ARG D 260 91.37 -28.82 4.97
C ARG D 260 92.43 -28.06 5.75
N VAL D 261 92.48 -26.74 5.60
CA VAL D 261 93.50 -25.96 6.30
C VAL D 261 93.22 -25.90 7.78
N LEU D 262 91.95 -25.94 8.20
CA LEU D 262 91.65 -26.01 9.63
C LEU D 262 92.14 -27.31 10.23
N LYS D 263 91.89 -28.43 9.53
CA LYS D 263 92.39 -29.72 10.02
C LYS D 263 93.91 -29.73 10.07
N THR D 264 94.55 -29.23 9.01
CA THR D 264 96.01 -29.19 8.95
C THR D 264 96.58 -28.32 10.07
N THR D 265 95.97 -27.16 10.30
CA THR D 265 96.42 -26.26 11.36
C THR D 265 96.28 -26.91 12.73
N ARG D 266 95.16 -27.59 12.97
CA ARG D 266 94.97 -28.25 14.26
C ARG D 266 96.01 -29.34 14.48
N GLU D 267 96.30 -30.13 13.43
CA GLU D 267 97.34 -31.14 13.55
C GLU D 267 98.70 -30.51 13.83
N PHE D 268 99.03 -29.44 13.10
CA PHE D 268 100.31 -28.77 13.27
C PHE D 268 100.46 -28.22 14.69
N LEU D 269 99.42 -27.58 15.21
CA LEU D 269 99.51 -27.01 16.55
C LEU D 269 99.54 -28.08 17.62
N ASP D 270 98.82 -29.19 17.43
CA ASP D 270 98.94 -30.29 18.37
C ASP D 270 100.31 -30.94 18.31
N ARG D 271 101.01 -30.83 17.18
CA ARG D 271 102.27 -31.53 16.98
C ARG D 271 103.47 -30.68 17.37
N ASN D 272 103.50 -29.40 16.96
CA ASN D 272 104.69 -28.58 17.06
C ASN D 272 104.56 -27.40 18.02
N GLY D 273 103.35 -26.99 18.40
CA GLY D 273 103.20 -25.79 19.20
C GLY D 273 103.86 -25.89 20.56
N GLY D 274 103.78 -27.05 21.19
CA GLY D 274 104.31 -27.22 22.54
C GLY D 274 105.81 -27.11 22.63
N VAL D 275 106.52 -27.33 21.53
CA VAL D 275 107.98 -27.22 21.51
C VAL D 275 108.36 -25.88 20.91
N LEU D 276 107.52 -25.35 20.01
CA LEU D 276 107.77 -24.04 19.45
C LEU D 276 107.70 -22.96 20.53
N THR D 277 106.73 -23.08 21.44
CA THR D 277 106.66 -22.14 22.56
C THR D 277 107.92 -22.21 23.42
N HIS D 278 108.41 -23.41 23.70
CA HIS D 278 109.61 -23.56 24.49
C HIS D 278 110.83 -22.95 23.80
N ASP D 279 110.94 -23.16 22.48
CA ASP D 279 112.04 -22.56 21.73
C ASP D 279 111.99 -21.05 21.77
N ILE D 280 110.79 -20.47 21.61
CA ILE D 280 110.66 -19.02 21.66
C ILE D 280 111.04 -18.49 23.04
N ASP D 281 110.59 -19.17 24.10
CA ASP D 281 110.92 -18.74 25.45
C ASP D 281 112.43 -18.79 25.71
N ASN D 282 113.08 -19.88 25.27
CA ASN D 282 114.52 -20.00 25.49
C ASN D 282 115.29 -18.96 24.69
N LEU D 283 114.88 -18.72 23.44
CA LEU D 283 115.53 -17.68 22.63
C LEU D 283 115.38 -16.31 23.27
N GLU D 284 114.18 -16.00 23.76
CA GLU D 284 113.96 -14.72 24.42
C GLU D 284 114.85 -14.59 25.65
N GLN D 285 114.92 -15.64 26.47
CA GLN D 285 115.70 -15.55 27.70
C GLN D 285 117.19 -15.38 27.40
N VAL D 286 117.72 -16.14 26.42
CA VAL D 286 119.16 -16.03 26.14
C VAL D 286 119.48 -14.69 25.50
N THR D 287 118.63 -14.19 24.58
CA THR D 287 118.89 -12.90 23.97
C THR D 287 118.81 -11.77 25.00
N THR D 288 117.85 -11.85 25.92
CA THR D 288 117.78 -10.86 26.99
C THR D 288 119.00 -10.93 27.89
N ALA D 289 119.52 -12.13 28.12
CA ALA D 289 120.72 -12.27 28.93
C ALA D 289 121.94 -11.66 28.24
N ILE D 290 122.02 -11.78 26.91
CA ILE D 290 123.15 -11.21 26.18
C ILE D 290 122.90 -9.79 25.70
N LEU D 291 121.75 -9.19 26.01
CA LEU D 291 121.48 -7.81 25.63
C LEU D 291 121.24 -6.92 26.85
N GLN D 292 121.71 -7.33 28.01
CA GLN D 292 121.79 -6.43 29.15
C GLN D 292 122.85 -5.37 28.86
N PRO D 293 122.83 -4.23 29.58
CA PRO D 293 123.77 -3.15 29.24
C PRO D 293 125.23 -3.56 29.24
N GLU D 294 125.66 -4.37 30.21
CA GLU D 294 127.06 -4.82 30.21
C GLU D 294 127.38 -5.73 29.04
N PRO D 295 126.62 -6.79 28.74
CA PRO D 295 126.88 -7.52 27.49
C PRO D 295 126.70 -6.67 26.25
N ARG D 296 125.80 -5.69 26.26
CA ARG D 296 125.64 -4.80 25.12
C ARG D 296 126.93 -4.03 24.84
N ASP D 297 127.53 -3.43 25.88
CA ASP D 297 128.77 -2.70 25.66
C ASP D 297 129.93 -3.65 25.37
N GLY D 298 129.91 -4.84 25.93
CA GLY D 298 130.93 -5.82 25.59
C GLY D 298 130.92 -6.18 24.11
N LEU D 299 129.73 -6.46 23.58
CA LEU D 299 129.58 -6.75 22.15
C LEU D 299 129.97 -5.54 21.31
N GLU D 300 129.57 -4.33 21.74
CA GLU D 300 129.93 -3.12 21.01
C GLU D 300 131.44 -2.94 20.93
N THR D 301 132.13 -3.05 22.06
CA THR D 301 133.59 -2.88 22.08
C THR D 301 134.29 -3.98 21.30
N GLY D 302 133.80 -5.22 21.38
CA GLY D 302 134.37 -6.28 20.58
C GLY D 302 134.26 -6.01 19.09
N LEU D 303 133.06 -5.65 18.64
CA LEU D 303 132.86 -5.33 17.22
C LEU D 303 133.69 -4.12 16.80
N HIS D 304 133.92 -3.19 17.71
CA HIS D 304 134.71 -2.00 17.36
C HIS D 304 136.19 -2.33 17.26
N ALA D 305 136.72 -3.13 18.20
CA ALA D 305 138.16 -3.28 18.36
C ALA D 305 138.73 -4.58 17.83
N TYR D 306 137.92 -5.49 17.31
CA TYR D 306 138.52 -6.73 16.83
C TYR D 306 139.14 -6.65 15.43
N PRO D 307 138.53 -5.97 14.45
CA PRO D 307 139.17 -5.93 13.11
C PRO D 307 140.57 -5.37 13.12
N ASN D 308 140.82 -4.33 13.92
CA ASN D 308 142.16 -3.76 13.98
C ASN D 308 143.13 -4.71 14.65
N LEU D 309 142.69 -5.42 15.70
CA LEU D 309 143.54 -6.44 16.29
C LEU D 309 143.87 -7.53 15.28
N ALA D 310 142.88 -7.94 14.48
CA ALA D 310 143.11 -8.97 13.46
C ALA D 310 144.12 -8.50 12.41
N ALA D 311 143.95 -7.27 11.93
CA ALA D 311 144.88 -6.74 10.93
C ALA D 311 146.28 -6.61 11.49
N ASN D 312 146.41 -6.15 12.73
CA ASN D 312 147.73 -5.99 13.34
C ASN D 312 148.41 -7.34 13.57
N VAL D 313 147.65 -8.35 14.03
CA VAL D 313 148.28 -9.66 14.24
C VAL D 313 148.63 -10.29 12.90
N LEU D 314 147.86 -10.03 11.85
CA LEU D 314 148.26 -10.49 10.53
C LEU D 314 149.57 -9.84 10.10
N ASN D 315 149.71 -8.54 10.34
CA ASN D 315 150.95 -7.85 9.99
C ASN D 315 152.12 -8.24 10.90
N ILE D 316 151.84 -8.85 12.07
CA ILE D 316 152.93 -9.30 12.93
C ILE D 316 153.71 -10.44 12.28
N ASN D 317 153.01 -11.37 11.63
CA ASN D 317 153.63 -12.61 11.17
C ASN D 317 154.65 -12.34 10.08
N SER D 318 155.82 -12.98 10.21
CA SER D 318 156.86 -12.87 9.20
C SER D 318 156.88 -14.14 8.38
N PRO D 319 156.47 -14.11 7.11
CA PRO D 319 156.42 -15.36 6.32
C PRO D 319 157.74 -16.08 6.19
N ASN D 320 158.85 -15.34 6.04
CA ASN D 320 160.14 -16.00 5.81
C ASN D 320 160.71 -16.62 7.07
N GLN D 321 160.56 -15.95 8.21
CA GLN D 321 161.09 -16.48 9.46
C GLN D 321 160.08 -17.31 10.24
N GLY D 322 158.80 -17.28 9.85
CA GLY D 322 157.77 -18.06 10.53
C GLY D 322 157.42 -17.54 11.91
N GLY D 323 156.23 -17.87 12.38
CA GLY D 323 155.84 -17.47 13.72
C GLY D 323 155.57 -15.99 13.85
N ILE D 324 155.65 -15.52 15.11
CA ILE D 324 155.36 -14.13 15.45
C ILE D 324 156.59 -13.51 16.08
N ILE D 325 156.85 -12.24 15.74
CA ILE D 325 158.03 -11.53 16.18
C ILE D 325 157.68 -10.69 17.40
N GLY D 326 158.38 -10.90 18.51
CA GLY D 326 158.12 -10.12 19.70
C GLY D 326 159.36 -9.46 20.25
N LEU D 327 159.42 -8.13 20.18
CA LEU D 327 160.64 -7.54 20.72
C LEU D 327 160.51 -7.31 22.23
N PRO D 328 161.59 -7.51 22.98
CA PRO D 328 161.54 -7.27 24.42
C PRO D 328 161.54 -5.77 24.72
N VAL D 329 161.15 -5.44 25.95
CA VAL D 329 161.17 -4.06 26.40
C VAL D 329 161.88 -3.96 27.74
N PHE D 375 163.32 5.27 37.13
CA PHE D 375 162.95 5.85 35.84
C PHE D 375 162.21 4.82 34.99
N ASN D 376 161.43 5.32 34.00
CA ASN D 376 160.58 4.44 33.22
C ASN D 376 161.40 3.53 32.31
N TYR D 377 162.33 4.10 31.56
CA TYR D 377 163.16 3.33 30.62
C TYR D 377 164.35 4.19 30.21
N LEU D 378 165.21 3.59 29.39
CA LEU D 378 166.45 4.26 29.00
C LEU D 378 166.17 5.42 28.05
N PRO D 379 166.93 6.52 28.16
CA PRO D 379 166.70 7.67 27.27
C PRO D 379 167.02 7.39 25.81
N PHE D 380 167.81 6.37 25.51
CA PHE D 380 168.30 6.11 24.16
C PHE D 380 167.84 4.74 23.69
N GLY D 381 167.50 4.66 22.41
CA GLY D 381 167.09 3.39 21.82
C GLY D 381 167.65 3.26 20.42
N MET D 382 167.86 2.02 20.01
CA MET D 382 168.51 1.72 18.75
C MET D 382 167.71 0.68 17.97
N ASN D 383 167.80 0.78 16.64
CA ASN D 383 167.17 -0.18 15.71
C ASN D 383 168.17 -0.36 14.56
N LEU D 384 169.01 -1.38 14.67
CA LEU D 384 170.15 -1.52 13.76
C LEU D 384 169.71 -1.73 12.32
N ALA D 385 168.86 -2.72 12.08
CA ALA D 385 168.45 -3.03 10.71
C ALA D 385 167.18 -3.86 10.72
N SER D 386 166.53 -3.91 9.57
CA SER D 386 165.30 -4.66 9.37
C SER D 386 165.56 -5.78 8.36
N THR D 387 165.22 -7.01 8.75
CA THR D 387 165.44 -8.15 7.87
C THR D 387 164.30 -8.27 6.85
N ALA D 388 164.51 -9.13 5.85
CA ALA D 388 163.55 -9.31 4.77
C ALA D 388 162.44 -10.23 5.26
N MET D 389 161.34 -9.61 5.72
CA MET D 389 160.22 -10.38 6.24
C MET D 389 159.54 -11.19 5.15
N THR D 390 159.32 -10.59 3.99
CA THR D 390 158.67 -11.27 2.88
C THR D 390 159.59 -11.25 1.66
N LEU D 391 159.11 -11.84 0.57
CA LEU D 391 159.81 -11.90 -0.71
C LEU D 391 158.83 -11.51 -1.80
N PRO D 392 159.33 -11.03 -2.95
CA PRO D 392 158.42 -10.64 -4.04
C PRO D 392 157.53 -11.76 -4.54
N LYS D 393 157.96 -13.01 -4.43
CA LYS D 393 157.15 -14.13 -4.87
C LYS D 393 156.01 -14.46 -3.92
N GLN D 394 156.14 -14.10 -2.64
CA GLN D 394 155.19 -14.51 -1.61
C GLN D 394 154.06 -13.52 -1.41
N ILE D 395 153.96 -12.48 -2.24
CA ILE D 395 152.98 -11.42 -2.04
C ILE D 395 151.76 -11.70 -2.89
N ALA D 396 150.62 -11.89 -2.24
CA ALA D 396 149.34 -12.07 -2.89
C ALA D 396 148.41 -10.95 -2.43
N TYR D 397 147.70 -10.34 -3.37
CA TYR D 397 146.89 -9.16 -3.09
C TYR D 397 145.44 -9.56 -2.85
N SER D 398 144.86 -9.02 -1.77
CA SER D 398 143.49 -9.37 -1.43
C SER D 398 142.48 -8.86 -2.45
N GLU D 399 142.83 -7.80 -3.18
CA GLU D 399 141.97 -7.24 -4.21
C GLU D 399 142.77 -7.00 -5.47
N LYS D 400 142.10 -7.14 -6.61
CA LYS D 400 142.76 -6.99 -7.91
C LYS D 400 143.12 -5.55 -8.23
N ARG D 401 142.65 -4.58 -7.44
CA ARG D 401 143.03 -3.19 -7.63
C ARG D 401 144.29 -2.80 -6.86
N LEU D 402 144.70 -3.61 -5.89
CA LEU D 402 145.89 -3.31 -5.09
C LEU D 402 147.17 -3.80 -5.73
N GLN D 403 147.10 -4.46 -6.89
CA GLN D 403 148.29 -4.96 -7.55
C GLN D 403 148.98 -3.83 -8.31
N PRO D 404 150.23 -3.51 -7.99
CA PRO D 404 150.93 -2.43 -8.68
C PRO D 404 151.12 -2.75 -10.16
N PRO D 405 151.03 -1.76 -11.04
CA PRO D 405 151.29 -1.99 -12.46
C PRO D 405 152.78 -2.15 -12.70
N PRO D 406 153.19 -2.63 -13.88
CA PRO D 406 154.63 -2.74 -14.17
C PRO D 406 155.32 -1.39 -14.02
N GLY D 407 156.50 -1.43 -13.39
CA GLY D 407 157.27 -0.22 -13.16
C GLY D 407 157.06 0.43 -11.81
N TYR D 408 156.28 -0.17 -10.92
CA TYR D 408 156.07 0.36 -9.59
C TYR D 408 156.04 -0.79 -8.58
N LYS D 409 156.39 -0.48 -7.34
CA LYS D 409 156.40 -1.46 -6.26
C LYS D 409 155.50 -0.98 -5.14
N ASP D 410 155.22 -1.88 -4.20
CA ASP D 410 154.31 -1.59 -3.11
C ASP D 410 155.05 -0.95 -1.94
N THR D 411 154.31 -0.17 -1.16
CA THR D 411 154.79 0.47 0.05
C THR D 411 154.15 -0.18 1.27
N THR D 412 154.64 0.18 2.45
CA THR D 412 154.11 -0.42 3.67
C THR D 412 152.67 -0.01 3.95
N VAL D 413 152.15 0.99 3.24
CA VAL D 413 150.74 1.34 3.29
C VAL D 413 150.08 0.80 2.02
N PRO D 414 149.20 -0.20 2.12
CA PRO D 414 148.59 -0.75 0.90
C PRO D 414 147.81 0.31 0.14
N GLY D 415 147.91 0.25 -1.19
CA GLY D 415 147.27 1.20 -2.05
C GLY D 415 148.16 2.34 -2.50
N ILE D 416 149.28 2.58 -1.81
CA ILE D 416 150.24 3.60 -2.20
C ILE D 416 151.43 2.90 -2.83
N TRP D 417 151.67 3.19 -4.11
CA TRP D 417 152.67 2.50 -4.92
C TRP D 417 153.82 3.44 -5.22
N SER D 418 155.02 3.07 -4.77
CA SER D 418 156.21 3.86 -5.07
C SER D 418 156.88 3.34 -6.34
N ARG D 419 157.99 3.97 -6.71
CA ARG D 419 158.74 3.54 -7.88
C ARG D 419 159.86 2.60 -7.46
N ASP D 420 160.33 1.79 -8.42
CA ASP D 420 161.33 0.77 -8.17
C ASP D 420 162.63 1.13 -8.90
N THR D 421 163.68 1.42 -8.13
CA THR D 421 165.00 1.70 -8.68
C THR D 421 166.02 1.39 -7.60
N LEU D 422 167.29 1.63 -7.91
CA LEU D 422 168.37 1.37 -6.96
C LEU D 422 168.27 2.29 -5.73
N PHE D 423 167.94 3.56 -5.93
CA PHE D 423 167.88 4.53 -4.85
C PHE D 423 166.46 4.83 -4.38
N SER D 424 165.48 4.02 -4.78
CA SER D 424 164.08 4.29 -4.47
C SER D 424 163.75 4.15 -2.99
N HIS D 425 164.66 3.59 -2.20
CA HIS D 425 164.42 3.40 -0.78
C HIS D 425 164.56 4.70 -0.02
N GLY D 426 163.64 4.94 0.91
CA GLY D 426 163.68 6.12 1.74
C GLY D 426 163.05 7.37 1.16
N ASN D 427 162.09 7.22 0.25
CA ASN D 427 161.33 8.35 -0.32
C ASN D 427 162.25 9.27 -1.12
N HIS D 428 162.85 8.73 -2.18
CA HIS D 428 163.75 9.51 -3.02
C HIS D 428 163.40 9.49 -4.51
N GLU D 429 162.26 8.90 -4.89
CA GLU D 429 161.87 8.84 -6.30
C GLU D 429 160.52 9.52 -6.51
N PRO D 430 160.44 10.58 -7.32
CA PRO D 430 159.15 11.24 -7.58
C PRO D 430 158.36 10.57 -8.69
N GLY D 431 157.05 10.51 -8.48
CA GLY D 431 156.17 9.92 -9.48
C GLY D 431 155.35 8.77 -8.95
N TRP D 432 155.12 8.73 -7.64
CA TRP D 432 154.32 7.67 -7.06
C TRP D 432 152.88 7.77 -7.52
N ILE D 433 152.17 6.65 -7.44
CA ILE D 433 150.75 6.60 -7.76
C ILE D 433 150.03 5.87 -6.63
N VAL D 434 148.71 6.05 -6.58
CA VAL D 434 147.88 5.51 -5.53
C VAL D 434 146.75 4.70 -6.15
N ALA D 435 146.37 3.61 -5.50
CA ALA D 435 145.32 2.73 -6.01
C ALA D 435 143.98 3.46 -6.04
N PRO D 436 143.11 3.12 -7.00
CA PRO D 436 141.78 3.73 -7.04
C PRO D 436 140.98 3.41 -5.78
N GLY D 437 140.15 4.36 -5.37
CA GLY D 437 139.32 4.18 -4.20
C GLY D 437 140.08 4.11 -2.89
N MET D 438 141.15 4.90 -2.76
CA MET D 438 141.96 4.93 -1.55
C MET D 438 141.73 6.20 -0.74
N GLN D 439 140.61 6.88 -0.95
CA GLN D 439 140.35 8.14 -0.26
C GLN D 439 140.24 7.93 1.24
N GLY D 440 140.64 8.95 1.99
CA GLY D 440 140.54 8.93 3.43
C GLY D 440 141.82 8.67 4.19
N VAL D 441 142.97 8.78 3.54
CA VAL D 441 144.26 8.53 4.17
C VAL D 441 145.03 9.84 4.23
N GLN D 442 145.35 10.28 5.44
CA GLN D 442 146.22 11.44 5.62
C GLN D 442 147.66 11.05 5.32
N VAL D 443 148.46 12.05 4.92
CA VAL D 443 149.85 11.84 4.57
C VAL D 443 150.70 12.88 5.29
N GLN D 444 151.98 12.55 5.44
CA GLN D 444 152.96 13.49 5.97
C GLN D 444 153.49 14.37 4.84
N PRO D 445 154.07 15.53 5.18
CA PRO D 445 154.59 16.40 4.10
C PRO D 445 155.67 15.76 3.24
N ALA D 446 156.50 14.89 3.82
CA ALA D 446 157.59 14.28 3.06
C ALA D 446 157.06 13.43 1.92
N THR D 447 156.10 12.55 2.21
CA THR D 447 155.53 11.73 1.15
C THR D 447 154.67 12.55 0.20
N ALA D 448 153.95 13.56 0.74
CA ALA D 448 153.09 14.38 -0.11
C ALA D 448 153.89 15.19 -1.11
N ASN D 449 155.14 15.53 -0.77
CA ASN D 449 155.99 16.23 -1.73
C ASN D 449 156.41 15.33 -2.87
N MET D 450 156.41 14.01 -2.67
CA MET D 450 156.90 13.06 -3.65
C MET D 450 155.79 12.27 -4.32
N LEU D 451 154.52 12.53 -3.98
CA LEU D 451 153.39 11.72 -4.41
C LEU D 451 152.64 12.30 -5.61
N THR D 452 153.19 13.30 -6.30
CA THR D 452 152.61 14.03 -7.43
C THR D 452 151.32 14.75 -7.04
N PRO D 453 150.89 15.77 -7.80
CA PRO D 453 149.63 16.43 -7.47
C PRO D 453 148.40 15.55 -7.59
N GLU D 454 148.33 14.71 -8.63
CA GLU D 454 147.11 13.96 -8.90
C GLU D 454 146.83 12.94 -7.80
N SER D 455 147.83 12.15 -7.43
CA SER D 455 147.62 11.12 -6.41
C SER D 455 147.37 11.73 -5.04
N LEU D 456 148.07 12.82 -4.73
CA LEU D 456 147.82 13.52 -3.47
C LEU D 456 146.41 14.07 -3.41
N ALA D 457 145.92 14.61 -4.53
CA ALA D 457 144.55 15.09 -4.59
C ALA D 457 143.56 13.94 -4.41
N GLU D 458 143.81 12.81 -5.07
CA GLU D 458 142.90 11.68 -4.95
C GLU D 458 142.87 11.13 -3.52
N LEU D 459 144.02 11.13 -2.84
CA LEU D 459 144.06 10.63 -1.47
C LEU D 459 143.19 11.46 -0.52
N LEU D 460 142.81 12.67 -0.90
CA LEU D 460 141.93 13.50 -0.09
C LEU D 460 140.65 13.90 -0.81
N GLY D 461 140.70 14.11 -2.13
CA GLY D 461 139.54 14.54 -2.88
C GLY D 461 138.78 13.38 -3.49
N GLY D 462 137.84 13.73 -4.37
CA GLY D 462 136.95 12.78 -4.98
C GLY D 462 137.52 11.99 -6.15
N PRO D 463 137.86 12.67 -7.26
CA PRO D 463 138.16 11.95 -8.50
C PRO D 463 139.36 11.02 -8.36
N ASP D 464 139.27 9.87 -9.03
CA ASP D 464 140.35 8.89 -9.07
C ASP D 464 141.30 9.19 -10.22
N ILE D 465 142.59 8.95 -10.00
CA ILE D 465 143.59 9.22 -11.02
C ILE D 465 143.48 8.20 -12.16
N VAL D 466 144.05 8.55 -13.29
CA VAL D 466 144.15 7.64 -14.43
C VAL D 466 145.60 7.20 -14.56
N PRO D 467 145.94 6.00 -14.11
CA PRO D 467 147.35 5.57 -14.13
C PRO D 467 147.88 5.49 -15.54
N PRO D 468 149.16 5.85 -15.75
CA PRO D 468 149.80 5.78 -17.07
C PRO D 468 150.18 4.36 -17.47
N CYS E 33 -48.05 -20.54 -26.44
CA CYS E 33 -48.08 -21.31 -25.20
C CYS E 33 -46.75 -22.03 -24.97
N GLY E 34 -46.41 -22.95 -25.88
CA GLY E 34 -45.16 -23.67 -25.75
C GLY E 34 -43.95 -22.79 -25.94
N GLN E 35 -44.02 -21.84 -26.89
CA GLN E 35 -42.90 -20.98 -27.23
C GLN E 35 -42.97 -19.64 -26.51
N TRP E 36 -43.84 -19.51 -25.50
CA TRP E 36 -43.97 -18.26 -24.76
C TRP E 36 -42.68 -17.97 -23.99
N ARG E 37 -41.94 -16.95 -24.44
CA ARG E 37 -40.71 -16.54 -23.80
C ARG E 37 -40.86 -15.29 -22.94
N GLY E 38 -42.07 -14.75 -22.84
CA GLY E 38 -42.30 -13.60 -21.98
C GLY E 38 -42.88 -12.42 -22.71
N ILE E 39 -43.44 -11.47 -21.95
CA ILE E 39 -44.01 -10.27 -22.55
C ILE E 39 -42.93 -9.42 -23.21
N ALA E 40 -41.69 -9.52 -22.73
CA ALA E 40 -40.61 -8.74 -23.30
C ALA E 40 -40.12 -9.29 -24.65
N ASN E 41 -40.43 -10.55 -24.95
CA ASN E 41 -39.89 -11.22 -26.14
C ASN E 41 -40.95 -11.48 -27.21
N VAL E 42 -42.11 -10.83 -27.12
CA VAL E 42 -43.14 -11.00 -28.14
C VAL E 42 -43.04 -9.83 -29.12
N PRO E 43 -43.15 -10.08 -30.43
CA PRO E 43 -43.12 -8.97 -31.39
C PRO E 43 -44.26 -7.99 -31.16
N LEU E 44 -43.98 -6.72 -31.41
CA LEU E 44 -44.95 -5.65 -31.16
C LEU E 44 -45.25 -4.90 -32.46
N PRO E 45 -46.47 -4.40 -32.63
CA PRO E 45 -46.82 -3.69 -33.85
C PRO E 45 -46.27 -2.27 -33.87
N GLY E 46 -46.14 -1.75 -35.08
CA GLY E 46 -45.73 -0.37 -35.27
C GLY E 46 -44.22 -0.19 -35.17
N GLY E 47 -43.77 0.99 -35.59
CA GLY E 47 -42.37 1.33 -35.57
C GLY E 47 -41.68 1.02 -36.88
N PRO E 48 -40.49 1.58 -37.07
CA PRO E 48 -39.73 1.29 -38.30
C PRO E 48 -39.40 -0.19 -38.43
N GLY E 49 -39.39 -0.66 -39.67
CA GLY E 49 -39.16 -2.06 -39.96
C GLY E 49 -40.38 -2.94 -39.89
N THR E 50 -41.54 -2.39 -39.52
CA THR E 50 -42.78 -3.15 -39.44
C THR E 50 -43.73 -2.88 -40.58
N GLU E 51 -43.51 -1.81 -41.35
CA GLU E 51 -44.37 -1.50 -42.48
C GLU E 51 -43.97 -2.32 -43.70
N SER E 52 -44.81 -2.25 -44.74
CA SER E 52 -44.54 -2.97 -45.97
C SER E 52 -43.30 -2.42 -46.66
N GLY E 53 -42.52 -3.32 -47.25
CA GLY E 53 -41.25 -2.98 -47.87
C GLY E 53 -40.05 -3.17 -46.98
N SER E 54 -40.24 -3.37 -45.68
CA SER E 54 -39.12 -3.63 -44.77
C SER E 54 -38.46 -4.96 -45.11
N MET E 55 -37.13 -4.98 -45.06
CA MET E 55 -36.40 -6.20 -45.39
C MET E 55 -36.03 -6.95 -44.11
N THR E 56 -35.95 -8.27 -44.24
CA THR E 56 -35.67 -9.17 -43.12
C THR E 56 -34.31 -9.83 -43.31
N LEU E 57 -33.48 -9.76 -42.28
CA LEU E 57 -32.14 -10.32 -42.28
C LEU E 57 -31.95 -11.21 -41.07
N TYR E 58 -31.01 -12.14 -41.18
CA TYR E 58 -30.65 -13.03 -40.07
C TYR E 58 -29.21 -12.73 -39.67
N VAL E 59 -29.02 -12.37 -38.40
CA VAL E 59 -27.71 -12.00 -37.88
C VAL E 59 -27.28 -13.10 -36.92
N GLN E 60 -26.17 -13.77 -37.25
CA GLN E 60 -25.68 -14.89 -36.46
C GLN E 60 -24.66 -14.36 -35.45
N MET E 61 -25.15 -14.02 -34.27
CA MET E 61 -24.34 -13.43 -33.21
C MET E 61 -23.62 -14.50 -32.40
N PRO E 62 -22.36 -14.27 -32.02
CA PRO E 62 -21.71 -15.19 -31.08
C PRO E 62 -22.43 -15.27 -29.75
N GLU E 63 -22.97 -14.15 -29.28
CA GLU E 63 -23.80 -14.10 -28.09
C GLU E 63 -24.61 -12.83 -28.14
N THR E 64 -25.70 -12.80 -27.36
CA THR E 64 -26.64 -11.69 -27.39
C THR E 64 -26.54 -10.77 -26.18
N LEU E 65 -25.79 -11.17 -25.14
CA LEU E 65 -25.63 -10.36 -23.93
C LEU E 65 -26.97 -10.02 -23.30
N ALA E 66 -27.84 -11.03 -23.22
CA ALA E 66 -29.17 -10.91 -22.62
C ALA E 66 -30.04 -9.90 -23.36
N LEU E 67 -29.85 -9.78 -24.67
CA LEU E 67 -30.67 -8.89 -25.48
C LEU E 67 -32.08 -9.44 -25.61
N ASN E 68 -33.08 -8.57 -25.43
CA ASN E 68 -34.47 -8.94 -25.58
C ASN E 68 -34.95 -8.61 -27.00
N ALA E 69 -36.06 -9.22 -27.38
CA ALA E 69 -36.68 -8.91 -28.66
C ALA E 69 -37.24 -7.49 -28.62
N ASN E 70 -37.63 -6.99 -29.80
CA ASN E 70 -38.14 -5.65 -30.02
C ASN E 70 -37.12 -4.56 -29.74
N SER E 71 -35.86 -4.93 -29.52
CA SER E 71 -34.81 -3.94 -29.34
C SER E 71 -34.56 -3.18 -30.64
N ARG E 72 -33.75 -2.12 -30.54
CA ARG E 72 -33.58 -1.19 -31.64
C ARG E 72 -32.40 -1.59 -32.51
N VAL E 73 -32.61 -1.56 -33.83
CA VAL E 73 -31.55 -1.75 -34.81
C VAL E 73 -31.15 -0.37 -35.31
N ARG E 74 -29.87 -0.04 -35.16
CA ARG E 74 -29.36 1.29 -35.40
C ARG E 74 -28.34 1.27 -36.53
N VAL E 75 -28.54 2.15 -37.50
CA VAL E 75 -27.56 2.45 -38.53
C VAL E 75 -27.13 3.89 -38.34
N ARG E 76 -25.81 4.10 -38.22
CA ARG E 76 -25.24 5.41 -37.90
C ARG E 76 -25.85 5.97 -36.61
N ASP E 77 -26.06 5.09 -35.63
CA ASP E 77 -26.68 5.40 -34.35
C ASP E 77 -28.11 5.93 -34.51
N VAL E 78 -28.76 5.62 -35.61
CA VAL E 78 -30.14 6.03 -35.87
C VAL E 78 -31.01 4.78 -35.84
N PHE E 79 -32.05 4.82 -35.01
CA PHE E 79 -32.98 3.70 -34.86
C PHE E 79 -33.84 3.58 -36.12
N VAL E 80 -33.57 2.56 -36.93
CA VAL E 80 -34.23 2.40 -38.21
C VAL E 80 -34.76 0.98 -38.39
N GLY E 81 -34.78 0.20 -37.32
CA GLY E 81 -35.21 -1.18 -37.44
C GLY E 81 -35.46 -1.81 -36.09
N ARG E 82 -35.91 -3.05 -36.14
CA ARG E 82 -36.29 -3.80 -34.95
C ARG E 82 -35.82 -5.24 -35.08
N VAL E 83 -35.42 -5.85 -33.96
CA VAL E 83 -35.11 -7.26 -33.92
C VAL E 83 -36.36 -8.04 -33.52
N ARG E 84 -36.71 -9.04 -34.33
CA ARG E 84 -37.97 -9.75 -34.15
C ARG E 84 -37.84 -10.96 -33.22
N LYS E 85 -36.99 -11.91 -33.57
CA LYS E 85 -36.85 -13.16 -32.84
C LYS E 85 -35.39 -13.42 -32.53
N ILE E 86 -35.11 -14.00 -31.37
CA ILE E 86 -33.74 -14.26 -30.93
C ILE E 86 -33.59 -15.77 -30.66
N GLU E 87 -34.25 -16.59 -31.48
CA GLU E 87 -34.17 -18.03 -31.29
C GLU E 87 -32.74 -18.53 -31.43
N LEU E 88 -32.40 -19.52 -30.62
CA LEU E 88 -31.07 -20.13 -30.60
C LEU E 88 -31.10 -21.43 -31.41
N ILE E 89 -30.28 -21.50 -32.45
CA ILE E 89 -30.25 -22.63 -33.37
C ILE E 89 -28.87 -23.28 -33.27
N ASN E 90 -28.85 -24.57 -32.91
CA ASN E 90 -27.62 -25.35 -32.78
C ASN E 90 -26.63 -24.67 -31.83
N TRP E 91 -27.17 -24.07 -30.77
CA TRP E 91 -26.38 -23.35 -29.76
C TRP E 91 -25.50 -22.28 -30.39
N VAL E 92 -26.07 -21.55 -31.33
CA VAL E 92 -25.49 -20.29 -31.81
C VAL E 92 -26.63 -19.33 -32.13
N PRO E 93 -26.78 -18.24 -31.37
CA PRO E 93 -27.96 -17.38 -31.51
C PRO E 93 -28.08 -16.79 -32.91
N THR E 94 -29.31 -16.74 -33.41
CA THR E 94 -29.63 -16.07 -34.66
C THR E 94 -30.74 -15.06 -34.38
N LEU E 95 -30.55 -13.84 -34.87
CA LEU E 95 -31.50 -12.76 -34.64
C LEU E 95 -32.19 -12.42 -35.96
N THR E 96 -33.51 -12.37 -35.94
CA THR E 96 -34.29 -11.90 -37.08
C THR E 96 -34.48 -10.40 -36.95
N VAL E 97 -33.95 -9.65 -37.91
CA VAL E 97 -33.93 -8.19 -37.86
C VAL E 97 -34.70 -7.66 -39.05
N ASP E 98 -35.68 -6.80 -38.79
CA ASP E 98 -36.42 -6.12 -39.84
C ASP E 98 -35.97 -4.66 -39.88
N VAL E 99 -35.56 -4.19 -41.05
CA VAL E 99 -35.16 -2.80 -41.21
C VAL E 99 -36.06 -2.15 -42.26
N GLU E 100 -36.24 -0.84 -42.12
CA GLU E 100 -37.17 -0.11 -42.96
C GLU E 100 -36.64 -0.01 -44.39
N PRO E 101 -37.54 0.10 -45.37
CA PRO E 101 -37.10 0.21 -46.76
C PRO E 101 -36.38 1.52 -47.04
N GLY E 102 -35.49 1.47 -48.03
CA GLY E 102 -34.70 2.62 -48.41
C GLY E 102 -33.31 2.68 -47.80
N ILE E 103 -32.86 1.61 -47.16
CA ILE E 103 -31.54 1.55 -46.54
C ILE E 103 -30.69 0.56 -47.32
N LYS E 104 -29.49 0.99 -47.70
CA LYS E 104 -28.57 0.16 -48.47
C LYS E 104 -27.46 -0.34 -47.55
N LEU E 105 -27.27 -1.67 -47.53
CA LEU E 105 -26.25 -2.29 -46.69
C LEU E 105 -25.43 -3.24 -47.56
N PRO E 106 -24.11 -3.08 -47.62
CA PRO E 106 -23.28 -4.04 -48.36
C PRO E 106 -23.30 -5.41 -47.70
N LYS E 107 -22.98 -6.43 -48.50
CA LYS E 107 -23.04 -7.81 -48.03
C LYS E 107 -22.08 -8.05 -46.86
N ASN E 108 -20.98 -7.30 -46.81
CA ASN E 108 -20.00 -7.43 -45.72
C ASN E 108 -20.26 -6.45 -44.58
N THR E 109 -21.52 -6.06 -44.37
CA THR E 109 -21.86 -5.14 -43.29
C THR E 109 -21.56 -5.78 -41.94
N LEU E 110 -21.05 -4.98 -41.01
CA LEU E 110 -20.69 -5.47 -39.69
C LEU E 110 -21.85 -5.27 -38.73
N ALA E 111 -22.14 -6.29 -37.94
CA ALA E 111 -23.18 -6.24 -36.92
C ALA E 111 -22.53 -6.31 -35.54
N LYS E 112 -22.97 -5.43 -34.64
CA LYS E 112 -22.37 -5.37 -33.31
C LYS E 112 -23.43 -5.03 -32.28
N ILE E 113 -23.55 -5.85 -31.25
CA ILE E 113 -24.51 -5.61 -30.18
C ILE E 113 -23.87 -4.68 -29.16
N GLY E 114 -24.51 -3.54 -28.91
CA GLY E 114 -23.98 -2.54 -28.00
C GLY E 114 -25.03 -2.05 -27.01
N GLN E 115 -24.58 -1.14 -26.15
CA GLN E 115 -25.39 -0.57 -25.08
C GLN E 115 -25.76 0.86 -25.42
N THR E 116 -27.05 1.19 -25.33
CA THR E 116 -27.48 2.55 -25.66
C THR E 116 -27.10 3.55 -24.58
N SER E 117 -27.28 3.20 -23.31
CA SER E 117 -26.92 4.08 -22.22
C SER E 117 -26.63 3.23 -20.98
N LEU E 118 -25.93 3.85 -20.02
CA LEU E 118 -25.48 3.11 -18.84
C LEU E 118 -26.64 2.54 -18.03
N LEU E 119 -27.67 3.35 -17.81
CA LEU E 119 -28.88 2.90 -17.12
C LEU E 119 -30.02 2.68 -18.10
N GLY E 120 -29.72 2.16 -19.29
CA GLY E 120 -30.74 2.04 -20.31
C GLY E 120 -30.70 0.73 -21.08
N SER E 121 -31.06 0.79 -22.36
CA SER E 121 -31.33 -0.38 -23.17
C SER E 121 -30.08 -0.83 -23.91
N GLN E 122 -30.26 -1.78 -24.83
CA GLN E 122 -29.23 -2.25 -25.74
C GLN E 122 -29.76 -2.16 -27.15
N HIS E 123 -28.87 -2.36 -28.12
CA HIS E 123 -29.24 -2.19 -29.52
C HIS E 123 -28.29 -3.01 -30.38
N VAL E 124 -28.66 -3.14 -31.65
CA VAL E 124 -27.86 -3.85 -32.66
C VAL E 124 -27.45 -2.84 -33.72
N GLU E 125 -26.15 -2.56 -33.81
CA GLU E 125 -25.60 -1.62 -34.78
C GLU E 125 -25.25 -2.37 -36.06
N LEU E 126 -25.75 -1.86 -37.19
CA LEU E 126 -25.42 -2.39 -38.50
C LEU E 126 -24.58 -1.32 -39.21
N ASN E 127 -23.26 -1.43 -39.07
CA ASN E 127 -22.36 -0.42 -39.61
C ASN E 127 -21.66 -0.91 -40.85
N PRO E 128 -21.62 -0.11 -41.91
CA PRO E 128 -20.83 -0.48 -43.09
C PRO E 128 -19.37 -0.62 -42.73
N PRO E 129 -18.65 -1.53 -43.36
CA PRO E 129 -17.23 -1.73 -43.07
C PRO E 129 -16.38 -0.67 -43.78
N GLU E 130 -15.06 -0.82 -43.64
CA GLU E 130 -14.14 0.10 -44.29
C GLU E 130 -14.03 -0.14 -45.79
N ASP E 131 -14.43 -1.33 -46.27
CA ASP E 131 -14.38 -1.67 -47.69
C ASP E 131 -15.75 -2.20 -48.12
N PRO E 132 -16.70 -1.31 -48.36
CA PRO E 132 -18.02 -1.76 -48.82
C PRO E 132 -17.94 -2.47 -50.16
N SER E 133 -18.79 -3.46 -50.33
CA SER E 133 -18.86 -4.24 -51.57
C SER E 133 -20.02 -3.77 -52.43
N SER E 134 -19.93 -4.08 -53.73
CA SER E 134 -20.98 -3.70 -54.67
C SER E 134 -22.28 -4.43 -54.35
N GLU E 135 -22.21 -5.72 -54.06
CA GLU E 135 -23.40 -6.49 -53.74
C GLU E 135 -23.98 -6.06 -52.40
N LEU E 136 -25.31 -5.99 -52.32
CA LEU E 136 -26.01 -5.56 -51.13
C LEU E 136 -26.79 -6.72 -50.52
N LEU E 137 -27.09 -6.59 -49.23
CA LEU E 137 -27.91 -7.58 -48.55
C LEU E 137 -29.34 -7.53 -49.06
N ARG E 138 -29.88 -8.68 -49.45
CA ARG E 138 -31.26 -8.77 -49.89
C ARG E 138 -32.11 -9.37 -48.76
N ASP E 139 -33.40 -9.49 -49.02
CA ASP E 139 -34.32 -10.05 -48.03
C ASP E 139 -33.97 -11.51 -47.76
N GLY E 140 -33.88 -11.86 -46.48
CA GLY E 140 -33.57 -13.22 -46.08
C GLY E 140 -32.09 -13.55 -46.03
N ASP E 141 -31.21 -12.61 -46.38
CA ASP E 141 -29.78 -12.87 -46.33
C ASP E 141 -29.30 -12.97 -44.89
N THR E 142 -28.13 -13.58 -44.71
CA THR E 142 -27.58 -13.88 -43.40
C THR E 142 -26.24 -13.16 -43.22
N ILE E 143 -26.03 -12.60 -42.05
CA ILE E 143 -24.75 -12.01 -41.66
C ILE E 143 -24.01 -13.04 -40.82
N PRO E 144 -22.88 -13.60 -41.29
CA PRO E 144 -22.26 -14.72 -40.59
C PRO E 144 -21.63 -14.36 -39.25
N LEU E 145 -21.14 -15.37 -38.54
CA LEU E 145 -20.48 -15.14 -37.25
C LEU E 145 -19.20 -14.34 -37.39
N ALA E 146 -18.57 -14.35 -38.57
CA ALA E 146 -17.33 -13.59 -38.76
C ALA E 146 -17.57 -12.09 -38.70
N GLN E 147 -18.73 -11.63 -39.15
CA GLN E 147 -19.04 -10.21 -39.21
C GLN E 147 -19.83 -9.73 -38.00
N SER E 148 -20.07 -10.58 -37.02
CA SER E 148 -20.89 -10.24 -35.86
C SER E 148 -20.03 -10.20 -34.60
N SER E 149 -20.24 -9.18 -33.77
CA SER E 149 -19.48 -9.01 -32.55
C SER E 149 -20.32 -8.23 -31.55
N ALA E 150 -19.77 -8.06 -30.35
CA ALA E 150 -20.46 -7.34 -29.29
C ALA E 150 -19.47 -6.47 -28.53
N TYR E 151 -19.89 -5.24 -28.22
CA TYR E 151 -19.07 -4.36 -27.41
C TYR E 151 -18.94 -4.93 -26.00
N PRO E 152 -17.79 -4.71 -25.35
CA PRO E 152 -17.67 -5.09 -23.95
C PRO E 152 -18.66 -4.30 -23.10
N THR E 153 -19.40 -5.00 -22.26
CA THR E 153 -20.31 -4.34 -21.35
C THR E 153 -19.53 -3.62 -20.26
N ILE E 154 -20.22 -2.74 -19.53
CA ILE E 154 -19.59 -2.04 -18.41
C ILE E 154 -19.14 -3.04 -17.36
N GLU E 155 -19.92 -4.11 -17.16
CA GLU E 155 -19.55 -5.13 -16.20
C GLU E 155 -18.25 -5.83 -16.59
N ARG E 156 -18.11 -6.18 -17.88
CA ARG E 156 -16.89 -6.86 -18.32
C ARG E 156 -15.68 -5.96 -18.21
N THR E 157 -15.82 -4.69 -18.58
CA THR E 157 -14.71 -3.74 -18.48
C THR E 157 -14.28 -3.56 -17.02
N LEU E 158 -15.24 -3.36 -16.13
CA LEU E 158 -14.91 -3.22 -14.72
C LEU E 158 -14.35 -4.50 -14.14
N ALA E 159 -14.79 -5.67 -14.64
CA ALA E 159 -14.23 -6.94 -14.17
C ALA E 159 -12.77 -7.09 -14.60
N GLY E 160 -12.45 -6.68 -15.83
CA GLY E 160 -11.06 -6.70 -16.26
C GLY E 160 -10.19 -5.76 -15.45
N ILE E 161 -10.68 -4.54 -15.20
CA ILE E 161 -9.94 -3.59 -14.38
C ILE E 161 -9.74 -4.14 -12.97
N SER E 162 -10.79 -4.77 -12.41
CA SER E 162 -10.69 -5.33 -11.08
C SER E 162 -9.69 -6.48 -11.04
N GLY E 163 -9.66 -7.31 -12.07
CA GLY E 163 -8.67 -8.37 -12.14
C GLY E 163 -7.26 -7.83 -12.18
N ILE E 164 -7.04 -6.76 -12.96
CA ILE E 164 -5.73 -6.11 -12.98
C ILE E 164 -5.37 -5.58 -11.59
N LEU E 165 -6.33 -4.92 -10.94
CA LEU E 165 -6.04 -4.28 -9.65
C LEU E 165 -5.76 -5.31 -8.57
N THR E 166 -6.49 -6.42 -8.56
CA THR E 166 -6.37 -7.39 -7.47
C THR E 166 -5.26 -8.40 -7.71
N GLY E 167 -5.07 -8.85 -8.95
CA GLY E 167 -4.06 -9.85 -9.23
C GLY E 167 -2.75 -9.28 -9.70
N GLY E 168 -2.70 -7.97 -9.92
CA GLY E 168 -1.54 -7.31 -10.48
C GLY E 168 -0.51 -6.81 -9.49
N GLY E 169 -0.70 -7.05 -8.20
CA GLY E 169 0.23 -6.56 -7.19
C GLY E 169 0.30 -5.06 -7.12
N ILE E 170 -0.86 -4.38 -7.23
CA ILE E 170 -0.88 -2.92 -7.15
C ILE E 170 -0.34 -2.38 -5.83
N PRO E 171 -0.66 -2.95 -4.63
CA PRO E 171 -0.14 -2.36 -3.38
C PRO E 171 1.38 -2.18 -3.31
N ASN E 172 2.13 -2.86 -4.18
CA ASN E 172 3.57 -2.69 -4.20
C ASN E 172 3.98 -1.35 -4.79
N ILE E 173 3.21 -0.84 -5.76
CA ILE E 173 3.61 0.33 -6.55
C ILE E 173 3.94 1.51 -5.63
N GLU E 174 3.04 1.81 -4.69
CA GLU E 174 3.26 2.94 -3.79
C GLU E 174 4.60 2.80 -3.08
N VAL E 175 4.89 1.60 -2.57
CA VAL E 175 6.16 1.36 -1.88
C VAL E 175 7.31 1.73 -2.79
N ILE E 176 7.27 1.23 -4.04
CA ILE E 176 8.32 1.54 -5.01
C ILE E 176 8.46 3.04 -5.14
N GLN E 177 7.33 3.73 -5.35
CA GLN E 177 7.37 5.18 -5.51
C GLN E 177 8.02 5.83 -4.30
N THR E 178 7.60 5.41 -3.10
CA THR E 178 8.18 5.95 -1.88
C THR E 178 9.69 5.83 -1.91
N GLU E 179 10.19 4.65 -2.24
CA GLU E 179 11.62 4.43 -2.27
C GLU E 179 12.29 5.29 -3.33
N VAL E 180 11.66 5.42 -4.50
CA VAL E 180 12.20 6.31 -5.52
C VAL E 180 12.31 7.72 -4.98
N PHE E 181 11.29 8.16 -4.23
CA PHE E 181 11.34 9.46 -3.57
C PHE E 181 12.57 9.57 -2.70
N ASN E 182 12.82 8.54 -1.88
CA ASN E 182 13.98 8.57 -0.99
C ASN E 182 15.28 8.59 -1.77
N ILE E 183 15.29 8.02 -2.98
CA ILE E 183 16.48 8.10 -3.82
C ILE E 183 16.67 9.53 -4.33
N LEU E 184 15.58 10.19 -4.71
CA LEU E 184 15.65 11.45 -5.44
C LEU E 184 15.36 12.67 -4.57
N ASN E 185 15.31 12.51 -3.25
CA ASN E 185 14.93 13.61 -2.37
C ASN E 185 16.13 14.54 -2.19
N GLY E 186 16.18 15.61 -2.97
CA GLY E 186 17.23 16.61 -2.82
C GLY E 186 18.59 16.17 -3.28
N ARG E 187 18.68 15.22 -4.20
CA ARG E 187 19.96 14.72 -4.68
C ARG E 187 20.03 14.67 -6.20
N ALA E 188 19.18 15.42 -6.90
CA ALA E 188 19.15 15.36 -8.36
C ALA E 188 20.45 15.86 -8.97
N ASP E 189 20.92 17.03 -8.54
CA ASP E 189 22.16 17.59 -9.06
C ASP E 189 23.35 16.71 -8.69
N GLN E 190 23.34 16.14 -7.49
CA GLN E 190 24.42 15.24 -7.08
C GLN E 190 24.45 13.99 -7.95
N ILE E 191 23.28 13.44 -8.29
CA ILE E 191 23.24 12.28 -9.17
C ILE E 191 23.71 12.65 -10.58
N ARG E 192 23.35 13.85 -11.05
CA ARG E 192 23.81 14.27 -12.38
C ARG E 192 25.33 14.41 -12.42
N GLU E 193 25.91 15.07 -11.41
CA GLU E 193 27.36 15.20 -11.40
C GLU E 193 28.04 13.85 -11.15
N PHE E 194 27.38 12.93 -10.45
CA PHE E 194 27.90 11.57 -10.33
C PHE E 194 27.91 10.87 -11.68
N LEU E 195 26.89 11.08 -12.49
CA LEU E 195 26.89 10.51 -13.84
C LEU E 195 28.05 11.05 -14.66
N ASN E 196 28.30 12.37 -14.57
CA ASN E 196 29.43 12.95 -15.30
C ASN E 196 30.76 12.39 -14.80
N GLN E 197 30.93 12.29 -13.48
CA GLN E 197 32.18 11.76 -12.94
C GLN E 197 32.36 10.30 -13.28
N LEU E 198 31.28 9.52 -13.29
CA LEU E 198 31.35 8.13 -13.70
C LEU E 198 31.74 8.01 -15.17
N ASP E 199 31.24 8.90 -16.01
CA ASP E 199 31.66 8.93 -17.41
C ASP E 199 33.16 9.16 -17.51
N THR E 200 33.68 10.16 -16.80
CA THR E 200 35.11 10.44 -16.85
C THR E 200 35.93 9.26 -16.33
N PHE E 201 35.51 8.69 -15.19
CA PHE E 201 36.24 7.57 -14.58
C PHE E 201 36.24 6.35 -15.49
N THR E 202 35.10 6.05 -16.11
CA THR E 202 35.02 4.89 -16.99
C THR E 202 35.85 5.11 -18.25
N ASP E 203 35.87 6.34 -18.79
CA ASP E 203 36.74 6.63 -19.92
C ASP E 203 38.20 6.41 -19.55
N GLU E 204 38.60 6.90 -18.39
CA GLU E 204 39.99 6.77 -17.96
C GLU E 204 40.38 5.31 -17.75
N LEU E 205 39.47 4.52 -17.17
CA LEU E 205 39.75 3.10 -16.98
C LEU E 205 39.80 2.36 -18.30
N ASN E 206 38.88 2.66 -19.23
CA ASN E 206 38.87 2.00 -20.53
C ASN E 206 40.13 2.33 -21.32
N GLN E 207 40.69 3.53 -21.13
CA GLN E 207 41.93 3.87 -21.82
C GLN E 207 43.12 3.06 -21.34
N GLN E 208 43.01 2.36 -20.20
CA GLN E 208 44.09 1.56 -19.67
C GLN E 208 43.80 0.07 -19.73
N ARG E 209 42.92 -0.36 -20.64
CA ARG E 209 42.53 -1.77 -20.69
C ARG E 209 43.69 -2.66 -21.09
N GLU E 210 44.51 -2.23 -22.04
CA GLU E 210 45.67 -3.02 -22.46
C GLU E 210 46.67 -3.19 -21.31
N GLU E 211 46.93 -2.11 -20.58
CA GLU E 211 47.83 -2.20 -19.44
C GLU E 211 47.24 -3.07 -18.33
N ILE E 212 45.92 -3.02 -18.14
CA ILE E 212 45.29 -3.87 -17.14
C ILE E 212 45.44 -5.35 -17.53
N THR E 213 45.21 -5.67 -18.80
CA THR E 213 45.37 -7.05 -19.26
C THR E 213 46.82 -7.51 -19.12
N ARG E 214 47.78 -6.64 -19.47
CA ARG E 214 49.18 -7.01 -19.34
C ARG E 214 49.57 -7.23 -17.89
N ALA E 215 49.07 -6.37 -16.99
CA ALA E 215 49.33 -6.56 -15.56
C ALA E 215 48.73 -7.86 -15.06
N ILE E 216 47.52 -8.19 -15.51
CA ILE E 216 46.89 -9.45 -15.12
C ILE E 216 47.72 -10.63 -15.60
N ASP E 217 48.18 -10.59 -16.85
CA ASP E 217 49.00 -11.68 -17.39
C ASP E 217 50.30 -11.82 -16.61
N SER E 218 50.95 -10.69 -16.31
CA SER E 218 52.23 -10.73 -15.61
C SER E 218 52.06 -11.27 -14.18
N THR E 219 51.01 -10.81 -13.49
CA THR E 219 50.72 -11.33 -12.15
C THR E 219 50.39 -12.81 -12.22
N ASN E 220 49.68 -13.24 -13.27
CA ASN E 220 49.36 -14.66 -13.44
C ASN E 220 50.63 -15.49 -13.58
N ARG E 221 51.57 -15.01 -14.39
CA ARG E 221 52.81 -15.77 -14.59
C ARG E 221 53.62 -15.84 -13.30
N LEU E 222 53.78 -14.70 -12.61
CA LEU E 222 54.54 -14.69 -11.36
C LEU E 222 53.88 -15.58 -10.31
N LEU E 223 52.56 -15.49 -10.17
CA LEU E 223 51.87 -16.29 -9.17
C LEU E 223 51.87 -17.77 -9.53
N ASN E 224 51.86 -18.11 -10.82
CA ASN E 224 52.01 -19.50 -11.22
C ASN E 224 53.36 -20.05 -10.80
N ILE E 225 54.43 -19.28 -11.04
CA ILE E 225 55.77 -19.73 -10.64
C ILE E 225 55.86 -19.87 -9.11
N VAL E 226 55.26 -18.93 -8.39
CA VAL E 226 55.31 -19.00 -6.94
C VAL E 226 54.47 -20.15 -6.43
N SER E 227 53.33 -20.42 -7.08
CA SER E 227 52.49 -21.52 -6.65
C SER E 227 53.17 -22.86 -6.89
N GLN E 228 53.88 -22.99 -8.01
CA GLN E 228 54.61 -24.24 -8.24
C GLN E 228 55.89 -24.33 -7.42
N ARG E 229 56.28 -23.26 -6.72
CA ARG E 229 57.36 -23.34 -5.74
C ARG E 229 56.85 -23.17 -4.31
N ASN E 230 55.54 -23.27 -4.12
CA ASN E 230 54.94 -23.24 -2.78
C ASN E 230 55.63 -24.20 -1.81
N ASP E 231 56.13 -25.34 -2.29
CA ASP E 231 56.87 -26.24 -1.42
C ASP E 231 58.16 -25.59 -0.92
N THR E 232 58.87 -24.89 -1.81
CA THR E 232 60.04 -24.12 -1.39
C THR E 232 59.65 -23.04 -0.40
N LEU E 233 58.50 -22.38 -0.63
CA LEU E 233 58.04 -21.36 0.30
C LEU E 233 57.79 -21.92 1.69
N ASP E 234 57.14 -23.08 1.76
CA ASP E 234 56.90 -23.72 3.05
C ASP E 234 58.22 -24.10 3.71
N ARG E 235 59.16 -24.64 2.94
CA ARG E 235 60.43 -25.05 3.52
C ARG E 235 61.23 -23.84 4.00
N VAL E 236 61.06 -22.68 3.35
CA VAL E 236 61.70 -21.46 3.80
C VAL E 236 61.07 -20.99 5.11
N LEU E 237 59.73 -20.90 5.14
CA LEU E 237 59.06 -20.36 6.31
C LEU E 237 59.12 -21.31 7.51
N THR E 238 59.47 -22.58 7.30
CA THR E 238 59.61 -23.49 8.44
C THR E 238 60.97 -23.38 9.13
N GLU E 239 62.02 -22.95 8.42
CA GLU E 239 63.37 -23.06 8.95
C GLU E 239 64.18 -21.77 8.92
N PHE E 240 63.81 -20.77 8.14
CA PHE E 240 64.56 -19.51 8.11
C PHE E 240 64.26 -18.57 9.29
N PRO E 241 63.00 -18.41 9.73
CA PRO E 241 62.74 -17.51 10.87
C PRO E 241 63.53 -17.87 12.13
N PRO E 242 63.69 -19.16 12.48
CA PRO E 242 64.56 -19.46 13.65
C PRO E 242 66.00 -19.02 13.44
N LEU E 243 66.54 -19.22 12.24
CA LEU E 243 67.91 -18.80 11.96
C LEU E 243 68.06 -17.29 12.08
N ILE E 244 67.11 -16.55 11.51
CA ILE E 244 67.16 -15.09 11.57
C ILE E 244 67.03 -14.61 13.01
N GLN E 245 66.14 -15.24 13.78
CA GLN E 245 65.97 -14.87 15.18
C GLN E 245 67.24 -15.12 15.98
N HIS E 246 67.90 -16.26 15.77
CA HIS E 246 69.12 -16.53 16.50
C HIS E 246 70.24 -15.60 16.06
N PHE E 247 70.32 -15.26 14.77
CA PHE E 247 71.31 -14.28 14.32
C PHE E 247 71.09 -12.94 14.99
N ALA E 248 69.83 -12.51 15.09
CA ALA E 248 69.51 -11.28 15.80
C ALA E 248 69.87 -11.37 17.27
N GLU E 249 69.79 -12.58 17.85
CA GLU E 249 70.20 -12.75 19.24
C GLU E 249 71.70 -12.55 19.42
N THR E 250 72.51 -12.95 18.44
CA THR E 250 73.96 -12.95 18.58
C THR E 250 74.64 -12.03 17.55
N ARG E 251 73.96 -10.96 17.15
CA ARG E 251 74.56 -10.00 16.23
C ARG E 251 75.81 -9.35 16.83
N ASP E 252 75.74 -9.01 18.13
CA ASP E 252 76.87 -8.36 18.79
C ASP E 252 78.08 -9.27 18.81
N LEU E 253 77.89 -10.56 19.09
CA LEU E 253 79.00 -11.49 19.12
C LEU E 253 79.62 -11.66 17.74
N PHE E 254 78.79 -11.73 16.70
CA PHE E 254 79.31 -11.83 15.34
C PHE E 254 80.11 -10.59 14.97
N ALA E 255 79.60 -9.41 15.31
CA ALA E 255 80.34 -8.18 15.02
C ALA E 255 81.67 -8.15 15.77
N ASP E 256 81.66 -8.57 17.03
CA ASP E 256 82.89 -8.61 17.81
C ASP E 256 83.91 -9.58 17.20
N ALA E 257 83.44 -10.74 16.75
CA ALA E 257 84.33 -11.72 16.13
C ALA E 257 84.94 -11.16 14.85
N VAL E 258 84.12 -10.52 14.01
CA VAL E 258 84.62 -9.96 12.77
C VAL E 258 85.63 -8.84 13.06
N THR E 259 85.33 -7.99 14.04
CA THR E 259 86.25 -6.90 14.36
C THR E 259 87.56 -7.40 14.94
N ALA E 260 87.51 -8.43 15.79
CA ALA E 260 88.75 -9.00 16.33
C ALA E 260 89.59 -9.64 15.24
N LEU E 261 88.95 -10.38 14.32
CA LEU E 261 89.69 -10.97 13.22
C LEU E 261 90.27 -9.89 12.32
N GLY E 262 89.54 -8.79 12.10
CA GLY E 262 90.09 -7.70 11.31
C GLY E 262 91.25 -7.01 12.01
N ARG E 263 91.17 -6.87 13.33
CA ARG E 263 92.27 -6.29 14.09
C ARG E 263 93.52 -7.14 13.95
N LEU E 264 93.38 -8.46 14.06
CA LEU E 264 94.52 -9.35 13.85
C LEU E 264 95.03 -9.25 12.41
N SER E 265 94.11 -9.23 11.45
CA SER E 265 94.51 -9.34 10.04
C SER E 265 95.15 -8.06 9.52
N ALA E 266 94.79 -6.89 10.07
CA ALA E 266 95.44 -5.66 9.64
C ALA E 266 96.92 -5.67 9.99
N ALA E 267 97.24 -6.02 11.24
CA ALA E 267 98.63 -6.12 11.66
C ALA E 267 99.35 -7.23 10.91
N ALA E 268 98.69 -8.37 10.71
CA ALA E 268 99.31 -9.45 9.94
C ALA E 268 99.62 -9.01 8.51
N ASP E 269 98.69 -8.29 7.88
CA ASP E 269 98.89 -7.83 6.52
C ASP E 269 100.03 -6.82 6.44
N GLU E 270 100.10 -5.88 7.37
CA GLU E 270 101.18 -4.90 7.33
C GLU E 270 102.54 -5.59 7.56
N THR E 271 102.60 -6.55 8.47
CA THR E 271 103.85 -7.25 8.73
C THR E 271 104.27 -8.09 7.52
N LEU E 272 103.33 -8.81 6.92
CA LEU E 272 103.66 -9.69 5.80
C LEU E 272 103.79 -8.96 4.47
N SER E 273 103.40 -7.69 4.41
CA SER E 273 103.64 -6.89 3.22
C SER E 273 104.92 -6.08 3.34
N GLY E 274 105.28 -5.66 4.56
CA GLY E 274 106.53 -4.97 4.77
C GLY E 274 107.73 -5.87 4.91
N SER E 275 107.53 -7.19 4.89
CA SER E 275 108.62 -8.14 5.06
C SER E 275 108.51 -9.31 4.08
N ASN E 276 107.95 -9.09 2.90
CA ASN E 276 107.94 -10.14 1.89
C ASN E 276 109.24 -10.15 1.10
N ALA E 277 109.53 -9.06 0.38
CA ALA E 277 110.72 -8.99 -0.45
C ALA E 277 112.00 -9.02 0.38
N ASN E 278 112.01 -8.33 1.53
CA ASN E 278 113.19 -8.35 2.38
C ASN E 278 113.47 -9.75 2.91
N LEU E 279 112.43 -10.46 3.36
CA LEU E 279 112.63 -11.83 3.83
C LEU E 279 113.09 -12.74 2.70
N HIS E 280 112.51 -12.57 1.51
CA HIS E 280 112.93 -13.39 0.36
C HIS E 280 114.39 -13.16 0.05
N THR E 281 114.83 -11.91 0.00
CA THR E 281 116.22 -11.60 -0.31
C THR E 281 117.16 -12.10 0.79
N ASN E 282 116.76 -11.94 2.05
CA ASN E 282 117.59 -12.41 3.15
C ASN E 282 117.76 -13.93 3.12
N LEU E 283 116.67 -14.66 2.84
CA LEU E 283 116.77 -16.12 2.73
C LEU E 283 117.63 -16.52 1.54
N GLN E 284 117.45 -15.85 0.40
CA GLN E 284 118.23 -16.17 -0.79
C GLN E 284 119.72 -15.94 -0.54
N ASN E 285 120.06 -14.89 0.19
CA ASN E 285 121.46 -14.62 0.49
C ASN E 285 122.00 -15.56 1.56
N LEU E 286 121.18 -15.90 2.57
CA LEU E 286 121.64 -16.73 3.67
C LEU E 286 121.65 -18.21 3.34
N GLN E 287 121.12 -18.62 2.18
CA GLN E 287 121.20 -20.03 1.80
C GLN E 287 122.63 -20.54 1.78
N ARG E 288 123.53 -19.82 1.10
CA ARG E 288 124.92 -20.28 1.00
C ARG E 288 125.64 -20.36 2.33
N PRO E 289 125.59 -19.34 3.22
CA PRO E 289 126.22 -19.53 4.54
C PRO E 289 125.65 -20.69 5.32
N LEU E 290 124.34 -20.95 5.21
CA LEU E 290 123.75 -22.10 5.87
C LEU E 290 124.32 -23.41 5.33
N LYS E 291 124.46 -23.53 4.01
CA LYS E 291 125.02 -24.73 3.41
C LYS E 291 126.46 -24.94 3.85
N GLN E 292 127.26 -23.87 3.81
CA GLN E 292 128.66 -24.01 4.19
C GLN E 292 128.84 -24.27 5.68
N LEU E 293 127.92 -23.75 6.51
CA LEU E 293 127.96 -24.08 7.93
C LEU E 293 127.53 -25.51 8.18
N GLY E 294 126.59 -26.03 7.38
CA GLY E 294 126.27 -27.45 7.46
C GLY E 294 127.45 -28.32 7.07
N ARG E 295 128.23 -27.86 6.09
CA ARG E 295 129.46 -28.59 5.74
C ARG E 295 130.43 -28.61 6.90
N ALA E 296 130.58 -27.48 7.60
CA ALA E 296 131.53 -27.35 8.70
C ALA E 296 130.91 -27.61 10.06
N ALA E 297 129.66 -28.06 10.11
CA ALA E 297 129.02 -28.34 11.39
C ALA E 297 129.73 -29.38 12.25
N PRO E 298 130.22 -30.52 11.72
CA PRO E 298 130.94 -31.46 12.60
C PRO E 298 132.18 -30.87 13.26
N TYR E 299 132.90 -29.99 12.58
CA TYR E 299 134.15 -29.45 13.10
C TYR E 299 133.96 -28.18 13.92
N LEU E 300 132.75 -27.62 13.96
CA LEU E 300 132.54 -26.35 14.64
C LEU E 300 132.73 -26.47 16.14
N VAL E 301 132.28 -27.58 16.74
CA VAL E 301 132.41 -27.75 18.18
C VAL E 301 133.87 -27.81 18.60
N GLY E 302 134.71 -28.43 17.76
CA GLY E 302 136.14 -28.43 18.04
C GLY E 302 136.82 -27.12 17.70
N ALA E 303 136.30 -26.41 16.69
CA ALA E 303 136.90 -25.13 16.32
C ALA E 303 136.61 -24.05 17.36
N LEU E 304 135.49 -24.17 18.10
CA LEU E 304 135.18 -23.19 19.12
C LEU E 304 136.24 -23.13 20.21
N LYS E 305 137.05 -24.18 20.35
CA LYS E 305 138.19 -24.13 21.26
C LYS E 305 139.24 -23.11 20.81
N LEU E 306 139.26 -22.74 19.54
CA LEU E 306 140.30 -21.85 19.06
C LEU E 306 139.79 -20.69 18.21
N ILE E 307 138.64 -20.86 17.54
CA ILE E 307 138.22 -19.87 16.55
C ILE E 307 137.89 -18.52 17.15
N LEU E 308 137.70 -18.45 18.47
CA LEU E 308 137.48 -17.16 19.13
C LEU E 308 138.80 -16.54 19.58
N THR E 309 139.55 -17.26 20.41
CA THR E 309 140.90 -16.87 20.83
C THR E 309 141.87 -17.61 19.92
N VAL E 310 142.26 -16.95 18.82
CA VAL E 310 143.01 -17.65 17.77
C VAL E 310 144.36 -18.20 18.26
N PRO E 311 145.20 -17.46 18.99
CA PRO E 311 146.47 -18.04 19.43
C PRO E 311 146.41 -18.82 20.73
N PHE E 312 145.33 -18.71 21.51
CA PHE E 312 145.22 -19.36 22.81
C PHE E 312 144.21 -20.49 22.73
N ASN E 313 144.57 -21.65 23.27
CA ASN E 313 143.63 -22.77 23.39
C ASN E 313 143.06 -22.77 24.79
N ILE E 314 141.72 -22.80 24.88
CA ILE E 314 141.01 -22.61 26.14
C ILE E 314 141.29 -23.72 27.15
N ASP E 315 141.70 -24.91 26.70
CA ASP E 315 141.80 -26.06 27.60
C ASP E 315 142.85 -25.86 28.67
N ASN E 316 144.02 -25.33 28.30
CA ASN E 316 145.17 -25.28 29.21
C ASN E 316 145.51 -23.86 29.64
N ILE E 317 144.61 -22.89 29.44
CA ILE E 317 144.84 -21.54 29.95
C ILE E 317 145.01 -21.48 31.45
N PRO E 318 144.18 -22.13 32.28
CA PRO E 318 144.30 -21.94 33.74
C PRO E 318 145.63 -22.38 34.32
N LYS E 319 146.39 -23.23 33.63
CA LYS E 319 147.67 -23.69 34.15
C LYS E 319 148.87 -23.07 33.47
N ALA E 320 148.74 -22.62 32.23
CA ALA E 320 149.84 -21.89 31.59
C ALA E 320 150.02 -20.51 32.20
N ILE E 321 148.92 -19.78 32.39
CA ILE E 321 148.94 -18.41 32.88
C ILE E 321 148.54 -18.42 34.33
N ARG E 322 149.50 -18.24 35.24
CA ARG E 322 149.23 -18.27 36.67
C ARG E 322 149.03 -16.87 37.24
N GLY E 323 148.13 -16.10 36.63
CA GLY E 323 147.84 -14.76 37.11
C GLY E 323 148.25 -13.65 36.16
N ASP E 324 149.21 -12.83 36.59
CA ASP E 324 149.62 -11.65 35.85
C ASP E 324 150.75 -11.93 34.86
N TYR E 325 151.29 -13.14 34.81
CA TYR E 325 152.44 -13.45 33.96
C TYR E 325 152.18 -14.73 33.17
N ILE E 326 152.25 -14.63 31.85
CA ILE E 326 152.20 -15.82 31.01
C ILE E 326 153.50 -16.59 31.16
N ASN E 327 153.40 -17.88 31.46
CA ASN E 327 154.58 -18.73 31.50
C ASN E 327 155.03 -19.05 30.08
N VAL E 328 156.33 -19.32 29.94
CA VAL E 328 156.91 -19.65 28.65
C VAL E 328 158.25 -20.33 28.89
N SER E 329 158.65 -21.17 27.95
CA SER E 329 159.96 -21.83 27.99
C SER E 329 160.72 -21.39 26.75
N LEU E 330 161.89 -20.79 26.96
CA LEU E 330 162.65 -20.19 25.87
C LEU E 330 163.66 -21.20 25.34
N LYS E 331 163.59 -21.48 24.05
CA LYS E 331 164.54 -22.34 23.36
C LYS E 331 165.33 -21.44 22.40
N LEU E 332 166.40 -20.85 22.92
CA LEU E 332 167.24 -19.94 22.14
C LEU E 332 168.08 -20.76 21.18
N ASP E 333 167.61 -20.90 19.93
CA ASP E 333 168.31 -21.70 18.93
C ASP E 333 169.20 -20.79 18.09
N LEU E 334 170.47 -21.19 17.97
CA LEU E 334 171.46 -20.46 17.20
C LEU E 334 172.03 -21.31 16.07
N THR E 335 171.25 -22.29 15.62
CA THR E 335 171.66 -23.14 14.51
C THR E 335 171.75 -22.32 13.23
N LEU E 336 172.65 -22.76 12.33
CA LEU E 336 172.88 -22.02 11.09
C LEU E 336 171.63 -21.93 10.23
N SER E 337 170.67 -22.85 10.37
CA SER E 337 169.41 -22.72 9.66
C SER E 337 168.62 -21.51 10.16
N SER E 338 168.53 -21.36 11.48
CA SER E 338 167.83 -20.21 12.05
C SER E 338 168.53 -18.91 11.70
N VAL E 339 169.86 -18.90 11.72
CA VAL E 339 170.61 -17.70 11.35
C VAL E 339 170.39 -17.35 9.89
N ASP E 340 170.40 -18.36 9.01
CA ASP E 340 170.21 -18.10 7.58
C ASP E 340 168.81 -17.59 7.30
N ASN E 341 167.79 -18.16 7.95
CA ASN E 341 166.43 -17.71 7.70
C ASN E 341 166.17 -16.34 8.30
N ALA E 342 166.73 -16.08 9.49
CA ALA E 342 166.42 -14.84 10.19
C ALA E 342 167.11 -13.64 9.54
N PHE E 343 168.39 -13.75 9.22
CA PHE E 343 169.18 -12.59 8.80
C PHE E 343 169.41 -12.55 7.30
N LEU E 344 169.98 -13.60 6.72
CA LEU E 344 170.50 -13.56 5.36
C LEU E 344 169.44 -13.83 4.30
N SER E 345 168.15 -13.84 4.68
CA SER E 345 167.10 -14.09 3.71
C SER E 345 166.89 -12.87 2.82
N GLY E 346 166.58 -13.12 1.55
CA GLY E 346 166.24 -12.07 0.62
C GLY E 346 167.40 -11.37 -0.04
N THR E 347 168.64 -11.78 0.25
CA THR E 347 169.83 -11.16 -0.30
C THR E 347 170.57 -12.16 -1.19
N GLY E 348 171.74 -11.76 -1.66
CA GLY E 348 172.57 -12.59 -2.52
C GLY E 348 173.41 -13.62 -1.81
N VAL E 349 173.36 -13.66 -0.48
CA VAL E 349 174.10 -14.66 0.28
C VAL E 349 173.12 -15.57 1.01
N SER E 350 171.94 -15.77 0.41
CA SER E 350 170.93 -16.64 1.01
C SER E 350 171.41 -18.08 1.12
N GLY E 351 172.33 -18.49 0.26
CA GLY E 351 172.90 -19.83 0.32
C GLY E 351 174.32 -19.93 0.82
N MET E 352 174.86 -18.88 1.44
CA MET E 352 176.25 -18.92 1.88
C MET E 352 176.49 -19.97 2.95
N LEU E 353 175.59 -20.05 3.94
CA LEU E 353 175.73 -21.00 5.02
C LEU E 353 174.56 -21.96 5.17
N ARG E 354 173.55 -21.87 4.29
CA ARG E 354 172.50 -22.88 4.27
C ARG E 354 173.06 -24.24 3.83
N ALA E 355 173.78 -24.25 2.70
CA ALA E 355 174.44 -25.46 2.26
C ALA E 355 175.55 -25.89 3.21
N LEU E 356 176.10 -24.96 4.00
CA LEU E 356 177.11 -25.32 4.98
C LEU E 356 176.53 -26.24 6.05
N GLU E 357 175.31 -25.95 6.51
CA GLU E 357 174.63 -26.84 7.44
C GLU E 357 174.11 -28.09 6.73
N GLN E 358 173.58 -27.92 5.52
CA GLN E 358 173.02 -29.06 4.78
C GLN E 358 174.11 -30.07 4.42
N ALA E 359 175.32 -29.59 4.12
CA ALA E 359 176.44 -30.50 3.86
C ALA E 359 176.90 -31.23 5.12
N TRP E 360 176.58 -30.71 6.30
CA TRP E 360 176.91 -31.38 7.55
C TRP E 360 175.87 -32.47 7.83
N GLY E 361 175.88 -33.00 9.05
CA GLY E 361 175.04 -34.12 9.42
C GLY E 361 173.57 -33.79 9.59
N ARG E 362 173.21 -32.51 9.59
CA ARG E 362 171.81 -32.14 9.72
C ARG E 362 171.03 -32.53 8.47
N ASP E 363 169.73 -32.78 8.67
CA ASP E 363 168.82 -33.25 7.64
C ASP E 363 167.81 -32.17 7.27
N PRO E 364 167.40 -32.09 6.00
CA PRO E 364 166.41 -31.07 5.62
C PRO E 364 165.07 -31.18 6.34
N ALA E 365 164.67 -32.38 6.77
CA ALA E 365 163.38 -32.54 7.41
C ALA E 365 163.30 -31.79 8.74
N THR E 366 164.36 -31.87 9.54
CA THR E 366 164.38 -31.22 10.84
C THR E 366 164.79 -29.75 10.78
N MET E 367 165.16 -29.25 9.61
CA MET E 367 165.51 -27.85 9.42
C MET E 367 164.29 -27.06 8.98
N ILE E 368 164.25 -25.79 9.39
CA ILE E 368 163.19 -24.89 8.94
C ILE E 368 163.29 -24.73 7.42
N PRO E 369 162.17 -24.74 6.68
CA PRO E 369 162.25 -24.83 5.22
C PRO E 369 163.04 -23.70 4.58
N ASP E 370 163.75 -24.04 3.51
CA ASP E 370 164.53 -23.08 2.74
C ASP E 370 163.58 -22.28 1.86
N VAL E 371 163.34 -21.01 2.24
CA VAL E 371 162.29 -20.20 1.64
C VAL E 371 162.53 -19.93 0.16
N ARG E 372 163.74 -20.13 -0.34
CA ARG E 372 164.02 -19.85 -1.74
C ARG E 372 163.66 -21.00 -2.66
N PHE E 373 163.36 -22.18 -2.13
CA PHE E 373 163.08 -23.35 -2.95
C PHE E 373 161.74 -24.02 -2.67
N THR E 374 161.29 -24.04 -1.42
CA THR E 374 160.01 -24.67 -1.11
C THR E 374 158.86 -23.89 -1.74
N PRO E 375 157.98 -24.54 -2.49
CA PRO E 375 156.90 -23.81 -3.16
C PRO E 375 155.89 -23.29 -2.15
N ASN E 376 155.24 -22.20 -2.52
CA ASN E 376 154.18 -21.60 -1.71
C ASN E 376 152.86 -21.64 -2.47
N PRO E 377 151.72 -21.56 -1.76
CA PRO E 377 150.42 -21.63 -2.45
C PRO E 377 150.19 -20.56 -3.51
N HIS E 378 151.01 -19.52 -3.57
CA HIS E 378 150.82 -18.48 -4.58
C HIS E 378 151.39 -18.91 -5.93
N ASP E 379 152.70 -19.15 -6.00
CA ASP E 379 153.38 -19.40 -7.27
C ASP E 379 153.67 -20.89 -7.51
N ALA E 380 153.00 -21.78 -6.78
CA ALA E 380 153.22 -23.20 -6.97
C ALA E 380 152.77 -23.63 -8.37
N PRO E 381 153.34 -24.70 -8.91
CA PRO E 381 152.92 -25.18 -10.24
C PRO E 381 151.44 -25.55 -10.26
N GLY E 382 150.82 -25.33 -11.41
CA GLY E 382 149.40 -25.52 -11.55
C GLY E 382 148.55 -24.32 -11.18
N GLY E 383 149.16 -23.15 -11.04
CA GLY E 383 148.43 -21.95 -10.66
C GLY E 383 148.33 -21.81 -9.16
N PRO E 384 147.64 -20.77 -8.71
CA PRO E 384 147.44 -20.58 -7.26
C PRO E 384 146.68 -21.75 -6.65
N LEU E 385 147.06 -22.11 -5.43
CA LEU E 385 146.47 -23.26 -4.74
C LEU E 385 145.49 -22.73 -3.69
N VAL E 386 144.24 -22.52 -4.12
CA VAL E 386 143.20 -21.96 -3.28
C VAL E 386 141.98 -22.88 -3.31
N GLU E 387 141.34 -23.06 -2.16
CA GLU E 387 140.10 -23.81 -2.07
C GLU E 387 138.95 -22.87 -1.76
N ARG E 388 137.90 -22.94 -2.56
CA ARG E 388 136.73 -22.08 -2.41
C ARG E 388 135.49 -22.94 -2.23
N GLY E 389 134.66 -22.59 -1.25
CA GLY E 389 133.46 -23.35 -0.98
C GLY E 389 132.28 -22.90 -1.80
N GLU E 390 132.00 -23.60 -2.90
CA GLU E 390 130.87 -23.26 -3.75
C GLU E 390 130.08 -24.52 -4.13
N MET F 1 -85.37 37.73 7.52
CA MET F 1 -85.37 36.51 6.72
C MET F 1 -84.22 35.59 7.11
N LEU F 2 -84.55 34.34 7.43
CA LEU F 2 -83.58 33.28 7.76
C LEU F 2 -82.78 33.75 8.97
N LEU F 3 -81.45 33.78 8.92
CA LEU F 3 -80.59 34.20 10.03
C LEU F 3 -80.82 33.35 11.28
N THR F 4 -80.65 32.04 11.11
CA THR F 4 -80.85 31.11 12.23
C THR F 4 -79.76 31.24 13.29
N ARG F 5 -78.61 31.80 12.92
CA ARG F 5 -77.43 32.03 13.76
C ARG F 5 -76.68 30.73 14.06
N PHE F 6 -77.23 29.59 13.66
CA PHE F 6 -76.44 28.37 13.59
C PHE F 6 -75.75 28.25 12.24
N ILE F 7 -76.47 28.62 11.17
CA ILE F 7 -75.85 28.80 9.87
C ILE F 7 -74.77 29.87 9.95
N LYS F 8 -75.03 30.94 10.72
CA LYS F 8 -74.01 31.97 10.92
C LYS F 8 -72.79 31.40 11.65
N MET F 9 -73.01 30.55 12.64
CA MET F 9 -71.89 29.92 13.35
C MET F 9 -71.07 29.04 12.41
N GLN F 10 -71.74 28.23 11.60
CA GLN F 10 -71.03 27.43 10.61
C GLN F 10 -70.26 28.31 9.64
N LEU F 11 -70.87 29.41 9.21
CA LEU F 11 -70.22 30.31 8.26
C LEU F 11 -68.96 30.93 8.86
N VAL F 12 -69.04 31.40 10.12
CA VAL F 12 -67.88 32.06 10.71
C VAL F 12 -66.77 31.06 11.00
N ILE F 13 -67.11 29.85 11.46
CA ILE F 13 -66.04 28.87 11.70
C ILE F 13 -65.41 28.42 10.38
N PHE F 14 -66.23 28.29 9.33
CA PHE F 14 -65.68 27.96 8.02
C PHE F 14 -64.79 29.06 7.50
N LEU F 15 -65.17 30.33 7.72
CA LEU F 15 -64.33 31.44 7.28
C LEU F 15 -63.01 31.47 8.04
N THR F 16 -63.05 31.21 9.35
CA THR F 16 -61.82 31.17 10.13
C THR F 16 -60.89 30.06 9.63
N LEU F 17 -61.45 28.86 9.42
CA LEU F 17 -60.64 27.76 8.90
C LEU F 17 -60.10 28.08 7.52
N THR F 18 -60.92 28.72 6.68
CA THR F 18 -60.49 29.12 5.34
C THR F 18 -59.30 30.07 5.40
N LEU F 19 -59.40 31.11 6.23
CA LEU F 19 -58.31 32.08 6.31
C LEU F 19 -57.05 31.43 6.84
N VAL F 20 -57.17 30.60 7.88
CA VAL F 20 -55.99 29.93 8.44
C VAL F 20 -55.32 29.04 7.40
N ALA F 21 -56.11 28.20 6.72
CA ALA F 21 -55.56 27.29 5.74
C ALA F 21 -54.94 28.03 4.56
N LEU F 22 -55.61 29.07 4.07
CA LEU F 22 -55.10 29.81 2.93
C LEU F 22 -53.80 30.53 3.27
N VAL F 23 -53.72 31.15 4.45
CA VAL F 23 -52.49 31.84 4.84
C VAL F 23 -51.35 30.84 5.02
N VAL F 24 -51.62 29.70 5.68
CA VAL F 24 -50.57 28.71 5.89
C VAL F 24 -50.07 28.16 4.56
N LEU F 25 -51.00 27.84 3.64
CA LEU F 25 -50.60 27.34 2.33
C LEU F 25 -49.79 28.39 1.55
N ALA F 26 -50.23 29.65 1.61
CA ALA F 26 -49.55 30.70 0.86
C ALA F 26 -48.14 30.94 1.39
N LEU F 27 -47.96 30.92 2.71
CA LEU F 27 -46.67 31.29 3.28
C LEU F 27 -45.73 30.09 3.42
N PHE F 28 -46.14 29.07 4.19
CA PHE F 28 -45.21 28.03 4.60
C PHE F 28 -45.00 26.96 3.54
N TYR F 29 -45.89 26.85 2.55
CA TYR F 29 -45.77 25.80 1.53
C TYR F 29 -45.54 26.35 0.14
N LEU F 30 -46.41 27.24 -0.35
CA LEU F 30 -46.23 27.80 -1.68
C LEU F 30 -45.12 28.84 -1.73
N ARG F 31 -44.87 29.51 -0.59
CA ARG F 31 -43.90 30.61 -0.51
C ARG F 31 -44.21 31.69 -1.56
N LEU F 32 -45.44 32.22 -1.47
CA LEU F 32 -45.85 33.27 -2.38
C LEU F 32 -44.98 34.52 -2.34
N PRO F 33 -44.52 35.04 -1.19
CA PRO F 33 -43.61 36.20 -1.24
C PRO F 33 -42.35 35.95 -2.06
N THR F 34 -41.77 34.74 -1.95
CA THR F 34 -40.59 34.42 -2.74
C THR F 34 -40.89 34.39 -4.23
N TRP F 35 -42.02 33.78 -4.61
CA TRP F 35 -42.39 33.72 -6.02
C TRP F 35 -42.67 35.11 -6.58
N ALA F 36 -43.38 35.95 -5.81
CA ALA F 36 -43.70 37.29 -6.30
C ALA F 36 -42.48 38.20 -6.27
N GLY F 37 -41.66 38.11 -5.21
CA GLY F 37 -40.48 38.93 -5.10
C GLY F 37 -40.57 39.94 -3.98
N LEU F 38 -41.30 39.58 -2.92
CA LEU F 38 -41.44 40.47 -1.77
C LEU F 38 -40.27 40.29 -0.82
N GLY F 39 -39.63 41.40 -0.45
CA GLY F 39 -38.47 41.33 0.41
C GLY F 39 -37.21 40.89 -0.26
N MET F 40 -37.11 41.03 -1.58
CA MET F 40 -35.92 40.64 -2.32
C MET F 40 -35.59 41.71 -3.35
N TYR F 41 -34.31 41.77 -3.73
CA TYR F 41 -33.84 42.71 -4.72
C TYR F 41 -33.26 41.97 -5.93
N LYS F 42 -33.28 42.63 -7.08
CA LYS F 42 -32.95 42.01 -8.35
C LYS F 42 -31.48 42.19 -8.67
N LEU F 43 -30.86 41.13 -9.16
CA LEU F 43 -29.46 41.15 -9.58
C LEU F 43 -29.33 40.47 -10.93
N ASN F 44 -28.23 40.76 -11.62
CA ASN F 44 -27.96 40.20 -12.93
C ASN F 44 -26.56 39.61 -12.95
N ALA F 45 -26.29 38.84 -14.01
CA ALA F 45 -24.99 38.20 -14.17
C ALA F 45 -24.80 37.86 -15.65
N ASP F 46 -23.55 37.95 -16.10
CA ASP F 46 -23.17 37.59 -17.46
C ASP F 46 -22.27 36.36 -17.42
N LEU F 47 -22.54 35.41 -18.31
CA LEU F 47 -21.78 34.17 -18.32
C LEU F 47 -21.23 33.92 -19.71
N PRO F 48 -20.04 33.29 -19.81
CA PRO F 48 -19.59 32.81 -21.12
C PRO F 48 -20.49 31.74 -21.69
N ASN F 49 -21.08 30.91 -20.84
CA ASN F 49 -22.01 29.86 -21.22
C ASN F 49 -22.96 29.66 -20.05
N SER F 50 -24.15 29.17 -20.35
CA SER F 50 -25.14 28.96 -19.28
C SER F 50 -24.68 27.91 -18.28
N GLY F 51 -23.99 26.88 -18.76
CA GLY F 51 -23.59 25.82 -17.86
C GLY F 51 -24.73 24.96 -17.39
N GLY F 52 -25.83 24.92 -18.15
CA GLY F 52 -27.00 24.19 -17.77
C GLY F 52 -27.94 24.89 -16.82
N LEU F 53 -27.67 26.15 -16.48
CA LEU F 53 -28.52 26.89 -15.56
C LEU F 53 -29.89 27.12 -16.18
N TYR F 54 -30.92 27.07 -15.34
CA TYR F 54 -32.30 27.19 -15.78
C TYR F 54 -33.05 28.12 -14.83
N ALA F 55 -34.22 28.56 -15.26
CA ALA F 55 -35.07 29.37 -14.40
C ALA F 55 -35.55 28.57 -13.20
N THR F 56 -35.78 29.29 -12.10
CA THR F 56 -36.18 28.75 -10.79
C THR F 56 -35.08 27.94 -10.11
N ALA F 57 -33.86 27.97 -10.63
CA ALA F 57 -32.74 27.32 -9.97
C ALA F 57 -32.30 28.14 -8.76
N ASN F 58 -31.73 27.44 -7.77
CA ASN F 58 -31.31 28.10 -6.55
C ASN F 58 -30.09 28.99 -6.80
N VAL F 59 -30.09 30.15 -6.14
CA VAL F 59 -28.90 31.00 -6.05
C VAL F 59 -28.29 30.78 -4.68
N THR F 60 -26.99 30.49 -4.64
CA THR F 60 -26.33 30.16 -3.39
C THR F 60 -25.13 31.07 -3.17
N TYR F 61 -24.80 31.26 -1.90
CA TYR F 61 -23.57 31.93 -1.49
C TYR F 61 -22.77 30.94 -0.66
N ARG F 62 -21.72 30.37 -1.26
CA ARG F 62 -20.91 29.30 -0.66
C ARG F 62 -21.78 28.10 -0.27
N GLY F 63 -22.77 27.79 -1.11
CA GLY F 63 -23.54 26.58 -0.99
C GLY F 63 -24.90 26.74 -0.33
N THR F 64 -25.12 27.82 0.42
CA THR F 64 -26.40 28.03 1.09
C THR F 64 -27.30 28.90 0.23
N THR F 65 -28.59 28.56 0.20
CA THR F 65 -29.53 29.27 -0.66
C THR F 65 -29.80 30.66 -0.13
N ILE F 66 -29.71 31.65 -1.02
CA ILE F 66 -29.96 33.05 -0.71
C ILE F 66 -30.89 33.70 -1.72
N GLY F 67 -31.41 32.94 -2.68
CA GLY F 67 -32.28 33.51 -3.70
C GLY F 67 -32.62 32.47 -4.73
N LYS F 68 -33.24 32.93 -5.82
CA LYS F 68 -33.64 32.05 -6.90
C LYS F 68 -33.39 32.73 -8.23
N VAL F 69 -33.14 31.93 -9.26
CA VAL F 69 -32.93 32.45 -10.60
C VAL F 69 -34.27 32.75 -11.23
N THR F 70 -34.45 33.99 -11.69
CA THR F 70 -35.71 34.39 -12.31
C THR F 70 -35.74 34.02 -13.80
N SER F 71 -34.67 34.31 -14.53
CA SER F 71 -34.65 34.02 -15.96
C SER F 71 -33.22 33.87 -16.44
N VAL F 72 -33.05 33.02 -17.45
CA VAL F 72 -31.78 32.85 -18.17
C VAL F 72 -32.07 33.01 -19.65
N GLU F 73 -31.31 33.87 -20.31
CA GLU F 73 -31.57 34.21 -21.70
C GLU F 73 -30.27 34.14 -22.51
N PRO F 74 -30.35 33.75 -23.78
CA PRO F 74 -29.16 33.81 -24.65
C PRO F 74 -28.80 35.25 -25.00
N SER F 75 -27.49 35.47 -25.14
CA SER F 75 -26.97 36.76 -25.54
C SER F 75 -25.87 36.55 -26.56
N GLU F 76 -25.35 37.65 -27.10
CA GLU F 76 -24.30 37.56 -28.10
C GLU F 76 -22.97 37.10 -27.49
N SER F 77 -22.68 37.50 -26.25
CA SER F 77 -21.43 37.19 -25.59
C SER F 77 -21.55 36.07 -24.57
N GLY F 78 -22.66 35.33 -24.57
CA GLY F 78 -22.83 34.26 -23.61
C GLY F 78 -24.28 34.11 -23.17
N ALA F 79 -24.51 34.16 -21.87
CA ALA F 79 -25.85 34.06 -21.31
C ALA F 79 -26.06 35.18 -20.28
N ARG F 80 -27.29 35.67 -20.21
CA ARG F 80 -27.67 36.70 -19.26
C ARG F 80 -28.62 36.09 -18.24
N VAL F 81 -28.27 36.24 -16.96
CA VAL F 81 -29.03 35.65 -15.87
C VAL F 81 -29.60 36.77 -15.01
N GLU F 82 -30.90 36.73 -14.77
CA GLU F 82 -31.57 37.65 -13.86
C GLU F 82 -32.11 36.84 -12.69
N MET F 83 -31.83 37.30 -11.46
CA MET F 83 -32.17 36.57 -10.26
C MET F 83 -32.68 37.53 -9.20
N ASN F 84 -33.34 36.98 -8.18
CA ASN F 84 -33.79 37.72 -7.03
C ASN F 84 -33.11 37.18 -5.79
N ILE F 85 -32.58 38.07 -4.95
CA ILE F 85 -31.83 37.69 -3.76
C ILE F 85 -32.46 38.37 -2.56
N TYR F 86 -32.60 37.63 -1.45
CA TYR F 86 -33.17 38.19 -0.24
C TYR F 86 -32.38 39.40 0.22
N ASP F 87 -33.09 40.44 0.64
CA ASP F 87 -32.44 41.68 1.09
C ASP F 87 -31.65 41.50 2.38
N ARG F 88 -31.85 40.41 3.10
CA ARG F 88 -31.04 40.12 4.28
C ARG F 88 -29.64 39.63 3.94
N TYR F 89 -29.39 39.27 2.68
CA TYR F 89 -28.09 38.80 2.22
C TYR F 89 -27.48 39.83 1.29
N LYS F 90 -26.31 40.33 1.66
CA LYS F 90 -25.55 41.27 0.85
C LYS F 90 -24.25 40.61 0.40
N ILE F 91 -24.01 40.62 -0.91
CA ILE F 91 -22.82 39.97 -1.46
C ILE F 91 -21.77 41.03 -1.79
N PRO F 92 -20.49 40.73 -1.61
CA PRO F 92 -19.45 41.72 -1.89
C PRO F 92 -19.37 42.06 -3.38
N ALA F 93 -18.81 43.24 -3.66
CA ALA F 93 -18.73 43.73 -5.02
C ALA F 93 -17.71 43.00 -5.88
N ASP F 94 -16.85 42.17 -5.28
CA ASP F 94 -15.85 41.41 -6.02
C ASP F 94 -16.24 39.95 -6.21
N ALA F 95 -17.51 39.61 -5.99
CA ALA F 95 -17.94 38.23 -6.07
C ALA F 95 -17.98 37.73 -7.51
N THR F 96 -17.92 36.42 -7.66
CA THR F 96 -17.95 35.76 -8.96
C THR F 96 -19.08 34.75 -8.99
N ALA F 97 -19.75 34.63 -10.13
CA ALA F 97 -20.88 33.75 -10.31
C ALA F 97 -20.41 32.45 -10.96
N ASN F 98 -20.43 31.36 -10.21
CA ASN F 98 -19.98 30.05 -10.68
C ASN F 98 -21.20 29.15 -10.84
N VAL F 99 -21.50 28.76 -12.07
CA VAL F 99 -22.55 27.75 -12.28
C VAL F 99 -22.02 26.41 -11.81
N HIS F 100 -22.87 25.65 -11.13
CA HIS F 100 -22.47 24.37 -10.55
C HIS F 100 -23.59 23.36 -10.70
N SER F 101 -23.25 22.09 -10.48
CA SER F 101 -24.21 20.99 -10.47
C SER F 101 -24.03 20.22 -9.18
N VAL F 102 -25.15 19.91 -8.52
CA VAL F 102 -25.08 19.30 -7.18
C VAL F 102 -24.50 17.89 -7.25
N SER F 103 -24.97 17.09 -8.20
CA SER F 103 -24.52 15.72 -8.33
C SER F 103 -24.45 15.35 -9.80
N ALA F 104 -24.16 14.08 -10.07
CA ALA F 104 -23.99 13.61 -11.43
C ALA F 104 -25.28 13.48 -12.21
N VAL F 105 -26.44 13.62 -11.55
CA VAL F 105 -27.71 13.51 -12.25
C VAL F 105 -28.25 14.86 -12.71
N GLY F 106 -27.86 15.95 -12.05
CA GLY F 106 -28.31 17.27 -12.46
C GLY F 106 -28.40 18.25 -11.32
N GLU F 107 -29.52 18.97 -11.23
CA GLU F 107 -29.78 20.00 -10.24
C GLU F 107 -28.74 21.12 -10.33
N GLN F 108 -28.79 21.81 -11.46
CA GLN F 108 -27.92 22.95 -11.69
C GLN F 108 -28.31 24.13 -10.80
N PHE F 109 -27.32 24.92 -10.43
CA PHE F 109 -27.54 26.13 -9.64
C PHE F 109 -26.39 27.09 -9.89
N ILE F 110 -26.43 28.24 -9.23
CA ILE F 110 -25.40 29.26 -9.37
C ILE F 110 -24.94 29.68 -7.97
N ASP F 111 -23.63 29.78 -7.79
CA ASP F 111 -23.03 30.12 -6.52
C ASP F 111 -22.31 31.46 -6.64
N LEU F 112 -22.36 32.25 -5.58
CA LEU F 112 -21.69 33.54 -5.51
C LEU F 112 -20.50 33.41 -4.57
N THR F 113 -19.29 33.45 -5.13
CA THR F 113 -18.06 33.21 -4.38
C THR F 113 -17.27 34.50 -4.30
N SER F 114 -16.99 34.96 -3.08
CA SER F 114 -16.17 36.14 -2.85
C SER F 114 -15.07 35.78 -1.88
N ASP F 115 -13.82 35.90 -2.34
CA ASP F 115 -12.67 35.56 -1.50
C ASP F 115 -12.54 36.52 -0.32
N SER F 116 -12.73 37.82 -0.57
CA SER F 116 -12.58 38.80 0.50
C SER F 116 -13.72 38.70 1.51
N GLY F 117 -14.96 38.59 1.03
CA GLY F 117 -16.10 38.52 1.92
C GLY F 117 -16.35 39.79 2.70
N GLY F 118 -16.13 40.95 2.08
CA GLY F 118 -16.37 42.20 2.76
C GLY F 118 -16.10 43.37 1.83
N GLY F 119 -16.38 44.57 2.34
CA GLY F 119 -16.16 45.77 1.56
C GLY F 119 -17.42 46.27 0.87
N ALA F 120 -17.27 46.79 -0.34
CA ALA F 120 -18.41 47.28 -1.11
C ALA F 120 -19.30 46.11 -1.52
N TYR F 121 -20.59 46.41 -1.65
CA TYR F 121 -21.59 45.41 -2.03
C TYR F 121 -22.29 45.84 -3.31
N PHE F 122 -22.80 44.85 -4.05
CA PHE F 122 -23.56 45.13 -5.26
C PHE F 122 -24.87 45.82 -4.94
N GLN F 123 -25.31 46.65 -5.86
CA GLN F 123 -26.59 47.34 -5.73
C GLN F 123 -27.62 46.68 -6.65
N PRO F 124 -28.91 46.77 -6.32
CA PRO F 124 -29.94 46.16 -7.16
C PRO F 124 -29.90 46.70 -8.59
N GLY F 125 -30.09 45.79 -9.55
CA GLY F 125 -30.01 46.13 -10.95
C GLY F 125 -28.63 46.04 -11.56
N ASP F 126 -27.59 45.78 -10.77
CA ASP F 126 -26.25 45.68 -11.30
C ASP F 126 -26.03 44.31 -11.95
N THR F 127 -24.84 44.13 -12.51
CA THR F 127 -24.49 42.91 -13.23
C THR F 127 -23.11 42.44 -12.80
N ILE F 128 -22.95 41.12 -12.70
CA ILE F 128 -21.65 40.51 -12.43
C ILE F 128 -21.08 40.02 -13.75
N THR F 129 -19.94 40.59 -14.15
CA THR F 129 -19.37 40.33 -15.47
C THR F 129 -18.35 39.20 -15.48
N LYS F 130 -17.87 38.75 -14.31
CA LYS F 130 -16.90 37.68 -14.22
C LYS F 130 -17.59 36.40 -13.76
N ALA F 131 -17.35 35.31 -14.48
CA ALA F 131 -18.05 34.05 -14.22
C ALA F 131 -17.20 32.89 -14.72
N THR F 132 -17.57 31.70 -14.28
CA THR F 132 -16.91 30.47 -14.71
C THR F 132 -17.95 29.39 -14.91
N VAL F 133 -17.59 28.39 -15.72
CA VAL F 133 -18.49 27.28 -16.06
C VAL F 133 -17.71 25.98 -15.94
N PRO F 134 -18.30 24.92 -15.36
CA PRO F 134 -17.58 23.65 -15.21
C PRO F 134 -17.29 23.01 -16.56
N ALA F 135 -16.24 22.19 -16.57
CA ALA F 135 -15.89 21.44 -17.77
C ALA F 135 -16.98 20.44 -18.11
N GLU F 136 -17.35 20.41 -19.39
CA GLU F 136 -18.44 19.56 -19.83
C GLU F 136 -18.01 18.09 -19.86
N VAL F 137 -19.01 17.21 -19.77
CA VAL F 137 -18.74 15.77 -19.75
C VAL F 137 -18.27 15.29 -21.12
N GLY F 138 -18.84 15.84 -22.19
CA GLY F 138 -18.54 15.39 -23.53
C GLY F 138 -17.09 15.53 -23.95
N PRO F 139 -16.52 16.74 -23.80
CA PRO F 139 -15.09 16.90 -24.07
C PRO F 139 -14.20 16.01 -23.21
N ALA F 140 -14.56 15.80 -21.94
CA ALA F 140 -13.77 14.92 -21.09
C ALA F 140 -13.83 13.48 -21.59
N LEU F 141 -15.01 13.02 -22.02
CA LEU F 141 -15.13 11.69 -22.58
C LEU F 141 -14.32 11.53 -23.85
N ASP F 142 -14.37 12.53 -24.72
CA ASP F 142 -13.58 12.50 -25.95
C ASP F 142 -12.09 12.45 -25.64
N ALA F 143 -11.64 13.28 -24.68
CA ALA F 143 -10.22 13.31 -24.34
C ALA F 143 -9.77 11.98 -23.74
N ALA F 144 -10.59 11.38 -22.87
CA ALA F 144 -10.24 10.10 -22.30
C ALA F 144 -10.15 9.02 -23.37
N GLU F 145 -11.12 9.00 -24.29
CA GLU F 145 -11.10 8.02 -25.37
C GLU F 145 -9.86 8.17 -26.23
N LYS F 146 -9.51 9.40 -26.61
CA LYS F 146 -8.34 9.61 -27.46
C LYS F 146 -7.05 9.25 -26.71
N GLY F 147 -6.93 9.64 -25.44
CA GLY F 147 -5.74 9.34 -24.69
C GLY F 147 -5.54 7.85 -24.48
N LEU F 148 -6.64 7.12 -24.28
CA LEU F 148 -6.51 5.67 -24.16
C LEU F 148 -6.29 4.99 -25.51
N ALA F 149 -6.80 5.59 -26.59
CA ALA F 149 -6.67 4.97 -27.90
C ALA F 149 -5.27 5.12 -28.48
N VAL F 150 -4.59 6.23 -28.20
CA VAL F 150 -3.29 6.47 -28.82
C VAL F 150 -2.21 5.53 -28.27
N LEU F 151 -2.47 4.91 -27.12
CA LEU F 151 -1.49 3.99 -26.53
C LEU F 151 -1.36 2.74 -27.39
N PRO F 152 -0.13 2.33 -27.76
CA PRO F 152 0.05 1.06 -28.47
C PRO F 152 -0.03 -0.11 -27.49
N LYS F 153 -1.08 -0.92 -27.63
CA LYS F 153 -1.33 -2.00 -26.69
C LYS F 153 -0.37 -3.17 -26.90
N GLU F 154 -0.03 -3.45 -28.15
CA GLU F 154 0.96 -4.51 -28.42
C GLU F 154 2.30 -4.18 -27.78
N LYS F 155 2.70 -2.91 -27.85
CA LYS F 155 3.91 -2.47 -27.15
C LYS F 155 3.77 -2.66 -25.64
N ILE F 156 2.57 -2.45 -25.09
CA ILE F 156 2.34 -2.69 -23.66
C ILE F 156 2.60 -4.15 -23.33
N GLY F 157 2.04 -5.05 -24.15
CA GLY F 157 2.24 -6.47 -23.90
C GLY F 157 3.69 -6.88 -24.02
N THR F 158 4.39 -6.40 -25.06
CA THR F 158 5.79 -6.73 -25.24
C THR F 158 6.64 -6.20 -24.08
N LEU F 159 6.39 -4.95 -23.66
CA LEU F 159 7.14 -4.38 -22.55
C LEU F 159 6.90 -5.15 -21.26
N LEU F 160 5.65 -5.56 -21.01
CA LEU F 160 5.37 -6.34 -19.81
C LEU F 160 6.04 -7.71 -19.86
N ASP F 161 6.06 -8.35 -21.03
CA ASP F 161 6.77 -9.62 -21.17
C ASP F 161 8.26 -9.45 -20.89
N GLU F 162 8.87 -8.41 -21.45
CA GLU F 162 10.30 -8.18 -21.22
C GLU F 162 10.59 -7.88 -19.75
N ALA F 163 9.73 -7.07 -19.11
CA ALA F 163 9.93 -6.75 -17.70
C ALA F 163 9.77 -7.99 -16.82
N ALA F 164 8.81 -8.86 -17.16
CA ALA F 164 8.65 -10.10 -16.42
C ALA F 164 9.85 -11.00 -16.60
N THR F 165 10.39 -11.08 -17.82
CA THR F 165 11.59 -11.88 -18.06
C THR F 165 12.77 -11.33 -17.27
N ALA F 166 12.94 -10.01 -17.24
CA ALA F 166 14.07 -9.41 -16.55
C ALA F 166 13.91 -9.40 -15.04
N PHE F 167 12.68 -9.29 -14.54
CA PHE F 167 12.42 -9.20 -13.11
C PHE F 167 11.53 -10.33 -12.63
N GLY F 168 11.82 -11.55 -13.06
CA GLY F 168 10.99 -12.69 -12.70
C GLY F 168 10.99 -13.01 -11.22
N GLY F 169 12.14 -13.43 -10.70
CA GLY F 169 12.26 -13.77 -9.29
C GLY F 169 13.48 -13.16 -8.64
N LEU F 170 13.82 -11.93 -9.04
CA LEU F 170 15.03 -11.27 -8.56
C LEU F 170 14.79 -10.39 -7.34
N GLY F 171 13.76 -10.68 -6.55
CA GLY F 171 13.48 -9.90 -5.37
C GLY F 171 14.62 -9.89 -4.38
N PRO F 172 14.91 -11.05 -3.78
CA PRO F 172 16.08 -11.14 -2.88
C PRO F 172 17.39 -10.83 -3.58
N SER F 173 17.51 -11.20 -4.86
CA SER F 173 18.75 -10.92 -5.59
C SER F 173 19.00 -9.42 -5.71
N LEU F 174 17.99 -8.66 -6.15
CA LEU F 174 18.17 -7.22 -6.25
C LEU F 174 18.28 -6.56 -4.89
N GLN F 175 17.60 -7.10 -3.87
CA GLN F 175 17.77 -6.59 -2.52
C GLN F 175 19.21 -6.71 -2.06
N ARG F 176 19.81 -7.89 -2.28
CA ARG F 176 21.22 -8.08 -1.94
C ARG F 176 22.12 -7.17 -2.76
N LEU F 177 21.80 -7.00 -4.04
CA LEU F 177 22.58 -6.11 -4.90
C LEU F 177 22.61 -4.69 -4.33
N VAL F 178 21.43 -4.15 -4.01
CA VAL F 178 21.35 -2.77 -3.54
C VAL F 178 22.02 -2.63 -2.17
N ASP F 179 21.78 -3.59 -1.26
CA ASP F 179 22.38 -3.52 0.07
C ASP F 179 23.90 -3.59 -0.02
N SER F 180 24.43 -4.50 -0.84
CA SER F 180 25.87 -4.61 -1.00
C SER F 180 26.45 -3.36 -1.63
N THR F 181 25.77 -2.80 -2.64
CA THR F 181 26.24 -1.59 -3.27
C THR F 181 26.35 -0.44 -2.26
N GLN F 182 25.29 -0.24 -1.47
CA GLN F 182 25.31 0.87 -0.52
C GLN F 182 26.36 0.65 0.57
N ALA F 183 26.50 -0.59 1.07
CA ALA F 183 27.50 -0.84 2.10
C ALA F 183 28.91 -0.63 1.58
N ILE F 184 29.19 -1.13 0.37
CA ILE F 184 30.53 -0.97 -0.21
C ILE F 184 30.84 0.50 -0.46
N ALA F 185 29.87 1.25 -1.00
CA ALA F 185 30.11 2.66 -1.27
C ALA F 185 30.34 3.44 0.02
N GLY F 186 29.55 3.17 1.05
CA GLY F 186 29.75 3.85 2.33
C GLY F 186 31.09 3.54 2.96
N ASP F 187 31.48 2.26 2.97
CA ASP F 187 32.77 1.90 3.55
C ASP F 187 33.93 2.44 2.72
N PHE F 188 33.77 2.51 1.41
CA PHE F 188 34.80 3.08 0.55
C PHE F 188 34.97 4.57 0.82
N ARG F 189 33.87 5.31 0.98
CA ARG F 189 34.00 6.72 1.34
C ARG F 189 34.60 6.88 2.72
N ALA F 190 34.31 5.97 3.65
CA ALA F 190 34.93 6.01 4.96
C ALA F 190 36.45 5.82 4.87
N ASN F 191 36.89 4.91 4.01
CA ASN F 191 38.32 4.59 3.89
C ASN F 191 38.97 5.21 2.66
N ILE F 192 38.38 6.29 2.11
CA ILE F 192 38.96 6.95 0.95
C ILE F 192 40.37 7.49 1.22
N ASP F 193 40.65 7.93 2.45
CA ASP F 193 41.99 8.46 2.73
C ASP F 193 43.08 7.40 2.58
N PRO F 194 42.96 6.19 3.14
CA PRO F 194 43.95 5.15 2.81
C PRO F 194 43.99 4.82 1.33
N VAL F 195 42.85 4.86 0.64
CA VAL F 195 42.83 4.60 -0.80
C VAL F 195 43.64 5.65 -1.54
N ASN F 196 43.44 6.92 -1.19
CA ASN F 196 44.21 7.99 -1.81
C ASN F 196 45.69 7.85 -1.51
N ASP F 197 46.03 7.48 -0.27
CA ASP F 197 47.44 7.30 0.09
C ASP F 197 48.08 6.19 -0.74
N ILE F 198 47.37 5.07 -0.89
CA ILE F 198 47.89 3.96 -1.70
C ILE F 198 48.10 4.41 -3.13
N ILE F 199 47.08 5.05 -3.71
CA ILE F 199 47.15 5.47 -5.11
C ILE F 199 48.33 6.43 -5.32
N GLU F 200 48.55 7.35 -4.39
CA GLU F 200 49.56 8.38 -4.59
C GLU F 200 50.96 7.90 -4.24
N ASN F 201 51.11 6.92 -3.36
CA ASN F 201 52.44 6.53 -2.89
C ASN F 201 52.89 5.16 -3.36
N SER F 202 52.05 4.37 -4.01
CA SER F 202 52.48 3.05 -4.47
C SER F 202 53.42 3.16 -5.66
N GLY F 203 53.27 4.19 -6.49
CA GLY F 203 54.09 4.38 -7.66
C GLY F 203 55.59 4.48 -7.43
N PRO F 204 56.02 5.28 -6.43
CA PRO F 204 57.47 5.35 -6.15
C PRO F 204 58.15 4.02 -5.89
N ILE F 205 57.64 3.20 -4.97
CA ILE F 205 58.31 1.95 -4.62
C ILE F 205 58.30 0.99 -5.81
N ILE F 206 57.16 0.88 -6.50
CA ILE F 206 57.05 -0.05 -7.60
C ILE F 206 57.97 0.36 -8.74
N ASP F 207 58.01 1.65 -9.08
CA ASP F 207 58.91 2.10 -10.14
C ASP F 207 60.37 1.99 -9.72
N SER F 208 60.66 2.12 -8.42
CA SER F 208 62.01 1.89 -7.94
C SER F 208 62.42 0.45 -8.17
N GLN F 209 61.54 -0.49 -7.87
CA GLN F 209 61.84 -1.90 -8.11
C GLN F 209 61.94 -2.21 -9.60
N VAL F 210 61.12 -1.56 -10.43
CA VAL F 210 61.15 -1.81 -11.87
C VAL F 210 62.45 -1.31 -12.48
N ASN F 211 62.87 -0.09 -12.14
CA ASN F 211 64.05 0.50 -12.73
C ASN F 211 65.32 -0.28 -12.40
N SER F 212 65.31 -1.04 -11.30
CA SER F 212 66.45 -1.85 -10.89
C SER F 212 66.26 -3.33 -11.22
N GLY F 213 65.60 -3.63 -12.34
CA GLY F 213 65.32 -5.01 -12.68
C GLY F 213 66.57 -5.83 -12.93
N ASP F 214 67.55 -5.24 -13.64
CA ASP F 214 68.78 -5.97 -13.93
C ASP F 214 69.52 -6.33 -12.66
N ALA F 215 69.55 -5.42 -11.69
CA ALA F 215 70.26 -5.69 -10.43
C ALA F 215 69.59 -6.81 -9.65
N ILE F 216 68.25 -6.81 -9.57
CA ILE F 216 67.59 -7.86 -8.80
C ILE F 216 67.72 -9.20 -9.49
N GLN F 217 67.62 -9.23 -10.82
CA GLN F 217 67.86 -10.48 -11.54
C GLN F 217 69.28 -10.99 -11.31
N ARG F 218 70.27 -10.09 -11.37
CA ARG F 218 71.65 -10.49 -11.19
C ARG F 218 71.92 -11.03 -9.78
N TRP F 219 71.42 -10.36 -8.75
CA TRP F 219 71.67 -10.90 -7.42
C TRP F 219 70.82 -12.12 -7.12
N ALA F 220 69.67 -12.29 -7.78
CA ALA F 220 68.94 -13.54 -7.66
C ALA F 220 69.74 -14.70 -8.24
N ALA F 221 70.31 -14.51 -9.43
CA ALA F 221 71.14 -15.55 -10.03
C ALA F 221 72.37 -15.84 -9.18
N ASN F 222 73.01 -14.80 -8.66
CA ASN F 222 74.19 -15.00 -7.81
C ASN F 222 73.83 -15.69 -6.50
N LEU F 223 72.68 -15.36 -5.92
CA LEU F 223 72.21 -16.07 -4.74
C LEU F 223 71.97 -17.54 -5.05
N ASN F 224 71.38 -17.83 -6.21
CA ASN F 224 71.19 -19.21 -6.64
C ASN F 224 72.53 -19.94 -6.70
N THR F 225 73.53 -19.32 -7.34
CA THR F 225 74.84 -19.96 -7.48
C THR F 225 75.50 -20.19 -6.12
N LEU F 226 75.54 -19.15 -5.29
CA LEU F 226 76.18 -19.27 -3.98
C LEU F 226 75.49 -20.31 -3.11
N ALA F 227 74.15 -20.31 -3.12
CA ALA F 227 73.40 -21.28 -2.33
C ALA F 227 73.65 -22.70 -2.82
N ALA F 228 73.69 -22.90 -4.15
CA ALA F 228 73.98 -24.22 -4.68
C ALA F 228 75.36 -24.70 -4.25
N GLN F 229 76.36 -23.81 -4.34
CA GLN F 229 77.72 -24.19 -3.93
C GLN F 229 77.78 -24.51 -2.45
N SER F 230 77.05 -23.74 -1.62
CA SER F 230 77.07 -23.97 -0.19
C SER F 230 76.34 -25.26 0.19
N ALA F 231 75.27 -25.60 -0.55
CA ALA F 231 74.51 -26.80 -0.25
C ALA F 231 75.23 -28.06 -0.73
N GLN F 232 75.93 -27.99 -1.85
CA GLN F 232 76.65 -29.16 -2.36
C GLN F 232 77.81 -29.58 -1.46
N ASN F 233 78.22 -28.74 -0.52
CA ASN F 233 79.29 -29.03 0.43
C ASN F 233 78.79 -28.97 1.86
N ASP F 234 77.62 -29.56 2.10
CA ASP F 234 77.00 -29.50 3.42
C ASP F 234 77.88 -30.18 4.48
N GLU F 235 78.38 -31.37 4.16
CA GLU F 235 79.26 -32.07 5.10
C GLU F 235 80.55 -31.29 5.28
N ALA F 236 81.06 -30.67 4.21
CA ALA F 236 82.23 -29.81 4.33
C ALA F 236 81.96 -28.64 5.26
N LEU F 237 80.77 -28.04 5.18
CA LEU F 237 80.43 -26.93 6.06
C LEU F 237 80.33 -27.38 7.51
N ARG F 238 79.69 -28.52 7.76
CA ARG F 238 79.61 -29.03 9.13
C ARG F 238 80.98 -29.33 9.70
N SER F 239 81.85 -29.97 8.90
CA SER F 239 83.21 -30.25 9.35
C SER F 239 83.98 -28.96 9.60
N GLY F 240 83.78 -27.96 8.73
CA GLY F 240 84.45 -26.69 8.93
C GLY F 240 84.06 -26.02 10.23
N LEU F 241 82.77 -26.03 10.56
CA LEU F 241 82.33 -25.46 11.83
C LEU F 241 82.89 -26.26 13.01
N GLN F 242 82.78 -27.59 12.93
CA GLN F 242 83.21 -28.44 14.04
C GLN F 242 84.71 -28.35 14.28
N GLN F 243 85.49 -28.07 13.24
CA GLN F 243 86.92 -27.91 13.39
C GLN F 243 87.32 -26.47 13.73
N ALA F 244 86.53 -25.49 13.30
CA ALA F 244 86.82 -24.11 13.64
C ALA F 244 86.49 -23.78 15.08
N ALA F 245 85.60 -24.55 15.71
CA ALA F 245 85.31 -24.31 17.12
C ALA F 245 86.54 -24.47 18.03
N PRO F 246 87.32 -25.59 18.00
CA PRO F 246 88.44 -25.70 18.94
C PRO F 246 89.79 -25.22 18.41
N THR F 247 89.92 -25.08 17.09
CA THR F 247 91.22 -24.66 16.54
C THR F 247 91.54 -23.23 16.90
N ALA F 248 90.54 -22.35 16.98
CA ALA F 248 90.79 -20.98 17.41
C ALA F 248 91.17 -20.94 18.88
N ASP F 249 90.57 -21.79 19.70
CA ASP F 249 90.99 -21.89 21.10
C ASP F 249 92.43 -22.37 21.22
N GLN F 250 92.82 -23.34 20.39
CA GLN F 250 94.19 -23.83 20.42
C GLN F 250 95.17 -22.75 19.95
N LEU F 251 94.82 -22.02 18.90
CA LEU F 251 95.65 -20.90 18.44
C LEU F 251 95.78 -19.83 19.51
N ASN F 252 94.67 -19.52 20.19
CA ASN F 252 94.71 -18.55 21.28
C ASN F 252 95.62 -19.04 22.41
N ALA F 253 95.56 -20.33 22.74
CA ALA F 253 96.44 -20.86 23.76
C ALA F 253 97.91 -20.75 23.36
N VAL F 254 98.21 -21.10 22.11
CA VAL F 254 99.59 -21.03 21.62
C VAL F 254 100.09 -19.58 21.69
N PHE F 255 99.28 -18.64 21.22
CA PHE F 255 99.70 -17.24 21.23
C PHE F 255 99.84 -16.70 22.66
N SER F 256 98.90 -17.03 23.54
CA SER F 256 98.99 -16.57 24.92
C SER F 256 100.15 -17.20 25.67
N ASP F 257 100.67 -18.34 25.20
CA ASP F 257 101.87 -18.90 25.82
C ASP F 257 103.12 -18.12 25.42
N VAL F 258 103.14 -17.54 24.22
CA VAL F 258 104.27 -16.75 23.75
C VAL F 258 103.89 -15.27 23.73
N ARG F 259 102.96 -14.88 24.60
CA ARG F 259 102.51 -13.49 24.63
C ARG F 259 103.64 -12.53 24.99
N GLU F 260 104.44 -12.88 25.99
CA GLU F 260 105.51 -12.02 26.48
C GLU F 260 106.89 -12.48 26.01
N SER F 261 106.95 -13.38 25.03
CA SER F 261 108.22 -13.94 24.58
C SER F 261 108.55 -13.62 23.14
N LEU F 262 107.59 -13.79 22.22
CA LEU F 262 107.85 -13.49 20.82
C LEU F 262 108.17 -12.02 20.57
N PRO F 263 107.43 -11.03 21.11
CA PRO F 263 107.83 -9.63 20.86
C PRO F 263 109.23 -9.30 21.38
N GLN F 264 109.59 -9.84 22.54
CA GLN F 264 110.93 -9.60 23.06
C GLN F 264 112.00 -10.23 22.18
N THR F 265 111.75 -11.45 21.68
CA THR F 265 112.70 -12.09 20.78
C THR F 265 112.87 -11.27 19.52
N LEU F 266 111.78 -10.79 18.94
CA LEU F 266 111.88 -9.98 17.72
C LEU F 266 112.62 -8.68 17.99
N ALA F 267 112.37 -8.04 19.14
CA ALA F 267 113.07 -6.81 19.48
C ALA F 267 114.56 -7.05 19.65
N ASN F 268 114.93 -8.13 20.33
CA ASN F 268 116.34 -8.43 20.54
C ASN F 268 117.04 -8.75 19.22
N LEU F 269 116.37 -9.49 18.34
CA LEU F 269 116.95 -9.77 17.03
C LEU F 269 117.10 -8.50 16.21
N GLU F 270 116.13 -7.58 16.32
CA GLU F 270 116.25 -6.29 15.65
C GLU F 270 117.46 -5.52 16.16
N ILE F 271 117.66 -5.53 17.48
CA ILE F 271 118.81 -4.85 18.08
C ILE F 271 120.12 -5.43 17.54
N VAL F 272 120.22 -6.77 17.52
CA VAL F 272 121.44 -7.42 17.07
C VAL F 272 121.69 -7.14 15.59
N ILE F 273 120.65 -7.20 14.78
CA ILE F 273 120.80 -6.97 13.34
C ILE F 273 121.20 -5.52 13.08
N ASP F 274 120.61 -4.58 13.82
CA ASP F 274 121.00 -3.18 13.66
C ASP F 274 122.45 -2.95 14.06
N MET F 275 122.88 -3.56 15.17
CA MET F 275 124.27 -3.42 15.60
C MET F 275 125.23 -4.00 14.57
N LEU F 276 124.89 -5.16 14.01
CA LEU F 276 125.75 -5.75 12.98
C LEU F 276 125.71 -4.96 11.68
N LYS F 277 124.60 -4.25 11.42
CA LYS F 277 124.55 -3.39 10.25
C LYS F 277 125.41 -2.14 10.43
N ARG F 278 125.48 -1.62 11.66
CA ARG F 278 126.32 -0.44 11.90
C ARG F 278 127.80 -0.78 11.84
N TYR F 279 128.16 -2.01 12.20
CA TYR F 279 129.54 -2.48 12.17
C TYR F 279 129.76 -3.48 11.05
N ASN F 280 129.17 -3.22 9.87
CA ASN F 280 129.25 -4.16 8.77
C ASN F 280 130.68 -4.33 8.27
N LYS F 281 131.39 -3.21 8.08
CA LYS F 281 132.76 -3.27 7.59
C LYS F 281 133.69 -3.94 8.59
N ASN F 282 133.42 -3.76 9.88
CA ASN F 282 134.18 -4.45 10.91
C ASN F 282 134.05 -5.96 10.78
N VAL F 283 132.80 -6.43 10.61
CA VAL F 283 132.56 -7.86 10.45
C VAL F 283 133.22 -8.36 9.18
N GLU F 284 133.17 -7.57 8.11
CA GLU F 284 133.81 -7.97 6.85
C GLU F 284 135.31 -8.14 7.03
N GLN F 285 135.95 -7.18 7.72
CA GLN F 285 137.39 -7.28 7.93
C GLN F 285 137.74 -8.49 8.78
N VAL F 286 136.94 -8.79 9.81
CA VAL F 286 137.22 -9.96 10.63
C VAL F 286 137.05 -11.24 9.83
N LEU F 287 136.00 -11.31 9.00
CA LEU F 287 135.79 -12.49 8.17
C LEU F 287 136.84 -12.63 7.08
N VAL F 288 137.51 -11.54 6.71
CA VAL F 288 138.63 -11.64 5.79
C VAL F 288 139.91 -12.08 6.51
N ALA F 289 140.09 -11.63 7.75
CA ALA F 289 141.31 -11.90 8.49
C ALA F 289 141.29 -13.21 9.27
N LEU F 290 140.15 -13.90 9.34
CA LEU F 290 140.13 -15.20 10.01
C LEU F 290 140.74 -16.32 9.16
N PRO F 291 140.39 -16.47 7.87
CA PRO F 291 141.07 -17.49 7.06
C PRO F 291 142.57 -17.30 6.98
N GLN F 292 143.03 -16.06 6.84
CA GLN F 292 144.46 -15.80 6.84
C GLN F 292 145.08 -16.11 8.19
N GLY F 293 144.32 -15.90 9.28
CA GLY F 293 144.82 -16.30 10.59
C GLY F 293 144.98 -17.80 10.71
N ALA F 294 144.03 -18.57 10.15
CA ALA F 294 144.17 -20.02 10.15
C ALA F 294 145.38 -20.45 9.33
N ALA F 295 145.58 -19.83 8.17
CA ALA F 295 146.75 -20.15 7.34
C ALA F 295 148.04 -19.82 8.07
N VAL F 296 148.08 -18.70 8.78
CA VAL F 296 149.25 -18.31 9.56
C VAL F 296 149.51 -19.33 10.68
N ALA F 297 148.45 -19.77 11.36
CA ALA F 297 148.63 -20.78 12.39
C ALA F 297 149.17 -22.08 11.81
N GLN F 298 148.67 -22.48 10.64
CA GLN F 298 149.18 -23.67 9.97
C GLN F 298 150.66 -23.52 9.62
N THR F 299 151.06 -22.33 9.14
CA THR F 299 152.45 -22.09 8.81
C THR F 299 153.34 -22.15 10.06
N GLY F 300 152.90 -21.51 11.14
CA GLY F 300 153.69 -21.46 12.35
C GLY F 300 153.61 -22.68 13.23
N THR F 301 152.79 -23.67 12.87
CA THR F 301 152.68 -24.90 13.64
C THR F 301 153.20 -26.11 12.86
N ILE F 302 154.27 -25.92 12.07
CA ILE F 302 154.88 -27.07 11.41
C ILE F 302 155.54 -27.99 12.42
N PHE F 303 156.16 -27.42 13.45
CA PHE F 303 156.62 -28.20 14.59
C PHE F 303 155.45 -28.43 15.53
N ALA F 304 155.10 -29.70 15.76
CA ALA F 304 153.91 -29.99 16.55
C ALA F 304 154.01 -29.51 17.99
N PRO F 305 155.07 -29.81 18.77
CA PRO F 305 155.04 -29.41 20.18
C PRO F 305 155.49 -27.99 20.44
N GLU F 306 156.28 -27.39 19.55
CA GLU F 306 156.88 -26.08 19.78
C GLU F 306 156.40 -25.09 18.71
N GLY F 307 156.00 -23.91 19.15
CA GLY F 307 155.62 -22.84 18.26
C GLY F 307 156.77 -21.87 18.05
N LEU F 308 156.72 -21.16 16.93
CA LEU F 308 157.79 -20.25 16.55
C LEU F 308 157.52 -18.87 17.15
N LEU F 309 158.47 -18.38 17.95
CA LEU F 309 158.34 -17.09 18.63
C LEU F 309 159.70 -16.38 18.54
N HIS F 310 159.80 -15.41 17.65
CA HIS F 310 161.06 -14.70 17.44
C HIS F 310 161.15 -13.48 18.35
N PHE F 311 162.38 -13.04 18.59
CA PHE F 311 162.64 -11.84 19.37
C PHE F 311 163.37 -10.84 18.49
N GLY F 312 162.80 -9.64 18.37
CA GLY F 312 163.38 -8.62 17.52
C GLY F 312 164.60 -7.97 18.16
N LEU F 313 165.58 -7.64 17.33
CA LEU F 313 166.78 -6.97 17.80
C LEU F 313 166.53 -5.46 17.90
N GLY F 314 167.27 -4.82 18.80
CA GLY F 314 167.11 -3.40 19.04
C GLY F 314 166.31 -3.11 20.29
N ILE F 315 166.93 -2.48 21.27
CA ILE F 315 166.32 -2.23 22.57
C ILE F 315 165.79 -0.80 22.60
N ASN F 316 164.56 -0.64 23.09
CA ASN F 316 163.90 0.66 23.24
C ASN F 316 163.78 1.42 21.92
N ALA F 317 163.60 0.70 20.81
CA ALA F 317 163.35 1.40 19.54
C ALA F 317 161.95 1.99 19.52
N PRO F 318 160.87 1.22 19.70
CA PRO F 318 159.64 1.83 20.21
C PRO F 318 159.55 1.71 21.71
N PRO F 319 159.35 2.80 22.42
CA PRO F 319 159.19 2.72 23.88
C PRO F 319 157.76 2.42 24.26
N PRO F 320 157.54 1.67 25.34
CA PRO F 320 156.17 1.36 25.75
C PRO F 320 155.50 2.55 26.42
N CYS F 321 154.23 2.77 26.10
CA CYS F 321 153.46 3.84 26.72
C CYS F 321 152.81 3.29 27.98
N LEU F 322 153.25 3.79 29.13
CA LEU F 322 152.64 3.47 30.42
C LEU F 322 151.59 4.49 30.81
N THR F 323 151.23 5.41 29.91
CA THR F 323 150.20 6.40 30.16
C THR F 323 148.83 5.78 29.90
N GLY F 324 148.00 5.70 30.92
CA GLY F 324 146.69 5.11 30.81
C GLY F 324 146.60 3.67 31.23
N PHE F 325 147.65 3.11 31.80
CA PHE F 325 147.66 1.73 32.28
C PHE F 325 147.83 1.72 33.79
N LEU F 326 148.02 0.53 34.35
CA LEU F 326 148.09 0.38 35.80
C LEU F 326 149.27 1.16 36.36
N PRO F 327 149.14 1.75 37.55
CA PRO F 327 150.27 2.46 38.15
C PRO F 327 151.44 1.51 38.42
N ALA F 328 152.65 2.07 38.31
CA ALA F 328 153.86 1.27 38.46
C ALA F 328 153.99 0.64 39.84
N SER F 329 153.35 1.22 40.86
CA SER F 329 153.37 0.63 42.18
C SER F 329 152.28 -0.42 42.39
N GLN F 330 151.35 -0.55 41.45
CA GLN F 330 150.29 -1.54 41.53
C GLN F 330 150.65 -2.86 40.86
N TRP F 331 151.86 -2.98 40.31
CA TRP F 331 152.30 -4.23 39.72
C TRP F 331 152.45 -5.29 40.79
N ARG F 332 151.98 -6.50 40.50
CA ARG F 332 151.94 -7.58 41.48
C ARG F 332 153.16 -8.50 41.33
N SER F 333 153.59 -9.05 42.45
CA SER F 333 154.73 -9.95 42.45
C SER F 333 154.38 -11.25 41.73
N PRO F 334 155.34 -11.85 41.03
CA PRO F 334 155.08 -13.13 40.35
C PRO F 334 154.89 -14.30 41.31
N ALA F 335 155.27 -14.15 42.58
CA ALA F 335 155.14 -15.26 43.53
C ALA F 335 153.70 -15.55 43.91
N ASP F 336 152.76 -14.67 43.57
CA ASP F 336 151.35 -14.85 43.91
C ASP F 336 150.58 -15.25 42.66
N THR F 337 149.94 -16.41 42.72
CA THR F 337 149.15 -16.94 41.60
C THR F 337 147.67 -16.60 41.70
N ARG F 338 147.26 -15.85 42.73
CA ARG F 338 145.86 -15.49 42.88
C ARG F 338 145.43 -14.50 41.81
N THR F 339 144.31 -14.80 41.16
CA THR F 339 143.79 -13.97 40.08
C THR F 339 142.83 -12.92 40.64
N GLU F 340 143.02 -11.68 40.22
CA GLU F 340 142.23 -10.55 40.68
C GLU F 340 141.39 -9.99 39.53
N PRO F 341 140.28 -9.29 39.84
CA PRO F 341 139.46 -8.73 38.76
C PRO F 341 140.23 -7.74 37.91
N LEU F 342 139.98 -7.78 36.60
CA LEU F 342 140.72 -6.94 35.67
C LEU F 342 140.08 -5.56 35.56
N PRO F 343 140.82 -4.49 35.77
CA PRO F 343 140.25 -3.15 35.65
C PRO F 343 139.90 -2.82 34.20
N SER F 344 139.11 -1.76 34.04
CA SER F 344 138.58 -1.37 32.75
C SER F 344 139.11 -0.01 32.33
N GLY F 345 138.97 0.29 31.05
CA GLY F 345 139.37 1.56 30.50
C GLY F 345 140.86 1.85 30.53
N LEU F 346 141.69 0.88 30.17
CA LEU F 346 143.13 1.04 30.13
C LEU F 346 143.60 0.93 28.68
N TYR F 347 144.23 1.98 28.18
CA TYR F 347 144.89 1.93 26.87
C TYR F 347 145.88 3.08 26.77
N CYS F 348 146.66 3.05 25.70
CA CYS F 348 147.73 4.02 25.45
C CYS F 348 147.13 5.40 25.24
N LYS F 349 147.32 6.29 26.22
CA LYS F 349 146.69 7.60 26.27
C LYS F 349 147.61 8.71 25.79
N ILE F 350 148.45 8.43 24.80
CA ILE F 350 149.41 9.41 24.29
C ILE F 350 148.69 10.48 23.47
N PRO F 351 149.31 11.65 23.20
CA PRO F 351 148.57 12.77 22.58
C PRO F 351 148.00 12.55 21.19
N LYS F 352 148.05 11.33 20.66
CA LYS F 352 147.44 10.95 19.38
C LYS F 352 148.23 11.49 18.18
N ASP F 353 149.54 11.59 18.34
CA ASP F 353 150.47 11.89 17.24
C ASP F 353 151.69 11.01 17.44
N ALA F 354 152.79 11.37 16.76
CA ALA F 354 154.12 10.77 16.89
C ALA F 354 154.14 9.36 16.31
N PRO F 355 155.32 8.75 16.12
CA PRO F 355 155.35 7.38 15.59
C PRO F 355 154.91 6.32 16.59
N ASN F 356 154.94 6.60 17.88
CA ASN F 356 154.63 5.58 18.88
C ASN F 356 153.14 5.26 18.86
N ALA F 357 152.84 3.95 18.81
CA ALA F 357 151.48 3.42 18.95
C ALA F 357 150.49 4.11 18.02
N VAL F 358 150.86 4.20 16.74
CA VAL F 358 149.98 4.83 15.76
C VAL F 358 148.68 4.06 15.62
N ARG F 359 148.75 2.73 15.63
CA ARG F 359 147.58 1.88 15.43
C ARG F 359 146.98 1.40 16.75
N GLY F 360 147.08 2.22 17.80
CA GLY F 360 146.49 1.89 19.07
C GLY F 360 144.99 2.13 19.08
N ALA F 361 144.40 1.99 20.27
CA ALA F 361 142.95 2.12 20.40
C ALA F 361 142.48 3.51 20.03
N ARG F 362 143.23 4.54 20.42
CA ARG F 362 142.87 5.93 20.16
C ARG F 362 142.70 6.25 18.68
N ASN F 363 143.04 5.34 17.78
CA ASN F 363 142.92 5.59 16.35
C ASN F 363 141.96 4.62 15.66
N TYR F 364 141.20 3.83 16.40
CA TYR F 364 140.23 2.95 15.78
C TYR F 364 139.13 3.78 15.14
N PRO F 365 138.86 3.62 13.85
CA PRO F 365 137.79 4.41 13.22
C PRO F 365 136.43 4.09 13.83
N CYS F 366 135.62 5.13 14.01
CA CYS F 366 134.28 4.98 14.56
C CYS F 366 133.31 4.72 13.41
N ALA F 367 132.60 3.60 13.48
CA ALA F 367 131.70 3.22 12.40
C ALA F 367 130.47 4.12 12.35
N ASP F 368 129.92 4.47 13.51
CA ASP F 368 128.72 5.30 13.54
C ASP F 368 129.00 6.77 13.25
N VAL F 369 130.17 7.27 13.64
CA VAL F 369 130.53 8.67 13.46
C VAL F 369 131.55 8.76 12.33
N PRO F 370 131.17 9.23 11.15
CA PRO F 370 132.15 9.36 10.05
C PRO F 370 133.25 10.36 10.40
N GLY F 371 134.47 10.03 9.97
CA GLY F 371 135.61 10.91 10.18
C GLY F 371 135.98 11.14 11.63
N LYS F 372 136.02 10.07 12.43
CA LYS F 372 136.37 10.18 13.83
C LYS F 372 137.13 8.93 14.25
N ARG F 373 137.90 9.06 15.32
CA ARG F 373 138.67 7.95 15.88
C ARG F 373 138.56 7.98 17.40
N ALA F 374 138.24 6.84 18.00
CA ALA F 374 138.15 6.74 19.44
C ALA F 374 138.39 5.30 19.85
N ALA F 375 138.72 5.11 21.13
CA ALA F 375 139.07 3.79 21.64
C ALA F 375 137.86 2.86 21.68
N THR F 376 136.74 3.36 22.21
CA THR F 376 135.54 2.56 22.42
C THR F 376 134.36 3.23 21.72
N PRO F 377 133.31 2.46 21.39
CA PRO F 377 132.10 3.10 20.84
C PRO F 377 131.45 4.09 21.80
N ARG F 378 131.64 3.90 23.11
CA ARG F 378 131.14 4.87 24.08
C ARG F 378 131.80 6.23 23.86
N GLU F 379 133.13 6.24 23.67
CA GLU F 379 133.82 7.47 23.35
C GLU F 379 133.61 7.90 21.91
N CYS F 380 133.26 6.96 21.02
CA CYS F 380 132.88 7.35 19.66
C CYS F 380 131.61 8.18 19.66
N ARG F 381 130.64 7.81 20.48
CA ARG F 381 129.37 8.53 20.50
C ARG F 381 129.47 9.85 21.24
N SER F 382 130.28 9.92 22.29
CA SER F 382 130.38 11.14 23.09
C SER F 382 130.98 12.28 22.27
N ASP F 383 130.38 13.46 22.40
CA ASP F 383 130.86 14.65 21.70
C ASP F 383 131.94 15.40 22.47
N GLU F 384 132.25 14.99 23.69
CA GLU F 384 133.31 15.63 24.46
C GLU F 384 134.66 15.38 23.77
N PRO F 385 135.45 16.42 23.52
CA PRO F 385 136.71 16.24 22.78
C PRO F 385 137.69 15.34 23.53
N TYR F 386 138.47 14.57 22.77
CA TYR F 386 139.43 13.66 23.36
C TYR F 386 140.59 14.43 23.98
N GLN F 387 140.91 14.12 25.22
CA GLN F 387 142.04 14.74 25.92
C GLN F 387 143.02 13.66 26.36
N PRO F 388 144.28 13.73 25.94
CA PRO F 388 145.25 12.71 26.38
C PRO F 388 145.54 12.82 27.86
N LEU F 389 145.87 11.68 28.46
CA LEU F 389 146.31 11.67 29.85
C LEU F 389 147.65 12.37 30.03
N GLY F 390 148.47 12.38 28.99
CA GLY F 390 149.75 13.06 29.02
C GLY F 390 150.78 12.33 28.17
N THR F 391 151.77 13.08 27.70
CA THR F 391 152.85 12.49 26.94
C THR F 391 153.68 11.58 27.84
N ASN F 392 154.16 10.47 27.29
CA ASN F 392 154.88 9.48 28.07
C ASN F 392 156.29 9.96 28.35
N PRO F 393 156.69 10.11 29.61
CA PRO F 393 158.08 10.42 29.93
C PRO F 393 158.88 9.15 30.19
N TRP F 394 160.19 9.34 30.34
CA TRP F 394 161.08 8.24 30.71
C TRP F 394 161.62 8.38 32.12
N TYR F 395 161.27 9.44 32.85
CA TYR F 395 161.74 9.61 34.21
C TYR F 395 160.54 9.65 35.17
N GLY F 396 159.67 8.65 35.05
CA GLY F 396 158.58 8.53 35.99
C GLY F 396 157.51 9.58 35.81
N ASP F 397 156.62 9.64 36.79
CA ASP F 397 155.45 10.50 36.78
C ASP F 397 154.65 10.39 35.47
N PRO F 398 154.21 9.19 35.09
CA PRO F 398 153.45 9.07 33.83
C PRO F 398 151.98 9.43 33.97
N ASP F 399 151.49 9.61 35.19
CA ASP F 399 150.08 9.89 35.54
C ASP F 399 149.08 9.15 34.66
N GLY G 2 -109.68 -20.36 14.01
CA GLY G 2 -109.34 -19.13 14.71
C GLY G 2 -108.88 -19.34 16.13
N VAL G 3 -108.01 -18.47 16.62
CA VAL G 3 -107.45 -18.59 17.96
C VAL G 3 -107.49 -17.23 18.65
N GLN G 4 -107.89 -17.25 19.92
CA GLN G 4 -108.00 -16.02 20.70
C GLN G 4 -106.61 -15.44 20.98
N ILE G 5 -106.49 -14.12 20.87
CA ILE G 5 -105.22 -13.43 21.10
C ILE G 5 -105.38 -12.51 22.29
N ASP G 6 -104.59 -12.73 23.34
CA ASP G 6 -104.64 -11.89 24.52
C ASP G 6 -103.47 -10.92 24.50
N VAL G 7 -103.75 -9.67 24.87
CA VAL G 7 -102.72 -8.64 25.00
C VAL G 7 -102.85 -8.02 26.37
N THR G 8 -101.74 -7.99 27.12
CA THR G 8 -101.77 -7.54 28.52
C THR G 8 -100.66 -6.54 28.75
N GLY G 9 -101.03 -5.33 29.14
CA GLY G 9 -100.08 -4.29 29.53
C GLY G 9 -99.10 -3.89 28.44
N LEU G 10 -99.52 -3.96 27.19
CA LEU G 10 -98.62 -3.67 26.08
C LEU G 10 -98.23 -2.19 26.07
N SER G 11 -96.95 -1.93 25.82
CA SER G 11 -96.43 -0.58 25.75
C SER G 11 -95.39 -0.50 24.65
N LYS G 12 -95.19 0.70 24.13
CA LYS G 12 -94.23 0.92 23.05
C LYS G 12 -93.61 2.30 23.25
N SER G 13 -92.44 2.49 22.65
CA SER G 13 -91.75 3.79 22.71
C SER G 13 -90.73 3.84 21.59
N PHE G 14 -90.84 4.86 20.74
CA PHE G 14 -89.83 5.16 19.72
C PHE G 14 -88.91 6.23 20.29
N GLY G 15 -88.01 5.79 21.16
CA GLY G 15 -87.18 6.71 21.92
C GLY G 15 -87.85 7.15 23.20
N SER G 16 -87.66 8.41 23.59
CA SER G 16 -88.32 8.92 24.79
C SER G 16 -89.82 8.99 24.61
N SER G 17 -90.29 9.39 23.44
CA SER G 17 -91.72 9.48 23.18
C SER G 17 -92.34 8.10 23.13
N LYS G 18 -93.51 7.96 23.75
CA LYS G 18 -94.22 6.69 23.80
C LYS G 18 -95.36 6.70 22.79
N ILE G 19 -95.59 5.56 22.14
CA ILE G 19 -96.65 5.45 21.14
C ILE G 19 -97.98 5.11 21.79
N TRP G 20 -98.02 4.08 22.62
CA TRP G 20 -99.19 3.76 23.43
C TRP G 20 -98.74 2.91 24.61
N GLU G 21 -99.57 2.85 25.63
CA GLU G 21 -99.24 2.12 26.84
C GLU G 21 -100.48 1.46 27.40
N ASP G 22 -100.27 0.36 28.12
CA ASP G 22 -101.32 -0.38 28.84
C ASP G 22 -102.45 -0.79 27.90
N VAL G 23 -102.11 -1.21 26.68
CA VAL G 23 -103.10 -1.69 25.72
C VAL G 23 -103.45 -3.12 26.10
N THR G 24 -104.56 -3.30 26.81
CA THR G 24 -105.02 -4.61 27.26
C THR G 24 -106.29 -4.98 26.51
N MET G 25 -106.31 -6.14 25.87
CA MET G 25 -107.48 -6.56 25.13
C MET G 25 -107.45 -8.08 24.98
N SER G 26 -108.53 -8.62 24.42
CA SER G 26 -108.65 -10.06 24.19
C SER G 26 -109.47 -10.25 22.91
N ILE G 27 -108.76 -10.39 21.79
CA ILE G 27 -109.40 -10.60 20.50
C ILE G 27 -109.97 -12.02 20.45
N PRO G 28 -111.27 -12.18 20.19
CA PRO G 28 -111.87 -13.52 20.18
C PRO G 28 -111.42 -14.36 18.99
N ALA G 29 -111.95 -15.58 18.89
CA ALA G 29 -111.53 -16.53 17.87
C ALA G 29 -112.51 -16.49 16.70
N GLY G 30 -112.00 -16.15 15.52
CA GLY G 30 -112.78 -16.17 14.32
C GLY G 30 -113.59 -14.91 14.04
N GLU G 31 -113.71 -14.02 15.01
CA GLU G 31 -114.53 -12.83 14.88
C GLU G 31 -113.71 -11.70 14.27
N VAL G 32 -114.27 -11.03 13.26
CA VAL G 32 -113.61 -9.88 12.67
C VAL G 32 -113.56 -8.75 13.69
N SER G 33 -112.37 -8.22 13.92
CA SER G 33 -112.18 -7.15 14.89
C SER G 33 -111.47 -5.99 14.21
N VAL G 34 -111.73 -4.78 14.70
CA VAL G 34 -111.14 -3.57 14.12
C VAL G 34 -110.61 -2.68 15.24
N LEU G 35 -109.36 -2.25 15.09
CA LEU G 35 -108.75 -1.26 15.97
C LEU G 35 -108.68 0.06 15.22
N LEU G 36 -109.25 1.11 15.80
CA LEU G 36 -109.34 2.42 15.16
C LEU G 36 -108.89 3.50 16.14
N GLY G 37 -108.90 4.73 15.66
CA GLY G 37 -108.45 5.87 16.43
C GLY G 37 -107.97 6.97 15.51
N PRO G 38 -107.61 8.12 16.09
CA PRO G 38 -107.13 9.23 15.27
C PRO G 38 -105.81 8.91 14.59
N SER G 39 -105.48 9.73 13.59
CA SER G 39 -104.22 9.57 12.89
C SER G 39 -103.05 9.86 13.82
N GLY G 40 -101.96 9.12 13.62
CA GLY G 40 -100.79 9.29 14.46
C GLY G 40 -100.86 8.66 15.82
N THR G 41 -101.80 7.73 16.04
CA THR G 41 -101.89 7.03 17.30
C THR G 41 -101.04 5.78 17.37
N GLY G 42 -100.43 5.37 16.25
CA GLY G 42 -99.56 4.22 16.21
C GLY G 42 -100.34 2.92 16.28
N LYS G 43 -101.19 2.68 15.29
CA LYS G 43 -101.96 1.46 15.21
C LYS G 43 -101.29 0.40 14.35
N SER G 44 -100.65 0.80 13.25
CA SER G 44 -99.87 -0.14 12.46
C SER G 44 -98.71 -0.71 13.27
N VAL G 45 -98.16 0.09 14.19
CA VAL G 45 -97.14 -0.41 15.11
C VAL G 45 -97.71 -1.54 15.95
N PHE G 46 -98.94 -1.37 16.44
CA PHE G 46 -99.60 -2.41 17.21
C PHE G 46 -99.82 -3.66 16.35
N LEU G 47 -100.26 -3.47 15.10
CA LEU G 47 -100.49 -4.62 14.22
C LEU G 47 -99.21 -5.40 13.98
N LYS G 48 -98.09 -4.70 13.75
CA LYS G 48 -96.82 -5.38 13.53
C LYS G 48 -96.30 -6.02 14.82
N SER G 49 -96.51 -5.37 15.97
CA SER G 49 -96.09 -5.95 17.24
C SER G 49 -96.86 -7.21 17.57
N LEU G 50 -98.10 -7.33 17.08
CA LEU G 50 -98.87 -8.54 17.33
C LEU G 50 -98.22 -9.78 16.73
N ILE G 51 -97.68 -9.67 15.52
CA ILE G 51 -97.08 -10.84 14.88
C ILE G 51 -95.63 -11.03 15.34
N GLY G 52 -94.90 -9.94 15.57
CA GLY G 52 -93.56 -10.06 16.09
C GLY G 52 -92.52 -9.28 15.33
N LEU G 53 -92.95 -8.45 14.39
CA LEU G 53 -92.01 -7.62 13.64
C LEU G 53 -91.33 -6.60 14.54
N LEU G 54 -92.08 -6.02 15.47
CA LEU G 54 -91.55 -5.07 16.43
C LEU G 54 -91.59 -5.68 17.83
N ARG G 55 -90.70 -5.21 18.71
CA ARG G 55 -90.61 -5.73 20.06
C ARG G 55 -91.10 -4.66 21.05
N PRO G 56 -92.31 -4.79 21.58
CA PRO G 56 -92.79 -3.83 22.59
C PRO G 56 -91.91 -3.84 23.83
N GLU G 57 -91.76 -2.66 24.43
CA GLU G 57 -90.93 -2.52 25.62
C GLU G 57 -91.50 -3.32 26.79
N ARG G 58 -92.82 -3.32 26.95
CA ARG G 58 -93.48 -4.03 28.03
C ARG G 58 -94.74 -4.70 27.50
N GLY G 59 -95.28 -5.60 28.31
CA GLY G 59 -96.52 -6.28 28.00
C GLY G 59 -96.31 -7.75 27.66
N SER G 60 -97.40 -8.39 27.26
CA SER G 60 -97.37 -9.80 26.91
C SER G 60 -98.46 -10.08 25.88
N ILE G 61 -98.08 -10.69 24.77
CA ILE G 61 -99.00 -11.06 23.71
C ILE G 61 -99.07 -12.58 23.68
N VAL G 62 -100.16 -13.14 24.19
CA VAL G 62 -100.34 -14.58 24.32
C VAL G 62 -101.20 -15.06 23.17
N ILE G 63 -100.66 -15.98 22.38
CA ILE G 63 -101.37 -16.63 21.27
C ILE G 63 -101.26 -18.13 21.47
N ASP G 64 -102.41 -18.80 21.60
CA ASP G 64 -102.48 -20.24 21.84
C ASP G 64 -101.70 -20.63 23.09
N GLY G 65 -101.78 -19.78 24.12
CA GLY G 65 -101.19 -20.06 25.41
C GLY G 65 -99.71 -19.78 25.54
N THR G 66 -99.06 -19.30 24.48
CA THR G 66 -97.62 -19.06 24.47
C THR G 66 -97.37 -17.57 24.31
N ASP G 67 -96.58 -17.00 25.22
CA ASP G 67 -96.22 -15.59 25.16
C ASP G 67 -95.33 -15.38 23.94
N ILE G 68 -95.90 -14.78 22.89
CA ILE G 68 -95.18 -14.62 21.62
C ILE G 68 -93.98 -13.69 21.75
N LEU G 69 -93.96 -12.83 22.77
CA LEU G 69 -92.80 -11.97 23.00
C LEU G 69 -91.68 -12.67 23.76
N GLN G 70 -92.00 -13.72 24.51
CA GLN G 70 -90.97 -14.48 25.23
C GLN G 70 -90.49 -15.70 24.45
N CYS G 71 -91.23 -16.13 23.43
CA CYS G 71 -90.79 -17.25 22.62
C CYS G 71 -89.53 -16.91 21.84
N SER G 72 -88.60 -17.86 21.78
CA SER G 72 -87.37 -17.66 21.04
C SER G 72 -87.63 -17.65 19.54
N ALA G 73 -86.64 -17.16 18.79
CA ALA G 73 -86.77 -17.06 17.34
C ALA G 73 -86.95 -18.43 16.67
N LYS G 74 -86.47 -19.50 17.33
CA LYS G 74 -86.65 -20.83 16.76
C LYS G 74 -88.13 -21.22 16.71
N GLU G 75 -88.87 -20.90 17.77
CA GLU G 75 -90.29 -21.23 17.79
C GLU G 75 -91.12 -20.28 16.93
N LEU G 76 -90.66 -19.03 16.78
CA LEU G 76 -91.39 -18.05 15.97
C LEU G 76 -91.47 -18.45 14.51
N TYR G 77 -90.63 -19.39 14.05
CA TYR G 77 -90.75 -19.89 12.69
C TYR G 77 -92.04 -20.70 12.49
N GLU G 78 -92.61 -21.24 13.56
CA GLU G 78 -93.84 -22.02 13.48
C GLU G 78 -95.09 -21.24 13.87
N ILE G 79 -94.97 -20.33 14.85
CA ILE G 79 -96.11 -19.53 15.28
C ILE G 79 -96.62 -18.67 14.13
N ARG G 80 -95.71 -18.15 13.32
CA ARG G 80 -96.09 -17.34 12.17
C ARG G 80 -96.66 -18.18 11.03
N THR G 81 -96.81 -19.49 11.21
CA THR G 81 -97.48 -20.30 10.20
C THR G 81 -99.00 -20.08 10.24
N LEU G 82 -99.54 -19.79 11.41
CA LEU G 82 -100.96 -19.51 11.57
C LEU G 82 -101.36 -18.16 11.00
N PHE G 83 -100.40 -17.30 10.66
CA PHE G 83 -100.69 -15.92 10.29
C PHE G 83 -100.80 -15.75 8.78
N GLY G 84 -101.61 -14.77 8.40
CA GLY G 84 -101.66 -14.29 7.03
C GLY G 84 -101.77 -12.79 7.06
N VAL G 85 -100.82 -12.09 6.45
CA VAL G 85 -100.69 -10.64 6.60
C VAL G 85 -100.94 -9.98 5.25
N LEU G 86 -101.87 -9.02 5.25
CA LEU G 86 -102.08 -8.12 4.13
C LEU G 86 -101.58 -6.76 4.55
N PHE G 87 -100.55 -6.27 3.86
CA PHE G 87 -99.95 -4.98 4.18
C PHE G 87 -100.72 -3.86 3.47
N GLN G 88 -100.25 -2.62 3.65
CA GLN G 88 -100.93 -1.48 3.06
C GLN G 88 -100.90 -1.53 1.53
N ASP G 89 -99.79 -1.99 0.97
CA ASP G 89 -99.65 -2.10 -0.49
C ASP G 89 -99.48 -3.55 -0.94
N GLY G 90 -99.67 -4.52 -0.04
CA GLY G 90 -99.52 -5.91 -0.35
C GLY G 90 -98.12 -6.47 -0.13
N ALA G 91 -97.10 -5.62 -0.26
CA ALA G 91 -95.70 -6.01 -0.06
C ALA G 91 -95.31 -7.17 -0.99
N LEU G 92 -95.83 -7.15 -2.21
CA LEU G 92 -95.52 -8.19 -3.18
C LEU G 92 -94.09 -8.04 -3.69
N PHE G 93 -93.43 -9.17 -3.89
CA PHE G 93 -92.09 -9.17 -4.48
C PHE G 93 -92.18 -8.84 -5.96
N GLY G 94 -91.54 -7.76 -6.38
CA GLY G 94 -91.64 -7.33 -7.76
C GLY G 94 -90.87 -8.20 -8.74
N SER G 95 -89.90 -8.97 -8.26
CA SER G 95 -89.10 -9.80 -9.15
C SER G 95 -89.85 -11.01 -9.65
N MET G 96 -90.93 -11.40 -8.98
CA MET G 96 -91.71 -12.57 -9.36
C MET G 96 -93.17 -12.19 -9.53
N ASN G 97 -93.84 -12.84 -10.47
CA ASN G 97 -95.20 -12.47 -10.85
C ASN G 97 -96.18 -12.89 -9.77
N ILE G 98 -97.47 -12.66 -10.04
CA ILE G 98 -98.52 -12.89 -9.05
C ILE G 98 -98.63 -14.38 -8.72
N TYR G 99 -98.53 -15.24 -9.74
CA TYR G 99 -98.56 -16.68 -9.51
C TYR G 99 -97.41 -17.12 -8.61
N ASP G 100 -96.19 -16.65 -8.91
CA ASP G 100 -95.04 -17.01 -8.09
C ASP G 100 -95.14 -16.39 -6.70
N ASN G 101 -95.64 -15.16 -6.59
CA ASN G 101 -95.83 -14.56 -5.28
C ASN G 101 -96.80 -15.37 -4.44
N THR G 102 -97.89 -15.82 -5.04
CA THR G 102 -98.86 -16.65 -4.32
C THR G 102 -98.25 -17.98 -3.91
N ALA G 103 -97.53 -18.63 -4.83
CA ALA G 103 -96.97 -19.96 -4.55
C ALA G 103 -95.76 -19.92 -3.63
N PHE G 104 -95.16 -18.75 -3.42
CA PHE G 104 -93.92 -18.66 -2.66
C PHE G 104 -93.99 -19.24 -1.25
N PRO G 105 -94.99 -18.88 -0.41
CA PRO G 105 -95.03 -19.52 0.93
C PRO G 105 -95.22 -21.03 0.86
N LEU G 106 -95.96 -21.52 -0.14
CA LEU G 106 -96.13 -22.95 -0.31
C LEU G 106 -94.80 -23.62 -0.64
N ARG G 107 -94.08 -23.10 -1.63
CA ARG G 107 -92.78 -23.64 -1.99
C ARG G 107 -91.78 -23.51 -0.86
N GLU G 108 -91.99 -22.56 0.06
CA GLU G 108 -91.07 -22.39 1.18
C GLU G 108 -91.38 -23.30 2.36
N HIS G 109 -92.66 -23.62 2.60
CA HIS G 109 -93.04 -24.38 3.79
C HIS G 109 -93.49 -25.79 3.47
N THR G 110 -94.48 -25.97 2.60
CA THR G 110 -95.03 -27.30 2.39
C THR G 110 -94.17 -28.08 1.40
N LYS G 111 -94.47 -29.38 1.28
CA LYS G 111 -93.73 -30.29 0.42
C LYS G 111 -94.55 -30.77 -0.78
N LYS G 112 -95.61 -30.05 -1.12
CA LYS G 112 -96.53 -30.50 -2.15
C LYS G 112 -95.88 -30.48 -3.53
N SER G 113 -96.47 -31.24 -4.45
CA SER G 113 -96.00 -31.28 -5.82
C SER G 113 -96.45 -30.04 -6.58
N GLU G 114 -95.93 -29.90 -7.80
CA GLU G 114 -96.23 -28.71 -8.60
C GLU G 114 -97.71 -28.65 -8.97
N SER G 115 -98.33 -29.80 -9.27
CA SER G 115 -99.73 -29.82 -9.64
C SER G 115 -100.62 -29.36 -8.49
N GLU G 116 -100.36 -29.84 -7.27
CA GLU G 116 -101.14 -29.42 -6.12
C GLU G 116 -100.92 -27.94 -5.82
N ILE G 117 -99.68 -27.47 -5.98
CA ILE G 117 -99.40 -26.05 -5.79
C ILE G 117 -100.21 -25.21 -6.76
N ARG G 118 -100.23 -25.60 -8.04
CA ARG G 118 -101.00 -24.87 -9.04
C ARG G 118 -102.48 -24.91 -8.71
N LYS G 119 -102.99 -26.06 -8.27
CA LYS G 119 -104.41 -26.16 -7.92
C LYS G 119 -104.77 -25.21 -6.79
N ILE G 120 -103.98 -25.22 -5.71
CA ILE G 120 -104.28 -24.36 -4.57
C ILE G 120 -104.16 -22.89 -4.95
N VAL G 121 -103.12 -22.54 -5.70
CA VAL G 121 -102.91 -21.14 -6.09
C VAL G 121 -104.06 -20.65 -6.98
N MET G 122 -104.47 -21.48 -7.94
CA MET G 122 -105.59 -21.08 -8.80
C MET G 122 -106.88 -20.94 -8.00
N GLU G 123 -107.12 -21.85 -7.06
CA GLU G 123 -108.31 -21.76 -6.22
C GLU G 123 -108.32 -20.47 -5.42
N LYS G 124 -107.19 -20.13 -4.80
CA LYS G 124 -107.14 -18.93 -3.96
C LYS G 124 -107.15 -17.65 -4.80
N LEU G 125 -106.59 -17.66 -6.01
CA LEU G 125 -106.69 -16.51 -6.88
C LEU G 125 -108.11 -16.33 -7.41
N ASP G 126 -108.83 -17.43 -7.62
CA ASP G 126 -110.25 -17.33 -7.97
C ASP G 126 -111.07 -16.82 -6.80
N LEU G 127 -110.66 -17.15 -5.57
CA LEU G 127 -111.39 -16.72 -4.39
C LEU G 127 -111.41 -15.20 -4.26
N VAL G 128 -110.29 -14.55 -4.54
CA VAL G 128 -110.16 -13.11 -4.32
C VAL G 128 -110.40 -12.32 -5.61
N GLY G 129 -111.11 -12.91 -6.57
CA GLY G 129 -111.49 -12.17 -7.77
C GLY G 129 -110.37 -11.92 -8.75
N MET G 130 -109.39 -12.82 -8.83
CA MET G 130 -108.32 -12.75 -9.82
C MET G 130 -108.19 -14.10 -10.53
N PRO G 131 -109.19 -14.47 -11.33
CA PRO G 131 -109.14 -15.82 -11.94
C PRO G 131 -108.13 -15.93 -13.07
N ASN G 132 -108.05 -14.95 -13.95
CA ASN G 132 -107.21 -14.99 -15.14
C ASN G 132 -106.18 -13.87 -15.14
N ASP G 133 -105.61 -13.59 -13.97
CA ASP G 133 -104.66 -12.48 -13.83
C ASP G 133 -103.48 -12.88 -12.97
N GLY G 134 -102.95 -14.08 -13.20
CA GLY G 134 -101.83 -14.57 -12.41
C GLY G 134 -100.48 -14.36 -13.07
N HIS G 135 -100.48 -13.99 -14.34
CA HIS G 135 -99.24 -13.81 -15.09
C HIS G 135 -98.72 -12.39 -15.06
N LYS G 136 -99.38 -11.48 -14.35
CA LYS G 136 -98.92 -10.11 -14.24
C LYS G 136 -97.92 -9.95 -13.09
N PHE G 137 -97.19 -8.87 -13.12
CA PHE G 137 -96.22 -8.54 -12.09
C PHE G 137 -96.78 -7.48 -11.15
N PRO G 138 -96.27 -7.40 -9.92
CA PRO G 138 -96.80 -6.41 -8.97
C PRO G 138 -96.69 -4.97 -9.44
N GLY G 139 -95.71 -4.65 -10.26
CA GLY G 139 -95.53 -3.29 -10.72
C GLY G 139 -96.48 -2.84 -11.81
N GLU G 140 -97.28 -3.75 -12.36
CA GLU G 140 -98.21 -3.42 -13.44
C GLU G 140 -99.66 -3.68 -13.05
N ILE G 141 -99.97 -3.69 -11.76
CA ILE G 141 -101.34 -3.84 -11.28
C ILE G 141 -101.66 -2.70 -10.33
N SER G 142 -102.94 -2.40 -10.20
CA SER G 142 -103.40 -1.29 -9.37
C SER G 142 -103.25 -1.63 -7.89
N GLY G 143 -103.59 -0.65 -7.04
CA GLY G 143 -103.52 -0.87 -5.61
C GLY G 143 -104.52 -1.89 -5.11
N GLY G 144 -105.74 -1.85 -5.64
CA GLY G 144 -106.74 -2.84 -5.25
C GLY G 144 -106.34 -4.25 -5.64
N MET G 145 -105.86 -4.42 -6.86
CA MET G 145 -105.37 -5.73 -7.29
C MET G 145 -104.15 -6.16 -6.48
N ARG G 146 -103.32 -5.19 -6.08
CA ARG G 146 -102.17 -5.52 -5.24
C ARG G 146 -102.62 -6.04 -3.88
N LYS G 147 -103.64 -5.41 -3.29
CA LYS G 147 -104.18 -5.90 -2.03
C LYS G 147 -104.81 -7.28 -2.19
N ARG G 148 -105.52 -7.50 -3.31
CA ARG G 148 -106.12 -8.81 -3.55
C ARG G 148 -105.05 -9.89 -3.70
N ALA G 149 -103.97 -9.58 -4.40
CA ALA G 149 -102.88 -10.55 -4.56
C ALA G 149 -102.18 -10.82 -3.24
N GLY G 150 -102.00 -9.79 -2.41
CA GLY G 150 -101.45 -10.01 -1.08
C GLY G 150 -102.34 -10.89 -0.23
N LEU G 151 -103.65 -10.67 -0.29
CA LEU G 151 -104.59 -11.52 0.43
C LEU G 151 -104.54 -12.95 -0.06
N ALA G 152 -104.48 -13.13 -1.39
CA ALA G 152 -104.39 -14.47 -1.97
C ALA G 152 -103.12 -15.19 -1.51
N ARG G 153 -101.99 -14.46 -1.48
CA ARG G 153 -100.77 -15.04 -0.94
C ARG G 153 -100.91 -15.40 0.53
N ALA G 154 -101.67 -14.61 1.28
CA ALA G 154 -101.86 -14.91 2.70
C ALA G 154 -102.86 -16.02 2.95
N LEU G 155 -103.65 -16.42 1.94
CA LEU G 155 -104.72 -17.39 2.14
C LEU G 155 -104.38 -18.78 1.64
N VAL G 156 -103.11 -19.08 1.40
CA VAL G 156 -102.73 -20.38 0.85
C VAL G 156 -102.29 -21.39 1.92
N LEU G 157 -101.90 -20.94 3.10
CA LEU G 157 -101.42 -21.83 4.15
C LEU G 157 -102.46 -22.08 5.23
N ASP G 158 -103.75 -21.80 4.95
CA ASP G 158 -104.86 -21.94 5.89
C ASP G 158 -104.56 -21.21 7.19
N PRO G 159 -104.55 -19.88 7.18
CA PRO G 159 -104.19 -19.14 8.40
C PRO G 159 -105.29 -19.16 9.45
N GLU G 160 -104.87 -19.19 10.70
CA GLU G 160 -105.79 -19.06 11.83
C GLU G 160 -105.92 -17.63 12.32
N ILE G 161 -105.00 -16.74 11.92
CA ILE G 161 -105.07 -15.32 12.21
C ILE G 161 -104.77 -14.57 10.92
N ILE G 162 -105.50 -13.50 10.66
CA ILE G 162 -105.25 -12.64 9.52
C ILE G 162 -105.11 -11.21 10.01
N LEU G 163 -104.04 -10.54 9.58
CA LEU G 163 -103.78 -9.15 9.96
C LEU G 163 -103.84 -8.29 8.71
N CYS G 164 -104.89 -7.47 8.60
CA CYS G 164 -105.04 -6.54 7.49
C CYS G 164 -104.66 -5.15 7.98
N ASP G 165 -103.68 -4.53 7.30
CA ASP G 165 -103.14 -3.24 7.70
C ASP G 165 -103.61 -2.18 6.72
N GLU G 166 -104.52 -1.31 7.17
CA GLU G 166 -105.06 -0.19 6.39
C GLU G 166 -105.61 -0.66 5.04
N PRO G 167 -106.69 -1.43 5.03
CA PRO G 167 -107.23 -1.91 3.74
C PRO G 167 -107.88 -0.81 2.90
N ASP G 168 -108.10 0.37 3.46
CA ASP G 168 -108.75 1.47 2.74
C ASP G 168 -107.78 2.44 2.10
N SER G 169 -106.47 2.17 2.19
CA SER G 169 -105.47 3.12 1.72
C SER G 169 -105.55 3.28 0.20
N GLY G 170 -105.75 4.51 -0.25
CA GLY G 170 -105.78 4.80 -1.67
C GLY G 170 -106.96 4.23 -2.41
N LEU G 171 -108.03 3.87 -1.69
CA LEU G 171 -109.21 3.27 -2.28
C LEU G 171 -110.41 4.15 -2.00
N ASP G 172 -111.20 4.43 -3.04
CA ASP G 172 -112.46 5.11 -2.86
C ASP G 172 -113.43 4.18 -2.13
N PRO G 173 -114.48 4.74 -1.51
CA PRO G 173 -115.36 3.90 -0.66
C PRO G 173 -115.99 2.71 -1.38
N VAL G 174 -116.17 2.77 -2.70
CA VAL G 174 -116.71 1.62 -3.42
C VAL G 174 -115.75 0.44 -3.32
N ARG G 175 -114.47 0.67 -3.61
CA ARG G 175 -113.49 -0.40 -3.57
C ARG G 175 -113.24 -0.86 -2.14
N THR G 176 -113.30 0.07 -1.18
CA THR G 176 -113.19 -0.31 0.22
C THR G 176 -114.36 -1.20 0.63
N ALA G 177 -115.56 -0.89 0.16
CA ALA G 177 -116.72 -1.75 0.43
C ALA G 177 -116.55 -3.12 -0.18
N TYR G 178 -116.03 -3.17 -1.42
CA TYR G 178 -115.75 -4.47 -2.06
C TYR G 178 -114.78 -5.29 -1.23
N LEU G 179 -113.69 -4.66 -0.77
CA LEU G 179 -112.69 -5.39 0.00
C LEU G 179 -113.25 -5.83 1.35
N SER G 180 -114.09 -5.01 1.97
CA SER G 180 -114.72 -5.39 3.22
C SER G 180 -115.66 -6.58 3.03
N GLN G 181 -116.42 -6.59 1.94
CA GLN G 181 -117.27 -7.73 1.63
C GLN G 181 -116.43 -8.99 1.44
N LEU G 182 -115.30 -8.86 0.74
CA LEU G 182 -114.43 -10.02 0.55
C LEU G 182 -113.89 -10.53 1.88
N LEU G 183 -113.51 -9.62 2.78
CA LEU G 183 -112.99 -10.03 4.08
C LEU G 183 -114.07 -10.73 4.90
N ILE G 184 -115.30 -10.23 4.85
CA ILE G 184 -116.41 -10.90 5.50
C ILE G 184 -116.59 -12.30 4.94
N ASP G 185 -116.52 -12.44 3.61
CA ASP G 185 -116.68 -13.74 2.98
C ASP G 185 -115.58 -14.71 3.41
N ILE G 186 -114.32 -14.25 3.44
CA ILE G 186 -113.24 -15.16 3.79
C ILE G 186 -113.33 -15.55 5.26
N ASN G 187 -113.81 -14.65 6.13
CA ASN G 187 -114.04 -15.05 7.51
C ASN G 187 -115.19 -16.04 7.61
N ALA G 188 -116.20 -15.91 6.77
CA ALA G 188 -117.28 -16.89 6.73
C ALA G 188 -116.77 -18.27 6.33
N GLN G 189 -115.93 -18.32 5.30
CA GLN G 189 -115.47 -19.59 4.76
C GLN G 189 -114.42 -20.25 5.65
N ILE G 190 -113.50 -19.46 6.22
CA ILE G 190 -112.32 -20.01 6.87
C ILE G 190 -112.37 -19.86 8.38
N ASP G 191 -113.04 -18.84 8.92
CA ASP G 191 -113.10 -18.56 10.36
C ASP G 191 -111.68 -18.36 10.90
N ALA G 192 -111.06 -17.26 10.43
CA ALA G 192 -109.62 -17.07 10.53
C ALA G 192 -109.22 -15.86 11.36
N THR G 193 -110.10 -15.38 12.25
CA THR G 193 -109.79 -14.28 13.17
C THR G 193 -109.20 -13.08 12.44
N VAL G 194 -110.00 -12.49 11.56
CA VAL G 194 -109.54 -11.33 10.80
C VAL G 194 -109.45 -10.13 11.72
N LEU G 195 -108.30 -9.46 11.71
CA LEU G 195 -108.09 -8.23 12.45
C LEU G 195 -107.74 -7.12 11.47
N ILE G 196 -108.38 -5.96 11.62
CA ILE G 196 -108.22 -4.85 10.70
C ILE G 196 -107.81 -3.62 11.50
N VAL G 197 -106.91 -2.84 10.91
CA VAL G 197 -106.46 -1.57 11.46
C VAL G 197 -106.74 -0.47 10.45
N THR G 198 -107.52 0.52 10.86
CA THR G 198 -107.93 1.62 9.99
C THR G 198 -108.64 2.66 10.83
N HIS G 199 -108.68 3.89 10.32
CA HIS G 199 -109.46 4.96 10.91
C HIS G 199 -110.70 5.27 10.09
N ASN G 200 -111.04 4.41 9.13
CA ASN G 200 -112.23 4.59 8.32
C ASN G 200 -113.48 4.41 9.18
N ILE G 201 -114.56 5.08 8.80
CA ILE G 201 -115.82 5.02 9.52
C ILE G 201 -116.77 4.00 8.90
N ASN G 202 -116.84 3.92 7.57
CA ASN G 202 -117.69 2.94 6.93
C ASN G 202 -117.28 1.52 7.31
N ILE G 203 -115.97 1.27 7.39
CA ILE G 203 -115.49 -0.03 7.85
C ILE G 203 -115.90 -0.27 9.29
N ALA G 204 -115.70 0.74 10.14
CA ALA G 204 -115.93 0.61 11.58
C ALA G 204 -117.39 0.77 11.98
N ARG G 205 -118.33 0.64 11.05
CA ARG G 205 -119.74 0.65 11.39
C ARG G 205 -120.52 -0.51 10.77
N THR G 206 -119.91 -1.28 9.89
CA THR G 206 -120.58 -2.38 9.22
C THR G 206 -119.83 -3.69 9.32
N VAL G 207 -118.50 -3.67 9.27
CA VAL G 207 -117.68 -4.88 9.21
C VAL G 207 -117.51 -5.58 10.56
N PRO G 208 -117.01 -4.91 11.61
CA PRO G 208 -116.44 -5.65 12.74
C PRO G 208 -117.46 -6.40 13.58
N ASP G 209 -117.00 -7.46 14.22
CA ASP G 209 -117.70 -8.06 15.34
C ASP G 209 -117.21 -7.49 16.67
N ASN G 210 -116.00 -6.96 16.70
CA ASN G 210 -115.44 -6.31 17.88
C ASN G 210 -114.69 -5.05 17.43
N MET G 211 -114.65 -4.06 18.31
CA MET G 211 -113.96 -2.82 17.99
C MET G 211 -113.22 -2.29 19.20
N GLY G 212 -112.11 -1.62 18.94
CA GLY G 212 -111.36 -0.93 19.97
C GLY G 212 -110.85 0.38 19.43
N MET G 213 -110.59 1.32 20.35
CA MET G 213 -110.16 2.66 19.95
C MET G 213 -108.98 3.11 20.79
N LEU G 214 -107.98 3.68 20.10
CA LEU G 214 -106.80 4.26 20.73
C LEU G 214 -106.91 5.77 20.71
N PHE G 215 -106.62 6.41 21.85
CA PHE G 215 -106.69 7.86 21.94
C PHE G 215 -105.69 8.36 22.97
N ARG G 216 -104.75 9.20 22.53
CA ARG G 216 -103.75 9.84 23.38
C ARG G 216 -102.93 8.80 24.15
N LYS G 217 -102.30 7.91 23.39
CA LYS G 217 -101.39 6.88 23.92
C LYS G 217 -102.11 6.03 24.97
N GLN G 218 -103.34 5.63 24.66
CA GLN G 218 -104.16 4.85 25.58
C GLN G 218 -105.20 4.11 24.77
N LEU G 219 -105.77 3.07 25.37
CA LEU G 219 -106.91 2.35 24.79
C LEU G 219 -108.15 2.76 25.57
N VAL G 220 -109.05 3.50 24.92
CA VAL G 220 -110.22 4.01 25.64
C VAL G 220 -111.18 2.88 25.97
N MET G 221 -111.46 1.99 25.03
CA MET G 221 -112.35 0.87 25.26
C MET G 221 -112.20 -0.14 24.13
N PHE G 222 -112.36 -1.41 24.48
CA PHE G 222 -112.47 -2.50 23.52
C PHE G 222 -113.69 -3.33 23.88
N GLY G 223 -114.47 -3.70 22.87
CA GLY G 223 -115.68 -4.45 23.09
C GLY G 223 -116.37 -4.83 21.81
N PRO G 224 -117.52 -5.49 21.92
CA PRO G 224 -118.25 -5.93 20.74
C PRO G 224 -118.81 -4.75 19.95
N ARG G 225 -119.34 -5.09 18.78
CA ARG G 225 -119.90 -4.07 17.89
C ARG G 225 -121.10 -3.37 18.52
N GLU G 226 -122.02 -4.15 19.10
CA GLU G 226 -123.21 -3.56 19.71
C GLU G 226 -122.85 -2.67 20.89
N VAL G 227 -121.92 -3.12 21.73
CA VAL G 227 -121.53 -2.35 22.90
C VAL G 227 -120.87 -1.04 22.49
N LEU G 228 -120.01 -1.07 21.47
CA LEU G 228 -119.30 0.14 21.07
C LEU G 228 -120.20 1.11 20.31
N LEU G 229 -121.21 0.60 19.61
CA LEU G 229 -122.10 1.48 18.86
C LEU G 229 -123.24 2.04 19.71
N THR G 230 -123.30 1.69 20.99
CA THR G 230 -124.28 2.24 21.93
C THR G 230 -123.60 2.67 23.21
N SER G 231 -122.46 3.35 23.09
CA SER G 231 -121.72 3.85 24.24
C SER G 231 -121.77 5.37 24.24
N GLU G 232 -122.14 5.95 25.37
CA GLU G 232 -122.19 7.41 25.50
C GLU G 232 -120.87 7.97 26.03
N GLU G 233 -119.78 7.56 25.39
CA GLU G 233 -118.44 8.04 25.67
C GLU G 233 -118.07 9.13 24.69
N PRO G 234 -117.64 10.31 25.16
CA PRO G 234 -117.43 11.44 24.24
C PRO G 234 -116.46 11.15 23.11
N VAL G 235 -115.37 10.45 23.39
CA VAL G 235 -114.38 10.16 22.34
C VAL G 235 -114.96 9.18 21.33
N VAL G 236 -115.56 8.10 21.80
CA VAL G 236 -116.10 7.07 20.91
C VAL G 236 -117.28 7.62 20.12
N LYS G 237 -118.19 8.33 20.79
CA LYS G 237 -119.35 8.88 20.10
C LYS G 237 -118.95 9.96 19.12
N GLN G 238 -117.90 10.73 19.43
CA GLN G 238 -117.40 11.72 18.48
C GLN G 238 -116.80 11.04 17.26
N PHE G 239 -115.95 10.03 17.47
CA PHE G 239 -115.22 9.45 16.35
C PHE G 239 -116.12 8.61 15.45
N LEU G 240 -116.97 7.77 16.04
CA LEU G 240 -117.79 6.88 15.23
C LEU G 240 -118.81 7.62 14.38
N ASN G 241 -119.11 8.88 14.72
CA ASN G 241 -120.02 9.70 13.93
C ASN G 241 -119.30 10.75 13.09
N GLY G 242 -117.98 10.90 13.26
CA GLY G 242 -117.23 11.89 12.53
C GLY G 242 -117.59 13.32 12.88
N ARG G 243 -117.85 13.60 14.16
CA ARG G 243 -118.26 14.92 14.58
C ARG G 243 -117.05 15.83 14.74
N ARG G 244 -117.33 17.10 15.01
CA ARG G 244 -116.29 18.10 15.18
C ARG G 244 -116.14 18.57 16.62
N ILE G 245 -117.13 18.36 17.47
CA ILE G 245 -117.11 18.81 18.85
C ILE G 245 -116.81 17.62 19.74
N GLY G 246 -115.66 17.64 20.41
CA GLY G 246 -115.26 16.56 21.27
C GLY G 246 -113.81 16.65 21.68
N PRO G 247 -113.33 15.66 22.43
CA PRO G 247 -111.92 15.69 22.88
C PRO G 247 -110.90 15.70 21.76
N ILE G 248 -111.18 15.03 20.65
CA ILE G 248 -110.21 14.97 19.54
C ILE G 248 -110.07 16.37 18.95
N GLY G 249 -108.85 16.89 18.94
CA GLY G 249 -108.60 18.27 18.59
C GLY G 249 -108.36 18.49 17.12
N MET G 250 -107.86 19.69 16.80
CA MET G 250 -107.64 20.08 15.41
C MET G 250 -106.58 19.20 14.75
N SER G 251 -105.51 18.90 15.47
CA SER G 251 -104.44 18.06 14.96
C SER G 251 -103.80 17.31 16.12
N GLU G 252 -102.77 16.53 15.81
CA GLU G 252 -102.14 15.68 16.82
C GLU G 252 -101.51 16.50 17.93
N GLU G 253 -101.07 17.73 17.62
CA GLU G 253 -100.40 18.55 18.62
C GLU G 253 -101.34 18.92 19.76
N LYS G 254 -102.58 19.24 19.46
CA LYS G 254 -103.58 19.65 20.46
C LYS G 254 -104.64 18.55 20.55
N ASP G 255 -104.52 17.71 21.57
CA ASP G 255 -105.51 16.67 21.83
C ASP G 255 -105.86 16.62 23.32
N VAL G 281 -128.53 0.95 15.68
CA VAL G 281 -127.19 0.74 15.16
C VAL G 281 -127.27 0.32 13.70
N PRO G 282 -126.26 0.64 12.91
CA PRO G 282 -126.27 0.23 11.51
C PRO G 282 -126.21 -1.27 11.39
N PRO G 283 -126.83 -1.84 10.35
CA PRO G 283 -126.73 -3.28 10.13
C PRO G 283 -125.31 -3.70 9.78
N GLN G 284 -124.95 -4.91 10.20
CA GLN G 284 -123.65 -5.45 9.86
C GLN G 284 -123.65 -6.01 8.46
N LEU G 285 -122.49 -5.96 7.81
CA LEU G 285 -122.31 -6.61 6.51
C LEU G 285 -122.59 -8.10 6.62
N GLN G 286 -123.60 -8.56 5.90
CA GLN G 286 -123.94 -9.97 5.86
C GLN G 286 -123.20 -10.64 4.71
N ALA G 287 -122.71 -11.85 4.98
CA ALA G 287 -122.02 -12.63 3.94
C ALA G 287 -122.96 -12.89 2.77
N THR G 288 -122.39 -12.91 1.57
CA THR G 288 -123.18 -13.01 0.36
C THR G 288 -123.95 -14.33 0.32
N PRO G 289 -125.12 -14.36 -0.31
CA PRO G 289 -125.83 -15.63 -0.47
C PRO G 289 -124.99 -16.63 -1.27
N GLY G 290 -125.11 -17.90 -0.90
CA GLY G 290 -124.24 -18.92 -1.44
C GLY G 290 -122.94 -19.10 -0.69
N MET G 291 -122.88 -18.65 0.56
CA MET G 291 -121.69 -18.73 1.41
C MET G 291 -122.08 -19.40 2.72
N PRO G 292 -121.16 -20.14 3.35
CA PRO G 292 -121.48 -20.80 4.62
C PRO G 292 -121.82 -19.81 5.72
N GLU G 293 -122.67 -20.26 6.64
CA GLU G 293 -123.11 -19.43 7.75
C GLU G 293 -121.93 -19.07 8.66
N ARG G 294 -121.88 -17.82 9.09
CA ARG G 294 -120.85 -17.36 10.01
C ARG G 294 -121.16 -17.80 11.42
N LYS G 295 -120.17 -18.40 12.08
CA LYS G 295 -120.30 -18.77 13.49
C LYS G 295 -119.82 -17.68 14.42
N ALA G 296 -119.24 -16.61 13.88
CA ALA G 296 -118.76 -15.52 14.72
C ALA G 296 -119.91 -14.74 15.34
N VAL G 297 -120.98 -14.53 14.58
CA VAL G 297 -122.10 -13.72 15.06
C VAL G 297 -122.76 -14.35 16.29
N ALA G 298 -122.92 -15.67 16.28
CA ALA G 298 -123.60 -16.35 17.39
C ALA G 298 -122.82 -16.21 18.69
N ARG G 299 -121.51 -16.50 18.65
CA ARG G 299 -120.70 -16.37 19.85
C ARG G 299 -120.57 -14.92 20.28
N ARG G 300 -120.51 -14.00 19.31
CA ARG G 300 -120.45 -12.58 19.65
C ARG G 300 -121.70 -12.13 20.39
N LYS G 301 -122.88 -12.57 19.92
CA LYS G 301 -124.12 -12.21 20.62
C LYS G 301 -124.19 -12.90 21.99
N ALA G 302 -123.69 -14.13 22.08
CA ALA G 302 -123.66 -14.82 23.36
C ALA G 302 -122.83 -14.06 24.39
N ARG G 303 -121.68 -13.51 23.96
CA ARG G 303 -120.89 -12.68 24.85
C ARG G 303 -121.55 -11.32 25.08
N VAL G 304 -122.28 -10.82 24.07
CA VAL G 304 -122.94 -9.52 24.18
C VAL G 304 -124.00 -9.56 25.26
N ARG G 305 -124.69 -10.70 25.43
CA ARG G 305 -125.69 -10.81 26.49
C ARG G 305 -125.04 -10.69 27.87
N GLU G 306 -123.94 -11.41 28.09
CA GLU G 306 -123.23 -11.31 29.35
C GLU G 306 -122.68 -9.91 29.60
N ILE G 307 -122.27 -9.21 28.54
CA ILE G 307 -121.82 -7.84 28.72
C ILE G 307 -123.00 -6.91 29.03
N LEU G 308 -124.13 -7.12 28.34
CA LEU G 308 -125.35 -6.35 28.59
C LEU G 308 -125.83 -6.52 30.02
N HIS G 309 -125.48 -7.64 30.66
CA HIS G 309 -125.76 -7.80 32.08
C HIS G 309 -125.17 -6.65 32.91
N THR G 310 -124.07 -6.03 32.45
CA THR G 310 -123.44 -4.93 33.17
C THR G 310 -123.48 -3.61 32.40
N LEU G 311 -124.30 -3.49 31.37
CA LEU G 311 -124.38 -2.25 30.61
C LEU G 311 -125.32 -1.25 31.27
N PRO G 312 -125.21 0.04 30.94
CA PRO G 312 -126.16 1.01 31.46
C PRO G 312 -127.56 0.73 30.96
N PRO G 313 -128.59 1.14 31.72
CA PRO G 313 -129.98 0.79 31.33
C PRO G 313 -130.39 1.27 29.95
N ALA G 314 -129.98 2.48 29.54
CA ALA G 314 -130.26 2.92 28.19
C ALA G 314 -129.54 2.05 27.17
N ALA G 315 -128.26 1.76 27.42
CA ALA G 315 -127.52 0.85 26.55
C ALA G 315 -128.12 -0.54 26.56
N GLN G 316 -128.56 -1.00 27.74
CA GLN G 316 -129.21 -2.32 27.82
C GLN G 316 -130.47 -2.36 26.96
N ALA G 317 -131.29 -1.33 27.04
CA ALA G 317 -132.51 -1.29 26.22
C ALA G 317 -132.17 -1.25 24.74
N ALA G 318 -131.15 -0.48 24.36
CA ALA G 318 -130.76 -0.42 22.95
C ALA G 318 -130.28 -1.77 22.45
N ILE G 319 -129.46 -2.46 23.26
CA ILE G 319 -128.94 -3.77 22.83
C ILE G 319 -130.06 -4.80 22.78
N LEU G 320 -130.99 -4.76 23.74
CA LEU G 320 -132.12 -5.67 23.71
C LEU G 320 -132.98 -5.43 22.47
N GLU G 321 -133.19 -4.17 22.10
CA GLU G 321 -133.94 -3.88 20.88
C GLU G 321 -133.19 -4.39 19.65
N GLU G 322 -131.87 -4.22 19.63
CA GLU G 322 -131.10 -4.62 18.45
C GLU G 322 -131.06 -6.13 18.27
N LEU G 323 -130.79 -6.86 19.35
CA LEU G 323 -130.65 -8.31 19.24
C LEU G 323 -131.97 -9.02 18.97
N ASP G 324 -133.10 -8.40 19.31
CA ASP G 324 -134.41 -9.03 19.17
C ASP G 324 -135.09 -8.71 17.85
N ARG G 325 -134.40 -8.06 16.92
CA ARG G 325 -134.96 -7.76 15.61
C ARG G 325 -135.17 -9.04 14.80
N GLY H 2 -113.44 36.10 -5.68
CA GLY H 2 -113.26 34.90 -6.49
C GLY H 2 -113.55 35.15 -7.96
N VAL H 3 -113.01 34.28 -8.82
CA VAL H 3 -113.17 34.40 -10.26
C VAL H 3 -113.54 33.04 -10.84
N GLN H 4 -114.11 33.09 -12.04
CA GLN H 4 -114.67 31.91 -12.70
C GLN H 4 -113.62 31.23 -13.55
N ILE H 5 -113.65 29.90 -13.56
CA ILE H 5 -112.74 29.07 -14.33
C ILE H 5 -113.58 28.30 -15.34
N ASP H 6 -113.30 28.47 -16.63
CA ASP H 6 -114.11 27.79 -17.65
C ASP H 6 -113.23 26.81 -18.42
N VAL H 7 -113.09 25.60 -17.87
CA VAL H 7 -112.40 24.52 -18.58
C VAL H 7 -113.26 24.04 -19.74
N THR H 8 -112.62 23.73 -20.86
CA THR H 8 -113.37 23.25 -22.03
C THR H 8 -112.49 22.34 -22.87
N GLY H 9 -112.92 21.09 -23.05
CA GLY H 9 -112.21 20.16 -23.91
C GLY H 9 -110.88 19.67 -23.39
N LEU H 10 -110.67 19.71 -22.07
CA LEU H 10 -109.40 19.30 -21.49
C LEU H 10 -109.13 17.83 -21.76
N SER H 11 -107.86 17.49 -21.98
CA SER H 11 -107.45 16.12 -22.24
C SER H 11 -105.99 15.96 -21.87
N LYS H 12 -105.71 15.08 -20.92
CA LYS H 12 -104.34 14.76 -20.50
C LYS H 12 -104.02 13.31 -20.86
N SER H 13 -102.77 13.07 -21.25
CA SER H 13 -102.34 11.73 -21.64
C SER H 13 -100.86 11.60 -21.35
N PHE H 14 -100.51 10.75 -20.39
CA PHE H 14 -99.11 10.44 -20.09
C PHE H 14 -98.61 9.34 -21.02
N GLY H 15 -98.39 9.72 -22.26
CA GLY H 15 -97.96 8.77 -23.28
C GLY H 15 -99.15 8.11 -23.95
N SER H 16 -99.11 6.78 -24.04
CA SER H 16 -100.21 6.06 -24.65
C SER H 16 -101.45 6.04 -23.75
N SER H 17 -101.25 5.94 -22.44
CA SER H 17 -102.37 5.89 -21.51
C SER H 17 -102.88 7.29 -21.22
N LYS H 18 -104.19 7.48 -21.39
CA LYS H 18 -104.84 8.77 -21.17
C LYS H 18 -105.47 8.80 -19.78
N ILE H 19 -105.53 10.01 -19.21
CA ILE H 19 -106.06 10.20 -17.87
C ILE H 19 -107.55 10.56 -17.91
N TRP H 20 -107.91 11.56 -18.71
CA TRP H 20 -109.30 11.90 -18.96
C TRP H 20 -109.45 12.28 -20.42
N GLU H 21 -110.66 12.13 -20.95
CA GLU H 21 -110.88 12.36 -22.37
C GLU H 21 -111.34 13.78 -22.66
N ASP H 22 -112.42 14.23 -22.03
CA ASP H 22 -112.98 15.55 -22.31
C ASP H 22 -113.65 16.06 -21.05
N VAL H 23 -113.06 17.07 -20.42
CA VAL H 23 -113.60 17.69 -19.22
C VAL H 23 -114.07 19.09 -19.59
N THR H 24 -115.36 19.36 -19.35
CA THR H 24 -115.95 20.66 -19.62
C THR H 24 -116.62 21.14 -18.34
N MET H 25 -116.06 22.17 -17.72
CA MET H 25 -116.56 22.72 -16.47
C MET H 25 -116.82 24.21 -16.61
N SER H 26 -117.53 24.75 -15.61
CA SER H 26 -117.64 26.19 -15.41
C SER H 26 -117.77 26.39 -13.91
N ILE H 27 -116.65 26.63 -13.25
CA ILE H 27 -116.61 26.73 -11.79
C ILE H 27 -117.12 28.11 -11.39
N PRO H 28 -118.14 28.19 -10.54
CA PRO H 28 -118.67 29.50 -10.14
C PRO H 28 -117.67 30.27 -9.30
N ALA H 29 -117.79 31.59 -9.36
CA ALA H 29 -116.85 32.47 -8.68
C ALA H 29 -117.19 32.56 -7.20
N GLY H 30 -116.26 32.14 -6.34
CA GLY H 30 -116.41 32.27 -4.91
C GLY H 30 -117.04 31.09 -4.22
N GLU H 31 -117.61 30.14 -4.95
CA GLU H 31 -118.29 29.00 -4.36
C GLU H 31 -117.35 27.81 -4.28
N VAL H 32 -117.41 27.09 -3.15
CA VAL H 32 -116.61 25.90 -2.96
C VAL H 32 -117.09 24.81 -3.92
N SER H 33 -116.16 24.17 -4.61
CA SER H 33 -116.45 23.10 -5.55
C SER H 33 -115.54 21.92 -5.27
N VAL H 34 -116.07 20.71 -5.49
CA VAL H 34 -115.36 19.48 -5.21
C VAL H 34 -115.44 18.57 -6.43
N LEU H 35 -114.31 17.97 -6.78
CA LEU H 35 -114.21 16.98 -7.84
C LEU H 35 -114.04 15.60 -7.23
N LEU H 36 -114.82 14.63 -7.71
CA LEU H 36 -114.88 13.30 -7.13
C LEU H 36 -114.61 12.26 -8.20
N GLY H 37 -114.31 11.05 -7.76
CA GLY H 37 -114.11 9.94 -8.65
C GLY H 37 -113.47 8.75 -7.97
N PRO H 38 -113.42 7.62 -8.67
CA PRO H 38 -112.72 6.45 -8.15
C PRO H 38 -111.21 6.67 -8.14
N SER H 39 -110.52 5.78 -7.44
CA SER H 39 -109.06 5.85 -7.37
C SER H 39 -108.45 5.66 -8.75
N GLY H 40 -107.35 6.37 -8.99
CA GLY H 40 -106.65 6.30 -10.25
C GLY H 40 -107.27 7.07 -11.40
N THR H 41 -108.09 8.07 -11.12
CA THR H 41 -108.71 8.89 -12.15
C THR H 41 -107.95 10.18 -12.43
N GLY H 42 -106.83 10.41 -11.75
CA GLY H 42 -106.01 11.58 -12.00
C GLY H 42 -106.67 12.90 -11.67
N LYS H 43 -107.28 12.99 -10.49
CA LYS H 43 -107.88 14.25 -10.06
C LYS H 43 -106.80 15.27 -9.70
N SER H 44 -105.72 14.82 -9.05
CA SER H 44 -104.62 15.73 -8.74
C SER H 44 -103.94 16.23 -10.01
N VAL H 45 -103.92 15.41 -11.07
CA VAL H 45 -103.42 15.87 -12.35
C VAL H 45 -104.29 17.00 -12.89
N PHE H 46 -105.60 16.89 -12.71
CA PHE H 46 -106.51 17.97 -13.11
C PHE H 46 -106.23 19.24 -12.30
N LEU H 47 -106.01 19.08 -10.99
CA LEU H 47 -105.71 20.23 -10.16
C LEU H 47 -104.43 20.92 -10.61
N LYS H 48 -103.39 20.14 -10.92
CA LYS H 48 -102.14 20.72 -11.39
C LYS H 48 -102.33 21.38 -12.76
N SER H 49 -103.11 20.76 -13.65
CA SER H 49 -103.32 21.31 -14.98
C SER H 49 -104.11 22.61 -14.94
N LEU H 50 -104.99 22.78 -13.96
CA LEU H 50 -105.76 24.02 -13.87
C LEU H 50 -104.91 25.24 -13.60
N ILE H 51 -103.71 25.07 -13.02
CA ILE H 51 -102.84 26.20 -12.72
C ILE H 51 -101.70 26.34 -13.73
N GLY H 52 -101.47 25.34 -14.57
CA GLY H 52 -100.43 25.40 -15.57
C GLY H 52 -99.15 24.65 -15.25
N LEU H 53 -99.11 23.92 -14.13
CA LEU H 53 -97.93 23.08 -13.85
C LEU H 53 -97.79 21.99 -14.90
N LEU H 54 -98.89 21.36 -15.28
CA LEU H 54 -98.89 20.34 -16.32
C LEU H 54 -99.53 20.91 -17.58
N ARG H 55 -99.34 20.18 -18.69
CA ARG H 55 -99.77 20.65 -20.00
C ARG H 55 -100.74 19.66 -20.64
N PRO H 56 -102.05 19.88 -20.55
CA PRO H 56 -102.98 19.06 -21.32
C PRO H 56 -102.73 19.20 -22.82
N GLU H 57 -102.94 18.10 -23.54
CA GLU H 57 -102.65 18.07 -24.97
C GLU H 57 -103.55 19.03 -25.73
N ARG H 58 -104.84 19.09 -25.38
CA ARG H 58 -105.78 19.96 -26.05
C ARG H 58 -106.67 20.61 -24.99
N GLY H 59 -107.64 21.39 -25.47
CA GLY H 59 -108.57 22.06 -24.59
C GLY H 59 -108.20 23.50 -24.33
N SER H 60 -108.85 24.06 -23.31
CA SER H 60 -108.61 25.44 -22.93
C SER H 60 -109.05 25.65 -21.49
N ILE H 61 -108.31 26.48 -20.76
CA ILE H 61 -108.61 26.84 -19.38
C ILE H 61 -108.53 28.36 -19.29
N VAL H 62 -109.66 29.01 -19.07
CA VAL H 62 -109.73 30.46 -19.05
C VAL H 62 -110.04 30.91 -17.62
N ILE H 63 -109.14 31.73 -17.08
CA ILE H 63 -109.36 32.47 -15.84
C ILE H 63 -109.63 33.92 -16.25
N ASP H 64 -110.70 34.50 -15.72
CA ASP H 64 -111.21 35.79 -16.21
C ASP H 64 -111.55 35.63 -17.68
N GLY H 65 -110.81 36.31 -18.55
CA GLY H 65 -111.07 36.19 -19.98
C GLY H 65 -109.87 35.80 -20.80
N THR H 66 -108.80 35.32 -20.15
CA THR H 66 -107.56 34.96 -20.83
C THR H 66 -107.31 33.47 -20.71
N ASP H 67 -106.98 32.83 -21.83
CA ASP H 67 -106.67 31.40 -21.83
C ASP H 67 -105.24 31.22 -21.33
N ILE H 68 -105.09 30.66 -20.13
CA ILE H 68 -103.75 30.48 -19.57
C ILE H 68 -103.03 29.28 -20.15
N LEU H 69 -103.74 28.41 -20.89
CA LEU H 69 -103.08 27.25 -21.48
C LEU H 69 -102.09 27.66 -22.56
N GLN H 70 -102.47 28.60 -23.42
CA GLN H 70 -101.60 29.10 -24.48
C GLN H 70 -101.40 30.60 -24.28
N CYS H 71 -100.38 30.95 -23.50
CA CYS H 71 -100.01 32.33 -23.27
C CYS H 71 -98.53 32.40 -22.96
N SER H 72 -97.96 33.59 -23.09
CA SER H 72 -96.55 33.79 -22.83
C SER H 72 -96.21 33.45 -21.39
N ALA H 73 -95.04 32.84 -21.18
CA ALA H 73 -94.63 32.41 -19.85
C ALA H 73 -94.47 33.59 -18.89
N LYS H 74 -94.23 34.80 -19.41
CA LYS H 74 -94.15 35.97 -18.55
C LYS H 74 -95.48 36.23 -17.86
N GLU H 75 -96.58 36.10 -18.60
CA GLU H 75 -97.91 36.38 -18.03
C GLU H 75 -98.37 35.29 -17.07
N LEU H 76 -97.79 34.09 -17.13
CA LEU H 76 -98.20 33.02 -16.24
C LEU H 76 -97.85 33.34 -14.79
N TYR H 77 -96.68 33.92 -14.55
CA TYR H 77 -96.28 34.26 -13.20
C TYR H 77 -97.08 35.42 -12.62
N GLU H 78 -97.81 36.16 -13.45
CA GLU H 78 -98.76 37.16 -12.97
C GLU H 78 -100.16 36.59 -12.80
N ILE H 79 -100.56 35.65 -13.67
CA ILE H 79 -101.83 34.97 -13.48
C ILE H 79 -101.82 34.17 -12.19
N ARG H 80 -100.71 33.49 -11.89
CA ARG H 80 -100.60 32.71 -10.67
C ARG H 80 -100.46 33.55 -9.42
N THR H 81 -100.55 34.89 -9.51
CA THR H 81 -100.55 35.70 -8.30
C THR H 81 -101.86 35.55 -7.55
N LEU H 82 -102.97 35.48 -8.28
CA LEU H 82 -104.28 35.28 -7.68
C LEU H 82 -104.62 33.79 -7.49
N PHE H 83 -103.65 33.07 -6.92
CA PHE H 83 -103.78 31.64 -6.68
C PHE H 83 -103.20 31.31 -5.31
N GLY H 84 -103.74 30.27 -4.71
CA GLY H 84 -103.16 29.72 -3.50
C GLY H 84 -103.38 28.23 -3.47
N VAL H 85 -102.30 27.45 -3.35
CA VAL H 85 -102.36 26.00 -3.51
C VAL H 85 -101.99 25.33 -2.21
N LEU H 86 -102.83 24.39 -1.77
CA LEU H 86 -102.55 23.51 -0.65
C LEU H 86 -102.37 22.11 -1.24
N PHE H 87 -101.14 21.60 -1.16
CA PHE H 87 -100.83 20.29 -1.70
C PHE H 87 -101.22 19.21 -0.69
N GLN H 88 -100.92 17.95 -1.03
CA GLN H 88 -101.29 16.83 -0.16
C GLN H 88 -100.57 16.87 1.18
N ASP H 89 -99.46 17.57 1.28
CA ASP H 89 -98.73 17.65 2.54
C ASP H 89 -98.25 19.06 2.84
N GLY H 90 -98.68 20.06 2.08
CA GLY H 90 -98.31 21.45 2.29
C GLY H 90 -97.17 21.91 1.41
N ALA H 91 -96.24 21.01 1.07
CA ALA H 91 -95.05 21.34 0.27
C ALA H 91 -94.23 22.46 0.92
N LEU H 92 -94.05 22.36 2.23
CA LEU H 92 -93.27 23.34 2.96
C LEU H 92 -91.77 23.11 2.75
N PHE H 93 -90.98 24.12 3.07
CA PHE H 93 -89.52 24.05 2.98
C PHE H 93 -88.96 23.83 4.38
N GLY H 94 -88.18 22.76 4.54
CA GLY H 94 -87.65 22.43 5.85
C GLY H 94 -86.51 23.31 6.32
N SER H 95 -85.96 24.15 5.44
CA SER H 95 -84.85 25.02 5.82
C SER H 95 -85.33 26.19 6.68
N MET H 96 -86.58 26.61 6.53
CA MET H 96 -87.12 27.75 7.25
C MET H 96 -88.41 27.36 7.96
N ASN H 97 -88.69 28.06 9.06
CA ASN H 97 -89.81 27.72 9.94
C ASN H 97 -91.13 28.17 9.33
N ILE H 98 -92.21 28.10 10.12
CA ILE H 98 -93.54 28.42 9.62
C ILE H 98 -93.65 29.91 9.30
N TYR H 99 -93.05 30.77 10.12
CA TYR H 99 -93.13 32.21 9.88
C TYR H 99 -92.50 32.60 8.56
N ASP H 100 -91.30 32.08 8.27
CA ASP H 100 -90.62 32.42 7.03
C ASP H 100 -91.31 31.77 5.82
N ASN H 101 -91.81 30.54 5.99
CA ASN H 101 -92.58 29.92 4.92
C ASN H 101 -93.82 30.74 4.57
N THR H 102 -94.51 31.26 5.60
CA THR H 102 -95.69 32.06 5.36
C THR H 102 -95.34 33.40 4.74
N ALA H 103 -94.21 33.99 5.15
CA ALA H 103 -93.83 35.30 4.66
C ALA H 103 -93.15 35.26 3.29
N PHE H 104 -92.74 34.09 2.81
CA PHE H 104 -92.07 33.99 1.52
C PHE H 104 -92.85 34.58 0.34
N PRO H 105 -94.14 34.26 0.13
CA PRO H 105 -94.82 34.77 -1.07
C PRO H 105 -94.86 36.29 -1.14
N LEU H 106 -95.07 36.93 0.01
CA LEU H 106 -95.14 38.38 0.09
C LEU H 106 -93.77 39.04 0.32
N ARG H 107 -92.74 38.25 0.64
CA ARG H 107 -91.38 38.77 0.56
C ARG H 107 -90.89 38.83 -0.88
N GLU H 108 -91.31 37.87 -1.71
CA GLU H 108 -90.85 37.85 -3.10
C GLU H 108 -91.53 38.92 -3.95
N HIS H 109 -92.82 39.14 -3.76
CA HIS H 109 -93.59 40.03 -4.65
C HIS H 109 -93.76 41.43 -4.07
N THR H 110 -94.34 41.55 -2.88
CA THR H 110 -94.66 42.85 -2.32
C THR H 110 -93.43 43.53 -1.75
N LYS H 111 -93.36 44.84 -1.95
CA LYS H 111 -92.29 45.68 -1.38
C LYS H 111 -92.70 46.26 -0.04
N LYS H 112 -93.14 45.40 0.87
CA LYS H 112 -93.62 45.82 2.18
C LYS H 112 -92.48 45.80 3.20
N SER H 113 -92.71 46.52 4.30
CA SER H 113 -91.75 46.58 5.39
C SER H 113 -91.83 45.33 6.25
N GLU H 114 -90.88 45.18 7.17
CA GLU H 114 -90.85 44.00 8.02
C GLU H 114 -92.01 43.99 9.02
N SER H 115 -92.39 45.15 9.53
CA SER H 115 -93.43 45.19 10.55
C SER H 115 -94.80 44.83 9.97
N GLU H 116 -95.12 45.39 8.79
CA GLU H 116 -96.36 45.03 8.12
C GLU H 116 -96.38 43.55 7.74
N ILE H 117 -95.22 43.04 7.31
CA ILE H 117 -95.10 41.62 7.00
C ILE H 117 -95.41 40.77 8.22
N ARG H 118 -94.85 41.15 9.37
CA ARG H 118 -95.12 40.40 10.60
C ARG H 118 -96.58 40.47 10.98
N LYS H 119 -97.20 41.66 10.85
CA LYS H 119 -98.61 41.80 11.16
C LYS H 119 -99.47 40.86 10.32
N ILE H 120 -99.28 40.90 8.99
CA ILE H 120 -100.14 40.09 8.12
C ILE H 120 -99.87 38.61 8.31
N VAL H 121 -98.60 38.23 8.54
CA VAL H 121 -98.29 36.82 8.73
C VAL H 121 -98.90 36.31 10.03
N MET H 122 -98.80 37.07 11.12
CA MET H 122 -99.42 36.66 12.38
C MET H 122 -100.94 36.59 12.24
N GLU H 123 -101.53 37.54 11.51
CA GLU H 123 -102.97 37.50 11.27
C GLU H 123 -103.38 36.22 10.57
N LYS H 124 -102.70 35.88 9.47
CA LYS H 124 -103.07 34.68 8.72
C LYS H 124 -102.70 33.39 9.44
N LEU H 125 -101.73 33.44 10.36
CA LEU H 125 -101.44 32.24 11.16
C LEU H 125 -102.48 32.03 12.24
N ASP H 126 -102.97 33.11 12.84
CA ASP H 126 -104.08 32.98 13.79
C ASP H 126 -105.39 32.64 13.09
N LEU H 127 -105.51 32.97 11.80
CA LEU H 127 -106.71 32.61 11.05
C LEU H 127 -106.85 31.09 10.91
N VAL H 128 -105.74 30.39 10.70
CA VAL H 128 -105.76 28.95 10.44
C VAL H 128 -105.52 28.14 11.72
N GLY H 129 -105.71 28.75 12.88
CA GLY H 129 -105.60 28.01 14.13
C GLY H 129 -104.20 27.69 14.58
N MET H 130 -103.21 28.47 14.17
CA MET H 130 -101.83 28.33 14.64
C MET H 130 -101.35 29.67 15.17
N PRO H 131 -101.77 30.05 16.38
CA PRO H 131 -101.42 31.37 16.91
C PRO H 131 -99.94 31.54 17.18
N ASN H 132 -99.33 30.60 17.91
CA ASN H 132 -97.96 30.72 18.38
C ASN H 132 -97.07 29.59 17.90
N ASP H 133 -97.37 29.01 16.74
CA ASP H 133 -96.55 27.95 16.17
C ASP H 133 -95.77 28.43 14.95
N GLY H 134 -95.41 29.72 14.92
CA GLY H 134 -94.68 30.27 13.79
C GLY H 134 -93.19 30.01 13.81
N HIS H 135 -92.65 29.61 14.95
CA HIS H 135 -91.21 29.38 15.09
C HIS H 135 -90.82 27.92 14.86
N LYS H 136 -91.78 27.04 14.62
CA LYS H 136 -91.50 25.62 14.45
C LYS H 136 -91.20 25.30 13.00
N PHE H 137 -90.29 24.36 12.78
CA PHE H 137 -89.94 23.93 11.44
C PHE H 137 -90.95 22.91 10.93
N PRO H 138 -91.08 22.77 9.60
CA PRO H 138 -92.06 21.80 9.06
C PRO H 138 -91.80 20.36 9.47
N GLY H 139 -90.58 20.01 9.83
CA GLY H 139 -90.30 18.65 10.25
C GLY H 139 -90.67 18.32 11.68
N GLU H 140 -91.07 19.33 12.46
CA GLU H 140 -91.44 19.12 13.86
C GLU H 140 -92.94 19.23 14.10
N ILE H 141 -93.74 19.16 13.04
CA ILE H 141 -95.20 19.27 13.14
C ILE H 141 -95.83 18.10 12.40
N SER H 142 -97.13 17.92 12.64
CA SER H 142 -97.88 16.81 12.06
C SER H 142 -98.33 17.15 10.64
N GLY H 143 -99.00 16.20 9.99
CA GLY H 143 -99.49 16.42 8.64
C GLY H 143 -100.60 17.44 8.56
N GLY H 144 -101.54 17.39 9.51
CA GLY H 144 -102.58 18.39 9.55
C GLY H 144 -102.03 19.79 9.77
N MET H 145 -101.04 19.92 10.65
CA MET H 145 -100.38 21.21 10.86
C MET H 145 -99.68 21.67 9.59
N ARG H 146 -99.10 20.74 8.82
CA ARG H 146 -98.48 21.11 7.55
C ARG H 146 -99.54 21.63 6.57
N LYS H 147 -100.71 20.98 6.54
CA LYS H 147 -101.78 21.48 5.68
C LYS H 147 -102.23 22.87 6.11
N ARG H 148 -102.34 23.10 7.42
CA ARG H 148 -102.70 24.43 7.91
C ARG H 148 -101.65 25.47 7.52
N ALA H 149 -100.37 25.12 7.65
CA ALA H 149 -99.30 26.04 7.29
C ALA H 149 -99.29 26.33 5.80
N GLY H 150 -99.51 25.32 4.97
CA GLY H 150 -99.61 25.55 3.54
C GLY H 150 -100.77 26.45 3.17
N LEU H 151 -101.92 26.25 3.84
CA LEU H 151 -103.06 27.13 3.60
C LEU H 151 -102.75 28.55 4.03
N ALA H 152 -102.10 28.73 5.19
CA ALA H 152 -101.75 30.06 5.67
C ALA H 152 -100.80 30.75 4.71
N ARG H 153 -99.83 30.00 4.17
CA ARG H 153 -98.95 30.54 3.14
C ARG H 153 -99.73 30.89 1.88
N ALA H 154 -100.82 30.16 1.61
CA ALA H 154 -101.64 30.47 0.44
C ALA H 154 -102.51 31.70 0.63
N LEU H 155 -102.83 32.06 1.88
CA LEU H 155 -103.79 33.13 2.16
C LEU H 155 -103.15 34.52 2.29
N VAL H 156 -101.82 34.63 2.23
CA VAL H 156 -101.18 35.91 2.53
C VAL H 156 -101.43 36.93 1.42
N LEU H 157 -101.38 36.50 0.16
CA LEU H 157 -101.45 37.42 -0.96
C LEU H 157 -102.88 37.61 -1.49
N ASP H 158 -103.89 37.38 -0.65
CA ASP H 158 -105.31 37.57 -0.98
C ASP H 158 -105.67 36.83 -2.26
N PRO H 159 -105.71 35.50 -2.24
CA PRO H 159 -105.98 34.76 -3.47
C PRO H 159 -107.42 34.89 -3.93
N GLU H 160 -107.61 34.82 -5.24
CA GLU H 160 -108.93 34.73 -5.84
C GLU H 160 -109.34 33.29 -6.10
N ILE H 161 -108.38 32.39 -6.25
CA ILE H 161 -108.61 30.96 -6.44
C ILE H 161 -107.75 30.20 -5.45
N ILE H 162 -108.33 29.19 -4.83
CA ILE H 162 -107.61 28.30 -3.93
C ILE H 162 -107.80 26.87 -4.42
N LEU H 163 -106.71 26.12 -4.45
CA LEU H 163 -106.72 24.73 -4.88
C LEU H 163 -106.35 23.85 -3.69
N CYS H 164 -107.08 22.75 -3.50
CA CYS H 164 -106.82 21.81 -2.43
C CYS H 164 -106.64 20.41 -3.00
N ASP H 165 -105.51 19.79 -2.68
CA ASP H 165 -105.13 18.49 -3.21
C ASP H 165 -105.27 17.45 -2.10
N GLU H 166 -106.38 16.71 -2.12
CA GLU H 166 -106.67 15.62 -1.19
C GLU H 166 -106.51 16.06 0.26
N PRO H 167 -107.40 16.91 0.79
CA PRO H 167 -107.28 17.32 2.19
C PRO H 167 -107.46 16.16 3.17
N ASP H 168 -108.11 15.07 2.76
CA ASP H 168 -108.36 13.95 3.65
C ASP H 168 -107.15 13.06 3.87
N SER H 169 -106.05 13.30 3.14
CA SER H 169 -104.90 12.40 3.20
C SER H 169 -104.24 12.45 4.56
N GLY H 170 -104.12 11.28 5.20
CA GLY H 170 -103.45 11.18 6.47
C GLY H 170 -104.23 11.70 7.65
N LEU H 171 -105.52 11.97 7.48
CA LEU H 171 -106.37 12.51 8.54
C LEU H 171 -107.60 11.64 8.70
N ASP H 172 -107.96 11.38 9.96
CA ASP H 172 -109.18 10.65 10.27
C ASP H 172 -110.38 11.55 9.97
N PRO H 173 -111.61 11.02 10.07
CA PRO H 173 -112.78 11.87 9.81
C PRO H 173 -112.90 13.10 10.71
N VAL H 174 -112.44 13.05 11.96
CA VAL H 174 -112.60 14.19 12.86
C VAL H 174 -111.74 15.37 12.42
N ARG H 175 -110.45 15.13 12.18
CA ARG H 175 -109.57 16.23 11.76
C ARG H 175 -109.91 16.69 10.34
N THR H 176 -110.38 15.77 9.50
CA THR H 176 -110.87 16.16 8.19
C THR H 176 -112.10 17.06 8.31
N ALA H 177 -112.97 16.78 9.27
CA ALA H 177 -114.12 17.65 9.52
C ALA H 177 -113.66 19.02 9.99
N TYR H 178 -112.63 19.06 10.84
CA TYR H 178 -112.07 20.34 11.28
C TYR H 178 -111.54 21.14 10.10
N LEU H 179 -110.78 20.49 9.22
CA LEU H 179 -110.22 21.19 8.06
C LEU H 179 -111.33 21.65 7.11
N SER H 180 -112.38 20.84 6.96
CA SER H 180 -113.51 21.25 6.12
C SER H 180 -114.21 22.47 6.70
N GLN H 181 -114.38 22.49 8.03
CA GLN H 181 -114.95 23.67 8.67
C GLN H 181 -114.08 24.90 8.44
N LEU H 182 -112.76 24.72 8.53
CA LEU H 182 -111.85 25.83 8.27
C LEU H 182 -111.98 26.33 6.84
N LEU H 183 -112.09 25.41 5.87
CA LEU H 183 -112.23 25.83 4.48
C LEU H 183 -113.52 26.61 4.25
N ILE H 184 -114.62 26.14 4.86
CA ILE H 184 -115.88 26.88 4.75
C ILE H 184 -115.75 28.26 5.38
N ASP H 185 -115.10 28.35 6.53
CA ASP H 185 -114.87 29.65 7.17
C ASP H 185 -114.05 30.57 6.28
N ILE H 186 -113.00 30.03 5.65
CA ILE H 186 -112.15 30.82 4.76
C ILE H 186 -112.97 31.37 3.59
N ASN H 187 -113.79 30.52 2.98
CA ASN H 187 -114.61 30.98 1.86
C ASN H 187 -115.65 32.00 2.33
N ALA H 188 -116.14 31.87 3.56
CA ALA H 188 -117.09 32.85 4.09
C ALA H 188 -116.42 34.19 4.34
N GLN H 189 -115.15 34.18 4.76
CA GLN H 189 -114.45 35.41 5.07
C GLN H 189 -113.96 36.11 3.80
N ILE H 190 -113.11 35.45 3.02
CA ILE H 190 -112.40 36.13 1.93
C ILE H 190 -113.08 35.98 0.58
N ASP H 191 -114.07 35.09 0.45
CA ASP H 191 -114.83 34.90 -0.79
C ASP H 191 -113.90 34.54 -1.96
N ALA H 192 -113.22 33.41 -1.81
CA ALA H 192 -112.31 32.90 -2.81
C ALA H 192 -112.85 31.60 -3.39
N THR H 193 -112.66 31.42 -4.70
CA THR H 193 -113.12 30.22 -5.38
C THR H 193 -112.26 29.04 -4.95
N VAL H 194 -112.79 28.24 -4.03
CA VAL H 194 -112.07 27.07 -3.53
C VAL H 194 -112.46 25.87 -4.36
N LEU H 195 -111.47 25.15 -4.88
CA LEU H 195 -111.67 23.92 -5.63
C LEU H 195 -110.87 22.81 -4.99
N ILE H 196 -111.54 21.70 -4.67
CA ILE H 196 -110.97 20.60 -3.91
C ILE H 196 -111.02 19.35 -4.77
N VAL H 197 -109.96 18.54 -4.70
CA VAL H 197 -109.97 17.22 -5.33
C VAL H 197 -109.84 16.17 -4.24
N THR H 198 -110.84 15.29 -4.14
CA THR H 198 -110.88 14.28 -3.10
C THR H 198 -111.90 13.21 -3.49
N HIS H 199 -111.71 12.02 -2.92
CA HIS H 199 -112.68 10.94 -3.08
C HIS H 199 -113.46 10.66 -1.80
N ASN H 200 -113.27 11.48 -0.77
CA ASN H 200 -114.01 11.33 0.48
C ASN H 200 -115.49 11.65 0.26
N ILE H 201 -116.34 11.04 1.08
CA ILE H 201 -117.79 11.18 0.95
C ILE H 201 -118.34 12.21 1.93
N ASN H 202 -117.81 12.26 3.14
CA ASN H 202 -118.26 13.27 4.10
C ASN H 202 -118.01 14.67 3.55
N ILE H 203 -116.80 14.90 3.02
CA ILE H 203 -116.50 16.18 2.39
C ILE H 203 -117.44 16.42 1.22
N ALA H 204 -117.65 15.39 0.39
CA ALA H 204 -118.45 15.54 -0.81
C ALA H 204 -119.89 15.94 -0.50
N ARG H 205 -120.48 15.34 0.54
CA ARG H 205 -121.87 15.60 0.85
C ARG H 205 -122.05 16.84 1.71
N THR H 206 -121.05 17.23 2.49
CA THR H 206 -121.22 18.30 3.47
C THR H 206 -120.63 19.64 3.02
N VAL H 207 -119.42 19.65 2.49
CA VAL H 207 -118.70 20.89 2.23
C VAL H 207 -119.17 21.69 1.02
N PRO H 208 -119.15 21.14 -0.21
CA PRO H 208 -119.09 22.00 -1.38
C PRO H 208 -120.45 22.57 -1.78
N ASP H 209 -120.38 23.61 -2.62
CA ASP H 209 -121.55 24.16 -3.28
C ASP H 209 -121.76 23.54 -4.66
N ASN H 210 -120.67 23.14 -5.32
CA ASN H 210 -120.74 22.44 -6.59
C ASN H 210 -119.94 21.14 -6.50
N MET H 211 -120.34 20.15 -7.28
CA MET H 211 -119.66 18.87 -7.31
C MET H 211 -119.58 18.37 -8.75
N GLY H 212 -118.49 17.68 -9.05
CA GLY H 212 -118.31 17.04 -10.34
C GLY H 212 -117.78 15.64 -10.17
N MET H 213 -117.97 14.84 -11.23
CA MET H 213 -117.67 13.41 -11.18
C MET H 213 -116.81 13.01 -12.37
N LEU H 214 -115.71 12.30 -12.10
CA LEU H 214 -114.86 11.74 -13.13
C LEU H 214 -114.94 10.21 -13.05
N PHE H 215 -115.29 9.57 -14.15
CA PHE H 215 -115.42 8.12 -14.16
C PHE H 215 -115.13 7.59 -15.56
N ARG H 216 -114.29 6.56 -15.63
CA ARG H 216 -113.86 5.94 -16.89
C ARG H 216 -113.26 6.97 -17.84
N LYS H 217 -112.34 7.78 -17.30
CA LYS H 217 -111.58 8.76 -18.08
C LYS H 217 -112.48 9.77 -18.78
N GLN H 218 -113.62 10.09 -18.17
CA GLN H 218 -114.56 11.07 -18.70
C GLN H 218 -115.15 11.86 -17.55
N LEU H 219 -115.91 12.89 -17.90
CA LEU H 219 -116.64 13.69 -16.93
C LEU H 219 -118.11 13.28 -16.96
N VAL H 220 -118.63 12.79 -15.84
CA VAL H 220 -120.01 12.34 -15.79
C VAL H 220 -120.95 13.54 -15.79
N MET H 221 -120.86 14.38 -14.77
CA MET H 221 -121.68 15.59 -14.68
C MET H 221 -121.10 16.51 -13.62
N PHE H 222 -121.23 17.81 -13.87
CA PHE H 222 -120.86 18.85 -12.92
C PHE H 222 -122.08 19.71 -12.64
N GLY H 223 -122.28 20.07 -11.38
CA GLY H 223 -123.41 20.91 -11.03
C GLY H 223 -123.51 21.16 -9.54
N PRO H 224 -124.48 21.99 -9.14
CA PRO H 224 -124.63 22.31 -7.71
C PRO H 224 -125.03 21.09 -6.91
N ARG H 225 -124.77 21.16 -5.60
CA ARG H 225 -124.98 20.02 -4.72
C ARG H 225 -126.43 19.56 -4.73
N GLU H 226 -127.38 20.47 -4.92
CA GLU H 226 -128.79 20.08 -4.99
C GLU H 226 -129.05 19.20 -6.20
N VAL H 227 -128.41 19.49 -7.33
CA VAL H 227 -128.59 18.69 -8.53
C VAL H 227 -127.95 17.32 -8.36
N LEU H 228 -126.72 17.27 -7.84
CA LEU H 228 -125.99 16.00 -7.80
C LEU H 228 -126.50 15.08 -6.69
N LEU H 229 -126.82 15.61 -5.52
CA LEU H 229 -127.26 14.75 -4.43
C LEU H 229 -128.65 14.17 -4.65
N THR H 230 -129.38 14.62 -5.67
CA THR H 230 -130.66 14.05 -6.06
C THR H 230 -130.61 13.46 -7.46
N SER H 231 -129.46 12.91 -7.84
CA SER H 231 -129.24 12.41 -9.19
C SER H 231 -129.59 10.93 -9.28
N GLU H 232 -130.25 10.57 -10.38
CA GLU H 232 -130.62 9.19 -10.64
C GLU H 232 -129.56 8.44 -11.43
N GLU H 233 -128.44 9.07 -11.73
CA GLU H 233 -127.35 8.40 -12.43
C GLU H 233 -126.79 7.27 -11.57
N PRO H 234 -126.68 6.05 -12.10
CA PRO H 234 -126.17 4.94 -11.27
C PRO H 234 -124.78 5.18 -10.71
N VAL H 235 -123.88 5.78 -11.50
CA VAL H 235 -122.51 5.98 -11.03
C VAL H 235 -122.47 7.00 -9.91
N VAL H 236 -123.16 8.13 -10.10
CA VAL H 236 -123.15 9.20 -9.10
C VAL H 236 -123.79 8.72 -7.80
N LYS H 237 -124.94 8.06 -7.90
CA LYS H 237 -125.63 7.55 -6.72
C LYS H 237 -124.78 6.50 -6.02
N GLN H 238 -124.17 5.59 -6.78
CA GLN H 238 -123.33 4.55 -6.20
C GLN H 238 -122.16 5.14 -5.45
N PHE H 239 -121.47 6.11 -6.06
CA PHE H 239 -120.29 6.68 -5.41
C PHE H 239 -120.68 7.51 -4.19
N LEU H 240 -121.71 8.34 -4.31
CA LEU H 240 -122.09 9.20 -3.20
C LEU H 240 -122.60 8.39 -2.01
N ASN H 241 -123.34 7.32 -2.27
CA ASN H 241 -123.83 6.49 -1.17
C ASN H 241 -122.87 5.36 -0.82
N GLY H 242 -121.79 5.18 -1.57
CA GLY H 242 -120.83 4.14 -1.28
C GLY H 242 -121.30 2.73 -1.58
N ARG H 243 -122.29 2.58 -2.46
CA ARG H 243 -122.84 1.26 -2.75
C ARG H 243 -121.81 0.36 -3.41
N ARG H 244 -121.79 -0.91 -2.98
CA ARG H 244 -120.95 -1.91 -3.64
C ARG H 244 -121.52 -2.30 -4.99
N ILE H 245 -122.84 -2.27 -5.15
CA ILE H 245 -123.49 -2.67 -6.39
C ILE H 245 -123.61 -1.45 -7.29
N GLY H 246 -122.96 -1.51 -8.46
CA GLY H 246 -123.01 -0.43 -9.41
C GLY H 246 -121.95 -0.57 -10.48
N PRO H 247 -121.88 0.42 -11.39
CA PRO H 247 -120.89 0.35 -12.47
C PRO H 247 -119.44 0.30 -12.00
N ILE H 248 -119.12 0.87 -10.84
CA ILE H 248 -117.74 0.87 -10.37
C ILE H 248 -117.38 -0.52 -9.87
N GLY H 249 -116.30 -1.08 -10.40
CA GLY H 249 -115.88 -2.43 -10.09
C GLY H 249 -114.95 -2.49 -8.89
N MET H 250 -114.40 -3.70 -8.68
CA MET H 250 -113.54 -3.93 -7.52
C MET H 250 -112.22 -3.19 -7.64
N SER H 251 -111.74 -2.97 -8.87
CA SER H 251 -110.47 -2.29 -9.08
C SER H 251 -110.53 -1.51 -10.39
N GLU H 252 -109.42 -0.83 -10.71
CA GLU H 252 -109.37 0.00 -11.89
C GLU H 252 -109.54 -0.82 -13.17
N GLU H 253 -108.96 -2.03 -13.20
CA GLU H 253 -109.08 -2.88 -14.37
C GLU H 253 -110.53 -3.34 -14.58
N LYS H 254 -111.23 -3.66 -13.49
CA LYS H 254 -112.60 -4.16 -13.59
C LYS H 254 -113.61 -3.08 -13.93
N ASP H 255 -113.25 -1.81 -13.80
CA ASP H 255 -114.18 -0.72 -14.11
C ASP H 255 -114.51 -0.67 -15.60
N VAL H 281 -131.21 14.58 1.37
CA VAL H 281 -130.15 15.55 1.07
C VAL H 281 -129.49 16.03 2.35
N PRO H 282 -128.17 15.92 2.42
CA PRO H 282 -127.43 16.44 3.57
C PRO H 282 -127.63 17.93 3.71
N PRO H 283 -127.70 18.44 4.94
CA PRO H 283 -128.02 19.87 5.15
C PRO H 283 -126.86 20.82 4.88
N GLN H 284 -125.63 20.31 4.72
CA GLN H 284 -124.41 21.09 4.52
C GLN H 284 -124.02 21.82 5.80
N LEU H 285 -122.73 21.86 6.10
CA LEU H 285 -122.27 22.52 7.33
C LEU H 285 -122.18 24.02 7.11
N GLN H 286 -122.56 24.76 8.14
CA GLN H 286 -122.60 26.22 8.07
C GLN H 286 -121.30 26.80 8.61
N ALA H 287 -121.01 28.04 8.19
CA ALA H 287 -119.85 28.75 8.71
C ALA H 287 -120.01 29.00 10.21
N THR H 288 -118.87 29.12 10.88
CA THR H 288 -118.87 29.30 12.33
C THR H 288 -119.64 30.57 12.70
N PRO H 289 -120.49 30.51 13.73
CA PRO H 289 -121.21 31.72 14.17
C PRO H 289 -120.24 32.86 14.49
N GLY H 290 -120.56 34.03 13.95
CA GLY H 290 -119.70 35.19 14.05
C GLY H 290 -119.00 35.53 12.75
N MET H 291 -118.79 34.54 11.88
CA MET H 291 -118.19 34.80 10.58
C MET H 291 -119.19 35.55 9.69
N PRO H 292 -118.70 36.32 8.73
CA PRO H 292 -119.61 37.00 7.79
C PRO H 292 -120.45 36.01 7.01
N GLU H 293 -121.66 36.43 6.66
CA GLU H 293 -122.58 35.58 5.91
C GLU H 293 -121.95 35.16 4.58
N ARG H 294 -122.03 33.87 4.29
CA ARG H 294 -121.37 33.31 3.10
C ARG H 294 -122.17 33.69 1.87
N LYS H 295 -121.56 34.50 0.99
CA LYS H 295 -122.24 34.97 -0.20
C LYS H 295 -122.39 33.90 -1.27
N ALA H 296 -121.70 32.77 -1.12
CA ALA H 296 -121.80 31.69 -2.10
C ALA H 296 -123.15 31.00 -2.03
N VAL H 297 -123.74 30.91 -0.84
CA VAL H 297 -124.97 30.14 -0.66
C VAL H 297 -126.12 30.75 -1.46
N ALA H 298 -126.27 32.07 -1.39
CA ALA H 298 -127.37 32.73 -2.09
C ALA H 298 -127.23 32.59 -3.61
N ARG H 299 -126.02 32.76 -4.13
CA ARG H 299 -125.83 32.63 -5.57
C ARG H 299 -126.02 31.19 -6.02
N ARG H 300 -125.60 30.22 -5.21
CA ARG H 300 -125.85 28.82 -5.54
C ARG H 300 -127.34 28.53 -5.58
N LYS H 301 -128.08 29.05 -4.60
CA LYS H 301 -129.53 28.83 -4.58
C LYS H 301 -130.20 29.47 -5.78
N ALA H 302 -129.76 30.68 -6.16
CA ALA H 302 -130.32 31.31 -7.35
C ALA H 302 -130.02 30.50 -8.61
N ARG H 303 -128.79 30.00 -8.73
CA ARG H 303 -128.42 29.22 -9.91
C ARG H 303 -129.20 27.92 -9.99
N VAL H 304 -129.36 27.22 -8.86
CA VAL H 304 -130.13 25.97 -8.90
C VAL H 304 -131.60 26.26 -9.16
N ARG H 305 -132.11 27.40 -8.67
CA ARG H 305 -133.48 27.78 -8.99
C ARG H 305 -133.66 27.99 -10.48
N GLU H 306 -132.69 28.63 -11.12
CA GLU H 306 -132.75 28.81 -12.58
C GLU H 306 -132.66 27.48 -13.30
N ILE H 307 -131.78 26.58 -12.87
CA ILE H 307 -131.60 25.30 -13.55
C ILE H 307 -132.78 24.35 -13.33
N LEU H 308 -133.56 24.58 -12.25
CA LEU H 308 -134.53 23.58 -11.78
C LEU H 308 -135.54 23.15 -12.84
N HIS H 309 -135.82 24.00 -13.82
CA HIS H 309 -136.86 23.67 -14.80
C HIS H 309 -136.38 22.71 -15.88
N THR H 310 -135.23 22.06 -15.71
CA THR H 310 -134.72 21.08 -16.67
C THR H 310 -134.22 19.83 -15.94
N LEU H 311 -135.02 19.33 -15.01
CA LEU H 311 -134.65 18.21 -14.17
C LEU H 311 -135.82 17.24 -14.08
N PRO H 312 -135.57 15.99 -13.71
CA PRO H 312 -136.68 15.04 -13.56
C PRO H 312 -137.64 15.51 -12.49
N PRO H 313 -138.94 15.20 -12.65
CA PRO H 313 -139.93 15.70 -11.67
C PRO H 313 -139.66 15.29 -10.23
N ALA H 314 -139.18 14.08 -9.99
CA ALA H 314 -138.79 13.69 -8.65
C ALA H 314 -137.63 14.54 -8.14
N ALA H 315 -136.63 14.77 -9.00
CA ALA H 315 -135.52 15.64 -8.62
C ALA H 315 -135.98 17.06 -8.36
N GLN H 316 -136.89 17.58 -9.20
CA GLN H 316 -137.42 18.92 -9.00
C GLN H 316 -138.15 19.02 -7.67
N ALA H 317 -138.98 18.02 -7.34
CA ALA H 317 -139.69 18.03 -6.07
C ALA H 317 -138.73 17.98 -4.90
N ALA H 318 -137.71 17.12 -4.98
CA ALA H 318 -136.75 17.01 -3.89
C ALA H 318 -135.98 18.31 -3.70
N ILE H 319 -135.56 18.95 -4.79
CA ILE H 319 -134.80 20.20 -4.68
C ILE H 319 -135.70 21.31 -4.15
N LEU H 320 -136.95 21.36 -4.59
CA LEU H 320 -137.88 22.37 -4.07
C LEU H 320 -138.12 22.18 -2.58
N GLU H 321 -138.25 20.92 -2.14
CA GLU H 321 -138.39 20.66 -0.71
C GLU H 321 -137.15 21.09 0.06
N GLU H 322 -135.96 20.84 -0.52
CA GLU H 322 -134.72 21.21 0.16
C GLU H 322 -134.59 22.73 0.29
N LEU H 323 -134.88 23.46 -0.79
CA LEU H 323 -134.74 24.91 -0.78
C LEU H 323 -135.76 25.60 0.11
N ASP H 324 -136.81 24.90 0.53
CA ASP H 324 -137.83 25.49 1.40
C ASP H 324 -137.68 24.96 2.83
N LEU I 16 -71.09 9.94 20.33
CA LEU I 16 -70.26 8.80 19.97
C LEU I 16 -71.01 7.49 20.14
N GLU I 17 -71.95 7.47 21.09
CA GLU I 17 -72.68 6.24 21.39
C GLU I 17 -73.54 5.80 20.20
N LYS I 18 -74.21 6.75 19.54
CA LYS I 18 -75.03 6.39 18.38
C LYS I 18 -74.19 5.90 17.20
N PRO I 19 -73.12 6.58 16.77
CA PRO I 19 -72.29 5.99 15.69
C PRO I 19 -71.68 4.65 16.08
N LEU I 20 -71.30 4.49 17.34
CA LEU I 20 -70.75 3.20 17.79
C LEU I 20 -71.81 2.12 17.73
N ALA I 21 -73.06 2.45 18.07
CA ALA I 21 -74.15 1.49 17.97
C ALA I 21 -74.41 1.11 16.51
N THR I 22 -74.35 2.09 15.60
CA THR I 22 -74.51 1.77 14.19
C THR I 22 -73.39 0.87 13.69
N VAL I 23 -72.16 1.13 14.12
CA VAL I 23 -71.04 0.28 13.74
C VAL I 23 -71.23 -1.13 14.29
N GLY I 24 -71.74 -1.24 15.52
CA GLY I 24 -72.01 -2.54 16.10
C GLY I 24 -73.08 -3.30 15.35
N GLY I 25 -74.13 -2.60 14.93
CA GLY I 25 -75.15 -3.22 14.09
C GLY I 25 -74.58 -3.72 12.79
N PHE I 26 -73.71 -2.92 12.15
CA PHE I 26 -73.07 -3.34 10.91
C PHE I 26 -72.21 -4.59 11.14
N PHE I 27 -71.43 -4.61 12.21
CA PHE I 27 -70.57 -5.76 12.49
C PHE I 27 -71.37 -7.01 12.77
N LYS I 28 -72.45 -6.89 13.56
CA LYS I 28 -73.30 -8.04 13.83
C LYS I 28 -73.96 -8.56 12.56
N MET I 29 -74.40 -7.64 11.69
CA MET I 29 -75.00 -8.04 10.42
C MET I 29 -73.98 -8.77 9.55
N SER I 30 -72.74 -8.28 9.50
CA SER I 30 -71.71 -8.94 8.71
C SER I 30 -71.37 -10.33 9.27
N VAL I 31 -71.34 -10.45 10.60
CA VAL I 31 -71.08 -11.75 11.22
C VAL I 31 -72.20 -12.73 10.88
N MET I 32 -73.45 -12.28 10.93
CA MET I 32 -74.56 -13.14 10.56
C MET I 32 -74.50 -13.52 9.09
N THR I 33 -74.05 -12.58 8.23
CA THR I 33 -73.88 -12.89 6.81
C THR I 33 -72.84 -13.98 6.61
N GLY I 34 -71.70 -13.88 7.31
CA GLY I 34 -70.68 -14.90 7.20
C GLY I 34 -71.16 -16.26 7.70
N LYS I 35 -71.88 -16.26 8.82
CA LYS I 35 -72.43 -17.52 9.33
C LYS I 35 -73.41 -18.14 8.35
N ALA I 36 -74.27 -17.32 7.74
CA ALA I 36 -75.21 -17.84 6.75
C ALA I 36 -74.49 -18.37 5.51
N LEU I 37 -73.39 -17.72 5.12
CA LEU I 37 -72.63 -18.20 3.97
C LEU I 37 -71.98 -19.54 4.27
N PHE I 38 -71.39 -19.70 5.45
CA PHE I 38 -70.65 -20.92 5.75
C PHE I 38 -71.53 -22.04 6.30
N THR I 39 -72.78 -21.77 6.64
CA THR I 39 -73.66 -22.77 7.22
C THR I 39 -74.84 -23.11 6.32
N ARG I 40 -75.63 -22.13 5.93
CA ARG I 40 -76.84 -22.37 5.15
C ARG I 40 -76.50 -22.57 3.67
N PRO I 41 -77.39 -23.23 2.92
CA PRO I 41 -77.16 -23.42 1.48
C PRO I 41 -77.07 -22.08 0.74
N PHE I 42 -76.25 -22.07 -0.30
CA PHE I 42 -75.97 -20.86 -1.06
C PHE I 42 -77.03 -20.65 -2.14
N GLN I 43 -77.33 -19.38 -2.41
CA GLN I 43 -78.32 -18.98 -3.41
C GLN I 43 -77.59 -18.70 -4.71
N TRP I 44 -77.60 -19.67 -5.63
CA TRP I 44 -76.87 -19.51 -6.88
C TRP I 44 -77.58 -18.57 -7.83
N LYS I 45 -78.91 -18.65 -7.91
CA LYS I 45 -79.67 -17.82 -8.84
C LYS I 45 -79.52 -16.34 -8.48
N GLU I 46 -79.68 -16.01 -7.21
CA GLU I 46 -79.56 -14.62 -6.77
C GLU I 46 -78.13 -14.12 -6.97
N PHE I 47 -77.14 -14.97 -6.70
CA PHE I 47 -75.76 -14.59 -6.91
C PHE I 47 -75.49 -14.28 -8.38
N VAL I 48 -76.00 -15.12 -9.29
CA VAL I 48 -75.82 -14.86 -10.72
C VAL I 48 -76.49 -13.57 -11.12
N LEU I 49 -77.72 -13.34 -10.65
CA LEU I 49 -78.44 -12.13 -11.01
C LEU I 49 -77.73 -10.88 -10.51
N GLN I 50 -77.25 -10.91 -9.26
CA GLN I 50 -76.56 -9.73 -8.71
C GLN I 50 -75.20 -9.51 -9.37
N SER I 51 -74.49 -10.59 -9.70
CA SER I 51 -73.23 -10.45 -10.41
C SER I 51 -73.43 -9.79 -11.77
N TRP I 52 -74.44 -10.26 -12.52
CA TRP I 52 -74.69 -9.66 -13.83
C TRP I 52 -75.18 -8.23 -13.69
N PHE I 53 -75.97 -7.93 -12.66
CA PHE I 53 -76.42 -6.56 -12.44
C PHE I 53 -75.25 -5.63 -12.15
N LEU I 54 -74.33 -6.06 -11.28
CA LEU I 54 -73.17 -5.23 -10.96
C LEU I 54 -72.28 -5.05 -12.19
N ILE I 55 -72.12 -6.11 -12.99
CA ILE I 55 -71.33 -6.00 -14.21
C ILE I 55 -71.96 -5.00 -15.17
N ARG I 56 -73.28 -5.11 -15.39
CA ARG I 56 -73.93 -4.20 -16.32
C ARG I 56 -74.00 -2.77 -15.81
N VAL I 57 -73.88 -2.55 -14.49
CA VAL I 57 -73.95 -1.18 -14.00
C VAL I 57 -72.56 -0.56 -13.83
N ALA I 58 -71.50 -1.36 -13.77
CA ALA I 58 -70.19 -0.81 -13.44
C ALA I 58 -69.09 -1.38 -14.33
N PHE I 59 -69.37 -1.62 -15.61
CA PHE I 59 -68.35 -2.08 -16.55
C PHE I 59 -67.91 -0.97 -17.48
N LEU I 60 -68.84 -0.34 -18.20
CA LEU I 60 -68.45 0.81 -19.02
C LEU I 60 -67.88 1.96 -18.20
N PRO I 61 -68.47 2.38 -17.06
CA PRO I 61 -67.81 3.43 -16.26
C PRO I 61 -66.40 3.10 -15.80
N THR I 62 -66.12 1.85 -15.40
CA THR I 62 -64.78 1.57 -14.90
C THR I 62 -63.74 1.70 -16.00
N LEU I 63 -64.08 1.31 -17.24
CA LEU I 63 -63.15 1.49 -18.34
C LEU I 63 -63.04 2.96 -18.72
N ALA I 64 -64.17 3.66 -18.78
CA ALA I 64 -64.18 5.07 -19.13
C ALA I 64 -63.49 5.95 -18.09
N VAL I 65 -63.26 5.43 -16.88
CA VAL I 65 -62.50 6.15 -15.86
C VAL I 65 -61.04 5.68 -15.88
N SER I 66 -60.81 4.40 -16.18
CA SER I 66 -59.45 3.87 -16.13
C SER I 66 -58.61 4.36 -17.31
N ILE I 67 -59.20 4.41 -18.51
CA ILE I 67 -58.41 4.79 -19.70
C ILE I 67 -57.86 6.21 -19.60
N PRO I 68 -58.68 7.26 -19.38
CA PRO I 68 -58.08 8.60 -19.26
C PRO I 68 -57.15 8.75 -18.08
N LEU I 69 -57.44 8.11 -16.95
CA LEU I 69 -56.57 8.22 -15.78
C LEU I 69 -55.21 7.60 -16.05
N THR I 70 -55.18 6.42 -16.66
CA THR I 70 -53.89 5.81 -16.97
C THR I 70 -53.15 6.57 -18.06
N VAL I 71 -53.89 7.16 -19.02
CA VAL I 71 -53.23 7.98 -20.03
C VAL I 71 -52.58 9.19 -19.38
N LEU I 72 -53.28 9.83 -18.44
CA LEU I 72 -52.72 10.97 -17.72
C LEU I 72 -51.48 10.58 -16.94
N ILE I 73 -51.54 9.46 -16.22
CA ILE I 73 -50.39 9.01 -15.42
C ILE I 73 -49.21 8.71 -16.33
N ILE I 74 -49.44 8.04 -17.46
CA ILE I 74 -48.37 7.72 -18.39
C ILE I 74 -47.75 9.00 -18.96
N PHE I 75 -48.60 9.97 -19.32
CA PHE I 75 -48.09 11.23 -19.86
C PHE I 75 -47.20 11.94 -18.85
N THR I 76 -47.67 12.05 -17.60
CA THR I 76 -46.89 12.72 -16.57
C THR I 76 -45.56 12.01 -16.33
N LEU I 77 -45.61 10.69 -16.19
CA LEU I 77 -44.39 9.93 -15.95
C LEU I 77 -43.41 10.07 -17.11
N ASN I 78 -43.91 10.00 -18.34
CA ASN I 78 -43.03 10.09 -19.50
C ASN I 78 -42.37 11.45 -19.60
N ILE I 79 -43.12 12.54 -19.40
CA ILE I 79 -42.51 13.85 -19.52
C ILE I 79 -41.50 14.09 -18.41
N LEU I 80 -41.84 13.70 -17.17
CA LEU I 80 -40.91 13.90 -16.07
C LEU I 80 -39.64 13.08 -16.26
N LEU I 81 -39.77 11.84 -16.76
CA LEU I 81 -38.59 11.01 -16.96
C LEU I 81 -37.76 11.49 -18.15
N ALA I 82 -38.41 11.94 -19.22
CA ALA I 82 -37.67 12.46 -20.37
C ALA I 82 -36.87 13.69 -19.98
N GLU I 83 -37.44 14.57 -19.18
CA GLU I 83 -36.66 15.68 -18.65
C GLU I 83 -35.56 15.20 -17.70
N PHE I 84 -35.86 14.15 -16.93
CA PHE I 84 -34.85 13.54 -16.08
C PHE I 84 -33.71 12.96 -16.91
N GLY I 85 -34.04 12.31 -18.03
CA GLY I 85 -33.07 11.66 -18.89
C GLY I 85 -33.29 10.17 -19.05
N ALA I 86 -33.95 9.53 -18.07
CA ALA I 86 -34.19 8.10 -18.08
C ALA I 86 -35.63 7.82 -18.53
N ALA I 87 -35.83 7.92 -19.84
CA ALA I 87 -37.14 7.68 -20.44
C ALA I 87 -37.39 6.21 -20.76
N ASP I 88 -36.37 5.35 -20.65
CA ASP I 88 -36.53 3.93 -20.93
C ASP I 88 -37.05 3.14 -19.74
N VAL I 89 -37.09 3.74 -18.56
CA VAL I 89 -37.57 3.06 -17.36
C VAL I 89 -39.00 3.47 -17.02
N SER I 90 -39.74 4.02 -18.00
CA SER I 90 -41.13 4.41 -17.76
C SER I 90 -42.02 3.20 -17.56
N GLY I 91 -41.69 2.07 -18.20
CA GLY I 91 -42.51 0.87 -18.04
C GLY I 91 -42.56 0.37 -16.62
N ALA I 92 -41.44 0.50 -15.88
CA ALA I 92 -41.41 0.04 -14.50
C ALA I 92 -42.41 0.80 -13.64
N GLY I 93 -42.34 2.13 -13.68
CA GLY I 93 -43.29 2.93 -12.91
C GLY I 93 -44.71 2.76 -13.39
N ALA I 94 -44.90 2.62 -14.71
CA ALA I 94 -46.22 2.38 -15.26
C ALA I 94 -46.83 1.10 -14.69
N ALA I 95 -46.08 -0.01 -14.76
CA ALA I 95 -46.58 -1.28 -14.26
C ALA I 95 -46.83 -1.23 -12.76
N LEU I 96 -45.91 -0.62 -12.00
CA LEU I 96 -46.08 -0.54 -10.55
C LEU I 96 -47.34 0.23 -10.20
N GLY I 97 -47.50 1.43 -10.77
CA GLY I 97 -48.68 2.22 -10.47
C GLY I 97 -49.97 1.57 -10.91
N ALA I 98 -49.97 0.95 -12.10
CA ALA I 98 -51.18 0.33 -12.60
C ALA I 98 -51.57 -0.88 -11.77
N VAL I 99 -50.60 -1.64 -11.28
CA VAL I 99 -50.92 -2.87 -10.57
C VAL I 99 -51.28 -2.59 -9.13
N THR I 100 -50.45 -1.85 -8.39
CA THR I 100 -50.65 -1.76 -6.95
C THR I 100 -51.63 -0.66 -6.54
N GLN I 101 -51.77 0.40 -7.34
CA GLN I 101 -52.62 1.52 -6.95
C GLN I 101 -53.76 1.80 -7.91
N LEU I 102 -53.48 1.93 -9.21
CA LEU I 102 -54.51 2.39 -10.15
C LEU I 102 -55.66 1.40 -10.23
N GLY I 103 -55.36 0.11 -10.31
CA GLY I 103 -56.38 -0.92 -10.38
C GLY I 103 -57.31 -0.92 -9.19
N PRO I 104 -56.75 -1.13 -7.99
CA PRO I 104 -57.60 -1.11 -6.78
C PRO I 104 -58.32 0.21 -6.55
N LEU I 105 -57.71 1.36 -6.90
CA LEU I 105 -58.38 2.63 -6.66
C LEU I 105 -59.52 2.87 -7.63
N VAL I 106 -59.34 2.53 -8.91
CA VAL I 106 -60.45 2.62 -9.85
C VAL I 106 -61.54 1.64 -9.46
N THR I 107 -61.16 0.47 -8.95
CA THR I 107 -62.14 -0.46 -8.41
C THR I 107 -62.92 0.15 -7.26
N VAL I 108 -62.22 0.83 -6.34
CA VAL I 108 -62.88 1.50 -5.22
C VAL I 108 -63.90 2.50 -5.73
N LEU I 109 -63.46 3.38 -6.65
CA LEU I 109 -64.33 4.45 -7.11
C LEU I 109 -65.55 3.91 -7.82
N VAL I 110 -65.34 3.06 -8.83
CA VAL I 110 -66.46 2.61 -9.66
C VAL I 110 -67.29 1.51 -9.00
N VAL I 111 -66.82 0.93 -7.91
CA VAL I 111 -67.65 0.01 -7.15
C VAL I 111 -68.48 0.74 -6.11
N ALA I 112 -67.84 1.59 -5.28
CA ALA I 112 -68.58 2.34 -4.29
C ALA I 112 -69.61 3.27 -4.93
N GLY I 113 -69.25 3.93 -6.03
CA GLY I 113 -70.18 4.85 -6.66
C GLY I 113 -71.37 4.16 -7.28
N ALA I 114 -71.14 3.02 -7.95
CA ALA I 114 -72.19 2.37 -8.73
C ALA I 114 -72.82 1.18 -8.01
N GLY I 115 -72.01 0.15 -7.71
CA GLY I 115 -72.58 -1.09 -7.23
C GLY I 115 -73.09 -1.00 -5.80
N SER I 116 -72.29 -0.40 -4.92
CA SER I 116 -72.71 -0.24 -3.52
C SER I 116 -73.95 0.63 -3.42
N THR I 117 -73.98 1.74 -4.17
CA THR I 117 -75.15 2.61 -4.16
C THR I 117 -76.37 1.90 -4.74
N ALA I 118 -76.20 1.11 -5.79
CA ALA I 118 -77.33 0.38 -6.35
C ALA I 118 -77.86 -0.66 -5.37
N ILE I 119 -76.97 -1.36 -4.68
CA ILE I 119 -77.40 -2.34 -3.67
C ILE I 119 -78.14 -1.63 -2.54
N CYS I 120 -77.62 -0.50 -2.07
CA CYS I 120 -78.28 0.22 -1.00
C CYS I 120 -79.66 0.71 -1.43
N ALA I 121 -79.76 1.23 -2.66
CA ALA I 121 -81.05 1.69 -3.17
C ALA I 121 -82.04 0.54 -3.30
N ASP I 122 -81.59 -0.62 -3.80
CA ASP I 122 -82.48 -1.76 -3.98
C ASP I 122 -82.98 -2.27 -2.63
N LEU I 123 -82.09 -2.41 -1.65
CA LEU I 123 -82.53 -2.91 -0.36
C LEU I 123 -83.38 -1.89 0.39
N GLY I 124 -83.10 -0.60 0.21
CA GLY I 124 -83.97 0.41 0.78
C GLY I 124 -85.35 0.41 0.14
N ALA I 125 -85.41 0.17 -1.17
CA ALA I 125 -86.69 0.04 -1.85
C ALA I 125 -87.46 -1.15 -1.33
N ARG I 126 -86.78 -2.28 -1.11
CA ARG I 126 -87.44 -3.44 -0.52
C ARG I 126 -87.93 -3.14 0.90
N THR I 127 -87.14 -2.39 1.66
CA THR I 127 -87.52 -2.09 3.05
C THR I 127 -88.73 -1.17 3.11
N VAL I 128 -88.74 -0.09 2.31
CA VAL I 128 -89.85 0.85 2.36
C VAL I 128 -91.13 0.26 1.80
N ARG I 129 -91.04 -0.76 0.94
CA ARG I 129 -92.20 -1.43 0.39
C ARG I 129 -92.63 -2.62 1.22
N GLU I 130 -92.05 -2.79 2.42
CA GLU I 130 -92.39 -3.84 3.37
C GLU I 130 -92.11 -5.24 2.82
N GLU I 131 -91.22 -5.35 1.83
CA GLU I 131 -90.84 -6.67 1.32
C GLU I 131 -89.93 -7.40 2.30
N ILE I 132 -89.08 -6.66 3.02
CA ILE I 132 -88.30 -7.27 4.08
C ILE I 132 -89.20 -7.83 5.17
N ASP I 133 -90.23 -7.06 5.55
CA ASP I 133 -91.22 -7.55 6.50
C ASP I 133 -91.99 -8.74 5.93
N ALA I 134 -92.28 -8.73 4.63
CA ALA I 134 -92.96 -9.86 4.01
C ALA I 134 -92.10 -11.12 4.08
N LEU I 135 -90.80 -10.99 3.86
CA LEU I 135 -89.91 -12.14 4.03
C LEU I 135 -89.85 -12.59 5.47
N GLU I 136 -89.79 -11.63 6.40
CA GLU I 136 -89.59 -11.96 7.81
C GLU I 136 -90.82 -12.66 8.41
N VAL I 137 -92.03 -12.21 8.05
CA VAL I 137 -93.23 -12.84 8.59
C VAL I 137 -93.40 -14.27 8.08
N LEU I 138 -92.82 -14.60 6.92
CA LEU I 138 -92.87 -15.95 6.38
C LEU I 138 -91.85 -16.88 7.02
N GLY I 139 -91.10 -16.41 8.01
CA GLY I 139 -90.11 -17.23 8.68
C GLY I 139 -88.75 -17.24 8.02
N ILE I 140 -88.62 -16.61 6.85
CA ILE I 140 -87.34 -16.57 6.15
C ILE I 140 -86.46 -15.50 6.77
N ASP I 141 -85.19 -15.82 6.96
CA ASP I 141 -84.21 -14.81 7.33
C ASP I 141 -83.75 -14.09 6.06
N PRO I 142 -84.04 -12.81 5.92
CA PRO I 142 -83.68 -12.10 4.68
C PRO I 142 -82.18 -12.00 4.46
N ILE I 143 -81.38 -12.17 5.52
CA ILE I 143 -79.93 -12.05 5.38
C ILE I 143 -79.40 -13.13 4.44
N GLU I 144 -79.77 -14.39 4.69
CA GLU I 144 -79.29 -15.49 3.86
C GLU I 144 -79.74 -15.35 2.42
N ARG I 145 -80.99 -14.97 2.20
CA ARG I 145 -81.54 -14.92 0.86
C ARG I 145 -81.07 -13.69 0.08
N LEU I 146 -80.71 -12.61 0.75
CA LEU I 146 -80.41 -11.35 0.08
C LEU I 146 -78.96 -10.91 0.22
N VAL I 147 -78.45 -10.81 1.45
CA VAL I 147 -77.15 -10.18 1.67
C VAL I 147 -76.03 -11.05 1.12
N VAL I 148 -76.07 -12.35 1.41
CA VAL I 148 -74.96 -13.23 1.05
C VAL I 148 -74.71 -13.26 -0.46
N PRO I 149 -75.70 -13.50 -1.33
CA PRO I 149 -75.42 -13.42 -2.76
C PRO I 149 -74.91 -12.07 -3.21
N ARG I 150 -75.40 -10.98 -2.61
CA ARG I 150 -74.94 -9.65 -3.02
C ARG I 150 -73.50 -9.40 -2.61
N VAL I 151 -73.10 -9.83 -1.41
CA VAL I 151 -71.70 -9.68 -0.99
C VAL I 151 -70.79 -10.51 -1.86
N VAL I 152 -71.19 -11.77 -2.15
CA VAL I 152 -70.35 -12.62 -2.98
C VAL I 152 -70.23 -12.07 -4.39
N ALA I 153 -71.35 -11.57 -4.94
CA ALA I 153 -71.33 -10.95 -6.26
C ALA I 153 -70.44 -9.72 -6.28
N SER I 154 -70.50 -8.90 -5.23
CA SER I 154 -69.66 -7.72 -5.14
C SER I 154 -68.19 -8.10 -5.16
N THR I 155 -67.82 -9.12 -4.37
CA THR I 155 -66.43 -9.56 -4.34
C THR I 155 -65.97 -10.08 -5.69
N PHE I 156 -66.81 -10.91 -6.33
CA PHE I 156 -66.46 -11.50 -7.62
C PHE I 156 -66.30 -10.44 -8.69
N VAL I 157 -67.24 -9.50 -8.76
CA VAL I 157 -67.18 -8.44 -9.76
C VAL I 157 -66.01 -7.51 -9.49
N ALA I 158 -65.70 -7.24 -8.23
CA ALA I 158 -64.54 -6.41 -7.91
C ALA I 158 -63.25 -7.07 -8.37
N PHE I 159 -63.12 -8.37 -8.15
CA PHE I 159 -61.94 -9.11 -8.61
C PHE I 159 -61.79 -9.00 -10.13
N MET I 160 -62.87 -9.34 -10.85
CA MET I 160 -62.82 -9.31 -12.32
C MET I 160 -62.53 -7.90 -12.84
N LEU I 161 -63.18 -6.90 -12.28
CA LEU I 161 -63.00 -5.52 -12.74
C LEU I 161 -61.58 -5.03 -12.46
N ASN I 162 -61.00 -5.43 -11.31
CA ASN I 162 -59.62 -5.05 -11.03
C ASN I 162 -58.68 -5.63 -12.07
N GLY I 163 -58.85 -6.91 -12.39
CA GLY I 163 -58.01 -7.52 -13.43
C GLY I 163 -58.15 -6.80 -14.77
N ALA I 164 -59.39 -6.54 -15.18
CA ALA I 164 -59.63 -5.87 -16.45
C ALA I 164 -59.05 -4.47 -16.45
N VAL I 165 -59.19 -3.74 -15.34
CA VAL I 165 -58.69 -2.37 -15.26
C VAL I 165 -57.17 -2.35 -15.38
N ILE I 166 -56.48 -3.26 -14.69
CA ILE I 166 -55.02 -3.30 -14.79
C ILE I 166 -54.59 -3.60 -16.22
N THR I 167 -55.22 -4.61 -16.85
CA THR I 167 -54.84 -4.98 -18.21
C THR I 167 -55.07 -3.83 -19.20
N ILE I 168 -56.26 -3.22 -19.15
CA ILE I 168 -56.58 -2.15 -20.08
C ILE I 168 -55.70 -0.93 -19.84
N GLY I 169 -55.40 -0.64 -18.57
CA GLY I 169 -54.52 0.47 -18.27
C GLY I 169 -53.13 0.28 -18.83
N LEU I 170 -52.56 -0.92 -18.64
CA LEU I 170 -51.24 -1.19 -19.18
C LEU I 170 -51.21 -1.11 -20.70
N VAL I 171 -52.22 -1.68 -21.37
CA VAL I 171 -52.25 -1.67 -22.83
C VAL I 171 -52.41 -0.25 -23.36
N GLY I 172 -53.31 0.52 -22.75
CA GLY I 172 -53.50 1.91 -23.17
C GLY I 172 -52.27 2.76 -22.93
N GLY I 173 -51.60 2.55 -21.79
CA GLY I 173 -50.36 3.25 -21.54
C GLY I 173 -49.29 2.93 -22.57
N PHE I 174 -49.16 1.65 -22.92
CA PHE I 174 -48.23 1.26 -23.97
C PHE I 174 -48.53 1.98 -25.27
N PHE I 175 -49.79 1.92 -25.72
CA PHE I 175 -50.14 2.51 -27.01
C PHE I 175 -49.94 4.02 -27.00
N PHE I 176 -50.36 4.69 -25.92
CA PHE I 176 -50.20 6.14 -25.82
C PHE I 176 -48.72 6.52 -25.83
N GLY I 177 -47.91 5.88 -24.97
CA GLY I 177 -46.51 6.22 -24.90
C GLY I 177 -45.77 5.98 -26.20
N VAL I 178 -46.12 4.91 -26.91
CA VAL I 178 -45.40 4.57 -28.14
C VAL I 178 -45.84 5.47 -29.29
N TYR I 179 -47.15 5.54 -29.54
CA TYR I 179 -47.66 6.22 -30.73
C TYR I 179 -47.85 7.72 -30.55
N ILE I 180 -47.69 8.25 -29.34
CA ILE I 180 -47.89 9.67 -29.12
C ILE I 180 -46.59 10.33 -28.67
N GLN I 181 -46.00 9.82 -27.59
CA GLN I 181 -44.78 10.41 -27.04
C GLN I 181 -43.52 9.80 -27.62
N ASN I 182 -43.65 8.84 -28.54
CA ASN I 182 -42.53 8.29 -29.30
C ASN I 182 -41.44 7.70 -28.41
N VAL I 183 -41.84 7.03 -27.33
CA VAL I 183 -40.89 6.27 -26.54
C VAL I 183 -40.71 4.90 -27.21
N SER I 184 -39.69 4.17 -26.80
CA SER I 184 -39.42 2.87 -27.40
C SER I 184 -40.30 1.80 -26.77
N ALA I 185 -40.97 1.02 -27.62
CA ALA I 185 -41.86 -0.04 -27.16
C ALA I 185 -41.12 -1.13 -26.39
N GLY I 186 -39.93 -1.50 -26.86
CA GLY I 186 -39.15 -2.50 -26.15
C GLY I 186 -38.79 -2.10 -24.74
N ALA I 187 -38.52 -0.80 -24.52
CA ALA I 187 -38.26 -0.35 -23.16
C ALA I 187 -39.51 -0.40 -22.30
N TYR I 188 -40.68 -0.20 -22.89
CA TYR I 188 -41.91 -0.28 -22.11
C TYR I 188 -42.19 -1.72 -21.71
N VAL I 189 -42.13 -2.65 -22.65
CA VAL I 189 -42.55 -4.02 -22.33
C VAL I 189 -41.50 -4.77 -21.50
N SER I 190 -40.22 -4.46 -21.69
CA SER I 190 -39.17 -5.19 -20.97
C SER I 190 -38.91 -4.65 -19.57
N THR I 191 -39.50 -3.51 -19.21
CA THR I 191 -39.35 -2.96 -17.87
C THR I 191 -40.58 -3.13 -17.00
N LEU I 192 -41.66 -3.71 -17.54
CA LEU I 192 -42.87 -3.90 -16.74
C LEU I 192 -42.59 -4.77 -15.52
N THR I 193 -41.81 -5.82 -15.70
CA THR I 193 -41.50 -6.76 -14.63
C THR I 193 -40.34 -6.31 -13.77
N LEU I 194 -39.74 -5.15 -14.05
CA LEU I 194 -38.60 -4.68 -13.28
C LEU I 194 -38.97 -4.42 -11.82
N LEU I 195 -40.13 -3.78 -11.60
CA LEU I 195 -40.57 -3.44 -10.25
C LEU I 195 -41.86 -4.12 -9.86
N THR I 196 -42.53 -4.83 -10.76
CA THR I 196 -43.79 -5.50 -10.48
C THR I 196 -43.58 -7.00 -10.57
N GLY I 197 -43.99 -7.72 -9.54
CA GLY I 197 -43.85 -9.16 -9.51
C GLY I 197 -45.04 -9.87 -8.90
N PHE I 198 -44.82 -11.08 -8.40
CA PHE I 198 -45.90 -11.80 -7.73
C PHE I 198 -46.44 -11.10 -6.48
N PRO I 199 -45.62 -10.53 -5.58
CA PRO I 199 -46.23 -9.81 -4.44
C PRO I 199 -47.15 -8.68 -4.86
N GLU I 200 -46.82 -7.96 -5.93
CA GLU I 200 -47.66 -6.83 -6.35
C GLU I 200 -49.02 -7.31 -6.85
N VAL I 201 -49.05 -8.32 -7.71
CA VAL I 201 -50.33 -8.80 -8.21
C VAL I 201 -51.12 -9.46 -7.09
N LEU I 202 -50.43 -10.15 -6.16
CA LEU I 202 -51.12 -10.78 -5.04
C LEU I 202 -51.77 -9.73 -4.14
N ILE I 203 -51.04 -8.66 -3.82
CA ILE I 203 -51.61 -7.63 -2.94
C ILE I 203 -52.71 -6.87 -3.69
N SER I 204 -52.59 -6.72 -5.01
CA SER I 204 -53.67 -6.11 -5.77
C SER I 204 -54.94 -6.96 -5.71
N VAL I 205 -54.80 -8.28 -5.83
CA VAL I 205 -55.95 -9.18 -5.74
C VAL I 205 -56.58 -9.10 -4.35
N VAL I 206 -55.73 -9.10 -3.31
CA VAL I 206 -56.25 -8.99 -1.95
C VAL I 206 -56.99 -7.67 -1.75
N LYS I 207 -56.43 -6.57 -2.27
CA LYS I 207 -57.09 -5.28 -2.18
C LYS I 207 -58.46 -5.32 -2.86
N ALA I 208 -58.52 -5.87 -4.07
CA ALA I 208 -59.78 -5.91 -4.80
C ALA I 208 -60.83 -6.73 -4.07
N THR I 209 -60.42 -7.89 -3.55
CA THR I 209 -61.36 -8.75 -2.82
C THR I 209 -61.89 -8.05 -1.57
N LEU I 210 -61.00 -7.45 -0.78
CA LEU I 210 -61.44 -6.77 0.43
C LEU I 210 -62.32 -5.57 0.11
N PHE I 211 -61.96 -4.82 -0.93
CA PHE I 211 -62.76 -3.65 -1.30
C PHE I 211 -64.16 -4.05 -1.71
N GLY I 212 -64.27 -5.11 -2.54
CA GLY I 212 -65.58 -5.57 -2.95
C GLY I 212 -66.41 -6.08 -1.78
N MET I 213 -65.78 -6.84 -0.87
CA MET I 213 -66.51 -7.37 0.28
C MET I 213 -67.01 -6.25 1.18
N ILE I 214 -66.16 -5.27 1.47
CA ILE I 214 -66.55 -4.18 2.36
C ILE I 214 -67.62 -3.32 1.70
N ALA I 215 -67.49 -3.05 0.40
CA ALA I 215 -68.51 -2.26 -0.29
C ALA I 215 -69.86 -2.97 -0.28
N GLY I 216 -69.87 -4.27 -0.54
CA GLY I 216 -71.12 -5.01 -0.49
C GLY I 216 -71.74 -5.01 0.89
N LEU I 217 -70.92 -5.23 1.92
CA LEU I 217 -71.43 -5.24 3.29
C LEU I 217 -72.03 -3.89 3.68
N VAL I 218 -71.32 -2.80 3.37
CA VAL I 218 -71.81 -1.47 3.72
C VAL I 218 -73.10 -1.16 2.97
N GLY I 219 -73.13 -1.45 1.67
CA GLY I 219 -74.33 -1.20 0.89
C GLY I 219 -75.53 -1.98 1.41
N CYS I 220 -75.35 -3.26 1.70
CA CYS I 220 -76.44 -4.07 2.23
C CYS I 220 -76.91 -3.58 3.59
N TYR I 221 -75.97 -3.26 4.48
CA TYR I 221 -76.35 -2.81 5.82
C TYR I 221 -77.10 -1.49 5.77
N ARG I 222 -76.65 -0.55 4.93
CA ARG I 222 -77.36 0.72 4.82
C ARG I 222 -78.71 0.54 4.16
N GLY I 223 -78.82 -0.36 3.19
CA GLY I 223 -80.11 -0.61 2.56
C GLY I 223 -81.12 -1.23 3.50
N LEU I 224 -80.66 -2.13 4.38
CA LEU I 224 -81.59 -2.79 5.29
C LEU I 224 -82.11 -1.85 6.36
N THR I 225 -81.35 -0.81 6.71
CA THR I 225 -81.71 0.10 7.80
C THR I 225 -82.08 1.48 7.29
N VAL I 226 -82.80 1.53 6.16
CA VAL I 226 -83.24 2.81 5.62
C VAL I 226 -84.32 3.41 6.52
N ALA I 227 -84.44 4.73 6.48
CA ALA I 227 -85.34 5.47 7.37
C ALA I 227 -86.67 5.80 6.73
N GLY I 228 -86.92 5.36 5.50
CA GLY I 228 -88.18 5.66 4.85
C GLY I 228 -88.31 7.15 4.56
N GLY I 229 -89.44 7.73 4.97
CA GLY I 229 -89.69 9.14 4.76
C GLY I 229 -89.73 9.49 3.28
N SER I 230 -89.30 10.71 2.97
CA SER I 230 -89.20 11.16 1.59
C SER I 230 -87.76 11.41 1.15
N LYS I 231 -86.81 11.42 2.07
CA LYS I 231 -85.40 11.56 1.74
C LYS I 231 -84.54 10.48 2.39
N GLY I 232 -85.17 9.49 3.03
CA GLY I 232 -84.40 8.47 3.72
C GLY I 232 -83.56 7.62 2.79
N VAL I 233 -84.10 7.28 1.62
CA VAL I 233 -83.36 6.46 0.67
C VAL I 233 -82.16 7.22 0.12
N GLY I 234 -82.37 8.48 -0.27
CA GLY I 234 -81.26 9.28 -0.78
C GLY I 234 -80.20 9.54 0.27
N THR I 235 -80.62 9.84 1.50
CA THR I 235 -79.67 10.03 2.59
C THR I 235 -78.89 8.75 2.85
N ALA I 236 -79.58 7.60 2.81
CA ALA I 236 -78.91 6.33 3.03
C ALA I 236 -77.88 6.05 1.93
N VAL I 237 -78.23 6.35 0.68
CA VAL I 237 -77.29 6.14 -0.42
C VAL I 237 -76.08 7.04 -0.28
N ASN I 238 -76.29 8.31 0.08
CA ASN I 238 -75.17 9.24 0.25
C ASN I 238 -74.26 8.79 1.40
N GLU I 239 -74.85 8.37 2.52
CA GLU I 239 -74.06 7.87 3.64
C GLU I 239 -73.31 6.60 3.25
N THR I 240 -73.95 5.72 2.49
CA THR I 240 -73.29 4.53 1.97
C THR I 240 -72.04 4.90 1.17
N LEU I 241 -72.20 5.85 0.25
CA LEU I 241 -71.09 6.26 -0.59
C LEU I 241 -69.95 6.85 0.22
N VAL I 242 -70.28 7.74 1.16
CA VAL I 242 -69.24 8.39 1.97
C VAL I 242 -68.50 7.35 2.81
N LEU I 243 -69.24 6.46 3.48
CA LEU I 243 -68.62 5.43 4.31
C LEU I 243 -67.76 4.50 3.48
N CYS I 244 -68.24 4.12 2.29
CA CYS I 244 -67.45 3.26 1.41
C CYS I 244 -66.15 3.94 1.01
N VAL I 245 -66.21 5.21 0.62
CA VAL I 245 -64.99 5.92 0.21
C VAL I 245 -64.00 5.98 1.36
N VAL I 246 -64.46 6.36 2.55
CA VAL I 246 -63.55 6.51 3.68
C VAL I 246 -62.94 5.17 4.08
N ALA I 247 -63.78 4.15 4.22
CA ALA I 247 -63.29 2.84 4.66
C ALA I 247 -62.35 2.23 3.63
N LEU I 248 -62.68 2.35 2.34
CA LEU I 248 -61.81 1.77 1.32
C LEU I 248 -60.49 2.51 1.22
N PHE I 249 -60.48 3.84 1.43
CA PHE I 249 -59.21 4.55 1.44
C PHE I 249 -58.34 4.14 2.62
N ALA I 250 -58.94 3.97 3.80
CA ALA I 250 -58.16 3.52 4.96
C ALA I 250 -57.60 2.12 4.74
N VAL I 251 -58.43 1.21 4.22
CA VAL I 251 -57.97 -0.15 3.95
C VAL I 251 -56.88 -0.15 2.88
N ASN I 252 -57.01 0.74 1.89
CA ASN I 252 -55.98 0.86 0.85
C ASN I 252 -54.66 1.32 1.44
N VAL I 253 -54.71 2.27 2.37
CA VAL I 253 -53.47 2.72 3.03
C VAL I 253 -52.81 1.58 3.78
N VAL I 254 -53.61 0.83 4.56
CA VAL I 254 -53.05 -0.27 5.35
C VAL I 254 -52.45 -1.33 4.44
N LEU I 255 -53.19 -1.73 3.40
CA LEU I 255 -52.71 -2.78 2.51
C LEU I 255 -51.52 -2.31 1.67
N THR I 256 -51.45 -1.02 1.34
CA THR I 256 -50.28 -0.50 0.64
C THR I 256 -49.04 -0.58 1.52
N THR I 257 -49.17 -0.24 2.80
CA THR I 257 -48.05 -0.39 3.72
C THR I 257 -47.62 -1.85 3.80
N ILE I 258 -48.58 -2.75 3.94
CA ILE I 258 -48.26 -4.18 4.03
C ILE I 258 -47.57 -4.65 2.76
N GLY I 259 -48.07 -4.21 1.59
CA GLY I 259 -47.47 -4.65 0.34
C GLY I 259 -46.06 -4.14 0.13
N VAL I 260 -45.82 -2.87 0.43
CA VAL I 260 -44.47 -2.34 0.26
C VAL I 260 -43.51 -2.94 1.27
N ARG I 261 -44.02 -3.49 2.38
CA ARG I 261 -43.14 -4.26 3.26
C ARG I 261 -42.59 -5.50 2.54
N PHE I 262 -43.43 -6.18 1.75
CA PHE I 262 -43.00 -7.31 0.93
C PHE I 262 -42.70 -6.87 -0.49
N GLY I 263 -41.79 -5.91 -0.62
CA GLY I 263 -41.53 -5.32 -1.92
C GLY I 263 -40.77 -6.24 -2.85
N THR I 264 -40.94 -6.02 -4.15
CA THR I 264 -40.21 -6.80 -5.15
C THR I 264 -38.74 -6.42 -5.17
N GLY I 265 -38.44 -5.12 -5.10
CA GLY I 265 -37.06 -4.67 -5.16
C GLY I 265 -36.24 -4.99 -3.93
N ARG I 266 -36.89 -5.22 -2.79
CA ARG I 266 -36.19 -5.55 -1.56
C ARG I 266 -36.30 -7.04 -1.24
N ARG J 27 -83.91 10.51 -28.59
CA ARG J 27 -83.47 9.80 -27.40
C ARG J 27 -82.16 10.38 -26.87
N PHE J 28 -81.05 9.89 -27.43
CA PHE J 28 -79.74 10.36 -27.01
C PHE J 28 -79.56 11.84 -27.33
N LEU J 29 -79.94 12.24 -28.54
CA LEU J 29 -79.88 13.66 -28.91
C LEU J 29 -80.84 14.48 -28.07
N ASP J 30 -82.02 13.94 -27.79
CA ASP J 30 -82.98 14.65 -26.96
C ASP J 30 -82.45 14.84 -25.54
N SER J 31 -81.82 13.80 -24.98
CA SER J 31 -81.24 13.92 -23.65
C SER J 31 -80.09 14.92 -23.62
N MET J 32 -79.24 14.90 -24.65
CA MET J 32 -78.16 15.88 -24.73
C MET J 32 -78.72 17.30 -24.82
N GLY J 33 -79.78 17.48 -25.61
CA GLY J 33 -80.39 18.79 -25.70
C GLY J 33 -81.00 19.24 -24.39
N HIS J 34 -81.64 18.32 -23.67
CA HIS J 34 -82.24 18.64 -22.38
C HIS J 34 -81.17 19.06 -21.37
N VAL J 35 -80.06 18.32 -21.29
CA VAL J 35 -79.02 18.67 -20.34
C VAL J 35 -78.33 19.97 -20.75
N ALA J 36 -78.17 20.20 -22.06
CA ALA J 36 -77.59 21.46 -22.53
C ALA J 36 -78.48 22.64 -22.17
N TRP J 37 -79.80 22.49 -22.37
CA TRP J 37 -80.72 23.55 -21.98
C TRP J 37 -80.68 23.79 -20.48
N PHE J 38 -80.61 22.71 -19.69
CA PHE J 38 -80.55 22.87 -18.24
C PHE J 38 -79.30 23.64 -17.82
N VAL J 39 -78.13 23.28 -18.36
CA VAL J 39 -76.90 23.94 -17.94
C VAL J 39 -76.89 25.39 -18.43
N VAL J 40 -77.40 25.66 -19.63
CA VAL J 40 -77.46 27.03 -20.13
C VAL J 40 -78.35 27.87 -19.24
N GLN J 41 -79.54 27.35 -18.90
CA GLN J 41 -80.48 28.11 -18.09
C GLN J 41 -79.98 28.29 -16.66
N ALA J 42 -79.19 27.33 -16.17
CA ALA J 42 -78.60 27.47 -14.84
C ALA J 42 -77.49 28.51 -14.83
N ILE J 43 -76.70 28.57 -15.91
CA ILE J 43 -75.62 29.55 -15.97
C ILE J 43 -76.17 30.96 -16.13
N VAL J 44 -77.14 31.14 -17.03
CA VAL J 44 -77.63 32.49 -17.31
C VAL J 44 -78.36 33.12 -16.13
N HIS J 45 -78.76 32.32 -15.14
CA HIS J 45 -79.47 32.83 -13.98
C HIS J 45 -78.56 33.08 -12.78
N VAL J 46 -77.25 32.94 -12.94
CA VAL J 46 -76.34 33.21 -11.83
C VAL J 46 -76.41 34.67 -11.36
N PRO J 47 -76.39 35.69 -12.23
CA PRO J 47 -76.56 37.06 -11.72
C PRO J 47 -77.88 37.29 -11.00
N HIS J 48 -78.95 36.65 -11.46
CA HIS J 48 -80.26 36.83 -10.82
C HIS J 48 -80.23 36.31 -9.39
N ALA J 49 -79.68 35.11 -9.18
CA ALA J 49 -79.55 34.59 -7.83
C ALA J 49 -78.56 35.39 -7.00
N PHE J 50 -77.53 35.95 -7.64
CA PHE J 50 -76.56 36.77 -6.93
C PHE J 50 -77.19 38.04 -6.40
N ARG J 51 -78.06 38.68 -7.20
CA ARG J 51 -78.67 39.94 -6.81
C ARG J 51 -79.96 39.77 -6.00
N HIS J 52 -80.57 38.58 -6.03
CA HIS J 52 -81.88 38.40 -5.42
C HIS J 52 -81.92 37.40 -4.27
N TYR J 53 -81.00 36.44 -4.22
CA TYR J 53 -81.06 35.34 -3.25
C TYR J 53 -79.75 35.24 -2.48
N ARG J 54 -79.24 36.37 -1.99
CA ARG J 54 -77.96 36.38 -1.28
C ARG J 54 -78.02 35.54 -0.01
N ARG J 55 -79.11 35.65 0.75
CA ARG J 55 -79.24 34.91 2.00
C ARG J 55 -79.26 33.41 1.75
N GLU J 56 -79.99 32.98 0.70
CA GLU J 56 -80.00 31.57 0.33
C GLU J 56 -78.62 31.10 -0.09
N SER J 57 -77.88 31.96 -0.81
CA SER J 57 -76.51 31.61 -1.20
C SER J 57 -75.62 31.43 0.02
N LEU J 58 -75.73 32.30 1.02
CA LEU J 58 -74.93 32.16 2.22
C LEU J 58 -75.31 30.90 3.00
N ARG J 59 -76.61 30.61 3.09
CA ARG J 59 -77.04 29.39 3.78
C ARG J 59 -76.51 28.16 3.08
N LEU J 60 -76.56 28.13 1.75
CA LEU J 60 -76.02 26.99 1.01
C LEU J 60 -74.50 26.90 1.12
N VAL J 61 -73.81 28.05 1.20
CA VAL J 61 -72.37 28.02 1.43
C VAL J 61 -72.06 27.35 2.75
N ALA J 62 -72.78 27.75 3.81
CA ALA J 62 -72.58 27.13 5.11
C ALA J 62 -72.91 25.64 5.09
N GLU J 63 -74.02 25.28 4.42
CA GLU J 63 -74.43 23.89 4.37
C GLU J 63 -73.42 23.02 3.62
N ILE J 64 -72.90 23.52 2.50
CA ILE J 64 -71.91 22.76 1.74
C ILE J 64 -70.60 22.67 2.50
N GLY J 65 -70.17 23.77 3.12
CA GLY J 65 -68.92 23.75 3.84
C GLY J 65 -68.93 22.83 5.06
N MET J 66 -70.00 22.87 5.84
CA MET J 66 -70.08 22.13 7.08
C MET J 66 -71.04 20.96 7.02
N GLY J 67 -71.44 20.54 5.82
CA GLY J 67 -72.25 19.34 5.67
C GLY J 67 -73.69 19.55 6.09
N THR J 68 -74.45 18.46 6.03
CA THR J 68 -75.85 18.47 6.41
C THR J 68 -76.24 17.09 6.91
N GLY J 69 -77.33 17.04 7.66
CA GLY J 69 -77.82 15.77 8.18
C GLY J 69 -76.89 15.19 9.24
N ALA J 70 -76.81 13.86 9.23
CA ALA J 70 -75.97 13.15 10.20
C ALA J 70 -74.47 13.30 9.89
N MET J 71 -74.12 13.67 8.66
CA MET J 71 -72.73 13.87 8.29
C MET J 71 -72.19 15.22 8.71
N ALA J 72 -73.05 16.16 9.11
CA ALA J 72 -72.60 17.49 9.50
C ALA J 72 -71.94 17.50 10.88
N VAL J 73 -72.21 16.51 11.73
CA VAL J 73 -71.66 16.52 13.07
C VAL J 73 -70.17 16.18 13.07
N ILE J 74 -69.67 15.50 12.05
CA ILE J 74 -68.26 15.13 11.99
C ILE J 74 -67.41 16.14 11.23
N GLY J 75 -68.03 17.13 10.59
CA GLY J 75 -67.30 18.10 9.81
C GLY J 75 -67.86 18.29 8.42
N GLY J 76 -68.72 17.36 8.02
CA GLY J 76 -69.33 17.45 6.69
C GLY J 76 -68.32 17.22 5.59
N THR J 77 -68.34 18.11 4.59
CA THR J 77 -67.44 17.97 3.46
C THR J 77 -65.98 18.14 3.87
N VAL J 78 -65.71 19.04 4.82
CA VAL J 78 -64.32 19.34 5.20
C VAL J 78 -63.64 18.09 5.75
N ALA J 79 -64.32 17.37 6.64
CA ALA J 79 -63.70 16.19 7.26
C ALA J 79 -63.44 15.10 6.24
N ILE J 80 -64.40 14.84 5.35
CA ILE J 80 -64.23 13.78 4.35
C ILE J 80 -63.10 14.14 3.39
N ILE J 81 -63.08 15.38 2.91
CA ILE J 81 -62.02 15.83 2.03
C ILE J 81 -60.66 15.70 2.71
N GLY J 82 -60.59 16.13 3.98
CA GLY J 82 -59.33 16.06 4.69
C GLY J 82 -58.84 14.64 4.86
N PHE J 83 -59.73 13.73 5.27
CA PHE J 83 -59.33 12.34 5.46
C PHE J 83 -58.86 11.70 4.16
N VAL J 84 -59.60 11.92 3.07
CA VAL J 84 -59.24 11.30 1.81
C VAL J 84 -57.92 11.86 1.29
N THR J 85 -57.70 13.17 1.43
CA THR J 85 -56.45 13.76 0.98
C THR J 85 -55.27 13.32 1.84
N LEU J 86 -55.46 13.18 3.15
CA LEU J 86 -54.41 12.63 4.00
C LEU J 86 -54.05 11.22 3.57
N SER J 87 -55.06 10.40 3.27
CA SER J 87 -54.81 9.04 2.80
C SER J 87 -54.02 9.04 1.50
N ALA J 88 -54.41 9.90 0.55
CA ALA J 88 -53.71 9.95 -0.73
C ALA J 88 -52.27 10.40 -0.57
N GLY J 89 -52.02 11.41 0.26
CA GLY J 89 -50.67 11.86 0.51
C GLY J 89 -49.82 10.78 1.17
N SER J 90 -50.41 10.06 2.14
CA SER J 90 -49.69 8.96 2.77
C SER J 90 -49.34 7.88 1.76
N LEU J 91 -50.27 7.58 0.84
CA LEU J 91 -49.99 6.58 -0.19
C LEU J 91 -48.83 7.02 -1.06
N ILE J 92 -48.83 8.29 -1.49
CA ILE J 92 -47.75 8.82 -2.31
C ILE J 92 -46.42 8.66 -1.59
N ALA J 93 -46.36 9.13 -0.34
CA ALA J 93 -45.11 9.10 0.40
C ALA J 93 -44.61 7.67 0.58
N ILE J 94 -45.50 6.77 1.00
CA ILE J 94 -45.10 5.38 1.27
C ILE J 94 -44.57 4.72 0.01
N GLN J 95 -45.34 4.78 -1.09
CA GLN J 95 -44.93 4.09 -2.31
C GLN J 95 -43.66 4.70 -2.88
N GLY J 96 -43.58 6.03 -2.93
CA GLY J 96 -42.40 6.67 -3.49
C GLY J 96 -41.14 6.38 -2.69
N PHE J 97 -41.24 6.49 -1.36
CA PHE J 97 -40.06 6.23 -0.53
C PHE J 97 -39.64 4.78 -0.63
N ALA J 98 -40.60 3.84 -0.66
CA ALA J 98 -40.24 2.43 -0.78
C ALA J 98 -39.53 2.15 -2.10
N SER J 99 -40.09 2.64 -3.21
CA SER J 99 -39.49 2.38 -4.52
C SER J 99 -38.11 3.01 -4.62
N LEU J 100 -37.97 4.26 -4.17
CA LEU J 100 -36.69 4.94 -4.29
C LEU J 100 -35.64 4.35 -3.35
N GLY J 101 -36.05 3.89 -2.16
CA GLY J 101 -35.11 3.22 -1.29
C GLY J 101 -34.66 1.88 -1.86
N ASN J 102 -35.58 1.16 -2.52
CA ASN J 102 -35.18 -0.07 -3.19
C ASN J 102 -34.20 0.21 -4.32
N ILE J 103 -34.45 1.27 -5.10
CA ILE J 103 -33.48 1.65 -6.14
C ILE J 103 -32.23 2.23 -5.51
N GLY J 104 -32.39 3.11 -4.52
CA GLY J 104 -31.24 3.69 -3.84
C GLY J 104 -31.28 5.20 -3.76
N VAL J 105 -31.88 5.85 -4.75
CA VAL J 105 -31.93 7.32 -4.81
C VAL J 105 -33.20 7.74 -4.09
N GLU J 106 -33.11 7.79 -2.76
CA GLU J 106 -34.26 8.04 -1.91
C GLU J 106 -34.34 9.49 -1.41
N ALA J 107 -33.35 10.32 -1.73
CA ALA J 107 -33.41 11.73 -1.33
C ALA J 107 -34.33 12.55 -2.23
N PHE J 108 -34.78 11.99 -3.35
CA PHE J 108 -35.66 12.66 -4.29
C PHE J 108 -37.14 12.55 -3.91
N THR J 109 -37.45 11.89 -2.78
CA THR J 109 -38.82 11.53 -2.44
C THR J 109 -39.74 12.74 -2.47
N GLY J 110 -39.37 13.80 -1.76
CA GLY J 110 -40.18 15.02 -1.77
C GLY J 110 -40.35 15.56 -3.18
N PHE J 111 -39.25 15.65 -3.93
CA PHE J 111 -39.31 16.11 -5.31
C PHE J 111 -40.28 15.26 -6.13
N PHE J 112 -40.38 13.98 -5.81
CA PHE J 112 -41.40 13.14 -6.43
C PHE J 112 -42.79 13.53 -5.93
N ALA J 113 -42.97 13.49 -4.60
CA ALA J 113 -44.30 13.57 -4.01
C ALA J 113 -45.03 14.84 -4.45
N ALA J 114 -44.39 15.99 -4.26
CA ALA J 114 -44.93 17.27 -4.70
C ALA J 114 -45.50 17.17 -6.10
N LEU J 115 -44.66 16.71 -7.05
CA LEU J 115 -45.08 16.65 -8.43
C LEU J 115 -46.36 15.82 -8.58
N ALA J 116 -46.38 14.64 -7.96
CA ALA J 116 -47.58 13.80 -8.01
C ALA J 116 -48.78 14.57 -7.48
N ASN J 117 -48.62 15.19 -6.31
CA ASN J 117 -49.74 15.90 -5.69
C ASN J 117 -50.25 17.03 -6.56
N ILE J 118 -49.43 17.56 -7.47
CA ILE J 118 -49.90 18.65 -8.31
C ILE J 118 -50.39 18.08 -9.64
N ARG J 119 -49.83 16.95 -10.05
CA ARG J 119 -50.11 16.49 -11.40
C ARG J 119 -51.35 15.60 -11.49
N VAL J 120 -51.43 14.55 -10.66
CA VAL J 120 -52.44 13.51 -10.82
C VAL J 120 -53.28 13.32 -9.57
N VAL J 121 -52.64 13.25 -8.40
CA VAL J 121 -53.29 12.63 -7.25
C VAL J 121 -54.27 13.57 -6.58
N ALA J 122 -53.77 14.71 -6.08
CA ALA J 122 -54.64 15.61 -5.30
C ALA J 122 -55.81 16.17 -6.10
N PRO J 123 -55.63 16.67 -7.34
CA PRO J 123 -56.82 17.16 -8.07
C PRO J 123 -57.91 16.12 -8.25
N VAL J 124 -57.54 14.93 -8.76
CA VAL J 124 -58.52 13.88 -9.01
C VAL J 124 -59.15 13.40 -7.70
N VAL J 125 -58.34 13.20 -6.66
CA VAL J 125 -58.83 12.70 -5.39
C VAL J 125 -59.79 13.69 -4.75
N THR J 126 -59.41 14.98 -4.72
CA THR J 126 -60.29 16.00 -4.20
C THR J 126 -61.56 16.10 -5.03
N GLY J 127 -61.45 15.94 -6.34
CA GLY J 127 -62.63 15.94 -7.19
C GLY J 127 -63.59 14.82 -6.84
N GLN J 128 -63.07 13.60 -6.66
CA GLN J 128 -63.95 12.48 -6.34
C GLN J 128 -64.59 12.65 -4.97
N ALA J 129 -63.83 13.10 -3.98
CA ALA J 129 -64.40 13.28 -2.64
C ALA J 129 -65.44 14.40 -2.63
N LEU J 130 -65.14 15.52 -3.29
CA LEU J 130 -66.10 16.61 -3.41
C LEU J 130 -67.35 16.16 -4.15
N ALA J 131 -67.17 15.44 -5.25
CA ALA J 131 -68.29 14.87 -5.99
C ALA J 131 -69.17 14.07 -5.04
N ALA J 132 -68.61 13.03 -4.41
CA ALA J 132 -69.34 12.18 -3.49
C ALA J 132 -70.13 13.02 -2.50
N THR J 133 -69.43 13.75 -1.62
CA THR J 133 -70.11 14.46 -0.54
C THR J 133 -71.09 15.50 -1.07
N VAL J 134 -70.57 16.56 -1.70
CA VAL J 134 -71.41 17.71 -2.04
C VAL J 134 -72.43 17.34 -3.11
N GLY J 135 -71.98 16.66 -4.18
CA GLY J 135 -72.90 16.33 -5.24
C GLY J 135 -73.98 15.36 -4.82
N ALA J 136 -73.64 14.32 -4.04
CA ALA J 136 -74.67 13.41 -3.57
C ALA J 136 -75.65 14.11 -2.65
N GLY J 137 -75.15 14.99 -1.77
CA GLY J 137 -76.05 15.76 -0.93
C GLY J 137 -76.99 16.64 -1.74
N ALA J 138 -76.46 17.31 -2.75
CA ALA J 138 -77.28 18.18 -3.60
C ALA J 138 -78.32 17.38 -4.37
N THR J 139 -77.92 16.23 -4.92
CA THR J 139 -78.85 15.39 -5.65
C THR J 139 -79.95 14.87 -4.74
N ALA J 140 -79.60 14.44 -3.52
CA ALA J 140 -80.61 13.98 -2.58
C ALA J 140 -81.56 15.09 -2.20
N GLU J 141 -81.04 16.29 -1.93
CA GLU J 141 -81.90 17.41 -1.55
C GLU J 141 -82.84 17.81 -2.68
N LEU J 142 -82.32 17.90 -3.91
CA LEU J 142 -83.16 18.29 -5.03
C LEU J 142 -84.18 17.22 -5.36
N GLY J 143 -83.82 15.94 -5.22
CA GLY J 143 -84.78 14.87 -5.42
C GLY J 143 -85.88 14.90 -4.38
N ALA J 144 -85.52 15.15 -3.12
CA ALA J 144 -86.53 15.27 -2.06
C ALA J 144 -87.46 16.44 -2.33
N MET J 145 -86.91 17.57 -2.78
CA MET J 145 -87.75 18.72 -3.12
C MET J 145 -88.68 18.41 -4.29
N ARG J 146 -88.17 17.72 -5.31
CA ARG J 146 -89.01 17.37 -6.45
C ARG J 146 -90.13 16.41 -6.05
N ILE J 147 -89.82 15.40 -5.23
CA ILE J 147 -90.83 14.43 -4.84
C ILE J 147 -91.87 15.06 -3.92
N SER J 148 -91.42 15.87 -2.97
CA SER J 148 -92.30 16.53 -2.01
C SER J 148 -93.05 17.72 -2.62
N GLU J 149 -92.98 17.91 -3.94
CA GLU J 149 -93.70 18.96 -4.66
C GLU J 149 -93.26 20.36 -4.24
N GLU J 150 -92.05 20.49 -3.70
CA GLU J 150 -91.54 21.81 -3.33
C GLU J 150 -91.13 22.62 -4.56
N VAL J 151 -90.63 21.95 -5.60
CA VAL J 151 -90.33 22.65 -6.85
C VAL J 151 -91.62 23.16 -7.47
N ASP J 152 -92.68 22.34 -7.45
CA ASP J 152 -93.98 22.81 -7.92
C ASP J 152 -94.51 23.93 -7.05
N ALA J 153 -94.27 23.86 -5.74
CA ALA J 153 -94.68 24.95 -4.85
C ALA J 153 -93.97 26.25 -5.21
N LEU J 154 -92.67 26.18 -5.51
CA LEU J 154 -91.94 27.37 -5.94
C LEU J 154 -92.47 27.90 -7.26
N GLU J 155 -92.75 27.01 -8.22
CA GLU J 155 -93.27 27.46 -9.51
C GLU J 155 -94.64 28.12 -9.36
N VAL J 156 -95.48 27.61 -8.45
CA VAL J 156 -96.78 28.20 -8.21
C VAL J 156 -96.64 29.62 -7.65
N MET J 157 -95.69 29.81 -6.74
CA MET J 157 -95.48 31.10 -6.08
C MET J 157 -94.74 32.10 -6.96
N GLY J 158 -94.64 31.86 -8.26
CA GLY J 158 -93.97 32.79 -9.15
C GLY J 158 -92.49 32.94 -8.90
N ILE J 159 -91.81 31.84 -8.60
CA ILE J 159 -90.37 31.84 -8.34
C ILE J 159 -89.71 30.91 -9.37
N LYS J 160 -88.65 31.39 -10.00
CA LYS J 160 -87.88 30.56 -10.91
C LYS J 160 -87.20 29.47 -10.10
N SER J 161 -87.73 28.25 -10.19
CA SER J 161 -87.20 27.14 -9.39
C SER J 161 -85.75 26.85 -9.75
N ILE J 162 -85.43 26.85 -11.05
CA ILE J 162 -84.06 26.59 -11.48
C ILE J 162 -83.12 27.68 -10.98
N SER J 163 -83.51 28.94 -11.13
CA SER J 163 -82.68 30.05 -10.64
C SER J 163 -82.53 29.99 -9.13
N TYR J 164 -83.61 29.68 -8.41
CA TYR J 164 -83.57 29.66 -6.96
C TYR J 164 -82.69 28.53 -6.44
N LEU J 165 -82.75 27.35 -7.07
CA LEU J 165 -82.05 26.18 -6.56
C LEU J 165 -80.69 25.96 -7.23
N VAL J 166 -80.67 25.74 -8.54
CA VAL J 166 -79.45 25.28 -9.21
C VAL J 166 -78.41 26.39 -9.26
N SER J 167 -78.82 27.61 -9.61
CA SER J 167 -77.87 28.71 -9.67
C SER J 167 -77.30 29.03 -8.30
N THR J 168 -78.13 28.94 -7.26
CA THR J 168 -77.64 29.15 -5.90
C THR J 168 -76.64 28.07 -5.51
N ARG J 169 -76.91 26.81 -5.88
CA ARG J 169 -75.95 25.74 -5.62
C ARG J 169 -74.63 25.99 -6.35
N ILE J 170 -74.70 26.46 -7.60
CA ILE J 170 -73.50 26.72 -8.38
C ILE J 170 -72.69 27.84 -7.74
N MET J 171 -73.34 28.92 -7.33
CA MET J 171 -72.64 30.02 -6.68
C MET J 171 -72.00 29.57 -5.37
N ALA J 172 -72.74 28.79 -4.57
CA ALA J 172 -72.18 28.30 -3.31
C ALA J 172 -70.99 27.39 -3.54
N GLY J 173 -71.06 26.52 -4.56
CA GLY J 173 -69.93 25.66 -4.88
C GLY J 173 -68.72 26.44 -5.36
N ALA J 174 -68.95 27.46 -6.19
CA ALA J 174 -67.84 28.28 -6.66
C ALA J 174 -67.18 29.05 -5.52
N ILE J 175 -67.99 29.52 -4.57
CA ILE J 175 -67.42 30.23 -3.42
C ILE J 175 -66.66 29.27 -2.52
N VAL J 176 -67.17 28.05 -2.35
CA VAL J 176 -66.60 27.12 -1.37
C VAL J 176 -65.45 26.27 -1.91
N ILE J 177 -65.28 26.19 -3.23
CA ILE J 177 -64.31 25.24 -3.78
C ILE J 177 -62.88 25.67 -3.49
N ILE J 178 -62.59 26.97 -3.60
CA ILE J 178 -61.21 27.43 -3.37
C ILE J 178 -60.73 27.15 -1.96
N PRO J 179 -61.49 27.47 -0.89
CA PRO J 179 -61.04 27.02 0.45
C PRO J 179 -60.92 25.51 0.58
N LEU J 180 -61.85 24.76 -0.02
CA LEU J 180 -61.81 23.30 0.08
C LEU J 180 -60.56 22.75 -0.59
N TYR J 181 -60.23 23.23 -1.79
CA TYR J 181 -59.05 22.73 -2.47
C TYR J 181 -57.76 23.22 -1.80
N ALA J 182 -57.79 24.42 -1.20
CA ALA J 182 -56.63 24.87 -0.42
C ALA J 182 -56.39 23.95 0.77
N MET J 183 -57.45 23.59 1.49
CA MET J 183 -57.30 22.65 2.61
C MET J 183 -56.83 21.28 2.10
N ALA J 184 -57.36 20.84 0.96
CA ALA J 184 -56.97 19.56 0.40
C ALA J 184 -55.49 19.53 0.06
N ILE J 185 -55.00 20.57 -0.61
CA ILE J 185 -53.59 20.66 -0.96
C ILE J 185 -52.71 20.73 0.29
N LEU J 186 -53.12 21.55 1.27
CA LEU J 186 -52.34 21.69 2.49
C LEU J 186 -52.24 20.35 3.23
N LEU J 187 -53.36 19.63 3.34
CA LEU J 187 -53.35 18.37 4.07
C LEU J 187 -52.61 17.28 3.30
N SER J 188 -52.69 17.28 1.97
CA SER J 188 -51.91 16.31 1.19
C SER J 188 -50.41 16.54 1.38
N PHE J 189 -49.97 17.80 1.28
CA PHE J 189 -48.56 18.11 1.51
C PHE J 189 -48.14 17.73 2.93
N MET J 190 -48.97 18.07 3.91
CA MET J 190 -48.64 17.79 5.30
C MET J 190 -48.53 16.29 5.55
N SER J 191 -49.46 15.50 4.99
CA SER J 191 -49.42 14.05 5.17
C SER J 191 -48.18 13.46 4.51
N ALA J 192 -47.88 13.88 3.29
CA ALA J 192 -46.70 13.36 2.60
C ALA J 192 -45.42 13.68 3.38
N GLN J 193 -45.28 14.93 3.83
CA GLN J 193 -44.10 15.32 4.57
C GLN J 193 -43.99 14.58 5.89
N LEU J 194 -45.11 14.44 6.61
CA LEU J 194 -45.09 13.76 7.90
C LEU J 194 -44.71 12.29 7.74
N VAL J 195 -45.29 11.61 6.76
CA VAL J 195 -44.96 10.20 6.53
C VAL J 195 -43.50 10.06 6.15
N THR J 196 -43.00 10.93 5.27
CA THR J 196 -41.64 10.78 4.78
C THR J 196 -40.61 11.11 5.86
N THR J 197 -40.86 12.15 6.67
CA THR J 197 -39.84 12.67 7.58
C THR J 197 -40.06 12.28 9.03
N ILE J 198 -41.09 11.47 9.33
CA ILE J 198 -41.33 10.98 10.69
C ILE J 198 -41.37 9.46 10.73
N PHE J 199 -42.22 8.86 9.88
CA PHE J 199 -42.30 7.40 9.86
C PHE J 199 -41.09 6.79 9.17
N TYR J 200 -40.56 7.44 8.14
CA TYR J 200 -39.37 6.97 7.44
C TYR J 200 -38.09 7.66 7.90
N SER J 201 -38.19 8.59 8.86
CA SER J 201 -37.04 9.21 9.51
C SER J 201 -36.09 9.91 8.53
N GLN J 202 -36.63 10.46 7.46
CA GLN J 202 -35.83 11.29 6.58
C GLN J 202 -35.67 12.68 7.17
N SER J 203 -34.51 13.30 6.91
CA SER J 203 -34.25 14.64 7.41
C SER J 203 -35.23 15.63 6.79
N VAL J 204 -35.75 16.53 7.64
CA VAL J 204 -36.74 17.50 7.16
C VAL J 204 -36.10 18.52 6.22
N GLY J 205 -34.82 18.83 6.41
CA GLY J 205 -34.17 19.81 5.55
C GLY J 205 -34.07 19.36 4.10
N THR J 206 -33.66 18.09 3.89
CA THR J 206 -33.57 17.56 2.54
C THR J 206 -34.94 17.52 1.86
N TYR J 207 -35.96 17.10 2.61
CA TYR J 207 -37.32 17.05 2.06
C TYR J 207 -37.79 18.44 1.67
N GLU J 208 -37.58 19.43 2.54
CA GLU J 208 -38.01 20.79 2.24
C GLU J 208 -37.25 21.36 1.05
N HIS J 209 -35.95 21.08 0.95
CA HIS J 209 -35.17 21.56 -0.18
C HIS J 209 -35.68 20.98 -1.48
N TYR J 210 -35.85 19.66 -1.54
CA TYR J 210 -36.31 19.04 -2.79
C TYR J 210 -37.78 19.31 -3.06
N PHE J 211 -38.53 19.75 -2.04
CA PHE J 211 -39.94 20.09 -2.23
C PHE J 211 -40.08 21.50 -2.80
N HIS J 212 -39.42 22.47 -2.17
CA HIS J 212 -39.52 23.86 -2.61
C HIS J 212 -38.69 24.17 -3.84
N THR J 213 -37.69 23.33 -4.16
CA THR J 213 -36.86 23.60 -5.32
C THR J 213 -37.56 23.22 -6.62
N PHE J 214 -38.33 22.14 -6.61
CA PHE J 214 -38.94 21.61 -7.83
C PHE J 214 -40.43 21.87 -7.92
N LEU J 215 -40.98 22.68 -7.02
CA LEU J 215 -42.40 23.04 -7.05
C LEU J 215 -42.54 24.45 -7.58
N ARG J 216 -43.36 24.61 -8.61
CA ARG J 216 -43.64 25.92 -9.20
C ARG J 216 -45.05 26.34 -8.83
N VAL J 217 -45.20 27.60 -8.41
CA VAL J 217 -46.50 28.13 -8.05
C VAL J 217 -47.43 28.18 -9.26
N ASP J 218 -46.87 28.28 -10.47
CA ASP J 218 -47.70 28.26 -11.68
C ASP J 218 -48.50 26.96 -11.77
N ASP J 219 -47.86 25.84 -11.44
CA ASP J 219 -48.56 24.56 -11.44
C ASP J 219 -49.72 24.56 -10.45
N VAL J 220 -49.51 25.13 -9.26
CA VAL J 220 -50.56 25.18 -8.26
C VAL J 220 -51.72 26.06 -8.71
N MET J 221 -51.41 27.20 -9.34
CA MET J 221 -52.46 28.07 -9.84
C MET J 221 -53.29 27.37 -10.93
N TRP J 222 -52.62 26.69 -11.85
CA TRP J 222 -53.35 25.98 -12.89
C TRP J 222 -54.16 24.82 -12.29
N SER J 223 -53.64 24.17 -11.26
CA SER J 223 -54.39 23.12 -10.57
C SER J 223 -55.65 23.69 -9.93
N PHE J 224 -55.53 24.87 -9.32
CA PHE J 224 -56.71 25.53 -8.74
C PHE J 224 -57.75 25.85 -9.81
N LEU J 225 -57.30 26.33 -10.97
CA LEU J 225 -58.24 26.59 -12.07
C LEU J 225 -58.93 25.30 -12.50
N GLU J 226 -58.18 24.21 -12.63
CA GLU J 226 -58.76 22.92 -12.98
C GLU J 226 -59.81 22.50 -11.97
N VAL J 227 -59.50 22.65 -10.68
CA VAL J 227 -60.43 22.23 -9.63
C VAL J 227 -61.69 23.10 -9.64
N ILE J 228 -61.55 24.40 -9.92
CA ILE J 228 -62.73 25.28 -9.97
C ILE J 228 -63.65 24.87 -11.11
N ILE J 229 -63.08 24.66 -12.31
CA ILE J 229 -63.90 24.23 -13.45
C ILE J 229 -64.54 22.88 -13.18
N MET J 230 -63.77 21.97 -12.59
CA MET J 230 -64.26 20.64 -12.27
C MET J 230 -65.41 20.69 -11.27
N SER J 231 -65.30 21.55 -10.25
CA SER J 231 -66.36 21.69 -9.28
C SER J 231 -67.63 22.24 -9.92
N VAL J 232 -67.48 23.22 -10.82
CA VAL J 232 -68.66 23.76 -11.50
C VAL J 232 -69.35 22.67 -12.32
N ILE J 233 -68.56 21.87 -13.05
CA ILE J 233 -69.15 20.81 -13.87
C ILE J 233 -69.84 19.76 -12.98
N VAL J 234 -69.20 19.40 -11.87
CA VAL J 234 -69.77 18.40 -10.96
C VAL J 234 -71.08 18.90 -10.37
N MET J 235 -71.11 20.15 -9.94
CA MET J 235 -72.33 20.72 -9.38
C MET J 235 -73.44 20.76 -10.41
N LEU J 236 -73.12 21.15 -11.65
CA LEU J 236 -74.12 21.16 -12.70
C LEU J 236 -74.68 19.77 -12.96
N ASN J 237 -73.80 18.76 -13.02
CA ASN J 237 -74.24 17.39 -13.29
C ASN J 237 -75.15 16.86 -12.18
N HIS J 238 -74.73 17.06 -10.93
CA HIS J 238 -75.53 16.54 -9.81
C HIS J 238 -76.85 17.29 -9.67
N CYS J 239 -76.85 18.60 -9.92
CA CYS J 239 -78.10 19.35 -9.91
C CYS J 239 -79.02 18.90 -11.03
N TYR J 240 -78.46 18.56 -12.20
CA TYR J 240 -79.29 18.02 -13.27
C TYR J 240 -79.93 16.70 -12.89
N PHE J 241 -79.15 15.81 -12.26
CA PHE J 241 -79.69 14.50 -11.91
C PHE J 241 -80.71 14.59 -10.78
N GLY J 242 -80.50 15.50 -9.83
CA GLY J 242 -81.43 15.62 -8.71
C GLY J 242 -82.64 16.49 -8.98
N TYR J 243 -82.54 17.41 -9.94
CA TYR J 243 -83.65 18.32 -10.22
C TYR J 243 -84.79 17.62 -10.92
N PHE J 244 -84.48 16.70 -11.83
CA PHE J 244 -85.48 15.96 -12.60
C PHE J 244 -85.68 14.55 -12.07
N ALA J 245 -85.59 14.36 -10.76
CA ALA J 245 -85.79 13.05 -10.17
C ALA J 245 -87.25 12.62 -10.29
N SER J 246 -87.46 11.31 -10.31
CA SER J 246 -88.80 10.75 -10.44
C SER J 246 -88.84 9.38 -9.81
N GLY J 247 -90.05 8.89 -9.57
CA GLY J 247 -90.23 7.57 -8.99
C GLY J 247 -90.29 7.54 -7.48
N GLY J 248 -90.68 8.63 -6.83
CA GLY J 248 -90.78 8.63 -5.38
C GLY J 248 -89.40 8.61 -4.74
N ALA J 249 -89.39 8.19 -3.48
CA ALA J 249 -88.14 8.12 -2.72
C ALA J 249 -87.16 7.10 -3.29
N VAL J 250 -87.66 6.11 -4.04
CA VAL J 250 -86.78 5.07 -4.58
C VAL J 250 -85.89 5.64 -5.69
N GLY J 251 -86.44 6.50 -6.55
CA GLY J 251 -85.69 7.04 -7.65
C GLY J 251 -84.54 7.93 -7.25
N VAL J 252 -84.57 8.46 -6.02
CA VAL J 252 -83.51 9.35 -5.55
C VAL J 252 -82.18 8.62 -5.49
N GLY J 253 -82.18 7.38 -4.98
CA GLY J 253 -80.95 6.61 -4.90
C GLY J 253 -80.37 6.29 -6.27
N GLU J 254 -81.23 5.92 -7.22
CA GLU J 254 -80.77 5.66 -8.57
C GLU J 254 -80.19 6.92 -9.21
N ALA J 255 -80.84 8.06 -8.98
CA ALA J 255 -80.32 9.33 -9.46
C ALA J 255 -78.94 9.63 -8.86
N VAL J 256 -78.78 9.36 -7.57
CA VAL J 256 -77.50 9.58 -6.92
C VAL J 256 -76.41 8.72 -7.55
N GLY J 257 -76.73 7.44 -7.79
CA GLY J 257 -75.75 6.55 -8.40
C GLY J 257 -75.34 6.97 -9.80
N ARG J 258 -76.33 7.31 -10.64
CA ARG J 258 -76.03 7.73 -12.00
C ARG J 258 -75.22 9.03 -12.00
N SER J 259 -75.60 9.98 -11.14
CA SER J 259 -74.85 11.23 -11.04
C SER J 259 -73.42 10.98 -10.61
N MET J 260 -73.22 10.04 -9.67
CA MET J 260 -71.86 9.73 -9.23
C MET J 260 -71.02 9.16 -10.36
N ARG J 261 -71.60 8.24 -11.14
CA ARG J 261 -70.86 7.66 -12.27
C ARG J 261 -70.44 8.75 -13.26
N THR J 262 -71.40 9.60 -13.65
CA THR J 262 -71.10 10.66 -14.60
C THR J 262 -70.06 11.63 -14.04
N SER J 263 -70.15 11.93 -12.74
CA SER J 263 -69.22 12.85 -12.11
C SER J 263 -67.80 12.29 -12.11
N LEU J 264 -67.64 11.01 -11.79
CA LEU J 264 -66.31 10.40 -11.83
C LEU J 264 -65.71 10.48 -13.23
N ILE J 265 -66.51 10.12 -14.24
CA ILE J 265 -66.02 10.16 -15.62
C ILE J 265 -65.60 11.58 -16.00
N ALA J 266 -66.46 12.56 -15.68
CA ALA J 266 -66.19 13.94 -16.06
C ALA J 266 -64.95 14.48 -15.35
N ILE J 267 -64.78 14.16 -14.07
CA ILE J 267 -63.62 14.64 -13.32
C ILE J 267 -62.33 14.11 -13.94
N VAL J 268 -62.28 12.80 -14.20
CA VAL J 268 -61.05 12.24 -14.75
C VAL J 268 -60.77 12.82 -16.13
N LEU J 269 -61.80 12.95 -16.97
CA LEU J 269 -61.60 13.48 -18.30
C LEU J 269 -61.12 14.93 -18.27
N VAL J 270 -61.70 15.75 -17.39
CA VAL J 270 -61.32 17.16 -17.31
C VAL J 270 -59.88 17.30 -16.87
N VAL J 271 -59.48 16.54 -15.84
CA VAL J 271 -58.10 16.63 -15.37
C VAL J 271 -57.13 16.18 -16.46
N LEU J 272 -57.46 15.10 -17.16
CA LEU J 272 -56.61 14.62 -18.24
C LEU J 272 -56.44 15.68 -19.33
N LEU J 273 -57.56 16.28 -19.78
CA LEU J 273 -57.49 17.27 -20.85
C LEU J 273 -56.69 18.49 -20.42
N ALA J 274 -56.91 18.96 -19.19
CA ALA J 274 -56.19 20.15 -18.72
C ALA J 274 -54.70 19.88 -18.61
N SER J 275 -54.31 18.73 -18.06
CA SER J 275 -52.88 18.41 -17.96
C SER J 275 -52.24 18.22 -19.32
N LEU J 276 -52.97 17.63 -20.27
CA LEU J 276 -52.44 17.50 -21.62
C LEU J 276 -52.27 18.85 -22.29
N ALA J 277 -53.20 19.78 -22.05
CA ALA J 277 -53.11 21.09 -22.68
C ALA J 277 -51.96 21.91 -22.09
N LEU J 278 -51.85 21.92 -20.76
CA LEU J 278 -50.89 22.81 -20.11
C LEU J 278 -49.46 22.37 -20.36
N TYR J 279 -49.17 21.08 -20.17
CA TYR J 279 -47.80 20.57 -20.21
C TYR J 279 -47.51 19.79 -21.49
N GLY J 280 -48.32 19.99 -22.54
CA GLY J 280 -48.13 19.23 -23.76
C GLY J 280 -46.81 19.51 -24.45
N THR J 281 -46.44 20.79 -24.53
CA THR J 281 -45.21 21.20 -25.19
C THR J 281 -44.11 21.57 -24.21
N ASP J 282 -44.43 22.38 -23.19
CA ASP J 282 -43.44 22.77 -22.20
C ASP J 282 -43.69 22.01 -20.92
N PRO J 283 -42.83 21.05 -20.55
CA PRO J 283 -43.10 20.25 -19.35
C PRO J 283 -43.02 21.03 -18.05
N ASN J 284 -42.40 22.20 -18.05
CA ASN J 284 -42.25 23.05 -16.85
C ASN J 284 -41.52 22.28 -15.74
N PHE J 285 -40.36 21.74 -16.10
CA PHE J 285 -39.54 20.98 -15.15
C PHE J 285 -38.13 20.83 -15.72
N ASN J 286 -37.13 21.24 -14.94
CA ASN J 286 -35.74 21.16 -15.35
C ASN J 286 -34.91 20.50 -14.26
N LEU J 287 -34.18 19.45 -14.63
CA LEU J 287 -33.18 18.85 -13.75
C LEU J 287 -31.79 18.84 -14.37
N THR J 288 -31.67 18.43 -15.64
CA THR J 288 -30.38 18.30 -16.29
C THR J 288 -30.04 19.59 -17.02
N VAL J 289 -28.99 19.57 -17.85
CA VAL J 289 -28.55 20.76 -18.54
C VAL J 289 -29.32 20.92 -19.85
N SER K 2 -63.41 -12.62 38.10
CA SER K 2 -63.77 -12.44 36.70
C SER K 2 -63.32 -13.62 35.86
N LYS K 3 -64.24 -14.17 35.06
CA LYS K 3 -63.90 -15.30 34.19
C LYS K 3 -62.85 -14.91 33.16
N TRP K 4 -63.04 -13.74 32.53
CA TRP K 4 -62.08 -13.28 31.52
C TRP K 4 -60.71 -13.05 32.12
N LEU K 5 -60.66 -12.50 33.33
CA LEU K 5 -59.37 -12.28 34.00
C LEU K 5 -58.67 -13.61 34.26
N LEU K 6 -59.40 -14.61 34.74
CA LEU K 6 -58.79 -15.92 35.01
C LEU K 6 -58.28 -16.56 33.74
N ARG K 7 -59.09 -16.54 32.68
CA ARG K 7 -58.67 -17.11 31.40
C ARG K 7 -57.45 -16.37 30.85
N GLY K 8 -57.43 -15.04 30.98
CA GLY K 8 -56.30 -14.27 30.51
C GLY K 8 -55.02 -14.59 31.27
N VAL K 9 -55.13 -14.74 32.60
CA VAL K 9 -53.95 -15.09 33.40
C VAL K 9 -53.43 -16.47 33.00
N VAL K 10 -54.35 -17.44 32.84
CA VAL K 10 -53.94 -18.80 32.48
C VAL K 10 -53.26 -18.81 31.12
N PHE K 11 -53.86 -18.13 30.14
CA PHE K 11 -53.28 -18.13 28.80
C PHE K 11 -52.01 -17.30 28.71
N ALA K 12 -51.87 -16.27 29.55
CA ALA K 12 -50.62 -15.54 29.62
C ALA K 12 -49.50 -16.42 30.16
N THR K 13 -49.77 -17.18 31.22
CA THR K 13 -48.78 -18.12 31.74
C THR K 13 -48.43 -19.17 30.68
N ALA K 14 -49.43 -19.67 29.95
CA ALA K 14 -49.19 -20.63 28.89
C ALA K 14 -48.31 -20.03 27.80
N MET K 15 -48.57 -18.77 27.43
CA MET K 15 -47.77 -18.13 26.38
C MET K 15 -46.35 -17.88 26.83
N VAL K 16 -46.15 -17.56 28.12
CA VAL K 16 -44.80 -17.38 28.64
C VAL K 16 -44.04 -18.70 28.59
N ILE K 17 -44.70 -19.80 28.99
CA ILE K 17 -44.06 -21.12 28.92
C ILE K 17 -43.73 -21.46 27.47
N VAL K 18 -44.64 -21.15 26.55
CA VAL K 18 -44.40 -21.40 25.13
C VAL K 18 -43.20 -20.61 24.65
N ARG K 19 -43.10 -19.34 25.04
CA ARG K 19 -41.97 -18.51 24.63
C ARG K 19 -40.65 -19.06 25.17
N LEU K 20 -40.63 -19.47 26.44
CA LEU K 20 -39.41 -20.03 27.02
C LEU K 20 -38.98 -21.30 26.30
N LEU K 21 -39.92 -22.22 26.07
CA LEU K 21 -39.61 -23.46 25.39
C LEU K 21 -39.14 -23.20 23.95
N GLN K 22 -39.80 -22.26 23.26
CA GLN K 22 -39.43 -21.94 21.90
C GLN K 22 -38.03 -21.33 21.84
N GLY K 23 -37.71 -20.44 22.77
CA GLY K 23 -36.38 -19.87 22.80
C GLY K 23 -35.32 -20.93 23.04
N ALA K 24 -35.58 -21.85 23.98
CA ALA K 24 -34.62 -22.92 24.23
C ALA K 24 -34.45 -23.81 23.00
N LEU K 25 -35.55 -24.16 22.33
CA LEU K 25 -35.45 -25.04 21.16
C LEU K 25 -34.75 -24.35 20.00
N VAL K 26 -35.02 -23.06 19.78
CA VAL K 26 -34.37 -22.33 18.70
C VAL K 26 -32.88 -22.19 18.97
N ASN K 27 -32.51 -21.90 20.22
CA ASN K 27 -31.09 -21.84 20.56
C ASN K 27 -30.41 -23.19 20.38
N ALA K 28 -31.09 -24.28 20.75
CA ALA K 28 -30.49 -25.61 20.61
C ALA K 28 -30.30 -25.99 19.14
N SER K 29 -31.36 -25.88 18.33
CA SER K 29 -31.32 -26.30 16.93
C SER K 29 -31.93 -25.21 16.06
N PRO K 30 -31.13 -24.26 15.60
CA PRO K 30 -31.68 -23.17 14.77
C PRO K 30 -32.27 -23.64 13.43
N GLY K 31 -31.84 -24.78 12.92
CA GLY K 31 -32.30 -25.20 11.59
C GLY K 31 -33.79 -25.49 11.57
N ASN K 32 -34.29 -26.16 12.60
CA ASN K 32 -35.69 -26.52 12.66
C ASN K 32 -36.48 -25.49 13.44
N ALA K 33 -35.86 -24.33 13.71
CA ALA K 33 -36.41 -23.38 14.67
C ALA K 33 -37.86 -23.02 14.36
N ILE K 34 -38.13 -22.62 13.11
CA ILE K 34 -39.47 -22.22 12.71
C ILE K 34 -40.46 -23.32 13.03
N TRP K 35 -40.13 -24.55 12.63
CA TRP K 35 -41.00 -25.70 12.90
C TRP K 35 -41.36 -25.77 14.37
N PHE K 36 -40.34 -25.72 15.24
CA PHE K 36 -40.56 -25.77 16.68
C PHE K 36 -41.59 -24.73 17.09
N SER K 37 -41.37 -23.48 16.66
CA SER K 37 -42.29 -22.40 17.01
C SER K 37 -43.71 -22.76 16.61
N THR K 38 -43.89 -23.15 15.34
CA THR K 38 -45.21 -23.48 14.86
C THR K 38 -45.82 -24.60 15.70
N GLY K 39 -45.03 -25.64 15.98
CA GLY K 39 -45.52 -26.73 16.80
C GLY K 39 -46.03 -26.23 18.13
N LEU K 40 -45.22 -25.43 18.82
CA LEU K 40 -45.64 -24.91 20.11
C LEU K 40 -46.90 -24.08 19.97
N LEU K 41 -46.95 -23.24 18.93
CA LEU K 41 -48.15 -22.44 18.69
C LEU K 41 -49.36 -23.33 18.56
N VAL K 42 -49.24 -24.42 17.80
CA VAL K 42 -50.34 -25.36 17.63
C VAL K 42 -50.80 -25.86 18.98
N LEU K 43 -49.84 -26.29 19.82
CA LEU K 43 -50.17 -26.75 21.16
C LEU K 43 -50.97 -25.69 21.90
N TYR K 44 -50.47 -24.44 21.89
CA TYR K 44 -51.19 -23.35 22.53
C TYR K 44 -52.61 -23.27 22.02
N ALA K 45 -52.75 -23.23 20.69
CA ALA K 45 -54.07 -23.16 20.08
C ALA K 45 -54.93 -24.31 20.56
N ILE K 46 -54.38 -25.53 20.53
CA ILE K 46 -55.14 -26.70 20.93
C ILE K 46 -55.68 -26.51 22.34
N GLY K 47 -54.80 -26.06 23.26
CA GLY K 47 -55.24 -25.83 24.62
C GLY K 47 -56.46 -24.92 24.66
N VAL K 48 -56.34 -23.76 24.02
CA VAL K 48 -57.44 -22.80 24.00
C VAL K 48 -58.69 -23.47 23.46
N ALA K 49 -58.55 -24.19 22.34
CA ALA K 49 -59.68 -24.85 21.71
C ALA K 49 -60.40 -25.73 22.71
N VAL K 50 -59.65 -26.55 23.45
CA VAL K 50 -60.26 -27.47 24.40
C VAL K 50 -61.13 -26.70 25.38
N TRP K 51 -60.54 -25.66 25.99
CA TRP K 51 -61.30 -24.86 26.96
C TRP K 51 -62.53 -24.28 26.30
N GLY K 52 -62.36 -23.74 25.09
CA GLY K 52 -63.50 -23.16 24.38
C GLY K 52 -64.62 -24.16 24.23
N VAL K 53 -64.28 -25.38 23.84
CA VAL K 53 -65.30 -26.42 23.67
C VAL K 53 -66.05 -26.61 24.97
N LEU K 54 -65.31 -26.76 26.08
CA LEU K 54 -65.95 -26.92 27.38
C LEU K 54 -66.86 -25.74 27.66
N ASP K 55 -66.36 -24.53 27.41
CA ASP K 55 -67.14 -23.33 27.67
C ASP K 55 -68.43 -23.36 26.86
N GLY K 56 -68.34 -23.80 25.60
CA GLY K 56 -69.53 -23.91 24.78
C GLY K 56 -70.56 -24.82 25.42
N ARG K 57 -70.11 -25.98 25.91
CA ARG K 57 -71.03 -26.86 26.63
C ARG K 57 -71.58 -26.16 27.85
N GLY K 58 -70.69 -25.48 28.60
CA GLY K 58 -71.12 -24.77 29.79
C GLY K 58 -72.16 -23.70 29.51
N ASP K 59 -72.24 -23.25 28.25
CA ASP K 59 -73.30 -22.34 27.87
C ASP K 59 -74.52 -23.12 27.37
N ALA K 60 -74.29 -24.11 26.51
CA ALA K 60 -75.39 -24.73 25.77
C ALA K 60 -76.26 -25.61 26.66
N ARG K 61 -75.71 -26.11 27.77
CA ARG K 61 -76.54 -26.82 28.73
C ARG K 61 -77.41 -25.86 29.53
N SER K 62 -76.90 -24.65 29.80
CA SER K 62 -77.63 -23.73 30.67
C SER K 62 -78.86 -23.14 29.97
N ASN K 63 -78.76 -22.87 28.68
CA ASN K 63 -79.84 -22.24 27.93
C ASN K 63 -80.12 -23.05 26.66
N PRO K 64 -81.38 -23.39 26.38
CA PRO K 64 -81.69 -24.17 25.18
C PRO K 64 -81.67 -23.36 23.89
N ASP K 65 -81.66 -22.03 23.97
CA ASP K 65 -81.67 -21.18 22.79
C ASP K 65 -80.54 -20.17 22.86
N PRO K 66 -80.00 -19.75 21.71
CA PRO K 66 -78.87 -18.80 21.73
C PRO K 66 -79.20 -17.45 22.36
N ASP K 67 -80.45 -16.99 22.27
CA ASP K 67 -80.80 -15.68 22.81
C ASP K 67 -80.63 -15.65 24.33
N ARG K 68 -81.03 -16.72 25.02
CA ARG K 68 -80.82 -16.79 26.46
C ARG K 68 -79.37 -17.04 26.83
N ARG K 69 -78.55 -17.50 25.89
CA ARG K 69 -77.15 -17.77 26.18
C ARG K 69 -76.37 -16.48 26.34
N ALA K 70 -75.40 -16.50 27.26
CA ALA K 70 -74.52 -15.35 27.44
C ALA K 70 -73.53 -15.25 26.29
N ASP K 71 -73.18 -14.01 25.93
CA ASP K 71 -72.26 -13.75 24.84
C ASP K 71 -70.85 -14.11 25.28
N LEU K 72 -70.40 -15.32 24.92
CA LEU K 72 -69.06 -15.77 25.27
C LEU K 72 -67.99 -15.14 24.38
N ALA K 73 -68.36 -14.61 23.22
CA ALA K 73 -67.39 -14.01 22.32
C ALA K 73 -66.70 -12.81 22.96
N MET K 74 -67.47 -11.94 23.63
CA MET K 74 -66.89 -10.79 24.31
C MET K 74 -65.96 -11.21 25.44
N THR K 75 -66.37 -12.20 26.23
CA THR K 75 -65.54 -12.67 27.33
C THR K 75 -64.23 -13.27 26.81
N TRP K 76 -64.31 -14.06 25.74
CA TRP K 76 -63.09 -14.64 25.19
C TRP K 76 -62.20 -13.59 24.54
N LEU K 77 -62.78 -12.56 23.91
CA LEU K 77 -61.98 -11.47 23.38
C LEU K 77 -61.25 -10.73 24.48
N LEU K 78 -61.94 -10.42 25.57
CA LEU K 78 -61.30 -9.75 26.70
C LEU K 78 -60.22 -10.62 27.31
N ALA K 79 -60.49 -11.92 27.45
CA ALA K 79 -59.49 -12.83 28.01
C ALA K 79 -58.26 -12.92 27.13
N GLY K 80 -58.45 -12.99 25.81
CA GLY K 80 -57.32 -13.04 24.91
C GLY K 80 -56.50 -11.76 24.92
N LEU K 81 -57.19 -10.62 24.94
CA LEU K 81 -56.49 -9.34 25.00
C LEU K 81 -55.68 -9.20 26.28
N ALA K 82 -56.29 -9.56 27.42
CA ALA K 82 -55.57 -9.51 28.69
C ALA K 82 -54.40 -10.48 28.71
N ALA K 83 -54.60 -11.68 28.17
CA ALA K 83 -53.52 -12.66 28.12
C ALA K 83 -52.36 -12.15 27.29
N GLY K 84 -52.65 -11.58 26.12
CA GLY K 84 -51.60 -11.04 25.29
C GLY K 84 -50.83 -9.92 25.96
N ILE K 85 -51.57 -8.97 26.55
CA ILE K 85 -50.92 -7.82 27.19
C ILE K 85 -50.05 -8.28 28.35
N LEU K 86 -50.61 -9.10 29.24
CA LEU K 86 -49.87 -9.56 30.42
C LEU K 86 -48.67 -10.40 30.02
N SER K 87 -48.83 -11.30 29.06
CA SER K 87 -47.74 -12.15 28.62
C SER K 87 -46.62 -11.32 27.99
N GLY K 88 -46.98 -10.36 27.15
CA GLY K 88 -45.96 -9.49 26.56
C GLY K 88 -45.20 -8.71 27.61
N ALA K 89 -45.93 -8.13 28.57
CA ALA K 89 -45.28 -7.34 29.62
C ALA K 89 -44.33 -8.18 30.46
N VAL K 90 -44.79 -9.34 30.92
CA VAL K 90 -43.96 -10.16 31.79
C VAL K 90 -42.79 -10.76 31.01
N SER K 91 -43.00 -11.12 29.74
CA SER K 91 -41.91 -11.64 28.94
C SER K 91 -40.85 -10.58 28.67
N TRP K 92 -41.27 -9.34 28.43
CA TRP K 92 -40.31 -8.25 28.29
C TRP K 92 -39.55 -8.02 29.58
N PHE K 93 -40.25 -8.11 30.72
CA PHE K 93 -39.59 -7.95 32.01
C PHE K 93 -38.54 -9.04 32.25
N ILE K 94 -38.87 -10.29 31.92
CA ILE K 94 -37.94 -11.39 32.10
C ILE K 94 -36.77 -11.27 31.14
N GLY K 95 -37.04 -10.83 29.90
CA GLY K 95 -35.99 -10.71 28.90
C GLY K 95 -34.88 -9.76 29.26
N LEU K 96 -35.13 -8.83 30.18
CA LEU K 96 -34.08 -7.96 30.67
C LEU K 96 -33.03 -8.74 31.48
N PHE K 97 -33.41 -9.87 32.05
CA PHE K 97 -32.50 -10.71 32.81
C PHE K 97 -32.25 -12.07 32.17
N TYR K 98 -32.86 -12.35 31.02
CA TYR K 98 -32.73 -13.64 30.35
C TYR K 98 -32.63 -13.39 28.86
N LYS K 99 -31.50 -13.78 28.26
CA LYS K 99 -31.21 -13.47 26.87
C LYS K 99 -31.69 -14.54 25.90
N SER K 100 -32.21 -15.67 26.38
CA SER K 100 -32.67 -16.72 25.47
C SER K 100 -33.98 -16.35 24.78
N ILE K 101 -34.84 -15.60 25.46
CA ILE K 101 -36.11 -15.23 24.84
C ILE K 101 -35.87 -14.22 23.72
N TYR K 102 -36.84 -14.14 22.80
CA TYR K 102 -36.80 -13.21 21.68
C TYR K 102 -37.88 -12.15 21.93
N THR K 103 -37.50 -11.09 22.64
CA THR K 103 -38.42 -10.03 23.04
C THR K 103 -37.97 -8.71 22.42
N GLU K 104 -38.93 -7.98 21.85
CA GLU K 104 -38.67 -6.68 21.26
C GLU K 104 -38.90 -5.60 22.33
N SER K 105 -38.93 -4.34 21.90
CA SER K 105 -39.11 -3.23 22.82
C SER K 105 -40.44 -3.33 23.57
N LEU K 106 -40.51 -2.61 24.69
CA LEU K 106 -41.65 -2.73 25.60
C LEU K 106 -42.97 -2.36 24.90
N LEU K 107 -42.97 -1.28 24.12
CA LEU K 107 -44.18 -0.89 23.42
C LEU K 107 -44.63 -1.95 22.43
N ASN K 108 -43.67 -2.54 21.72
CA ASN K 108 -43.99 -3.59 20.74
C ASN K 108 -44.65 -4.78 21.42
N GLU K 109 -44.04 -5.28 22.50
CA GLU K 109 -44.62 -6.42 23.21
C GLU K 109 -45.96 -6.06 23.84
N ILE K 110 -46.14 -4.81 24.27
CA ILE K 110 -47.40 -4.42 24.90
C ILE K 110 -48.53 -4.35 23.88
N THR K 111 -48.26 -3.84 22.68
CA THR K 111 -49.33 -3.59 21.72
C THR K 111 -49.29 -4.51 20.52
N THR K 112 -48.19 -4.52 19.76
CA THR K 112 -48.19 -5.08 18.42
C THR K 112 -48.26 -6.61 18.44
N PHE K 113 -47.51 -7.24 19.34
CA PHE K 113 -47.50 -8.70 19.43
C PHE K 113 -48.60 -9.23 20.34
N ALA K 114 -49.00 -8.44 21.34
CA ALA K 114 -50.20 -8.74 22.09
C ALA K 114 -51.42 -8.75 21.18
N ALA K 115 -51.42 -7.94 20.11
CA ALA K 115 -52.48 -8.00 19.13
C ALA K 115 -52.53 -9.36 18.45
N PHE K 116 -51.37 -9.90 18.07
CA PHE K 116 -51.30 -11.22 17.44
C PHE K 116 -51.79 -12.29 18.39
N THR K 117 -51.31 -12.25 19.64
CA THR K 117 -51.72 -13.23 20.63
C THR K 117 -53.23 -13.18 20.87
N ALA K 118 -53.77 -11.96 21.02
CA ALA K 118 -55.20 -11.80 21.28
C ALA K 118 -56.03 -12.24 20.10
N LEU K 119 -55.61 -11.93 18.87
CA LEU K 119 -56.38 -12.35 17.71
C LEU K 119 -56.39 -13.88 17.57
N LEU K 120 -55.24 -14.52 17.75
CA LEU K 120 -55.18 -15.97 17.66
C LEU K 120 -56.04 -16.61 18.74
N THR K 121 -55.93 -16.11 19.98
CA THR K 121 -56.72 -16.66 21.07
C THR K 121 -58.22 -16.46 20.81
N PHE K 122 -58.61 -15.28 20.33
CA PHE K 122 -60.01 -15.00 20.07
C PHE K 122 -60.57 -15.92 18.99
N LEU K 123 -59.83 -16.10 17.89
CA LEU K 123 -60.32 -16.95 16.81
C LEU K 123 -60.43 -18.41 17.26
N VAL K 124 -59.41 -18.91 17.95
CA VAL K 124 -59.45 -20.30 18.41
C VAL K 124 -60.57 -20.50 19.42
N ALA K 125 -60.75 -19.55 20.34
CA ALA K 125 -61.80 -19.67 21.35
C ALA K 125 -63.18 -19.60 20.71
N VAL K 126 -63.38 -18.74 19.72
CA VAL K 126 -64.68 -18.66 19.05
C VAL K 126 -64.98 -19.96 18.32
N ALA K 127 -63.99 -20.51 17.60
CA ALA K 127 -64.20 -21.78 16.93
C ALA K 127 -64.52 -22.89 17.93
N GLY K 128 -63.79 -22.92 19.05
CA GLY K 128 -64.04 -23.94 20.06
C GLY K 128 -65.41 -23.83 20.69
N VAL K 129 -65.85 -22.60 20.98
CA VAL K 129 -67.17 -22.40 21.57
C VAL K 129 -68.27 -22.80 20.60
N THR K 130 -68.12 -22.44 19.31
CA THR K 130 -69.11 -22.85 18.31
C THR K 130 -69.17 -24.37 18.19
N ILE K 131 -68.01 -25.04 18.17
CA ILE K 131 -67.99 -26.49 18.08
C ILE K 131 -68.60 -27.13 19.32
N GLY K 132 -68.31 -26.58 20.49
CA GLY K 132 -68.87 -27.12 21.72
C GLY K 132 -70.38 -26.98 21.80
N ARG K 133 -70.90 -25.82 21.37
CA ARG K 133 -72.36 -25.65 21.33
C ARG K 133 -72.99 -26.58 20.29
N TRP K 134 -72.38 -26.70 19.12
CA TRP K 134 -72.91 -27.60 18.10
C TRP K 134 -72.80 -29.07 18.49
N THR K 135 -71.92 -29.40 19.44
CA THR K 135 -71.78 -30.78 19.89
C THR K 135 -73.09 -31.29 20.49
N ILE K 136 -73.73 -30.49 21.34
CA ILE K 136 -75.01 -30.88 21.93
C ILE K 136 -76.19 -30.16 21.30
N ASP K 137 -75.97 -29.35 20.25
CA ASP K 137 -77.09 -28.88 19.45
C ASP K 137 -77.82 -30.04 18.80
N ARG K 138 -77.09 -31.09 18.41
CA ARG K 138 -77.72 -32.31 17.92
C ARG K 138 -78.58 -32.96 18.99
N LYS K 139 -78.09 -33.00 20.23
CA LYS K 139 -78.80 -33.65 21.32
C LYS K 139 -80.06 -32.90 21.74
N ALA K 140 -80.22 -31.64 21.33
CA ALA K 140 -81.41 -30.89 21.67
C ALA K 140 -82.63 -31.49 20.99
N PRO K 141 -83.78 -31.54 21.65
CA PRO K 141 -84.99 -32.09 21.04
C PRO K 141 -85.40 -31.29 19.82
N PRO K 142 -85.91 -31.96 18.77
CA PRO K 142 -86.36 -31.28 17.54
C PRO K 142 -87.66 -30.53 17.74
C01 UNL L . 144.47 -13.90 13.23
C02 UNL L . 145.41 -14.39 14.33
C03 UNL L . 146.45 -15.38 13.84
C04 UNL L . 147.57 -15.61 14.86
C05 UNL L . 148.27 -16.94 14.68
C06 UNL L . 149.53 -17.06 15.53
C07 UNL L . 150.11 -18.48 15.50
C08 UNL L . 151.48 -18.55 16.17
C09 UNL L . 151.45 -19.42 17.43
C10 UNL L . 152.66 -19.18 18.33
C11 UNL L . 152.34 -19.38 19.81
C12 UNL L . 153.52 -19.02 20.71
C13 UNL L . 153.13 -18.42 22.06
C14 UNL L . 151.63 -18.43 22.34
C15 UNL L . 151.10 -17.13 22.92
C16 UNL L . 151.89 -15.90 22.47
C17 UNL L . 151.10 -14.61 22.63
C18 UNL L . 150.83 -13.94 21.28
C19 UNL L . 150.05 -12.65 21.40
C20 UNL L . 149.06 -12.46 20.26
C21 UNL L . 147.88 -11.57 20.67
C22 UNL L . 146.53 -12.15 20.25
C23 UNL L . 145.37 -11.43 20.92
C24 UNL L . 144.29 -12.40 21.42
C25 UNL L . 142.93 -11.73 21.49
C26 UNL L . 141.94 -12.45 22.41
C27 UNL L . 140.60 -12.66 21.71
C28 UNL L . 139.40 -12.15 22.49
C29 UNL L . 138.10 -12.74 21.96
C30 UNL L . 137.17 -11.68 21.37
C31 UNL L . 136.28 -12.25 20.27
C32 UNL L . 135.65 -11.15 19.41
C33 UNL L . 135.28 -11.65 18.01
C34 UNL L . 134.59 -10.58 17.17
C35 UNL L . 134.46 -11.01 15.72
C36 UNL L . 133.78 -12.37 15.62
C37 UNL L . 133.66 -12.90 14.20
C38 UNL L . 134.00 -14.38 14.13
C39 UNL L . 132.93 -15.26 14.79
C40 UNL L . 132.80 -16.64 14.16
C41 UNL L . 133.05 -16.63 12.66
C42 UNL L . 131.98 -17.39 11.88
C43 UNL L . 131.23 -16.47 10.92
C44 UNL L . 130.88 -17.20 9.61
C45 UNL L . 130.65 -16.26 8.43
C46 UNL L . 131.70 -16.41 7.33
C47 UNL L . 133.03 -16.97 7.85
C48 UNL L . 134.19 -16.75 6.88
C49 UNL L . 135.52 -16.68 7.62
C10 UNL M . 58.10 -11.56 -4.78
C11 UNL M . 58.02 -12.35 -5.98
C12 UNL M . 59.21 -12.56 -6.77
C14 UNL M . 61.70 -12.25 -7.21
C15 UNL M . 62.99 -11.67 -6.78
C17 UNL M . 61.79 -10.65 -4.69
C18 UNL M . 60.51 -11.22 -5.12
C6 UNL M . 61.85 -9.87 -3.49
C7 UNL M . 60.68 -9.65 -2.71
C8 UNL M . 59.43 -10.22 -3.13
C9 UNL M . 59.36 -11.00 -4.35
N2 UNL M . 63.07 -10.87 -5.53
N3 UNL M . 60.43 -12.01 -6.36
C01 UNL N . 125.77 -12.20 16.98
C02 UNL N . 125.65 -12.84 18.36
C03 UNL N . 126.93 -12.69 19.18
C04 UNL N . 126.96 -13.63 20.38
C05 UNL N . 128.38 -13.89 20.88
C06 UNL N . 128.46 -15.07 21.84
C07 UNL N . 129.56 -16.05 21.45
C08 UNL N . 129.41 -17.41 22.14
C09 UNL N . 128.35 -18.26 21.46
C10 UNL N . 128.64 -19.76 21.54
C11 UNL N . 127.70 -20.58 20.66
C12 UNL N . 128.03 -22.07 20.68
C13 UNL N . 127.38 -22.86 19.55
C14 UNL N . 126.33 -22.08 18.76
C15 UNL N . 125.45 -22.98 17.90
C01 UNL O . 118.66 -18.33 11.07
C02 UNL O . 117.35 -18.56 10.33
C03 UNL O . 116.20 -18.93 11.26
C04 UNL O . 114.93 -19.31 10.50
C05 UNL O . 113.95 -20.10 11.37
C06 UNL O . 112.85 -20.76 10.54
C07 UNL O . 111.77 -21.40 11.39
C08 UNL O . 110.50 -21.70 10.59
C09 UNL O . 109.30 -21.94 11.50
C10 UNL O . 107.99 -21.91 10.72
C11 UNL O . 106.76 -21.92 11.64
C12 UNL O . 105.47 -21.61 10.90
C01 UNL P . 93.84 -21.11 8.84
C02 UNL P . 94.71 -19.87 8.71
C03 UNL P . 95.59 -19.65 9.94
C04 UNL P . 96.60 -18.52 9.73
C05 UNL P . 97.36 -18.18 11.02
C06 UNL P . 98.55 -17.27 10.75
C07 UNL P . 98.68 -16.16 11.79
C08 UNL P . 98.10 -14.83 11.34
C09 UNL P . 97.84 -14.73 9.83
C10 UNL P . 96.59 -13.93 9.51
C11 UNL P . 95.73 -14.62 8.44
C12 UNL P . 94.31 -14.07 8.41
C13 UNL P . 93.27 -15.17 8.58
C14 UNL P . 92.03 -14.68 9.31
C15 UNL P . 91.44 -15.74 10.23
C01 UNL Q . 44.76 -4.03 -3.49
C02 UNL Q . 44.77 -2.50 -3.61
C03 UNL Q . 43.37 -1.91 -3.60
C04 UNL Q . 43.35 -0.42 -3.90
C05 UNL Q . 42.00 0.05 -4.41
C06 UNL Q . 42.09 1.32 -5.23
C07 UNL Q . 40.83 1.57 -6.06
C08 UNL Q . 41.09 2.53 -7.22
C09 UNL Q . 40.42 2.05 -8.50
C10 UNL Q . 41.40 2.05 -9.68
C11 UNL Q . 41.23 0.80 -10.54
C12 UNL Q . 42.53 0.42 -11.25
C13 UNL Q . 42.40 -0.91 -12.02
C14 UNL Q . 41.46 -1.90 -11.35
C15 UNL Q . 40.43 -2.47 -12.31
C16 UNL Q . 39.08 -2.69 -11.63
C17 UNL Q . 37.95 -2.84 -12.64
C18 UNL Q . 36.65 -2.21 -12.15
C19 UNL Q . 35.52 -2.42 -13.14
C20 UNL Q . 34.64 -1.19 -13.30
C21 UNL Q . 33.85 -1.24 -14.61
C22 UNL Q . 33.35 0.14 -15.05
C01 UNL R . 73.34 -11.94 7.94
C02 UNL R . 72.91 -12.63 6.66
C03 UNL R . 71.56 -13.32 6.80
C04 UNL R . 70.85 -13.51 5.46
C05 UNL R . 69.56 -14.32 5.58
C06 UNL R . 68.59 -14.04 4.43
C07 UNL R . 67.33 -14.88 4.54
C08 UNL R . 66.09 -14.13 4.05
C09 UNL R . 64.80 -14.91 4.30
C10 UNL R . 63.60 -14.00 4.55
C11 UNL R . 62.31 -14.80 4.72
C12 UNL R . 61.07 -13.94 4.51
C13 UNL R . 60.31 -14.35 3.25
C14 UNL R . 58.80 -14.18 3.39
C15 UNL R . 58.10 -14.13 2.02
C16 UNL R . 56.61 -14.43 2.13
C17 UNL R . 55.74 -13.30 1.58
C18 UNL R . 54.32 -13.78 1.25
C19 UNL R . 53.35 -12.62 1.09
C20 UNL R . 53.54 -11.86 -0.22
C01 UNL S . 36.86 -5.43 -8.75
C02 UNL S . 35.63 -6.34 -8.73
C03 UNL S . 34.33 -5.56 -8.92
C04 UNL S . 33.14 -6.47 -9.17
C05 UNL S . 31.92 -5.71 -9.67
C06 UNL S . 32.08 -5.26 -11.11
C07 UNL S . 30.89 -4.45 -11.61
C08 UNL S . 31.23 -3.64 -12.85
C09 UNL S . 30.00 -2.99 -13.46
C10 UNL S . 30.36 -2.15 -14.69
C01 UNL T . 12.78 4.96 -13.30
C02 UNL T . 13.92 5.98 -13.25
C03 UNL T . 14.76 5.86 -11.98
C04 UNL T . 15.98 6.77 -12.01
C05 UNL T . 16.96 6.49 -10.88
C06 UNL T . 18.33 7.12 -11.14
C07 UNL T . 19.42 6.51 -10.27
C08 UNL T . 20.80 6.66 -10.91
C09 UNL T . 21.75 5.53 -10.48
C10 UNL T . 23.07 5.56 -11.24
C11 UNL T . 23.54 4.15 -11.62
C12 UNL T . 24.64 4.20 -12.68
C13 UNL T . 24.26 3.43 -13.93
C14 UNL T . 25.21 3.69 -15.10
C15 UNL T . 24.55 3.56 -16.47
C16 UNL T . 23.07 3.93 -16.45
C17 UNL T . 22.29 3.28 -17.60
C18 UNL T . 21.06 4.10 -17.98
C19 UNL T . 19.91 3.24 -18.50
C20 UNL T . 18.71 4.08 -18.91
C21 UNL T . 17.45 3.70 -18.13
C22 UNL T . 16.38 4.78 -18.21
C23 UNL T . 15.44 4.74 -17.00
C01 UNL U . 83.69 -13.94 6.64
C02 UNL U . 82.59 -13.07 7.23
C03 UNL U . 81.92 -12.18 6.17
C04 UNL U . 80.90 -11.23 6.79
C05 UNL U . 80.21 -10.36 5.75
C06 UNL U . 79.07 -9.55 6.35
C07 UNL U . 78.28 -8.76 5.30
C08 UNL U . 76.84 -8.53 5.73
C09 UNL U . 75.88 -8.46 4.55
C10 UNL U . 74.42 -8.65 4.99
C11 UNL U . 73.44 -8.56 3.84
C12 UNL U . 72.00 -8.73 4.30
C13 UNL U . 71.01 -7.99 3.39
C14 UNL U . 69.58 -8.46 3.60
C15 UNL U . 68.57 -7.56 2.88
C16 UNL U . 67.32 -8.34 2.47
C17 UNL U . 66.05 -7.51 2.53
C18 UNL U . 64.79 -8.39 2.54
C19 UNL U . 63.52 -7.58 2.77
C20 UNL U . 62.29 -8.45 2.95
C21 UNL U . 61.00 -7.64 2.84
C22 UNL U . 59.76 -8.52 2.76
C23 UNL U . 58.59 -7.81 2.10
C24 UNL U . 57.45 -8.76 1.75
C25 UNL U . 56.46 -8.14 0.76
C01 UNL V . 51.04 -9.23 0.55
C02 UNL V . 50.03 -8.26 -0.05
C03 UNL V . 48.66 -8.90 -0.25
C04 UNL V . 47.80 -8.10 -1.22
C05 UNL V . 46.45 -8.77 -1.49
C06 UNL V . 45.70 -8.10 -2.63
C07 UNL V . 44.20 -8.38 -2.57
C08 UNL V . 43.45 -7.62 -3.66
C09 UNL V . 42.00 -7.37 -3.29
C01 UNL W . 38.19 -7.17 -4.63
C02 UNL W . 38.22 -8.49 -5.39
C03 UNL W . 39.65 -8.99 -5.62
C04 UNL W . 39.71 -10.16 -6.59
C05 UNL W . 39.19 -9.76 -7.97
C06 UNL W . 40.32 -9.60 -8.99
C07 UNL W . 39.82 -8.93 -10.27
C08 UNL W . 40.89 -8.08 -10.94
C09 UNL W . 40.31 -7.22 -12.07
C10 UNL W . 41.25 -6.09 -12.48
C01 UNL X . -12.37 8.95 -13.15
C02 UNL X . -12.23 8.54 -11.69
C03 UNL X . -12.51 7.06 -11.46
C04 UNL X . -12.53 6.68 -9.99
C05 UNL X . -13.31 5.40 -9.74
C06 UNL X . -13.26 4.95 -8.28
C07 UNL X . -14.54 4.22 -7.88
C08 UNL X . -14.87 3.09 -8.85
C09 UNL X . -16.37 3.01 -9.14
C10 UNL X . -16.66 3.19 -10.62
C11 UNL X . -18.14 3.09 -10.94
C12 UNL X . -18.53 3.95 -12.14
C13 UNL X . -19.99 3.78 -12.54
C14 UNL X . -20.46 4.90 -13.46
C15 UNL X . -21.86 4.64 -14.00
C01 UNL Y . 31.47 0.85 -11.67
C02 UNL Y . 30.69 1.44 -12.84
C03 UNL Y . 29.29 0.85 -12.98
C04 UNL Y . 28.60 1.29 -14.27
C05 UNL Y . 27.58 0.27 -14.76
C06 UNL Y . 27.00 0.65 -16.13
C07 UNL Y . 26.60 -0.58 -16.94
C08 UNL Y . 25.71 -1.53 -16.14
C09 UNL Y . 24.31 -1.67 -16.72
C10 UNL Y . 23.34 -2.22 -15.68
C11 UNL Y . 21.98 -1.52 -15.69
C12 UNL Y . 21.19 -1.84 -14.43
C13 UNL Y . 19.82 -1.16 -14.37
C14 UNL Y . 19.13 -1.06 -15.74
C15 UNL Y . 17.68 -0.61 -15.59
C16 UNL Y . 16.81 -1.11 -16.74
C17 UNL Y . 15.36 -0.68 -16.58
C18 UNL Y . 14.40 -1.60 -17.34
C19 UNL Y . 13.03 -0.96 -17.58
C20 UNL Y . 11.94 -2.01 -17.79
C21 UNL Y . 10.57 -1.38 -18.04
C22 UNL Y . 9.50 -1.99 -17.15
C23 UNL Y . 8.08 -1.57 -17.57
C24 UNL Y . 7.02 -1.99 -16.56
C25 UNL Y . 5.62 -1.69 -17.04
C26 UNL Y . 4.62 -1.58 -15.88
C01 UNL Z . -8.50 11.80 -12.30
C02 UNL Z . -7.95 12.06 -13.70
C03 UNL Z . -7.36 10.80 -14.34
C04 UNL Z . -7.34 10.90 -15.86
C05 UNL Z . -7.43 9.52 -16.52
C06 UNL Z . -8.76 9.34 -17.24
C07 UNL Z . -9.09 7.89 -17.57
C08 UNL Z . -10.40 7.46 -16.91
C09 UNL Z . -11.59 7.62 -17.85
C10 UNL Z . -12.60 8.59 -17.28
C11 UNL Z . -13.88 8.71 -18.13
C12 UNL Z . -14.26 10.17 -18.36
C13 UNL Z . -15.58 10.54 -17.70
C14 UNL Z . -15.98 11.99 -17.99
C15 UNL Z . -16.21 12.81 -16.72
C16 UNL Z . -16.93 12.00 -15.65
C17 UNL Z . -16.28 12.12 -14.28
C18 UNL Z . -17.29 11.85 -13.17
C19 UNL Z . -17.81 10.41 -13.18
C20 UNL Z . -19.15 10.30 -12.47
C21 UNL Z . -19.46 8.88 -12.01
C22 UNL Z . -20.68 8.82 -11.12
C23 UNL Z . -20.62 7.67 -10.11
C24 UNL Z . -21.46 7.97 -8.87
C25 UNL Z . -20.75 7.56 -7.59
C26 UNL Z . -21.34 8.24 -6.36
C27 UNL Z . -20.28 9.03 -5.60
C28 UNL Z . -20.86 9.81 -4.42
C29 UNL Z . -20.20 11.17 -4.26
C01 UNL AA . 106.73 -17.04 13.89
C02 UNL AA . 105.21 -17.08 13.92
C03 UNL AA . 104.69 -18.30 14.69
C04 UNL AA . 103.18 -18.46 14.57
C05 UNL AA . 102.75 -19.92 14.64
C06 UNL AA . 101.48 -20.18 13.84
C07 UNL AA . 101.69 -21.24 12.76
C08 UNL AA . 100.41 -21.61 12.01
C09 UNL AA . 100.68 -22.48 10.80
C10 UNL AA . 99.46 -23.28 10.36
C01 UNL BA . 35.47 -5.95 -1.45
C02 UNL BA . 35.06 -4.53 -1.85
C03 UNL BA . 35.20 -4.30 -3.35
C04 UNL BA . 35.50 -2.84 -3.68
C05 UNL BA . 36.18 -2.69 -5.04
C06 UNL BA . 37.45 -3.53 -5.14
C07 UNL BA . 38.37 -3.05 -6.26
C08 UNL BA . 39.54 -4.02 -6.51
C09 UNL BA . 40.68 -3.37 -7.27
C10 UNL BA . 41.92 -4.25 -7.31
C11 UNL BA . 43.15 -3.50 -7.83
C10 UNL CA . -2.27 7.05 -17.42
C11 UNL CA . -2.29 6.29 -18.65
C12 UNL CA . -2.75 6.91 -19.86
C14 UNL CA . -3.67 8.90 -21.17
C15 UNL CA . -4.12 10.31 -21.16
C17 UNL CA . -3.59 10.42 -18.59
C18 UNL CA . -3.16 9.03 -18.59
C6 UNL CA . -3.56 11.17 -17.36
C7 UNL CA . -3.12 10.56 -16.17
C8 UNL CA . -2.68 9.20 -16.18
C9 UNL CA . -2.71 8.43 -17.42
N2 UNL CA . -4.09 11.09 -19.90
N3 UNL CA . -3.18 8.25 -19.86
C10 UNL DA . 131.86 -9.03 19.70
C11 UNL DA . 131.25 -9.37 18.43
C12 UNL DA . 131.12 -10.74 18.04
C14 UNL DA . 131.45 -13.24 18.46
C15 UNL DA . 131.94 -14.31 19.35
C17 UNL DA . 132.70 -12.48 21.08
C18 UNL DA . 132.21 -11.43 20.19
C6 UNL DA . 133.30 -12.14 22.33
C7 UNL DA . 133.43 -10.78 22.72
C8 UNL DA . 132.95 -9.74 21.84
C9 UNL DA . 132.33 -10.09 20.57
N2 UNL DA . 132.56 -13.96 20.65
N3 UNL DA . 131.58 -11.77 18.89
C01 UNL EA . 7.95 2.25 -18.19
C02 UNL EA . 6.48 1.95 -18.44
C03 UNL EA . 5.63 3.23 -18.42
C04 UNL EA . 4.15 2.95 -18.18
C05 UNL EA . 3.65 3.56 -16.88
C06 UNL EA . 4.16 4.98 -16.67
C07 UNL EA . 4.97 5.10 -15.37
C08 UNL EA . 5.75 6.41 -15.29
C09 UNL EA . 7.18 6.19 -14.79
C10 UNL EA . 7.41 6.92 -13.46
C11 UNL EA . 8.90 7.13 -13.15
C12 UNL EA . 9.31 6.41 -11.88
C13 UNL EA . 8.25 6.52 -10.78
C14 UNL EA . 8.00 5.17 -10.11
C15 UNL EA . 6.54 4.74 -10.23
C16 UNL EA . 6.41 3.27 -10.63
C17 UNL EA . 5.29 3.05 -11.64
C18 UNL EA . 5.11 1.57 -11.99
C19 UNL EA . 4.16 1.38 -13.17
C20 UNL EA . 3.14 0.27 -12.91
C21 UNL EA . 2.02 0.24 -13.95
C22 UNL EA . 0.65 0.13 -13.30
C23 UNL EA . -0.43 -0.33 -14.28
C24 UNL EA . -1.83 0.03 -13.80
C25 UNL EA . -2.91 -0.83 -14.47
C26 UNL EA . -4.12 -0.02 -14.90
C27 UNL EA . -5.05 -0.81 -15.81
C28 UNL EA . -5.39 -0.04 -17.08
C29 UNL EA . -6.90 -0.02 -17.35
C30 UNL EA . -7.36 1.33 -17.88
C31 UNL EA . -7.78 2.26 -16.73
C32 UNL EA . -9.02 3.07 -17.05
C33 UNL EA . -9.90 3.27 -15.81
C34 UNL EA . -11.22 3.95 -16.14
C35 UNL EA . -12.42 3.28 -15.48
C36 UNL EA . -13.67 4.15 -15.54
C37 UNL EA . -14.82 3.47 -16.27
C38 UNL EA . -16.18 3.99 -15.79
C39 UNL EA . -16.96 4.69 -16.89
C40 UNL EA . -18.41 4.96 -16.48
C41 UNL EA . -18.72 6.46 -16.40
C01 UNL FA . -35.17 -9.75 -18.25
C02 UNL FA . -34.96 -8.40 -18.95
C03 UNL FA . -33.52 -8.19 -19.39
C04 UNL FA . -33.34 -6.88 -20.16
C05 UNL FA . -31.91 -6.66 -20.62
C06 UNL FA . -31.83 -5.69 -21.80
C07 UNL FA . -32.24 -6.39 -23.10
C08 UNL FA . -32.35 -5.48 -24.31
C09 UNL FA . -32.52 -4.01 -23.94
C10 UNL FA . -33.97 -3.58 -23.98
C11 UNL FA . -34.39 -3.13 -22.57
C12 UNL FA . -35.10 -1.79 -22.60
C13 UNL FA . -35.10 -1.08 -21.24
C14 UNL FA . -33.78 -1.27 -20.49
C15 UNL FA . -33.97 -2.03 -19.19
C16 UNL FA . -33.13 -3.31 -19.14
C17 UNL FA . -33.10 -3.97 -17.76
C18 UNL FA . -33.89 -3.19 -16.71
C19 UNL FA . -32.97 -2.46 -15.75
C20 UNL FA . -32.99 -0.94 -15.91
C21 UNL FA . -32.06 -0.25 -14.91
C22 UNL FA . -32.28 1.25 -14.87
C23 UNL FA . -32.36 1.78 -13.45
C24 UNL FA . -33.27 2.99 -13.33
C25 UNL FA . -34.49 2.68 -12.46
C26 UNL FA . -35.53 3.80 -12.51
C27 UNL FA . -36.95 3.26 -12.36
C28 UNL FA . -37.98 4.38 -12.31
C29 UNL FA . -39.28 3.92 -11.65
C30 UNL FA . -40.18 5.08 -11.23
C31 UNL FA . -41.16 4.67 -10.14
C32 UNL FA . -42.34 5.62 -10.01
C33 UNL FA . -43.65 4.88 -9.77
C34 UNL FA . -44.56 5.62 -8.80
C35 UNL FA . -45.96 5.03 -8.72
C36 UNL FA . -46.41 4.84 -7.28
C37 UNL FA . -47.75 5.49 -6.98
C38 UNL FA . -47.65 6.37 -5.73
C39 UNL FA . -48.90 6.33 -4.86
C40 UNL FA . -50.17 6.67 -5.61
C41 UNL FA . -51.38 6.69 -4.68
C42 UNL FA . -52.24 7.93 -4.87
C43 UNL FA . -53.61 7.82 -4.19
C01 UNL GA . 53.57 -7.56 -9.13
C02 UNL GA . 54.34 -8.26 -8.01
C03 UNL GA . 53.60 -8.22 -6.68
C04 UNL GA . 53.55 -9.60 -6.00
C05 UNL GA . 52.23 -9.81 -5.29
C06 UNL GA . 51.07 -9.92 -6.27
C07 UNL GA . 49.72 -9.68 -5.60
C08 UNL GA . 48.99 -8.47 -6.18
C09 UNL GA . 47.83 -8.87 -7.09
C10 UNL GA . 47.07 -7.67 -7.64
C11 UNL GA . 46.68 -7.84 -9.10
C12 UNL GA . 45.93 -6.61 -9.63
C13 UNL GA . 45.92 -6.55 -11.16
C14 UNL GA . 45.33 -5.22 -11.66
C15 UNL GA . 45.14 -5.20 -13.17
C1 UNL HA . 76.70 -15.23 11.51
C2 UNL HA . 76.65 -14.88 10.17
C3 UNL HA . 76.00 -13.72 9.78
C4 UNL HA . 75.40 -12.92 10.73
C5 UNL HA . 75.45 -13.27 12.07
C6 UNL HA . 76.09 -14.42 12.46
C10 UNL IA . 4.22 8.22 -10.81
C11 UNL IA . 2.95 7.75 -11.30
C12 UNL IA . 2.44 8.23 -12.55
C17 UNL IA . 5.29 10.61 -13.57
C18 UNL IA . 4.50 9.64 -12.80
C6 UNL IA . 6.55 11.07 -13.07
C7 UNL IA . 7.04 10.59 -11.83
C8 UNL IA . 6.28 9.64 -11.07
C9 UNL IA . 4.99 9.17 -11.57
N3 UNL IA . 3.20 9.16 -13.31
C10 UNL JA . 28.08 4.03 -6.22
C11 UNL JA . 26.71 3.71 -6.57
C12 UNL JA . 26.40 3.22 -7.88
C17 UNL JA . 29.90 3.17 -9.45
C18 UNL JA . 28.83 3.35 -8.48
C6 UNL JA . 31.26 3.48 -9.10
C7 UNL JA . 31.56 3.97 -7.81
C8 UNL JA . 30.51 4.16 -6.85
C9 UNL JA . 29.14 3.85 -7.20
N3 UNL JA . 27.43 3.03 -8.83
C01 UNL KA . 74.37 -13.18 0.62
C02 UNL KA . 73.16 -12.26 0.45
C03 UNL KA . 71.86 -13.04 0.36
C04 UNL KA . 70.63 -12.14 0.45
C05 UNL KA . 69.34 -12.90 0.11
C06 UNL KA . 68.09 -12.14 0.55
C07 UNL KA . 66.84 -12.67 -0.17
C08 UNL KA . 65.54 -12.24 0.51
C09 UNL KA . 64.39 -12.12 -0.50
C10 UNL KA . 63.19 -12.97 -0.10
C11 UNL KA . 61.94 -12.62 -0.92
C12 UNL KA . 61.06 -13.83 -1.18
C13 UNL KA . 59.58 -13.44 -1.30
C14 UNL KA . 58.78 -14.45 -2.11
C15 UNL KA . 57.28 -14.31 -1.86
C16 UNL KA . 56.46 -14.34 -3.15
C17 UNL KA . 55.11 -13.64 -3.00
C18 UNL KA . 54.32 -13.62 -4.30
C01 UNL LA . 65.68 -6.57 -1.69
C02 UNL LA . 64.20 -6.82 -1.41
C03 UNL LA . 63.35 -5.57 -1.66
C04 UNL LA . 61.90 -5.77 -1.24
C05 UNL LA . 61.03 -4.55 -1.53
C06 UNL LA . 59.55 -4.91 -1.57
C07 UNL LA . 58.72 -3.84 -2.28
C08 UNL LA . 57.41 -4.41 -2.84
C09 UNL LA . 56.39 -3.31 -3.15
C10 UNL LA . 54.99 -3.89 -3.39
C11 UNL LA . 53.89 -2.90 -3.02
C12 UNL LA . 52.51 -3.54 -3.12
C13 UNL LA . 51.38 -2.51 -3.01
C14 UNL LA . 50.19 -2.88 -3.92
C15 UNL LA . 49.42 -1.64 -4.37
C16 UNL LA . 48.63 -1.89 -5.65
C17 UNL LA . 48.32 -0.59 -6.38
C18 UNL LA . 47.10 -0.72 -7.29
C19 UNL LA . 46.82 0.56 -8.07
C20 UNL LA . 45.34 0.73 -8.40
C01 UNL MA . 34.25 2.03 -5.12
C02 UNL MA . 33.33 0.84 -4.84
C03 UNL MA . 31.88 1.14 -5.20
C04 UNL MA . 31.08 -0.12 -5.50
C05 UNL MA . 29.81 0.19 -6.29
C06 UNL MA . 29.37 -0.98 -7.17
C07 UNL MA . 28.80 -0.51 -8.50
C08 UNL MA . 27.88 -1.53 -9.15
C09 UNL MA . 26.80 -0.85 -9.99
C10 UNL MA . 25.62 -1.77 -10.27
C11 UNL MA . 24.29 -1.02 -10.22
C12 UNL MA . 23.18 -1.78 -10.96
C13 UNL MA . 21.78 -1.35 -10.56
C14 UNL MA . 21.69 -0.85 -9.11
C15 UNL MA . 20.31 -1.05 -8.47
C16 UNL MA . 19.28 -1.69 -9.40
C17 UNL MA . 17.87 -1.67 -8.82
C18 UNL MA . 16.83 -2.17 -9.82
C19 UNL MA . 15.45 -1.55 -9.56
C20 UNL MA . 14.41 -2.04 -10.57
C21 UNL MA . 13.26 -1.05 -10.74
C22 UNL MA . 12.29 -1.48 -11.84
C23 UNL MA . 11.09 -0.55 -11.93
C24 UNL MA . 9.95 -1.17 -12.73
C25 UNL MA . 8.65 -0.39 -12.59
C26 UNL MA . 7.43 -1.22 -12.99
C01 UNL NA . 115.37 -15.35 8.04
C02 UNL NA . 115.95 -14.37 9.05
C03 UNL NA . 114.89 -13.44 9.64
C04 UNL NA . 115.45 -12.61 10.79
C05 UNL NA . 114.40 -11.69 11.41
C06 UNL NA . 114.80 -11.26 12.81
C07 UNL NA . 113.88 -10.19 13.38
C01 UNL OA . 91.45 -19.22 13.09
C02 UNL OA . 90.15 -20.01 13.21
C03 UNL OA . 88.91 -19.10 13.23
C04 UNL OA . 88.13 -19.21 11.92
C05 UNL OA . 86.63 -19.05 12.13
C06 UNL OA . 85.89 -18.96 10.79
C07 UNL OA . 84.67 -19.88 10.73
C08 UNL OA . 84.10 -19.99 9.32
C09 UNL OA . 83.16 -21.18 9.15
C10 UNL OA . 82.60 -21.27 7.74
C01 UNL PA . 80.34 -14.96 2.10
C02 UNL PA . 79.61 -16.05 1.33
C03 UNL PA . 78.09 -15.95 1.48
C04 UNL PA . 77.37 -17.18 0.94
C05 UNL PA . 75.86 -17.12 1.16
C06 UNL PA . 75.17 -18.46 0.90
C07 UNL PA . 73.66 -18.30 0.84
C08 UNL PA . 72.94 -19.06 1.95
C09 UNL PA . 72.62 -18.15 3.13
C10 UNL PA . 71.82 -18.85 4.22
C11 UNL PA . 72.53 -18.75 5.58
C12 UNL PA . 72.96 -17.33 5.91
C13 UNL PA . 74.31 -17.29 6.61
C14 UNL PA . 75.04 -15.97 6.39
C15 UNL PA . 76.50 -16.03 6.79
#